data_3JB3
#
_entry.id   3JB3
#
_cell.length_a   1
_cell.length_b   1
_cell.length_c   1
_cell.angle_alpha   90
_cell.angle_beta   90
_cell.angle_gamma   90
#
_symmetry.space_group_name_H-M   'P 1'
#
loop_
_entity.id
_entity.type
_entity.pdbx_description
1 polymer 'Structural protein VP3'
2 polymer 'Capsid protein VP1'
3 polymer 'Viral structural protein 5'
4 non-polymer S-ADENOSYLMETHIONINE
5 non-polymer "ADENOSINE-5'-TRIPHOSPHATE"
6 non-polymer "GUANOSINE-5'-TRIPHOSPHATE"
7 non-polymer 'MAGNESIUM ION'
#
loop_
_entity_poly.entity_id
_entity_poly.type
_entity_poly.pdbx_seq_one_letter_code
_entity_poly.pdbx_strand_id
1 'polypeptide(L)'
;MWHYTSINNDTRVALDPKPNQIRTITKPNTVPQLGTDYLYTFNSQRRSHTLRLLGPFQYFNFSETDRGHPLFRLPLKYPS
KAIPADELIDNLHSWMRSVHLLHVRSEDNTLRYNWMLGVYARSTNYTTPVGQLVVNAPAILNYSNPQDAFNSVFVALGID
YIDIPITNSNIFDDSSTPYNVRIWHAPTMTEVNHILALMRKSTLVSTHSSWHWNVLHTFHYRSESDMIDHFAAKILEDWR
QKEKLDKGALVEADRVIQRLIPLSSSTYVQRLAAIGALYPNEFTENVLDLSRLSTALLQLSDTYYQHANDQLRRLYRRMY
NDSRTLYMTQRHQELLLAQITADPNILLYPYTYIFTTIPTSMNYISNTGQGRIKHSLTVTGATEHDTVADIVLGQTGEDV
ITISMVEPMSIAVEDMYGYVLDTPTRDIWPADEQIEQKGDAVALYDTKTSRALGMFNNTVRIDDLLSPLLSLVYRTYIKG
DTMTMTQGSLDHLTLCAAVDSDITFVGNRMIAPLPEGYIPKPMHRNNSTMKMLSLYVALKKLENFATNSYLMAPDTSIIL
LGAEREPAVNILRRFNRNVSNVRIIGMGDRAVEPNIRVRVPFPIDKNISADFIICDINSYEDQSFESMFSETISVVTTCA
SAATRALVKINHPSEYMINSVIERLSQLGGVFYHTALLKTASQNPYSYETYIYITPIAAAVRFPFYSNSAMINRYMTAVA
DDEMPIIPSIHTVIKGHSNTYSPGLFCGCVDVQSAPLALSQLKSYCSEATTWRVDSDDNLVNIIARIDPARIALEFRTRS
NTSAYHEYQRYVPNGLGFKVRKTREFRYMHREVTFIHKLMMYALIREQISLTENMTQVVSIGGRNLADISVVPLNMKYVV
IDPATRIETLTQEKKNIEVQSRPFQFDAANMDLENNSIYLFIAVIMNEPNGAATPARMQMDKIRNVATAMLTRTNCVAYI
SFYEAGIITRLDQSTAHKTIRVEEGRLKVANYVPVDTLVEADVTLMLRDIGITHEIIRPSTPELIDACSNYGIRLGSTGG
AVLDVFNHYSPVIKLVRS
;
A
2 'polypeptide(L)'
;MHSTNNNSNKRNNEEKHKQPEIDSSANNGEGTSGTRAQTVGDTATEAGVRNETEAGASTRRQTDGTGLSGTNAKIATASS
ARQADVEKPADVTFTIENVDDVGIMQQKKPPTVVQSRTDVFNEQFANEALHPTTKVIFNGLDVNTEVQPLSDDFKQISDP
KGYLTYSVKYEDQFTKKDKLRASEADDRIVGPTVNLFKYGAAVVNIDLNRDFFDTATGIDLTKGIPLVQDLLVPIGVTAG
AEQSAEYVSGLLMVLFKVMTDNRLVIVGETTTPMSNTLSTVVNNVLRTTYHNNVGVNPALLRDFTQVNWLNRDITNMLQQ
AGTKYGLGLTETRLDYVRLVKTIVGHALNIDHFAASVLNINLRALMEANVTADDRIKALQAHSMISTQFHGPNQGALRPE
LAFDHDHIIRCLMLAAANYPRLEGIIVQINTGYVASANVIRPVSEKRYFPENLEQNQSAARLVSAVKARASEADISSIHL
AIAREVSPMFNVHELKKIAESFEDPSSIVVVLEFILFALFFPTEFNRIKGDIQNVLLLFFSRWYPVEYGIFVQRGATYTI
NAAGEFEFSGRNEKWDQALYLSEHFPALFSDVPLAGANTIIAIMRLFTPQGFLRTDDLAIAANFPRASRNPQTYIPYTNQ
RGTVTNEFASRFRTIVATLANVVNERAVQDDMQKATRSCTKQWLRHLETQFDNIAVAHTDHLSVVYATMSNFMLNFTNNF
SGNHATFKPDQYVITSPEGSYKPIIERQGETVDGLTIIDTSIVWPILCQCTYPLVRQSGKGVDAVSIMEEIVYPDPSTTL
SQSLSVAQVLSKLTLPDAFINMILSGGDSVVMRTYQTEADDDLDEGIRMTTYDQYLSHIRERLHITNVPDPIYITGASTP
DQIAASVQATHVAVVLYQSGVINGPASTYLRENEVLVVMPDYYDVVSRFANANLQMNNNRYHESVLEIADIFDQADFIQT
SDAVRQLRALMPTLSTSQIRHAIERIAQITDVDSTDYGKLTLRFLGTLTRSLKMQNAQIRRIRPDGTVLRYDDQIDIEAF
RWSRYFLDELQLRRLSVGLRLITNPRIARRFNGVRIMYLTDDDPDPDFVPDVPEGYVAVQYAHRLFSSSLANKRNRVTYT
HPPTGMAYPSPTGRPHVHMTINERAGMSKLVADNIIASVIKSNWVVDILDIEYTAEVMTPSEGYTQHVDAESIMTAPKGK
LFHLQFMDGLLRPEPSAFDPPASGEDMRLIYPLQPISVARSMRAIVNHNEVDRPRGAVAPSSYEMDTGTLSRNGDLLYSP
VANGQVGIPKLEVDHISFSNVVSMMTANIRTGDDMAVERVNPDDVRAINIRNA
;
B,C
3 'polypeptide(L)'
;MLQQPTGGYTTLEQFAFTIRNDGTNATPTQFLQLLSYEATENELVKKTIPTPETHLPSARNVPGNVYIEDAITQALFGIS
AQNVNAHGYFSRLSALALPNTSARLGLDGVIYNSETINIPFYDPAAVANFAATYAKLGNASTPRYRADMIDIYAHVGLEL
AGTDAERAAGVMPVKRAKFDSWEGSLISLSRDVVNWKILAFLIDLCSLEGEALRAFKTRNRDVFRMMLFIMSTAVAANVV
NRKVTKRVDRVLEYIGVNSMRTAGRTATITYDLSRHEFAAKFLQLTFTRWNAASAMIRSMPDMHTPRTSITPAGENALVR
HNRYMTENFKGLSPIALAQKKHEMMLHTHEIHSMDIDGSIKNMVERETVNKMNEIDAMNTAPWTEEFAEVEPTTVYERHQ
IGTDPEQTQLISQDAAVIVHQASSDVDENEYGNSVSELTIDTQSDSVL
;
D,E
#
# COMPACT_ATOMS: atom_id res chain seq x y z
N MET A 1 -1.65 64.10 4.21
CA MET A 1 -2.44 63.83 5.41
C MET A 1 -2.09 62.47 6.02
N TRP A 2 -0.83 62.32 6.42
CA TRP A 2 -0.36 61.03 6.94
C TRP A 2 -0.66 60.82 8.41
N HIS A 3 -0.09 61.67 9.27
CA HIS A 3 -0.18 61.47 10.72
C HIS A 3 -1.62 61.47 11.21
N TYR A 4 -1.95 60.48 12.03
CA TYR A 4 -3.28 60.36 12.62
C TYR A 4 -3.55 61.44 13.66
N THR A 5 -4.77 61.97 13.65
CA THR A 5 -5.19 62.86 14.72
C THR A 5 -6.37 62.20 15.43
N SER A 6 -6.12 61.75 16.65
CA SER A 6 -7.14 61.10 17.44
C SER A 6 -7.04 61.56 18.87
N ILE A 7 -8.19 61.74 19.51
CA ILE A 7 -8.21 62.06 20.92
C ILE A 7 -8.49 60.78 21.72
N ASN A 8 -7.44 60.23 22.32
CA ASN A 8 -7.56 59.08 23.20
C ASN A 8 -8.19 59.43 24.54
N ASN A 9 -8.97 58.50 25.09
CA ASN A 9 -9.65 58.73 26.34
C ASN A 9 -10.14 57.40 26.93
N ASP A 10 -10.15 57.29 28.26
CA ASP A 10 -10.67 56.09 28.91
C ASP A 10 -12.18 56.22 29.05
N THR A 11 -12.91 55.84 28.01
CA THR A 11 -14.36 56.05 27.97
C THR A 11 -15.09 55.28 29.06
N ARG A 12 -14.58 54.10 29.38
CA ARG A 12 -15.18 53.26 30.41
C ARG A 12 -15.04 53.87 31.80
N VAL A 13 -14.03 54.71 32.00
CA VAL A 13 -13.89 55.44 33.25
C VAL A 13 -14.85 56.63 33.31
N ALA A 14 -15.01 57.31 32.17
CA ALA A 14 -15.89 58.48 32.10
C ALA A 14 -17.32 58.07 32.38
N LEU A 15 -17.64 56.81 32.09
CA LEU A 15 -18.96 56.27 32.36
C LEU A 15 -19.27 56.09 33.85
N ASP A 16 -18.25 55.82 34.66
CA ASP A 16 -18.44 55.64 36.10
C ASP A 16 -18.88 56.99 36.71
N PRO A 17 -20.05 57.00 37.38
CA PRO A 17 -20.67 58.21 37.96
C PRO A 17 -19.96 58.75 39.18
N LYS A 18 -20.15 60.04 39.47
CA LYS A 18 -19.73 60.60 40.74
C LYS A 18 -20.58 59.96 41.82
N PRO A 19 -20.01 59.75 43.01
CA PRO A 19 -20.71 59.04 44.08
C PRO A 19 -22.00 59.73 44.48
N ASN A 20 -22.04 61.05 44.38
CA ASN A 20 -23.28 61.77 44.69
C ASN A 20 -24.42 61.43 43.74
N GLN A 21 -24.07 61.07 42.50
CA GLN A 21 -25.05 60.75 41.46
C GLN A 21 -25.61 59.32 41.53
N ILE A 22 -25.00 58.46 42.35
CA ILE A 22 -25.46 57.08 42.45
C ILE A 22 -26.85 56.90 43.05
N ARG A 23 -27.21 57.76 43.99
CA ARG A 23 -28.48 57.59 44.67
C ARG A 23 -29.65 57.75 43.72
N THR A 24 -29.47 58.62 42.73
CA THR A 24 -30.53 58.95 41.79
C THR A 24 -30.21 58.38 40.42
N ILE A 25 -29.23 57.49 40.37
CA ILE A 25 -28.74 56.93 39.12
C ILE A 25 -29.81 56.10 38.40
N THR A 26 -30.72 55.52 39.17
CA THR A 26 -31.85 54.78 38.61
C THR A 26 -33.01 55.71 38.22
N LYS A 27 -32.86 56.99 38.58
CA LYS A 27 -33.91 57.99 38.37
C LYS A 27 -35.23 57.50 38.96
N PRO A 28 -35.27 57.27 40.28
CA PRO A 28 -36.39 56.56 40.92
C PRO A 28 -37.76 57.22 40.75
N ASN A 29 -37.79 58.55 40.72
CA ASN A 29 -39.04 59.29 40.63
C ASN A 29 -39.79 59.20 39.30
N THR A 30 -39.06 58.94 38.20
CA THR A 30 -39.63 59.04 36.86
C THR A 30 -39.57 57.74 36.08
N VAL A 31 -40.46 57.59 35.11
CA VAL A 31 -40.46 56.40 34.24
C VAL A 31 -39.21 56.41 33.37
N PRO A 32 -38.60 55.22 33.21
CA PRO A 32 -37.52 55.10 32.23
C PRO A 32 -38.09 55.41 30.87
N GLN A 33 -37.31 56.07 30.03
CA GLN A 33 -37.81 56.48 28.73
C GLN A 33 -37.01 55.84 27.61
N LEU A 34 -37.70 55.46 26.55
CA LEU A 34 -37.04 54.84 25.40
C LEU A 34 -36.11 55.83 24.72
N GLY A 35 -34.98 55.33 24.24
CA GLY A 35 -34.05 56.14 23.47
C GLY A 35 -33.12 56.94 24.35
N THR A 36 -33.34 56.88 25.65
CA THR A 36 -32.47 57.56 26.61
C THR A 36 -32.10 56.62 27.74
N ASP A 37 -33.11 56.01 28.37
CA ASP A 37 -32.88 55.04 29.44
C ASP A 37 -32.83 53.60 28.93
N TYR A 38 -33.46 53.34 27.78
CA TYR A 38 -33.44 52.00 27.21
C TYR A 38 -33.64 51.99 25.71
N LEU A 39 -33.36 50.84 25.11
CA LEU A 39 -33.65 50.60 23.70
C LEU A 39 -34.27 49.22 23.59
N TYR A 40 -35.54 49.17 23.22
CA TYR A 40 -36.21 47.91 22.99
C TYR A 40 -36.53 47.71 21.53
N THR A 41 -36.24 46.52 21.02
CA THR A 41 -36.61 46.22 19.64
C THR A 41 -37.07 44.77 19.48
N PHE A 42 -38.15 44.59 18.73
CA PHE A 42 -38.65 43.26 18.46
C PHE A 42 -38.44 42.91 17.01
N ASN A 43 -37.54 41.97 16.76
CA ASN A 43 -37.26 41.56 15.39
C ASN A 43 -38.24 40.48 14.97
N SER A 44 -39.30 40.91 14.29
CA SER A 44 -40.41 40.03 13.96
C SER A 44 -40.00 38.85 13.07
N GLN A 45 -38.93 39.02 12.29
CA GLN A 45 -38.44 37.93 11.45
C GLN A 45 -37.82 36.81 12.27
N ARG A 46 -36.87 37.14 13.14
CA ARG A 46 -36.24 36.16 14.03
C ARG A 46 -37.07 35.94 15.30
N ARG A 47 -38.08 36.79 15.49
CA ARG A 47 -38.94 36.73 16.66
C ARG A 47 -38.16 36.72 17.97
N SER A 48 -37.15 37.58 18.03
CA SER A 48 -36.35 37.76 19.23
C SER A 48 -36.48 39.18 19.76
N HIS A 49 -36.87 39.28 21.03
CA HIS A 49 -36.89 40.55 21.73
C HIS A 49 -35.49 40.98 22.14
N THR A 50 -35.24 42.29 22.20
CA THR A 50 -33.95 42.77 22.68
C THR A 50 -34.01 44.12 23.40
N LEU A 51 -33.83 44.06 24.72
CA LEU A 51 -33.73 45.24 25.57
C LEU A 51 -32.28 45.60 25.80
N ARG A 52 -32.01 46.90 25.92
CA ARG A 52 -30.64 47.34 26.10
C ARG A 52 -30.64 48.65 26.91
N LEU A 53 -30.24 48.53 28.17
CA LEU A 53 -30.15 49.70 29.05
C LEU A 53 -29.02 50.66 28.65
N LEU A 54 -29.33 51.96 28.68
CA LEU A 54 -28.36 52.99 28.35
C LEU A 54 -27.75 53.63 29.58
N GLY A 55 -26.70 54.41 29.37
CA GLY A 55 -26.01 55.04 30.48
C GLY A 55 -25.23 54.00 31.23
N PRO A 56 -25.01 54.23 32.54
CA PRO A 56 -24.13 53.42 33.39
C PRO A 56 -24.61 51.99 33.36
N PHE A 57 -25.91 51.84 33.16
CA PHE A 57 -26.57 50.53 33.19
C PHE A 57 -26.22 49.61 32.04
N GLN A 58 -25.54 50.13 31.03
CA GLN A 58 -25.16 49.28 29.91
C GLN A 58 -24.25 48.17 30.40
N TYR A 59 -23.60 48.40 31.54
CA TYR A 59 -22.84 47.37 32.22
C TYR A 59 -23.49 47.02 33.54
N PHE A 60 -24.39 46.04 33.53
CA PHE A 60 -25.08 45.65 34.75
C PHE A 60 -25.14 44.14 34.89
N ASN A 61 -24.43 43.58 35.87
CA ASN A 61 -24.61 42.18 36.24
C ASN A 61 -25.96 42.03 36.94
N PHE A 62 -26.67 40.94 36.66
CA PHE A 62 -27.95 40.73 37.32
C PHE A 62 -27.89 39.64 38.38
N SER A 63 -28.42 39.95 39.56
CA SER A 63 -28.55 38.98 40.62
C SER A 63 -29.65 38.03 40.24
N GLU A 64 -29.58 36.79 40.73
CA GLU A 64 -30.60 35.79 40.41
C GLU A 64 -31.96 36.24 40.93
N THR A 65 -31.96 37.11 41.94
CA THR A 65 -33.19 37.78 42.36
C THR A 65 -33.71 38.73 41.29
N ASP A 66 -32.79 39.42 40.62
CA ASP A 66 -33.19 40.37 39.58
C ASP A 66 -33.82 39.63 38.42
N ARG A 67 -33.34 38.42 38.18
CA ARG A 67 -33.85 37.60 37.08
C ARG A 67 -35.24 37.09 37.40
N GLY A 68 -35.58 37.07 38.68
CA GLY A 68 -36.86 36.57 39.12
C GLY A 68 -37.94 37.60 38.91
N HIS A 69 -37.52 38.82 38.59
CA HIS A 69 -38.46 39.89 38.34
C HIS A 69 -39.23 39.61 37.04
N PRO A 70 -40.52 40.01 36.99
CA PRO A 70 -41.43 39.76 35.86
C PRO A 70 -40.95 40.36 34.53
N LEU A 71 -40.19 41.43 34.63
CA LEU A 71 -39.58 42.07 33.46
C LEU A 71 -38.89 41.06 32.57
N PHE A 72 -38.09 40.18 33.18
CA PHE A 72 -37.30 39.22 32.41
C PHE A 72 -38.17 38.07 31.96
N ARG A 73 -39.33 37.97 32.58
CA ARG A 73 -40.31 36.96 32.22
C ARG A 73 -41.14 37.41 31.02
N LEU A 74 -41.06 38.70 30.69
CA LEU A 74 -41.85 39.29 29.59
C LEU A 74 -41.75 38.69 28.18
N PRO A 75 -40.51 38.43 27.69
CA PRO A 75 -40.43 37.83 26.34
C PRO A 75 -41.15 36.49 26.19
N LEU A 76 -41.19 35.69 27.25
CA LEU A 76 -41.97 34.46 27.25
C LEU A 76 -43.47 34.73 27.17
N LYS A 77 -43.90 35.85 27.75
CA LYS A 77 -45.31 36.19 27.81
C LYS A 77 -45.81 36.68 26.45
N TYR A 78 -44.88 37.04 25.58
CA TYR A 78 -45.22 37.51 24.24
C TYR A 78 -44.35 36.82 23.20
N PRO A 79 -44.57 35.52 22.97
CA PRO A 79 -43.68 34.71 22.12
C PRO A 79 -43.54 35.24 20.69
N SER A 80 -44.61 35.82 20.16
CA SER A 80 -44.71 36.09 18.73
C SER A 80 -44.73 37.55 18.35
N LYS A 81 -45.12 38.41 19.29
CA LYS A 81 -45.35 39.82 18.99
C LYS A 81 -44.61 40.72 19.96
N ALA A 82 -44.41 41.98 19.58
CA ALA A 82 -43.67 42.94 20.40
C ALA A 82 -44.33 43.20 21.75
N ILE A 83 -43.50 43.32 22.78
CA ILE A 83 -44.01 43.69 24.10
C ILE A 83 -44.52 45.12 24.02
N PRO A 84 -45.78 45.35 24.40
CA PRO A 84 -46.35 46.69 24.34
C PRO A 84 -45.58 47.66 25.23
N ALA A 85 -45.43 48.90 24.78
CA ALA A 85 -44.56 49.85 25.46
C ALA A 85 -45.02 50.12 26.88
N ASP A 86 -46.32 49.98 27.11
CA ASP A 86 -46.86 50.17 28.45
C ASP A 86 -46.26 49.15 29.40
N GLU A 87 -46.37 47.86 29.05
CA GLU A 87 -45.89 46.79 29.92
C GLU A 87 -44.38 46.81 30.08
N LEU A 88 -43.67 47.12 29.00
CA LEU A 88 -42.21 47.17 29.01
C LEU A 88 -41.74 48.30 29.93
N ILE A 89 -42.36 49.46 29.79
CA ILE A 89 -42.02 50.61 30.61
C ILE A 89 -42.33 50.38 32.09
N ASP A 90 -43.51 49.84 32.39
CA ASP A 90 -43.88 49.62 33.79
C ASP A 90 -43.01 48.57 34.46
N ASN A 91 -42.67 47.51 33.72
CA ASN A 91 -41.84 46.45 34.29
C ASN A 91 -40.40 46.87 34.47
N LEU A 92 -39.86 47.55 33.46
CA LEU A 92 -38.50 48.06 33.55
C LEU A 92 -38.43 49.11 34.66
N HIS A 93 -39.51 49.87 34.82
CA HIS A 93 -39.57 50.89 35.85
C HIS A 93 -39.55 50.34 37.26
N SER A 94 -40.43 49.38 37.52
CA SER A 94 -40.45 48.75 38.85
C SER A 94 -39.17 47.95 39.15
N TRP A 95 -38.63 47.26 38.15
CA TRP A 95 -37.36 46.59 38.39
C TRP A 95 -36.24 47.57 38.67
N MET A 96 -36.28 48.70 37.97
CA MET A 96 -35.28 49.74 38.16
C MET A 96 -35.41 50.29 39.59
N ARG A 97 -36.65 50.42 40.07
CA ARG A 97 -36.88 50.89 41.44
C ARG A 97 -36.28 49.92 42.42
N SER A 98 -36.31 48.64 42.09
CA SER A 98 -35.78 47.63 43.03
C SER A 98 -34.26 47.69 43.26
N VAL A 99 -33.49 48.07 42.24
CA VAL A 99 -32.02 48.12 42.37
C VAL A 99 -31.49 49.27 43.23
N HIS A 100 -30.42 49.00 43.98
CA HIS A 100 -29.81 50.01 44.81
C HIS A 100 -28.36 49.62 45.06
N LEU A 101 -27.44 50.52 44.73
CA LEU A 101 -26.02 50.22 44.83
C LEU A 101 -25.37 50.84 46.06
N LEU A 102 -24.69 50.01 46.84
CA LEU A 102 -24.03 50.49 48.06
C LEU A 102 -22.99 51.54 47.73
N HIS A 103 -23.02 52.64 48.48
CA HIS A 103 -22.15 53.76 48.19
C HIS A 103 -22.15 54.72 49.36
N VAL A 104 -21.09 55.51 49.47
CA VAL A 104 -21.04 56.59 50.43
C VAL A 104 -20.82 57.87 49.65
N ARG A 105 -21.80 58.77 49.68
CA ARG A 105 -21.64 60.05 49.01
C ARG A 105 -20.61 60.92 49.72
N SER A 106 -19.86 61.69 48.95
CA SER A 106 -18.77 62.50 49.52
C SER A 106 -18.72 63.91 48.93
N GLU A 107 -17.99 64.81 49.59
CA GLU A 107 -17.89 66.19 49.12
C GLU A 107 -16.80 66.45 48.07
N ASP A 108 -15.68 65.72 48.14
CA ASP A 108 -14.57 65.97 47.23
C ASP A 108 -14.97 65.72 45.79
N ASN A 109 -14.59 66.64 44.92
CA ASN A 109 -15.01 66.60 43.52
C ASN A 109 -14.22 65.60 42.69
N THR A 110 -13.10 65.14 43.23
CA THR A 110 -12.20 64.27 42.49
C THR A 110 -12.67 62.80 42.41
N LEU A 111 -13.63 62.44 43.26
CA LEU A 111 -14.08 61.04 43.33
C LEU A 111 -14.96 60.56 42.18
N ARG A 112 -14.88 59.26 41.95
CA ARG A 112 -15.69 58.56 40.97
C ARG A 112 -16.12 57.32 41.71
N TYR A 113 -17.24 56.72 41.32
CA TYR A 113 -17.73 55.54 42.01
C TYR A 113 -17.47 54.31 41.15
N ASN A 114 -16.89 53.27 41.73
CA ASN A 114 -16.46 52.12 40.92
C ASN A 114 -17.65 51.25 40.57
N TRP A 115 -18.30 51.64 39.49
CA TRP A 115 -19.59 51.07 39.12
C TRP A 115 -19.48 49.57 38.88
N MET A 116 -18.35 49.14 38.32
CA MET A 116 -18.13 47.74 38.01
C MET A 116 -18.21 46.85 39.25
N LEU A 117 -17.41 47.20 40.25
CA LEU A 117 -17.35 46.44 41.50
C LEU A 117 -18.60 46.59 42.34
N GLY A 118 -19.27 47.72 42.17
CA GLY A 118 -20.50 47.98 42.91
C GLY A 118 -21.59 47.06 42.42
N VAL A 119 -21.91 47.15 41.13
CA VAL A 119 -22.97 46.31 40.58
C VAL A 119 -22.59 44.83 40.63
N TYR A 120 -21.29 44.54 40.55
CA TYR A 120 -20.87 43.16 40.57
C TYR A 120 -21.11 42.59 41.95
N ALA A 121 -20.76 43.36 42.98
CA ALA A 121 -20.98 42.92 44.35
C ALA A 121 -22.46 42.75 44.60
N ARG A 122 -23.25 43.62 44.00
CA ARG A 122 -24.70 43.53 44.17
C ARG A 122 -25.26 42.27 43.55
N SER A 123 -24.72 41.90 42.39
CA SER A 123 -25.24 40.75 41.65
C SER A 123 -25.01 39.44 42.38
N THR A 124 -23.91 39.34 43.10
CA THR A 124 -23.58 38.14 43.85
C THR A 124 -24.20 38.24 45.22
N ASN A 125 -24.93 39.32 45.43
CA ASN A 125 -25.62 39.59 46.69
C ASN A 125 -24.65 39.76 47.85
N TYR A 126 -23.47 40.31 47.54
CA TYR A 126 -22.44 40.59 48.53
C TYR A 126 -21.95 39.34 49.25
N THR A 127 -21.63 38.30 48.50
CA THR A 127 -21.10 37.05 49.07
C THR A 127 -19.61 36.81 48.83
N THR A 128 -19.15 37.18 47.63
CA THR A 128 -17.74 37.00 47.27
C THR A 128 -16.93 38.00 48.07
N PRO A 129 -15.62 37.77 48.22
CA PRO A 129 -14.82 38.65 49.07
C PRO A 129 -14.88 40.12 48.64
N VAL A 130 -14.97 40.40 47.35
CA VAL A 130 -15.18 41.77 46.91
C VAL A 130 -16.55 42.30 47.37
N GLY A 131 -17.54 41.40 47.40
CA GLY A 131 -18.87 41.77 47.83
C GLY A 131 -18.92 42.07 49.31
N GLN A 132 -18.13 41.32 50.08
CA GLN A 132 -18.06 41.50 51.53
C GLN A 132 -17.35 42.81 51.83
N LEU A 133 -16.24 42.98 51.13
CA LEU A 133 -15.38 44.12 51.34
C LEU A 133 -16.19 45.36 51.02
N VAL A 134 -17.11 45.24 50.07
CA VAL A 134 -17.92 46.38 49.66
C VAL A 134 -19.09 46.65 50.61
N VAL A 135 -19.78 45.59 51.04
CA VAL A 135 -20.91 45.76 51.95
C VAL A 135 -20.44 46.25 53.32
N ASN A 136 -19.21 45.95 53.68
CA ASN A 136 -18.67 46.43 54.96
C ASN A 136 -18.14 47.85 54.86
N ALA A 137 -17.45 48.14 53.76
CA ALA A 137 -16.85 49.45 53.56
C ALA A 137 -17.13 50.02 52.17
N PRO A 138 -18.36 50.53 51.95
CA PRO A 138 -18.81 51.00 50.64
C PRO A 138 -17.93 52.14 50.10
N ALA A 139 -17.32 52.89 51.01
CA ALA A 139 -16.44 54.01 50.66
C ALA A 139 -15.23 53.55 49.85
N ILE A 140 -14.94 52.25 49.88
CA ILE A 140 -13.88 51.67 49.08
C ILE A 140 -14.16 51.83 47.59
N LEU A 141 -15.44 51.90 47.22
CA LEU A 141 -15.83 52.06 45.82
C LEU A 141 -15.48 53.41 45.20
N ASN A 142 -15.44 54.46 46.01
CA ASN A 142 -14.97 55.78 45.56
C ASN A 142 -13.47 55.80 45.24
N TYR A 143 -13.12 56.42 44.11
CA TYR A 143 -11.72 56.49 43.71
C TYR A 143 -11.36 57.79 43.00
N SER A 144 -10.20 58.33 43.32
CA SER A 144 -9.73 59.51 42.62
C SER A 144 -8.99 59.06 41.38
N ASN A 145 -7.80 58.48 41.59
CA ASN A 145 -7.06 57.82 40.53
C ASN A 145 -7.76 56.52 40.15
N PRO A 146 -8.03 56.32 38.85
CA PRO A 146 -8.83 55.17 38.38
C PRO A 146 -8.24 53.81 38.75
N GLN A 147 -6.91 53.70 38.76
CA GLN A 147 -6.26 52.41 38.98
C GLN A 147 -6.30 52.00 40.44
N ASP A 148 -6.21 52.99 41.32
CA ASP A 148 -6.15 52.76 42.76
C ASP A 148 -7.48 52.24 43.29
N ALA A 149 -8.51 52.37 42.45
CA ALA A 149 -9.84 51.86 42.76
C ALA A 149 -9.79 50.37 43.00
N PHE A 150 -8.92 49.70 42.26
CA PHE A 150 -8.76 48.27 42.36
C PHE A 150 -7.61 47.88 43.26
N ASN A 151 -6.56 48.69 43.27
CA ASN A 151 -5.44 48.41 44.13
C ASN A 151 -5.87 48.43 45.58
N SER A 152 -6.85 49.28 45.90
CA SER A 152 -7.36 49.36 47.26
C SER A 152 -7.98 48.05 47.69
N VAL A 153 -8.65 47.38 46.75
CA VAL A 153 -9.34 46.13 47.07
C VAL A 153 -8.47 44.87 46.93
N PHE A 154 -7.41 44.94 46.12
CA PHE A 154 -6.48 43.83 46.02
C PHE A 154 -5.65 43.84 47.28
N VAL A 155 -5.28 45.04 47.72
CA VAL A 155 -4.55 45.18 48.97
C VAL A 155 -5.42 44.76 50.13
N ALA A 156 -6.68 45.18 50.12
CA ALA A 156 -7.60 44.79 51.19
C ALA A 156 -7.83 43.29 51.25
N LEU A 157 -7.84 42.63 50.10
CA LEU A 157 -8.14 41.20 50.07
C LEU A 157 -6.91 40.32 50.07
N GLY A 158 -5.81 40.84 49.53
CA GLY A 158 -4.57 40.09 49.47
C GLY A 158 -4.51 39.15 48.29
N ILE A 159 -5.56 39.15 47.50
CA ILE A 159 -5.65 38.35 46.27
C ILE A 159 -4.85 38.97 45.12
N ASP A 160 -4.36 38.14 44.21
CA ASP A 160 -3.63 38.65 43.05
C ASP A 160 -4.52 39.12 41.88
N TYR A 161 -5.79 38.72 41.89
CA TYR A 161 -6.74 39.08 40.82
C TYR A 161 -8.20 38.82 41.20
N ILE A 162 -9.12 39.45 40.48
CA ILE A 162 -10.53 39.12 40.62
C ILE A 162 -11.06 38.67 39.26
N ASP A 163 -11.71 37.52 39.22
CA ASP A 163 -12.33 37.07 37.98
C ASP A 163 -13.78 37.60 37.86
N ILE A 164 -13.97 38.69 37.11
CA ILE A 164 -15.27 39.35 36.95
C ILE A 164 -16.04 38.93 35.68
N PRO A 165 -17.27 38.40 35.85
CA PRO A 165 -18.15 37.99 34.74
C PRO A 165 -18.56 39.15 33.86
N ILE A 166 -18.70 38.90 32.56
CA ILE A 166 -19.21 39.94 31.66
C ILE A 166 -20.73 39.91 31.57
N THR A 167 -21.32 41.09 31.46
CA THR A 167 -22.73 41.19 31.18
C THR A 167 -22.96 40.87 29.71
N ASN A 168 -24.11 40.30 29.38
CA ASN A 168 -24.58 40.31 28.00
C ASN A 168 -25.18 41.69 27.70
N SER A 169 -25.09 42.14 26.46
CA SER A 169 -25.58 43.46 26.11
C SER A 169 -27.12 43.52 26.15
N ASN A 170 -27.77 42.62 25.44
CA ASN A 170 -29.21 42.41 25.59
C ASN A 170 -29.48 41.84 26.98
N ILE A 171 -30.48 42.37 27.67
CA ILE A 171 -30.72 41.90 29.04
C ILE A 171 -31.73 40.76 29.08
N PHE A 172 -32.29 40.44 27.92
CA PHE A 172 -33.26 39.35 27.84
C PHE A 172 -32.63 37.95 27.70
N ASP A 173 -31.50 37.84 27.01
CA ASP A 173 -30.78 36.57 26.94
C ASP A 173 -30.18 36.22 28.29
N ASP A 174 -30.27 34.94 28.64
CA ASP A 174 -29.71 34.43 29.88
C ASP A 174 -28.58 33.44 29.60
N SER A 175 -28.04 33.50 28.38
CA SER A 175 -27.05 32.54 27.92
C SER A 175 -25.74 32.63 28.73
N SER A 176 -25.11 31.48 28.98
CA SER A 176 -23.82 31.45 29.67
C SER A 176 -22.75 32.16 28.87
N THR A 177 -21.99 33.02 29.56
CA THR A 177 -21.07 33.95 28.91
C THR A 177 -19.82 33.29 28.31
N PRO A 178 -19.47 33.70 27.08
CA PRO A 178 -18.38 33.09 26.32
C PRO A 178 -17.02 33.15 27.04
N TYR A 179 -16.82 34.22 27.80
CA TYR A 179 -15.58 34.42 28.54
C TYR A 179 -15.85 35.13 29.85
N ASN A 180 -14.80 35.40 30.60
CA ASN A 180 -14.91 36.31 31.73
C ASN A 180 -13.65 37.15 31.83
N VAL A 181 -13.77 38.35 32.39
CA VAL A 181 -12.61 39.22 32.46
C VAL A 181 -11.96 39.24 33.86
N ARG A 182 -10.81 38.59 33.97
CA ARG A 182 -9.96 38.71 35.15
C ARG A 182 -9.24 40.07 35.23
N ILE A 183 -9.07 40.58 36.44
CA ILE A 183 -8.49 41.89 36.69
C ILE A 183 -7.34 41.68 37.66
N TRP A 184 -6.15 42.05 37.24
CA TRP A 184 -4.96 41.76 38.00
C TRP A 184 -4.47 42.90 38.86
N HIS A 185 -3.89 42.56 40.00
CA HIS A 185 -3.18 43.54 40.79
C HIS A 185 -1.78 43.69 40.17
N ALA A 186 -1.65 44.66 39.27
CA ALA A 186 -0.36 44.97 38.63
C ALA A 186 -0.11 46.47 38.54
N PRO A 187 0.23 47.13 39.66
CA PRO A 187 0.34 48.60 39.72
C PRO A 187 1.35 49.23 38.75
N THR A 188 2.45 48.54 38.46
CA THR A 188 3.49 49.11 37.59
C THR A 188 3.59 48.32 36.30
N MET A 189 4.40 48.84 35.38
CA MET A 189 4.63 48.13 34.13
C MET A 189 5.31 46.78 34.35
N THR A 190 6.17 46.69 35.36
CA THR A 190 6.93 45.46 35.57
C THR A 190 6.03 44.30 35.98
N GLU A 191 5.04 44.62 36.81
CA GLU A 191 4.07 43.60 37.22
C GLU A 191 3.24 43.15 36.02
N VAL A 192 2.93 44.11 35.15
CA VAL A 192 2.15 43.82 33.94
C VAL A 192 2.94 42.87 33.04
N ASN A 193 4.25 43.07 32.98
CA ASN A 193 5.10 42.24 32.13
C ASN A 193 5.10 40.82 32.66
N HIS A 194 5.32 40.70 33.98
CA HIS A 194 5.38 39.38 34.57
C HIS A 194 4.07 38.62 34.40
N ILE A 195 2.94 39.31 34.57
CA ILE A 195 1.65 38.66 34.41
C ILE A 195 1.40 38.26 32.95
N LEU A 196 1.83 39.09 32.00
CA LEU A 196 1.61 38.75 30.61
C LEU A 196 2.42 37.52 30.24
N ALA A 197 3.68 37.51 30.67
CA ALA A 197 4.56 36.38 30.38
C ALA A 197 4.10 35.08 31.04
N LEU A 198 3.53 35.17 32.24
CA LEU A 198 2.92 34.00 32.85
C LEU A 198 1.66 33.57 32.11
N MET A 199 0.94 34.55 31.58
CA MET A 199 -0.32 34.28 30.89
C MET A 199 -0.02 33.60 29.57
N ARG A 200 1.18 33.80 29.05
CA ARG A 200 1.50 33.24 27.75
C ARG A 200 1.85 31.77 27.89
N LYS A 201 1.78 31.29 29.13
CA LYS A 201 1.88 29.86 29.42
C LYS A 201 0.61 29.26 29.99
N SER A 202 -0.55 29.61 29.45
CA SER A 202 -1.81 29.06 29.96
C SER A 202 -2.97 29.15 28.97
N THR A 203 -3.81 28.12 28.92
CA THR A 203 -4.81 27.97 27.84
C THR A 203 -5.88 29.06 27.75
N LEU A 204 -6.21 29.43 26.51
CA LEU A 204 -7.35 30.29 26.19
C LEU A 204 -7.37 31.67 26.85
N VAL A 205 -6.22 32.34 26.92
CA VAL A 205 -6.19 33.72 27.44
C VAL A 205 -5.80 34.73 26.39
N SER A 206 -6.37 35.92 26.51
CA SER A 206 -6.04 37.02 25.59
C SER A 206 -6.25 38.36 26.27
N THR A 207 -5.85 39.43 25.61
CA THR A 207 -5.92 40.73 26.26
C THR A 207 -5.98 41.88 25.26
N HIS A 208 -6.29 43.06 25.77
CA HIS A 208 -6.26 44.28 24.98
C HIS A 208 -4.88 44.92 24.90
N SER A 209 -4.67 45.74 23.87
CA SER A 209 -3.43 46.50 23.75
C SER A 209 -3.22 47.51 24.90
N SER A 210 -4.32 48.04 25.42
CA SER A 210 -4.29 48.89 26.61
C SER A 210 -5.53 48.60 27.44
N TRP A 211 -5.55 49.08 28.69
CA TRP A 211 -6.59 48.67 29.60
C TRP A 211 -7.31 49.86 30.20
N HIS A 212 -8.62 49.73 30.37
CA HIS A 212 -9.40 50.77 31.02
C HIS A 212 -9.17 50.77 32.53
N TRP A 213 -9.39 51.92 33.16
CA TRP A 213 -9.03 52.18 34.55
C TRP A 213 -7.54 52.00 34.80
N ASN A 214 -6.76 52.01 33.72
CA ASN A 214 -5.32 51.77 33.79
C ASN A 214 -4.94 50.54 34.60
N VAL A 215 -5.82 49.55 34.65
CA VAL A 215 -5.58 48.34 35.41
C VAL A 215 -5.60 47.12 34.48
N LEU A 216 -4.58 46.29 34.56
CA LEU A 216 -4.47 45.15 33.65
C LEU A 216 -5.67 44.23 33.78
N HIS A 217 -6.24 43.83 32.64
CA HIS A 217 -7.35 42.89 32.66
C HIS A 217 -7.34 41.97 31.44
N THR A 218 -7.44 40.68 31.73
CA THR A 218 -7.29 39.61 30.76
C THR A 218 -8.65 38.96 30.49
N PHE A 219 -8.87 38.52 29.26
CA PHE A 219 -10.05 37.73 28.93
C PHE A 219 -9.71 36.25 28.97
N HIS A 220 -10.62 35.49 29.56
CA HIS A 220 -10.44 34.07 29.75
C HIS A 220 -11.63 33.34 29.18
N TYR A 221 -11.37 32.58 28.13
CA TYR A 221 -12.42 32.00 27.31
C TYR A 221 -12.77 30.59 27.72
N ARG A 222 -14.07 30.30 27.69
CA ARG A 222 -14.57 28.98 28.04
C ARG A 222 -14.31 27.90 26.98
N SER A 223 -14.09 28.33 25.74
CA SER A 223 -13.92 27.42 24.62
C SER A 223 -13.30 28.17 23.48
N GLU A 224 -12.69 27.43 22.55
CA GLU A 224 -11.96 28.06 21.45
C GLU A 224 -12.86 28.89 20.53
N SER A 225 -14.09 28.44 20.33
CA SER A 225 -15.01 29.12 19.43
C SER A 225 -15.36 30.51 19.95
N ASP A 226 -15.45 30.61 21.27
CA ASP A 226 -15.74 31.89 21.91
C ASP A 226 -14.57 32.85 21.69
N MET A 227 -13.35 32.33 21.80
CA MET A 227 -12.17 33.16 21.60
C MET A 227 -12.17 33.66 20.18
N ILE A 228 -12.61 32.79 19.27
CA ILE A 228 -12.65 33.17 17.85
C ILE A 228 -13.67 34.27 17.59
N ASP A 229 -14.88 34.12 18.11
CA ASP A 229 -15.90 35.15 17.86
C ASP A 229 -15.58 36.53 18.49
N HIS A 230 -14.94 36.49 19.67
CA HIS A 230 -14.45 37.73 20.28
C HIS A 230 -13.35 38.39 19.44
N PHE A 231 -12.36 37.59 19.04
CA PHE A 231 -11.26 38.11 18.23
C PHE A 231 -11.77 38.70 16.93
N ALA A 232 -12.81 38.08 16.40
CA ALA A 232 -13.42 38.55 15.18
C ALA A 232 -13.99 39.93 15.38
N ALA A 233 -14.85 40.08 16.40
CA ALA A 233 -15.52 41.37 16.58
C ALA A 233 -14.51 42.48 16.83
N LYS A 234 -13.47 42.16 17.60
CA LYS A 234 -12.43 43.15 17.86
C LYS A 234 -11.62 43.55 16.64
N ILE A 235 -11.36 42.58 15.76
CA ILE A 235 -10.65 42.85 14.51
C ILE A 235 -11.49 43.78 13.65
N LEU A 236 -12.79 43.54 13.64
CA LEU A 236 -13.68 44.37 12.85
C LEU A 236 -13.61 45.79 13.39
N GLU A 237 -13.63 45.91 14.71
CA GLU A 237 -13.63 47.23 15.33
C GLU A 237 -12.34 48.00 15.02
N ASP A 238 -11.19 47.34 15.13
CA ASP A 238 -9.92 48.00 14.82
C ASP A 238 -9.80 48.35 13.34
N TRP A 239 -10.36 47.53 12.46
CA TRP A 239 -10.30 47.84 11.03
C TRP A 239 -11.18 49.03 10.67
N ARG A 240 -12.37 49.11 11.26
CA ARG A 240 -13.22 50.28 11.03
C ARG A 240 -12.53 51.52 11.57
N GLN A 241 -11.82 51.35 12.68
CA GLN A 241 -11.23 52.49 13.35
C GLN A 241 -10.06 53.01 12.56
N LYS A 242 -9.21 52.09 12.13
CA LYS A 242 -8.04 52.42 11.33
C LYS A 242 -8.46 53.00 9.99
N GLU A 243 -9.58 52.52 9.47
CA GLU A 243 -10.11 53.07 8.23
C GLU A 243 -10.52 54.52 8.46
N LYS A 244 -11.18 54.79 9.58
CA LYS A 244 -11.58 56.17 9.88
C LYS A 244 -10.39 57.08 10.15
N LEU A 245 -9.32 56.51 10.72
CA LEU A 245 -8.12 57.26 11.03
C LEU A 245 -7.37 57.63 9.78
N ASP A 246 -7.28 56.67 8.85
CA ASP A 246 -6.54 56.84 7.60
C ASP A 246 -7.19 57.89 6.70
N LYS A 247 -8.49 58.09 6.84
CA LYS A 247 -9.18 59.17 6.14
C LYS A 247 -8.82 60.52 6.73
N GLY A 248 -8.17 60.48 7.90
CA GLY A 248 -7.62 61.67 8.51
C GLY A 248 -8.57 62.44 9.40
N ALA A 249 -9.78 61.92 9.57
CA ALA A 249 -10.75 62.54 10.48
C ALA A 249 -10.30 62.43 11.94
N LEU A 250 -10.56 63.48 12.71
CA LEU A 250 -10.35 63.40 14.16
C LEU A 250 -11.33 62.38 14.73
N VAL A 251 -10.85 61.48 15.58
CA VAL A 251 -11.72 60.42 16.10
C VAL A 251 -11.46 60.15 17.56
N GLU A 252 -12.53 59.86 18.31
CA GLU A 252 -12.40 59.56 19.72
C GLU A 252 -12.15 58.08 19.94
N ALA A 253 -10.95 57.63 19.60
CA ALA A 253 -10.58 56.24 19.80
C ALA A 253 -10.36 56.01 21.29
N ASP A 254 -11.18 55.14 21.87
CA ASP A 254 -11.07 54.82 23.29
C ASP A 254 -9.75 54.12 23.60
N ARG A 255 -9.21 53.43 22.59
CA ARG A 255 -7.89 52.83 22.68
C ARG A 255 -7.34 52.68 21.27
N VAL A 256 -6.05 52.98 21.08
CA VAL A 256 -5.49 53.14 19.74
C VAL A 256 -5.53 51.87 18.87
N ILE A 257 -5.31 50.72 19.49
CA ILE A 257 -5.36 49.45 18.76
C ILE A 257 -6.48 48.60 19.32
N GLN A 258 -7.64 48.69 18.69
CA GLN A 258 -8.84 48.07 19.25
C GLN A 258 -8.80 46.53 19.38
N ARG A 259 -8.04 45.85 18.52
CA ARG A 259 -8.02 44.38 18.52
C ARG A 259 -7.18 43.70 19.60
N LEU A 260 -7.62 42.49 19.96
CA LEU A 260 -7.03 41.70 21.05
C LEU A 260 -5.69 41.06 20.68
N ILE A 261 -4.91 40.75 21.72
CA ILE A 261 -3.57 40.20 21.56
C ILE A 261 -3.58 38.84 22.23
N PRO A 262 -3.66 37.76 21.43
CA PRO A 262 -3.72 36.45 22.09
C PRO A 262 -2.44 36.21 22.89
N LEU A 263 -2.57 35.62 24.07
CA LEU A 263 -1.39 35.29 24.86
C LEU A 263 -1.26 33.79 24.79
N SER A 264 -2.39 33.12 24.72
CA SER A 264 -2.38 31.70 24.47
C SER A 264 -3.71 31.20 23.90
N SER A 265 -3.61 30.63 22.70
CA SER A 265 -4.76 30.34 21.87
C SER A 265 -4.43 29.23 20.89
N SER A 266 -5.46 28.77 20.20
CA SER A 266 -5.28 27.79 19.13
C SER A 266 -4.73 28.48 17.90
N THR A 267 -4.44 27.67 16.89
CA THR A 267 -3.89 28.16 15.63
C THR A 267 -4.79 29.21 14.99
N TYR A 268 -6.09 28.93 15.00
CA TYR A 268 -7.05 29.72 14.23
C TYR A 268 -7.15 31.14 14.74
N VAL A 269 -7.01 31.28 16.05
CA VAL A 269 -6.99 32.59 16.64
C VAL A 269 -5.74 33.33 16.20
N GLN A 270 -4.62 32.62 16.08
CA GLN A 270 -3.37 33.24 15.67
C GLN A 270 -3.46 33.73 14.23
N ARG A 271 -4.21 33.00 13.41
CA ARG A 271 -4.51 33.47 12.06
C ARG A 271 -5.37 34.73 12.09
N LEU A 272 -6.37 34.75 12.97
CA LEU A 272 -7.19 35.96 13.08
C LEU A 272 -6.33 37.14 13.47
N ALA A 273 -5.42 36.93 14.41
CA ALA A 273 -4.57 38.01 14.91
C ALA A 273 -3.68 38.50 13.79
N ALA A 274 -3.22 37.56 12.97
CA ALA A 274 -2.29 37.89 11.89
C ALA A 274 -2.95 38.74 10.80
N ILE A 275 -3.98 38.22 10.14
CA ILE A 275 -4.60 39.03 9.09
C ILE A 275 -5.23 40.26 9.70
N GLY A 276 -5.55 40.17 10.98
CA GLY A 276 -6.18 41.28 11.65
C GLY A 276 -5.20 42.42 11.75
N ALA A 277 -3.94 42.10 12.00
CA ALA A 277 -2.93 43.13 12.17
C ALA A 277 -2.44 43.62 10.81
N LEU A 278 -2.75 42.88 9.75
CA LEU A 278 -2.36 43.34 8.42
C LEU A 278 -3.13 44.58 7.94
N TYR A 279 -4.33 44.78 8.48
CA TYR A 279 -5.27 45.77 7.97
C TYR A 279 -5.39 45.68 6.45
N PRO A 280 -5.74 44.49 5.94
CA PRO A 280 -5.70 44.15 4.52
C PRO A 280 -6.65 45.02 3.71
N ASN A 281 -6.28 45.28 2.46
CA ASN A 281 -7.05 46.15 1.59
C ASN A 281 -8.48 45.64 1.41
N GLU A 282 -8.63 44.32 1.55
CA GLU A 282 -9.89 43.65 1.24
C GLU A 282 -11.04 44.18 2.09
N PHE A 283 -10.76 44.62 3.31
CA PHE A 283 -11.82 45.17 4.15
C PHE A 283 -12.35 46.51 3.65
N THR A 284 -11.45 47.37 3.21
CA THR A 284 -11.86 48.67 2.67
C THR A 284 -12.62 48.49 1.37
N GLU A 285 -12.29 47.42 0.63
CA GLU A 285 -12.95 47.11 -0.63
C GLU A 285 -14.23 46.30 -0.43
N ASN A 286 -14.51 45.92 0.81
CA ASN A 286 -15.68 45.09 1.15
C ASN A 286 -15.70 43.74 0.44
N VAL A 287 -14.53 43.22 0.11
CA VAL A 287 -14.41 41.92 -0.53
C VAL A 287 -14.85 40.77 0.39
N LEU A 288 -14.65 40.94 1.70
CA LEU A 288 -15.13 39.99 2.69
C LEU A 288 -16.63 40.09 2.89
N ASP A 289 -17.28 38.97 3.20
CA ASP A 289 -18.68 39.01 3.65
C ASP A 289 -18.76 39.08 5.17
N LEU A 290 -19.33 40.15 5.70
CA LEU A 290 -19.30 40.41 7.14
C LEU A 290 -20.37 39.64 7.92
N SER A 291 -21.28 39.01 7.20
CA SER A 291 -22.36 38.23 7.83
C SER A 291 -21.81 37.00 8.57
N ARG A 292 -20.69 36.49 8.08
CA ARG A 292 -20.07 35.30 8.66
C ARG A 292 -18.60 35.60 8.92
N LEU A 293 -18.38 36.66 9.70
CA LEU A 293 -17.11 37.36 9.73
C LEU A 293 -15.88 36.50 9.94
N SER A 294 -15.90 35.69 10.99
CA SER A 294 -14.71 34.92 11.36
C SER A 294 -14.37 33.97 10.24
N THR A 295 -15.40 33.39 9.62
CA THR A 295 -15.15 32.47 8.53
C THR A 295 -14.38 33.19 7.45
N ALA A 296 -14.88 34.37 7.09
CA ALA A 296 -14.29 35.14 6.01
C ALA A 296 -12.87 35.46 6.41
N LEU A 297 -12.69 35.77 7.70
CA LEU A 297 -11.39 36.14 8.21
C LEU A 297 -10.43 34.97 8.10
N LEU A 298 -10.91 33.78 8.47
CA LEU A 298 -10.09 32.58 8.33
C LEU A 298 -9.72 32.44 6.86
N GLN A 299 -10.71 32.64 5.98
CA GLN A 299 -10.45 32.45 4.57
C GLN A 299 -9.39 33.44 4.11
N LEU A 300 -9.50 34.67 4.59
CA LEU A 300 -8.61 35.70 4.09
C LEU A 300 -7.20 35.30 4.46
N SER A 301 -7.08 34.73 5.66
CA SER A 301 -5.79 34.44 6.21
C SER A 301 -5.10 33.45 5.31
N ASP A 302 -5.87 32.50 4.79
CA ASP A 302 -5.29 31.45 3.98
C ASP A 302 -4.65 32.02 2.73
N THR A 303 -5.31 32.99 2.11
CA THR A 303 -4.74 33.56 0.90
C THR A 303 -3.46 34.27 1.29
N TYR A 304 -3.49 34.95 2.43
CA TYR A 304 -2.30 35.68 2.89
C TYR A 304 -1.21 34.71 3.31
N TYR A 305 -1.62 33.51 3.68
CA TYR A 305 -0.67 32.46 4.04
C TYR A 305 0.08 31.96 2.81
N GLN A 306 -0.52 32.14 1.64
CA GLN A 306 0.09 31.66 0.41
C GLN A 306 0.03 32.74 -0.65
N HIS A 307 0.19 33.99 -0.21
CA HIS A 307 -0.03 35.14 -1.07
C HIS A 307 0.97 35.22 -2.22
N ALA A 308 0.47 35.67 -3.37
CA ALA A 308 1.33 35.86 -4.54
C ALA A 308 2.36 36.95 -4.28
N ASN A 309 2.00 37.93 -3.46
CA ASN A 309 2.94 38.95 -3.03
C ASN A 309 3.88 38.40 -1.97
N ASP A 310 5.18 38.41 -2.26
CA ASP A 310 6.17 37.91 -1.33
C ASP A 310 6.18 38.72 -0.04
N GLN A 311 5.94 40.02 -0.16
CA GLN A 311 6.04 40.90 0.98
C GLN A 311 4.94 40.57 1.98
N LEU A 312 3.70 40.53 1.50
CA LEU A 312 2.55 40.28 2.34
C LEU A 312 2.60 38.89 2.93
N ARG A 313 3.18 37.96 2.18
CA ARG A 313 3.23 36.58 2.64
C ARG A 313 4.27 36.40 3.74
N ARG A 314 5.45 36.98 3.55
CA ARG A 314 6.46 36.92 4.59
C ARG A 314 6.02 37.69 5.83
N LEU A 315 5.29 38.78 5.61
CA LEU A 315 4.79 39.60 6.70
C LEU A 315 3.76 38.86 7.52
N TYR A 316 2.79 38.26 6.84
CA TYR A 316 1.76 37.49 7.51
C TYR A 316 2.34 36.30 8.25
N ARG A 317 3.31 35.63 7.64
CA ARG A 317 3.94 34.47 8.26
C ARG A 317 4.59 34.94 9.55
N ARG A 318 5.33 36.04 9.44
CA ARG A 318 6.04 36.59 10.58
C ARG A 318 5.07 36.90 11.70
N MET A 319 3.94 37.53 11.38
CA MET A 319 2.95 37.85 12.41
C MET A 319 2.34 36.60 13.03
N TYR A 320 2.23 35.55 12.23
CA TYR A 320 1.67 34.30 12.73
C TYR A 320 2.62 33.57 13.68
N ASN A 321 3.93 33.71 13.47
CA ASN A 321 4.90 33.05 14.36
C ASN A 321 5.21 33.82 15.64
N ASP A 322 4.71 35.05 15.74
CA ASP A 322 4.98 35.91 16.89
C ASP A 322 3.67 36.50 17.39
N SER A 323 2.67 35.63 17.57
CA SER A 323 1.30 36.09 17.81
C SER A 323 1.19 36.93 19.08
N ARG A 324 2.05 36.64 20.06
CA ARG A 324 2.05 37.38 21.31
C ARG A 324 2.50 38.82 21.14
N THR A 325 3.34 39.09 20.14
CA THR A 325 3.70 40.47 19.82
C THR A 325 2.53 41.20 19.18
N LEU A 326 2.33 42.46 19.56
CA LEU A 326 1.34 43.30 18.91
C LEU A 326 1.97 43.98 17.71
N TYR A 327 1.32 43.89 16.55
CA TYR A 327 1.85 44.56 15.38
C TYR A 327 1.08 45.84 15.06
N MET A 328 1.81 46.89 14.72
CA MET A 328 1.19 48.16 14.44
C MET A 328 1.97 48.96 13.40
N THR A 329 1.25 49.71 12.58
CA THR A 329 1.86 50.63 11.64
C THR A 329 2.42 51.82 12.43
N GLN A 330 3.37 52.54 11.84
CA GLN A 330 4.03 53.65 12.51
C GLN A 330 3.05 54.74 12.96
N ARG A 331 2.05 54.97 12.12
CA ARG A 331 1.09 56.03 12.38
C ARG A 331 0.26 55.75 13.62
N HIS A 332 0.13 54.48 13.97
CA HIS A 332 -0.43 54.11 15.27
C HIS A 332 0.56 54.45 16.39
N GLN A 333 1.82 54.12 16.14
CA GLN A 333 2.82 54.14 17.18
C GLN A 333 3.03 55.55 17.68
N GLU A 334 2.89 56.52 16.78
CA GLU A 334 3.00 57.90 17.22
C GLU A 334 1.86 58.25 18.17
N LEU A 335 0.68 57.69 17.93
CA LEU A 335 -0.46 57.90 18.84
C LEU A 335 -0.21 57.27 20.19
N LEU A 336 0.47 56.13 20.20
CA LEU A 336 0.84 55.52 21.47
C LEU A 336 1.82 56.42 22.22
N LEU A 337 2.78 56.98 21.50
CA LEU A 337 3.76 57.87 22.11
C LEU A 337 3.12 59.14 22.66
N ALA A 338 2.10 59.64 21.96
CA ALA A 338 1.37 60.81 22.43
C ALA A 338 0.63 60.46 23.71
N GLN A 339 0.03 59.27 23.71
CA GLN A 339 -0.74 58.81 24.85
C GLN A 339 0.16 58.61 26.08
N ILE A 340 1.42 58.24 25.86
CA ILE A 340 2.37 58.10 26.95
C ILE A 340 2.87 59.45 27.45
N THR A 341 3.12 60.37 26.52
CA THR A 341 3.58 61.70 26.91
C THR A 341 2.51 62.46 27.70
N ALA A 342 1.23 62.16 27.44
CA ALA A 342 0.16 62.79 28.23
C ALA A 342 0.05 62.25 29.67
N ASP A 343 0.11 60.92 29.81
CA ASP A 343 -0.01 60.25 31.11
C ASP A 343 1.12 59.25 31.29
N PRO A 344 2.24 59.67 31.88
CA PRO A 344 3.51 58.92 31.80
C PRO A 344 3.40 57.49 32.32
N ASN A 345 2.56 57.26 33.32
CA ASN A 345 2.41 55.92 33.89
C ASN A 345 1.29 55.08 33.29
N ILE A 346 0.83 55.44 32.10
CA ILE A 346 -0.16 54.62 31.38
C ILE A 346 0.42 53.24 31.03
N LEU A 347 -0.39 52.21 31.19
CA LEU A 347 0.06 50.86 30.86
C LEU A 347 -0.39 50.49 29.46
N LEU A 348 0.57 50.07 28.64
CA LEU A 348 0.23 49.49 27.35
C LEU A 348 1.15 48.31 27.04
N TYR A 349 0.74 47.49 26.09
CA TYR A 349 1.30 46.17 25.92
C TYR A 349 2.77 46.29 25.54
N PRO A 350 3.65 45.71 26.37
CA PRO A 350 5.11 45.75 26.26
C PRO A 350 5.74 45.19 24.99
N TYR A 351 5.16 44.16 24.40
CA TYR A 351 5.83 43.46 23.30
C TYR A 351 5.20 43.82 21.96
N THR A 352 5.89 44.69 21.22
CA THR A 352 5.34 45.28 20.01
C THR A 352 6.37 45.37 18.89
N TYR A 353 5.88 45.39 17.65
CA TYR A 353 6.74 45.52 16.47
C TYR A 353 6.08 46.48 15.50
N ILE A 354 6.88 47.32 14.85
CA ILE A 354 6.34 48.36 13.97
C ILE A 354 6.60 48.07 12.49
N PHE A 355 5.74 47.25 11.88
CA PHE A 355 5.86 46.92 10.46
C PHE A 355 5.41 48.06 9.55
N THR A 356 6.01 48.14 8.36
CA THR A 356 5.57 49.11 7.37
C THR A 356 4.48 48.50 6.50
N THR A 357 3.39 49.25 6.31
CA THR A 357 2.27 48.76 5.52
C THR A 357 2.66 48.56 4.05
N ILE A 358 2.25 47.43 3.47
CA ILE A 358 2.57 47.11 2.09
C ILE A 358 1.44 47.54 1.16
N PRO A 359 1.74 48.47 0.24
CA PRO A 359 0.76 48.95 -0.74
C PRO A 359 0.28 47.85 -1.68
N THR A 360 -0.99 47.90 -2.07
CA THR A 360 -1.53 46.98 -3.06
C THR A 360 -2.49 47.73 -4.00
N SER A 361 -2.26 47.57 -5.30
CA SER A 361 -2.93 48.39 -6.31
C SER A 361 -4.32 47.89 -6.75
N MET A 362 -4.74 46.72 -6.26
CA MET A 362 -5.97 46.12 -6.75
C MET A 362 -7.23 46.77 -6.17
N ASN A 363 -7.81 47.70 -6.94
CA ASN A 363 -9.01 48.41 -6.52
C ASN A 363 -10.28 47.64 -6.85
N TYR A 364 -10.64 46.69 -5.99
CA TYR A 364 -11.86 45.93 -6.19
C TYR A 364 -13.13 46.78 -6.14
N ILE A 365 -14.00 46.57 -7.13
CA ILE A 365 -15.38 47.05 -7.04
C ILE A 365 -16.08 46.12 -6.08
N SER A 366 -17.01 46.65 -5.29
CA SER A 366 -17.85 45.80 -4.47
C SER A 366 -19.09 46.52 -3.93
N ASN A 367 -20.11 45.72 -3.65
CA ASN A 367 -21.32 46.20 -3.02
C ASN A 367 -22.14 45.05 -2.48
N THR A 368 -22.06 44.83 -1.18
CA THR A 368 -22.99 43.95 -0.51
C THR A 368 -24.35 44.66 -0.47
N GLY A 369 -25.43 43.89 -0.40
CA GLY A 369 -26.75 44.48 -0.43
C GLY A 369 -27.44 44.24 -1.75
N GLN A 370 -28.77 44.33 -1.73
CA GLN A 370 -29.58 43.93 -2.88
C GLN A 370 -29.32 44.79 -4.11
N GLY A 371 -29.55 44.19 -5.27
CA GLY A 371 -29.43 44.90 -6.53
C GLY A 371 -28.59 44.12 -7.52
N ARG A 372 -29.22 43.71 -8.62
CA ARG A 372 -28.48 43.09 -9.70
C ARG A 372 -27.63 44.15 -10.37
N ILE A 373 -26.47 43.76 -10.88
CA ILE A 373 -25.65 44.68 -11.64
C ILE A 373 -26.09 44.66 -13.11
N LYS A 374 -26.29 45.84 -13.70
CA LYS A 374 -26.61 45.92 -15.13
C LYS A 374 -25.41 46.34 -15.97
N HIS A 375 -24.54 45.40 -16.28
CA HIS A 375 -23.29 45.71 -16.98
C HIS A 375 -23.52 46.29 -18.36
N SER A 376 -22.65 47.21 -18.75
CA SER A 376 -22.53 47.60 -20.14
C SER A 376 -21.15 47.19 -20.63
N LEU A 377 -21.07 46.03 -21.29
CA LEU A 377 -19.79 45.49 -21.76
C LEU A 377 -19.17 46.34 -22.88
N THR A 378 -17.85 46.55 -22.80
CA THR A 378 -17.11 47.22 -23.85
C THR A 378 -16.82 46.30 -25.02
N VAL A 379 -16.72 46.85 -26.22
CA VAL A 379 -16.39 46.07 -27.41
C VAL A 379 -14.96 45.55 -27.33
N THR A 380 -14.10 46.32 -26.70
CA THR A 380 -12.67 46.08 -26.68
C THR A 380 -12.09 46.47 -25.33
N GLY A 381 -10.87 46.03 -25.06
CA GLY A 381 -10.21 46.39 -23.82
C GLY A 381 -8.71 46.28 -23.93
N ALA A 382 -8.01 46.57 -22.85
CA ALA A 382 -6.55 46.42 -22.82
C ALA A 382 -6.11 44.95 -22.97
N THR A 383 -6.90 44.04 -22.40
CA THR A 383 -6.56 42.61 -22.42
C THR A 383 -6.66 42.01 -23.82
N GLU A 384 -5.68 41.18 -24.19
CA GLU A 384 -5.80 40.38 -25.41
C GLU A 384 -6.23 38.98 -25.02
N HIS A 385 -7.09 38.37 -25.83
CA HIS A 385 -7.41 36.96 -25.62
C HIS A 385 -6.89 36.09 -26.76
N ASP A 386 -6.39 34.92 -26.40
CA ASP A 386 -5.98 33.94 -27.41
C ASP A 386 -6.72 32.62 -27.20
N THR A 387 -7.69 32.34 -28.07
CA THR A 387 -8.39 31.06 -28.10
C THR A 387 -8.96 30.62 -26.76
N VAL A 388 -9.76 31.49 -26.14
CA VAL A 388 -10.39 31.17 -24.88
C VAL A 388 -11.34 29.99 -25.01
N ALA A 389 -11.27 29.05 -24.06
CA ALA A 389 -12.09 27.85 -24.08
C ALA A 389 -13.56 28.18 -23.84
N ASP A 390 -14.45 27.38 -24.42
CA ASP A 390 -15.88 27.61 -24.30
C ASP A 390 -16.33 27.51 -22.84
N ILE A 391 -17.21 28.41 -22.43
CA ILE A 391 -17.61 28.49 -21.02
C ILE A 391 -19.07 28.09 -20.84
N VAL A 392 -19.29 26.89 -20.34
CA VAL A 392 -20.64 26.41 -20.07
C VAL A 392 -21.32 27.19 -18.94
N LEU A 393 -22.59 27.56 -19.16
CA LEU A 393 -23.40 28.17 -18.11
C LEU A 393 -24.26 27.10 -17.46
N GLY A 394 -24.44 27.19 -16.15
CA GLY A 394 -25.16 26.17 -15.42
C GLY A 394 -26.65 26.22 -15.68
N GLN A 395 -27.34 25.13 -15.34
CA GLN A 395 -28.78 25.14 -15.32
C GLN A 395 -29.26 26.01 -14.16
N THR A 396 -30.30 26.80 -14.38
CA THR A 396 -30.85 27.64 -13.32
C THR A 396 -32.29 27.24 -12.98
N GLY A 397 -32.62 27.26 -11.70
CA GLY A 397 -33.98 26.98 -11.27
C GLY A 397 -34.91 28.16 -11.51
N GLU A 398 -36.22 27.92 -11.45
CA GLU A 398 -37.18 28.99 -11.61
C GLU A 398 -37.24 29.87 -10.37
N ASP A 399 -36.64 29.38 -9.29
CA ASP A 399 -36.54 30.14 -8.06
C ASP A 399 -35.67 31.38 -8.26
N VAL A 400 -34.74 31.32 -9.20
CA VAL A 400 -33.84 32.43 -9.48
C VAL A 400 -34.29 33.22 -10.71
N ILE A 401 -34.23 32.58 -11.87
CA ILE A 401 -34.64 33.23 -13.12
C ILE A 401 -35.84 32.55 -13.77
N THR A 402 -36.79 33.37 -14.24
CA THR A 402 -37.84 32.86 -15.13
C THR A 402 -37.84 33.61 -16.46
N ILE A 403 -38.35 32.96 -17.51
CA ILE A 403 -38.37 33.58 -18.83
C ILE A 403 -39.78 33.67 -19.43
N SER A 404 -40.51 34.73 -19.09
CA SER A 404 -41.82 34.98 -19.68
C SER A 404 -41.71 35.30 -21.17
N MET A 405 -42.71 34.88 -21.94
CA MET A 405 -42.66 35.01 -23.41
C MET A 405 -42.64 36.43 -23.96
N VAL A 406 -43.33 37.36 -23.31
CA VAL A 406 -43.46 38.72 -23.82
C VAL A 406 -43.54 39.72 -22.67
N GLU A 407 -42.83 40.83 -22.78
CA GLU A 407 -42.88 41.87 -21.75
C GLU A 407 -44.24 42.55 -21.79
N PRO A 408 -44.96 42.54 -20.65
CA PRO A 408 -46.23 43.25 -20.55
C PRO A 408 -45.99 44.75 -20.68
N MET A 409 -46.93 45.46 -21.30
CA MET A 409 -46.78 46.89 -21.53
C MET A 409 -46.95 47.71 -20.25
N SER A 410 -46.16 48.77 -20.14
CA SER A 410 -46.40 49.81 -19.13
C SER A 410 -46.82 51.09 -19.87
N ILE A 411 -47.90 51.71 -19.41
CA ILE A 411 -48.55 52.75 -20.19
C ILE A 411 -49.61 53.51 -19.36
N ALA A 412 -49.82 54.77 -19.69
CA ALA A 412 -50.93 55.54 -19.10
C ALA A 412 -52.27 55.08 -19.69
N VAL A 413 -53.33 55.16 -18.89
CA VAL A 413 -54.62 54.62 -19.31
C VAL A 413 -55.20 55.29 -20.57
N GLU A 414 -54.95 56.58 -20.74
CA GLU A 414 -55.46 57.29 -21.91
C GLU A 414 -54.82 56.83 -23.22
N ASP A 415 -53.55 56.44 -23.14
CA ASP A 415 -52.76 56.14 -24.33
C ASP A 415 -53.33 54.94 -25.10
N MET A 416 -54.05 54.08 -24.39
CA MET A 416 -54.68 52.91 -24.98
C MET A 416 -55.79 53.26 -25.97
N TYR A 417 -56.42 54.42 -25.79
CA TYR A 417 -57.60 54.73 -26.58
C TYR A 417 -57.33 55.53 -27.85
N GLY A 418 -56.04 55.75 -28.15
CA GLY A 418 -55.66 56.51 -29.31
C GLY A 418 -55.82 55.74 -30.60
N TYR A 419 -55.70 56.45 -31.72
CA TYR A 419 -55.84 55.85 -33.05
C TYR A 419 -55.08 56.67 -34.09
N VAL A 420 -54.80 56.06 -35.23
CA VAL A 420 -54.20 56.80 -36.34
C VAL A 420 -55.07 56.74 -37.59
N LEU A 421 -55.07 57.84 -38.34
CA LEU A 421 -55.75 57.92 -39.63
C LEU A 421 -54.81 57.72 -40.83
N ASP A 422 -55.38 57.35 -41.96
CA ASP A 422 -54.70 57.44 -43.25
C ASP A 422 -55.75 57.76 -44.30
N THR A 423 -55.75 59.02 -44.73
CA THR A 423 -56.68 59.53 -45.73
C THR A 423 -56.35 59.02 -47.14
N PRO A 424 -57.36 58.95 -48.02
CA PRO A 424 -57.18 58.56 -49.43
C PRO A 424 -56.32 59.57 -50.17
N THR A 425 -55.54 59.09 -51.14
CA THR A 425 -54.64 59.98 -51.88
C THR A 425 -54.94 60.10 -53.38
N ARG A 426 -55.20 58.98 -54.05
CA ARG A 426 -55.44 58.96 -55.49
C ARG A 426 -56.73 59.65 -55.95
N ASP A 427 -56.64 60.42 -57.02
CA ASP A 427 -57.80 61.14 -57.57
C ASP A 427 -58.65 60.29 -58.51
N ILE A 428 -58.14 59.12 -58.87
CA ILE A 428 -58.81 58.27 -59.85
C ILE A 428 -58.33 56.82 -59.74
N TRP A 429 -59.14 55.89 -60.24
CA TRP A 429 -58.83 54.47 -60.17
C TRP A 429 -58.94 53.81 -61.54
N PRO A 430 -57.89 53.97 -62.39
CA PRO A 430 -57.87 53.45 -63.76
C PRO A 430 -57.94 51.92 -63.80
N ALA A 431 -58.58 51.38 -64.83
CA ALA A 431 -58.90 49.96 -64.89
C ALA A 431 -57.69 49.01 -64.92
N ASP A 432 -56.59 49.45 -65.53
CA ASP A 432 -55.37 48.65 -65.53
C ASP A 432 -54.83 48.52 -64.11
N GLU A 433 -54.96 49.61 -63.34
CA GLU A 433 -54.59 49.60 -61.93
C GLU A 433 -55.48 48.63 -61.16
N GLN A 434 -56.75 48.55 -61.57
CA GLN A 434 -57.69 47.64 -60.93
C GLN A 434 -57.31 46.19 -61.18
N ILE A 435 -56.93 45.88 -62.42
CA ILE A 435 -56.53 44.52 -62.76
C ILE A 435 -55.22 44.13 -62.07
N GLU A 436 -54.31 45.09 -61.95
CA GLU A 436 -53.03 44.81 -61.29
C GLU A 436 -53.25 44.56 -59.80
N GLN A 437 -54.00 45.45 -59.17
CA GLN A 437 -54.26 45.36 -57.74
C GLN A 437 -55.07 44.11 -57.41
N LYS A 438 -55.98 43.74 -58.30
CA LYS A 438 -56.74 42.52 -58.12
C LYS A 438 -55.83 41.30 -58.23
N GLY A 439 -54.87 41.34 -59.16
CA GLY A 439 -54.00 40.19 -59.32
C GLY A 439 -53.12 40.01 -58.09
N ASP A 440 -52.66 41.13 -57.54
CA ASP A 440 -51.83 41.08 -56.34
C ASP A 440 -52.66 40.62 -55.13
N ALA A 441 -53.87 41.12 -55.03
CA ALA A 441 -54.77 40.77 -53.93
C ALA A 441 -55.22 39.31 -53.95
N VAL A 442 -55.41 38.76 -55.15
CA VAL A 442 -55.86 37.38 -55.28
C VAL A 442 -54.68 36.45 -55.03
N ALA A 443 -53.53 36.79 -55.60
CA ALA A 443 -52.34 35.98 -55.38
C ALA A 443 -51.96 35.99 -53.90
N LEU A 444 -52.24 37.11 -53.24
CA LEU A 444 -51.92 37.25 -51.82
C LEU A 444 -52.91 36.52 -50.92
N TYR A 445 -54.20 36.67 -51.19
CA TYR A 445 -55.19 35.97 -50.37
C TYR A 445 -55.11 34.45 -50.57
N ASP A 446 -54.76 34.02 -51.78
CA ASP A 446 -54.75 32.61 -52.12
C ASP A 446 -53.70 31.82 -51.31
N THR A 447 -52.61 32.49 -50.96
CA THR A 447 -51.61 31.90 -50.08
C THR A 447 -51.44 32.80 -48.87
N LYS A 448 -51.63 32.25 -47.68
CA LYS A 448 -51.70 33.05 -46.47
C LYS A 448 -50.43 33.87 -46.26
N THR A 449 -50.60 35.06 -45.66
CA THR A 449 -49.47 35.96 -45.37
C THR A 449 -48.47 35.31 -44.43
N SER A 450 -47.35 35.98 -44.19
CA SER A 450 -46.16 35.35 -43.61
C SER A 450 -46.43 34.63 -42.30
N ARG A 451 -45.87 33.43 -42.19
CA ARG A 451 -46.06 32.60 -41.00
C ARG A 451 -45.42 33.25 -39.77
N ALA A 452 -44.32 33.97 -40.00
CA ALA A 452 -43.64 34.67 -38.90
C ALA A 452 -44.49 35.83 -38.38
N LEU A 453 -45.09 36.58 -39.29
CA LEU A 453 -45.94 37.72 -38.93
C LEU A 453 -47.14 37.23 -38.15
N GLY A 454 -47.64 36.06 -38.54
CA GLY A 454 -48.78 35.47 -37.86
C GLY A 454 -48.37 34.93 -36.51
N MET A 455 -47.12 34.52 -36.40
CA MET A 455 -46.59 34.08 -35.11
C MET A 455 -46.54 35.25 -34.13
N PHE A 456 -45.99 36.38 -34.58
CA PHE A 456 -45.91 37.54 -33.71
C PHE A 456 -47.28 38.05 -33.36
N ASN A 457 -48.19 37.95 -34.31
CA ASN A 457 -49.56 38.38 -34.07
C ASN A 457 -50.23 37.47 -33.05
N ASN A 458 -49.85 36.20 -33.05
CA ASN A 458 -50.47 35.21 -32.15
C ASN A 458 -49.76 35.05 -30.82
N THR A 459 -48.62 35.71 -30.66
CA THR A 459 -47.90 35.68 -29.38
C THR A 459 -48.05 37.01 -28.67
N VAL A 460 -47.95 38.11 -29.42
CA VAL A 460 -48.17 39.43 -28.88
C VAL A 460 -49.66 39.77 -28.96
N ARG A 461 -50.44 39.07 -28.15
CA ARG A 461 -51.86 39.37 -27.99
C ARG A 461 -52.00 40.67 -27.22
N ILE A 462 -52.97 41.49 -27.61
CA ILE A 462 -53.25 42.74 -26.89
C ILE A 462 -53.88 42.52 -25.51
N ASP A 463 -54.62 41.43 -25.37
CA ASP A 463 -55.30 41.14 -24.13
C ASP A 463 -54.30 40.96 -23.00
N ASP A 464 -53.31 40.10 -23.25
CA ASP A 464 -52.27 39.84 -22.26
C ASP A 464 -51.40 41.09 -22.04
N LEU A 465 -51.24 41.87 -23.11
CA LEU A 465 -50.42 43.07 -23.06
C LEU A 465 -51.03 44.14 -22.15
N LEU A 466 -52.36 44.18 -22.12
CA LEU A 466 -53.07 45.21 -21.36
C LEU A 466 -53.59 44.71 -20.02
N SER A 467 -53.51 43.40 -19.79
CA SER A 467 -53.98 42.83 -18.53
C SER A 467 -53.33 43.41 -17.27
N PRO A 468 -51.99 43.51 -17.22
CA PRO A 468 -51.38 44.07 -16.01
C PRO A 468 -51.84 45.49 -15.69
N LEU A 469 -52.13 46.29 -16.71
CA LEU A 469 -52.62 47.64 -16.46
C LEU A 469 -54.08 47.62 -16.02
N LEU A 470 -54.90 46.82 -16.68
CA LEU A 470 -56.32 46.82 -16.40
C LEU A 470 -56.65 46.27 -15.02
N SER A 471 -55.98 45.19 -14.64
CA SER A 471 -56.20 44.56 -13.33
C SER A 471 -55.75 45.47 -12.19
N LEU A 472 -54.76 46.30 -12.47
CA LEU A 472 -54.24 47.26 -11.49
C LEU A 472 -55.32 48.29 -11.15
N VAL A 473 -56.13 48.65 -12.15
CA VAL A 473 -57.26 49.54 -11.94
C VAL A 473 -58.36 48.87 -11.11
N TYR A 474 -58.43 47.54 -11.23
CA TYR A 474 -59.38 46.77 -10.44
C TYR A 474 -58.97 46.69 -8.98
N ARG A 475 -57.70 46.40 -8.74
CA ARG A 475 -57.21 46.26 -7.37
C ARG A 475 -57.25 47.57 -6.61
N THR A 476 -57.10 48.69 -7.31
CA THR A 476 -57.17 50.00 -6.66
C THR A 476 -58.61 50.41 -6.35
N TYR A 477 -59.51 50.16 -7.29
CA TYR A 477 -60.93 50.44 -7.08
C TYR A 477 -61.50 49.55 -5.98
N ILE A 478 -60.97 48.33 -5.89
CA ILE A 478 -61.42 47.39 -4.87
C ILE A 478 -61.06 47.82 -3.43
N LYS A 479 -59.95 48.53 -3.26
CA LYS A 479 -59.57 49.03 -1.93
C LYS A 479 -60.23 50.37 -1.62
N GLY A 480 -60.85 50.97 -2.63
CA GLY A 480 -61.42 52.30 -2.48
C GLY A 480 -60.36 53.38 -2.61
N ASP A 481 -59.14 52.96 -2.94
CA ASP A 481 -58.02 53.89 -3.12
C ASP A 481 -58.20 54.86 -4.29
N THR A 482 -58.89 54.42 -5.34
CA THR A 482 -59.19 55.29 -6.47
C THR A 482 -60.23 56.33 -6.07
N MET A 483 -60.17 57.51 -6.66
CA MET A 483 -61.09 58.59 -6.31
C MET A 483 -61.54 59.44 -7.49
N THR A 484 -60.96 60.63 -7.60
CA THR A 484 -61.41 61.64 -8.55
C THR A 484 -61.20 61.27 -10.02
N MET A 485 -62.22 61.56 -10.84
CA MET A 485 -62.13 61.50 -12.30
C MET A 485 -63.38 62.13 -12.91
N THR A 486 -63.24 62.63 -14.14
CA THR A 486 -64.37 63.25 -14.85
C THR A 486 -65.39 62.19 -15.26
N GLN A 487 -66.63 62.61 -15.47
CA GLN A 487 -67.70 61.71 -15.90
C GLN A 487 -67.40 61.01 -17.23
N GLY A 488 -66.99 61.78 -18.24
CA GLY A 488 -66.73 61.22 -19.56
C GLY A 488 -65.30 60.78 -19.80
N SER A 489 -64.47 60.85 -18.77
CA SER A 489 -63.03 60.66 -18.90
C SER A 489 -62.65 59.25 -19.34
N LEU A 490 -61.50 59.14 -20.00
CA LEU A 490 -60.99 57.84 -20.42
C LEU A 490 -60.63 56.96 -19.24
N ASP A 491 -60.22 57.58 -18.13
CA ASP A 491 -59.96 56.84 -16.90
C ASP A 491 -61.26 56.22 -16.37
N HIS A 492 -62.38 56.91 -16.61
CA HIS A 492 -63.70 56.39 -16.26
C HIS A 492 -64.04 55.18 -17.13
N LEU A 493 -63.76 55.28 -18.43
CA LEU A 493 -64.00 54.16 -19.35
C LEU A 493 -63.15 52.94 -19.00
N THR A 494 -61.92 53.18 -18.54
CA THR A 494 -61.08 52.10 -18.07
C THR A 494 -61.63 51.50 -16.77
N LEU A 495 -62.21 52.35 -15.93
CA LEU A 495 -62.82 51.84 -14.70
C LEU A 495 -64.03 50.98 -15.00
N CYS A 496 -64.78 51.36 -16.05
CA CYS A 496 -65.89 50.55 -16.51
C CYS A 496 -65.40 49.23 -17.11
N ALA A 497 -64.21 49.28 -17.71
CA ALA A 497 -63.64 48.08 -18.32
C ALA A 497 -62.94 47.17 -17.30
N ALA A 498 -62.74 47.67 -16.09
CA ALA A 498 -62.13 46.85 -15.04
C ALA A 498 -63.12 45.99 -14.25
N VAL A 499 -64.29 46.55 -13.91
CA VAL A 499 -65.20 45.91 -12.96
C VAL A 499 -66.62 45.68 -13.49
N ASP A 500 -67.20 44.53 -13.14
CA ASP A 500 -68.55 44.17 -13.59
C ASP A 500 -69.68 45.01 -13.00
N SER A 501 -69.48 45.53 -11.80
CA SER A 501 -70.53 46.31 -11.13
C SER A 501 -70.68 47.70 -11.71
N ASP A 502 -71.91 48.23 -11.69
CA ASP A 502 -72.15 49.62 -12.09
C ASP A 502 -71.46 50.56 -11.11
N ILE A 503 -70.79 51.57 -11.64
CA ILE A 503 -70.19 52.59 -10.78
C ILE A 503 -70.96 53.89 -10.94
N THR A 504 -70.98 54.70 -9.89
CA THR A 504 -71.70 55.97 -9.95
C THR A 504 -71.00 57.02 -9.10
N PHE A 505 -70.81 58.19 -9.67
CA PHE A 505 -70.27 59.32 -8.92
C PHE A 505 -71.30 59.84 -7.91
N VAL A 506 -70.82 60.21 -6.73
CA VAL A 506 -71.69 60.79 -5.69
C VAL A 506 -71.97 62.25 -5.97
N GLY A 507 -71.20 62.81 -6.90
CA GLY A 507 -71.27 64.22 -7.22
C GLY A 507 -70.23 64.44 -8.30
N ASN A 508 -69.90 65.69 -8.59
CA ASN A 508 -68.90 65.96 -9.62
C ASN A 508 -67.54 65.39 -9.24
N ARG A 509 -66.92 64.70 -10.20
CA ARG A 509 -65.55 64.19 -10.05
C ARG A 509 -65.28 63.33 -8.82
N MET A 510 -66.26 62.54 -8.38
CA MET A 510 -66.08 61.73 -7.17
C MET A 510 -66.88 60.43 -7.19
N ILE A 511 -66.20 59.31 -7.45
CA ILE A 511 -66.85 58.00 -7.49
C ILE A 511 -67.35 57.57 -6.12
N ALA A 512 -68.49 56.88 -6.09
CA ALA A 512 -69.07 56.40 -4.84
C ALA A 512 -68.21 55.34 -4.16
N PRO A 513 -68.07 55.44 -2.83
CA PRO A 513 -67.42 54.40 -2.03
C PRO A 513 -68.20 53.10 -2.13
N LEU A 514 -67.50 51.98 -2.09
CA LEU A 514 -68.15 50.67 -2.18
C LEU A 514 -69.04 50.40 -0.99
N PRO A 515 -70.19 49.73 -1.23
CA PRO A 515 -71.02 49.30 -0.09
C PRO A 515 -70.21 48.34 0.77
N GLU A 516 -70.42 48.38 2.08
CA GLU A 516 -69.58 47.63 3.00
C GLU A 516 -69.64 46.12 2.76
N GLY A 517 -68.48 45.49 2.74
CA GLY A 517 -68.39 44.05 2.58
C GLY A 517 -68.49 43.59 1.13
N TYR A 518 -68.62 44.54 0.20
CA TYR A 518 -68.84 44.21 -1.20
C TYR A 518 -67.56 44.29 -2.04
N ILE A 519 -67.30 43.21 -2.78
CA ILE A 519 -66.11 43.10 -3.63
C ILE A 519 -66.48 42.62 -5.03
N PRO A 520 -66.89 43.56 -5.90
CA PRO A 520 -67.43 43.24 -7.23
C PRO A 520 -66.43 42.50 -8.12
N LYS A 521 -66.93 41.56 -8.92
CA LYS A 521 -66.07 40.75 -9.79
C LYS A 521 -65.53 41.57 -10.96
N PRO A 522 -64.24 41.37 -11.29
CA PRO A 522 -63.64 42.11 -12.40
C PRO A 522 -64.33 41.77 -13.72
N MET A 523 -64.45 42.74 -14.62
CA MET A 523 -65.13 42.52 -15.89
C MET A 523 -64.42 41.48 -16.74
N HIS A 524 -65.20 40.65 -17.42
CA HIS A 524 -64.64 39.64 -18.29
C HIS A 524 -64.43 40.20 -19.69
N ARG A 525 -63.18 40.31 -20.11
CA ARG A 525 -62.86 40.83 -21.44
C ARG A 525 -62.20 39.79 -22.33
N ASN A 526 -62.76 39.58 -23.51
CA ASN A 526 -62.06 38.81 -24.54
C ASN A 526 -61.06 39.72 -25.22
N ASN A 527 -60.27 39.15 -26.13
CA ASN A 527 -59.17 39.87 -26.75
C ASN A 527 -59.60 41.13 -27.50
N SER A 528 -60.82 41.15 -28.05
CA SER A 528 -61.24 42.27 -28.88
C SER A 528 -62.02 43.36 -28.15
N THR A 529 -62.14 43.23 -26.83
CA THR A 529 -62.96 44.19 -26.06
C THR A 529 -62.39 45.59 -26.11
N MET A 530 -61.14 45.73 -25.68
CA MET A 530 -60.53 47.05 -25.52
C MET A 530 -60.45 47.73 -26.87
N LYS A 531 -60.24 46.93 -27.92
CA LYS A 531 -60.20 47.48 -29.27
C LYS A 531 -61.55 48.07 -29.66
N MET A 532 -62.62 47.40 -29.27
CA MET A 532 -63.95 47.89 -29.57
C MET A 532 -64.18 49.19 -28.81
N LEU A 533 -63.65 49.26 -27.59
CA LEU A 533 -63.78 50.48 -26.78
C LEU A 533 -63.04 51.64 -27.43
N SER A 534 -61.83 51.38 -27.91
CA SER A 534 -61.03 52.41 -28.53
C SER A 534 -61.63 52.83 -29.86
N LEU A 535 -62.36 51.94 -30.52
CA LEU A 535 -63.11 52.30 -31.72
C LEU A 535 -64.28 53.22 -31.38
N TYR A 536 -64.86 53.00 -30.22
CA TYR A 536 -65.91 53.88 -29.73
C TYR A 536 -65.34 55.27 -29.49
N VAL A 537 -64.21 55.33 -28.79
CA VAL A 537 -63.53 56.58 -28.52
C VAL A 537 -63.14 57.24 -29.83
N ALA A 538 -62.78 56.41 -30.80
CA ALA A 538 -62.34 56.89 -32.11
C ALA A 538 -63.49 57.57 -32.82
N LEU A 539 -64.66 56.94 -32.81
CA LEU A 539 -65.85 57.51 -33.44
C LEU A 539 -66.27 58.80 -32.75
N LYS A 540 -66.05 58.85 -31.43
CA LYS A 540 -66.36 60.05 -30.68
C LYS A 540 -65.46 61.21 -31.10
N LYS A 541 -64.15 60.94 -31.13
CA LYS A 541 -63.17 61.95 -31.54
C LYS A 541 -63.34 62.37 -32.99
N LEU A 542 -63.79 61.45 -33.83
CA LEU A 542 -64.02 61.73 -35.24
C LEU A 542 -65.26 62.59 -35.44
N GLU A 543 -66.29 62.41 -34.61
CA GLU A 543 -67.47 63.27 -34.71
C GLU A 543 -67.14 64.73 -34.37
N ASN A 544 -66.20 64.90 -33.45
CA ASN A 544 -65.58 66.21 -33.16
C ASN A 544 -64.31 65.99 -32.34
N PHE A 545 -63.27 66.78 -32.64
CA PHE A 545 -61.94 66.48 -32.14
C PHE A 545 -61.60 67.09 -30.77
N ALA A 546 -62.29 68.18 -30.42
CA ALA A 546 -61.96 68.93 -29.21
C ALA A 546 -62.40 68.24 -27.92
N THR A 547 -63.30 67.27 -28.04
CA THR A 547 -63.99 66.71 -26.88
C THR A 547 -63.09 66.00 -25.86
N ASN A 548 -63.46 66.12 -24.59
CA ASN A 548 -62.80 65.38 -23.52
C ASN A 548 -63.73 64.32 -22.93
N SER A 549 -65.00 64.69 -22.74
CA SER A 549 -66.03 63.73 -22.38
C SER A 549 -66.31 62.79 -23.56
N TYR A 550 -66.46 61.50 -23.28
CA TYR A 550 -66.69 60.52 -24.35
C TYR A 550 -68.05 59.85 -24.24
N LEU A 551 -68.89 60.36 -23.36
CA LEU A 551 -70.26 59.90 -23.23
C LEU A 551 -71.06 60.21 -24.50
N MET A 552 -71.97 59.32 -24.85
CA MET A 552 -72.88 59.54 -25.96
C MET A 552 -73.81 60.71 -25.66
N ALA A 553 -74.15 61.47 -26.68
CA ALA A 553 -75.14 62.54 -26.54
C ALA A 553 -76.50 61.92 -26.27
N PRO A 554 -77.37 62.63 -25.52
CA PRO A 554 -78.69 62.06 -25.22
C PRO A 554 -79.51 61.87 -26.49
N ASP A 555 -80.34 60.83 -26.51
CA ASP A 555 -81.14 60.44 -27.68
C ASP A 555 -80.25 60.09 -28.89
N THR A 556 -79.47 59.02 -28.74
CA THR A 556 -78.60 58.55 -29.82
C THR A 556 -78.37 57.04 -29.68
N SER A 557 -77.74 56.44 -30.69
CA SER A 557 -77.57 54.99 -30.71
C SER A 557 -76.27 54.56 -31.37
N ILE A 558 -75.80 53.36 -31.01
CA ILE A 558 -74.60 52.78 -31.60
C ILE A 558 -74.76 51.26 -31.72
N ILE A 559 -74.20 50.68 -32.78
CA ILE A 559 -74.32 49.24 -32.99
C ILE A 559 -72.95 48.58 -33.15
N LEU A 560 -72.66 47.61 -32.28
CA LEU A 560 -71.45 46.80 -32.41
C LEU A 560 -71.73 45.56 -33.26
N LEU A 561 -71.58 45.69 -34.58
CA LEU A 561 -72.19 44.75 -35.53
C LEU A 561 -71.70 43.31 -35.46
N GLY A 562 -70.46 43.10 -35.08
CA GLY A 562 -69.96 41.75 -34.89
C GLY A 562 -70.07 41.42 -33.42
N ALA A 563 -70.69 40.31 -33.08
CA ALA A 563 -70.95 40.05 -31.66
C ALA A 563 -70.99 38.59 -31.25
N GLU A 564 -70.46 38.34 -30.05
CA GLU A 564 -70.66 37.10 -29.32
C GLU A 564 -71.30 37.55 -28.03
N ARG A 565 -70.60 37.36 -26.91
CA ARG A 565 -71.03 38.00 -25.67
C ARG A 565 -70.87 39.51 -25.78
N GLU A 566 -69.86 39.93 -26.55
CA GLU A 566 -69.50 41.35 -26.71
C GLU A 566 -69.53 42.11 -25.38
N PRO A 567 -68.51 41.91 -24.55
CA PRO A 567 -68.42 42.56 -23.23
C PRO A 567 -68.44 44.07 -23.38
N ALA A 568 -67.92 44.55 -24.50
CA ALA A 568 -67.81 45.97 -24.77
C ALA A 568 -69.17 46.68 -24.77
N VAL A 569 -70.22 45.99 -25.22
CA VAL A 569 -71.55 46.58 -25.24
C VAL A 569 -72.05 46.80 -23.81
N ASN A 570 -71.61 45.92 -22.92
CA ASN A 570 -72.01 45.97 -21.52
C ASN A 570 -71.24 47.05 -20.79
N ILE A 571 -69.95 47.12 -21.07
CA ILE A 571 -69.09 48.13 -20.48
C ILE A 571 -69.54 49.50 -20.92
N LEU A 572 -69.94 49.61 -22.19
CA LEU A 572 -70.37 50.88 -22.75
C LEU A 572 -71.74 51.27 -22.22
N ARG A 573 -72.60 50.27 -22.04
CA ARG A 573 -73.92 50.53 -21.48
C ARG A 573 -73.73 51.07 -20.07
N ARG A 574 -72.77 50.49 -19.37
CA ARG A 574 -72.42 50.87 -18.00
C ARG A 574 -71.79 52.26 -17.92
N PHE A 575 -71.04 52.61 -18.96
CA PHE A 575 -70.34 53.88 -19.07
C PHE A 575 -71.32 55.05 -19.19
N ASN A 576 -72.46 54.78 -19.82
CA ASN A 576 -73.42 55.83 -20.16
C ASN A 576 -74.68 55.83 -19.32
N ARG A 577 -74.62 55.23 -18.14
CA ARG A 577 -75.81 55.07 -17.31
C ARG A 577 -76.44 56.41 -16.94
N ASN A 578 -75.61 57.44 -16.79
CA ASN A 578 -76.09 58.76 -16.42
C ASN A 578 -76.70 59.53 -17.57
N VAL A 579 -76.48 59.05 -18.80
CA VAL A 579 -77.04 59.69 -19.98
C VAL A 579 -78.40 59.10 -20.35
N SER A 580 -79.39 59.95 -20.50
CA SER A 580 -80.73 59.51 -20.86
C SER A 580 -80.80 59.00 -22.30
N ASN A 581 -81.56 57.93 -22.51
CA ASN A 581 -81.91 57.44 -23.84
C ASN A 581 -80.71 57.18 -24.77
N VAL A 582 -80.06 56.05 -24.60
CA VAL A 582 -78.96 55.65 -25.48
C VAL A 582 -79.01 54.17 -25.87
N ARG A 583 -79.57 53.88 -27.04
CA ARG A 583 -79.55 52.51 -27.53
C ARG A 583 -78.12 52.05 -27.75
N ILE A 584 -77.81 50.84 -27.30
CA ILE A 584 -76.49 50.24 -27.47
C ILE A 584 -76.73 48.73 -27.61
N ILE A 585 -76.39 48.17 -28.77
CA ILE A 585 -76.61 46.75 -28.99
C ILE A 585 -75.58 46.13 -29.92
N GLY A 586 -75.13 44.93 -29.57
CA GLY A 586 -74.39 44.10 -30.51
C GLY A 586 -75.41 43.45 -31.43
N MET A 587 -74.96 42.97 -32.59
CA MET A 587 -75.88 42.37 -33.55
C MET A 587 -75.22 41.33 -34.46
N GLY A 588 -74.40 40.46 -33.88
CA GLY A 588 -73.71 39.43 -34.66
C GLY A 588 -74.51 38.18 -35.00
N ASP A 589 -73.97 37.34 -35.87
CA ASP A 589 -74.63 36.06 -36.20
C ASP A 589 -74.49 35.05 -35.08
N ARG A 590 -73.53 35.31 -34.20
CA ARG A 590 -73.22 34.42 -33.09
C ARG A 590 -73.63 35.09 -31.78
N ALA A 591 -74.43 36.15 -31.91
CA ALA A 591 -74.79 36.99 -30.77
C ALA A 591 -75.59 36.29 -29.69
N VAL A 592 -75.18 36.48 -28.45
CA VAL A 592 -75.96 36.09 -27.29
C VAL A 592 -76.62 37.37 -26.75
N GLU A 593 -77.68 37.23 -25.96
CA GLU A 593 -78.36 38.39 -25.38
C GLU A 593 -77.43 39.11 -24.39
N PRO A 594 -77.58 40.43 -24.23
CA PRO A 594 -78.54 41.40 -24.80
C PRO A 594 -78.53 41.49 -26.33
N ASN A 595 -77.37 41.27 -26.94
CA ASN A 595 -77.22 41.45 -28.38
C ASN A 595 -78.15 40.57 -29.20
N ILE A 596 -78.80 41.19 -30.18
CA ILE A 596 -79.64 40.47 -31.14
C ILE A 596 -78.81 39.56 -32.05
N ARG A 597 -79.28 38.33 -32.25
CA ARG A 597 -78.60 37.42 -33.17
C ARG A 597 -79.18 37.55 -34.58
N VAL A 598 -78.36 37.99 -35.52
CA VAL A 598 -78.85 38.25 -36.88
C VAL A 598 -77.71 38.26 -37.91
N ARG A 599 -78.01 37.77 -39.12
CA ARG A 599 -77.07 37.79 -40.24
C ARG A 599 -76.98 39.14 -40.95
N VAL A 600 -75.83 39.38 -41.59
CA VAL A 600 -75.64 40.55 -42.45
C VAL A 600 -75.35 40.05 -43.86
N PRO A 601 -76.05 40.58 -44.88
CA PRO A 601 -76.99 41.70 -44.98
C PRO A 601 -78.26 41.53 -44.15
N PHE A 602 -78.79 42.64 -43.64
CA PHE A 602 -79.97 42.60 -42.79
C PHE A 602 -81.14 42.06 -43.56
N PRO A 603 -82.00 41.26 -42.90
CA PRO A 603 -83.20 40.76 -43.55
C PRO A 603 -84.06 41.95 -43.96
N ILE A 604 -84.71 41.84 -45.12
CA ILE A 604 -85.36 42.98 -45.74
C ILE A 604 -86.47 43.59 -44.87
N ASP A 605 -87.12 42.75 -44.09
CA ASP A 605 -88.18 43.20 -43.19
C ASP A 605 -87.65 44.03 -42.02
N LYS A 606 -86.53 43.58 -41.45
CA LYS A 606 -85.97 44.21 -40.26
C LYS A 606 -85.46 45.63 -40.49
N ASN A 607 -85.79 46.53 -39.58
CA ASN A 607 -85.32 47.91 -39.69
C ASN A 607 -84.23 48.21 -38.66
N ILE A 608 -83.09 48.68 -39.17
CA ILE A 608 -81.96 48.99 -38.32
C ILE A 608 -81.37 50.34 -38.72
N SER A 609 -81.06 51.15 -37.72
CA SER A 609 -80.38 52.43 -37.95
C SER A 609 -79.74 52.91 -36.64
N ALA A 610 -78.69 53.71 -36.77
CA ALA A 610 -78.02 54.28 -35.61
C ALA A 610 -77.13 55.45 -36.01
N ASP A 611 -76.82 56.31 -35.05
CA ASP A 611 -75.88 57.40 -35.27
C ASP A 611 -74.45 56.88 -35.48
N PHE A 612 -74.19 55.66 -35.00
CA PHE A 612 -72.87 55.07 -35.09
C PHE A 612 -72.96 53.56 -35.34
N ILE A 613 -72.05 53.05 -36.16
CA ILE A 613 -71.92 51.62 -36.34
C ILE A 613 -70.44 51.21 -36.28
N ILE A 614 -70.17 50.16 -35.51
CA ILE A 614 -68.81 49.64 -35.36
C ILE A 614 -68.78 48.16 -35.73
N CYS A 615 -68.70 47.89 -37.03
CA CYS A 615 -68.60 46.52 -37.51
C CYS A 615 -67.28 45.84 -37.16
N ASP A 616 -67.35 44.54 -36.85
CA ASP A 616 -66.17 43.73 -36.58
C ASP A 616 -66.40 42.33 -37.14
N ILE A 617 -67.20 42.27 -38.21
CA ILE A 617 -67.53 41.01 -38.87
C ILE A 617 -66.29 40.36 -39.45
N ASN A 618 -66.17 39.05 -39.27
CA ASN A 618 -65.01 38.29 -39.74
C ASN A 618 -65.34 36.82 -39.87
N SER A 619 -65.34 36.33 -41.11
CA SER A 619 -65.71 34.94 -41.35
C SER A 619 -64.65 33.97 -40.81
N TYR A 620 -65.04 33.15 -39.85
CA TYR A 620 -64.15 32.13 -39.29
C TYR A 620 -63.81 31.04 -40.31
N GLU A 621 -64.75 30.75 -41.20
CA GLU A 621 -64.58 29.68 -42.18
C GLU A 621 -63.60 30.05 -43.29
N ASP A 622 -62.85 29.07 -43.77
CA ASP A 622 -62.06 29.23 -44.98
C ASP A 622 -63.02 29.39 -46.17
N GLN A 623 -62.68 30.27 -47.10
CA GLN A 623 -63.59 30.57 -48.21
C GLN A 623 -62.87 31.11 -49.44
N SER A 624 -63.54 31.06 -50.58
CA SER A 624 -63.01 31.59 -51.82
C SER A 624 -62.85 33.10 -51.73
N PHE A 625 -61.88 33.65 -52.45
CA PHE A 625 -61.66 35.08 -52.43
C PHE A 625 -62.86 35.88 -52.94
N GLU A 626 -63.54 35.39 -53.97
CA GLU A 626 -64.70 36.11 -54.51
C GLU A 626 -65.84 36.17 -53.50
N SER A 627 -65.97 35.10 -52.71
CA SER A 627 -67.00 35.05 -51.68
C SER A 627 -66.69 36.02 -50.56
N MET A 628 -65.42 36.03 -50.14
CA MET A 628 -64.98 36.95 -49.08
C MET A 628 -65.10 38.40 -49.54
N PHE A 629 -64.86 38.60 -50.83
CA PHE A 629 -64.93 39.94 -51.41
C PHE A 629 -66.37 40.43 -51.45
N SER A 630 -67.28 39.60 -51.94
CA SER A 630 -68.68 39.98 -52.01
C SER A 630 -69.24 40.17 -50.60
N GLU A 631 -68.74 39.37 -49.66
CA GLU A 631 -69.21 39.43 -48.29
C GLU A 631 -68.78 40.73 -47.62
N THR A 632 -67.51 41.10 -47.78
CA THR A 632 -67.02 42.35 -47.21
C THR A 632 -67.66 43.57 -47.88
N ILE A 633 -67.96 43.45 -49.17
CA ILE A 633 -68.64 44.53 -49.88
C ILE A 633 -70.05 44.73 -49.34
N SER A 634 -70.78 43.63 -49.16
CA SER A 634 -72.13 43.72 -48.62
C SER A 634 -72.09 44.23 -47.18
N VAL A 635 -71.04 43.87 -46.46
CA VAL A 635 -70.88 44.30 -45.07
C VAL A 635 -70.67 45.82 -44.98
N VAL A 636 -69.72 46.34 -45.78
CA VAL A 636 -69.47 47.78 -45.79
C VAL A 636 -70.66 48.57 -46.32
N THR A 637 -71.37 47.98 -47.29
CA THR A 637 -72.51 48.65 -47.90
C THR A 637 -73.64 48.77 -46.88
N THR A 638 -73.96 47.64 -46.24
CA THR A 638 -75.03 47.64 -45.25
C THR A 638 -74.67 48.49 -44.04
N CYS A 639 -73.39 48.51 -43.66
CA CYS A 639 -72.92 49.35 -42.55
C CYS A 639 -73.00 50.84 -42.87
N ALA A 640 -72.77 51.20 -44.13
CA ALA A 640 -72.78 52.60 -44.52
C ALA A 640 -74.20 53.10 -44.68
N SER A 641 -75.05 52.24 -45.23
CA SER A 641 -76.44 52.60 -45.45
C SER A 641 -77.18 52.83 -44.14
N ALA A 642 -76.79 52.09 -43.10
CA ALA A 642 -77.52 52.09 -41.83
C ALA A 642 -77.11 53.18 -40.83
N ALA A 643 -76.05 53.92 -41.12
CA ALA A 643 -75.54 54.89 -40.16
C ALA A 643 -74.90 56.11 -40.80
N THR A 644 -74.84 57.20 -40.04
CA THR A 644 -74.14 58.39 -40.48
C THR A 644 -72.64 58.31 -40.21
N ARG A 645 -72.20 57.28 -39.48
CA ARG A 645 -70.79 57.12 -39.13
C ARG A 645 -70.39 55.67 -38.90
N ALA A 646 -70.20 54.92 -39.98
CA ALA A 646 -69.72 53.54 -39.90
C ALA A 646 -68.23 53.45 -39.58
N LEU A 647 -67.82 52.33 -39.01
CA LEU A 647 -66.42 52.10 -38.67
C LEU A 647 -66.09 50.63 -38.93
N VAL A 648 -66.15 50.22 -40.19
CA VAL A 648 -66.02 48.82 -40.60
C VAL A 648 -64.61 48.23 -40.44
N LYS A 649 -64.53 46.99 -39.96
CA LYS A 649 -63.29 46.21 -40.02
C LYS A 649 -63.02 45.68 -41.42
N ILE A 650 -61.74 45.59 -41.78
CA ILE A 650 -61.32 44.96 -43.03
C ILE A 650 -60.22 43.97 -42.70
N ASN A 651 -60.55 42.69 -42.79
CA ASN A 651 -59.61 41.60 -42.52
C ASN A 651 -58.51 41.48 -43.55
N HIS A 652 -58.82 41.85 -44.79
CA HIS A 652 -57.87 41.72 -45.88
C HIS A 652 -57.78 43.02 -46.66
N PRO A 653 -57.07 44.01 -46.09
CA PRO A 653 -57.06 45.39 -46.57
C PRO A 653 -56.09 45.61 -47.73
N SER A 654 -56.30 44.86 -48.81
CA SER A 654 -55.56 45.06 -50.05
C SER A 654 -56.01 46.38 -50.69
N GLU A 655 -55.18 46.96 -51.56
CA GLU A 655 -55.56 48.20 -52.23
C GLU A 655 -56.82 47.98 -53.06
N TYR A 656 -56.90 46.79 -53.66
CA TYR A 656 -58.03 46.45 -54.51
C TYR A 656 -59.33 46.38 -53.72
N MET A 657 -59.24 45.86 -52.50
CA MET A 657 -60.41 45.67 -51.66
C MET A 657 -60.96 47.03 -51.20
N ILE A 658 -60.08 47.88 -50.71
CA ILE A 658 -60.48 49.19 -50.22
C ILE A 658 -60.98 50.08 -51.34
N ASN A 659 -60.31 50.02 -52.49
CA ASN A 659 -60.77 50.77 -53.64
C ASN A 659 -62.13 50.28 -54.14
N SER A 660 -62.36 48.97 -54.03
CA SER A 660 -63.65 48.38 -54.38
C SER A 660 -64.70 48.93 -53.44
N VAL A 661 -64.31 49.15 -52.19
CA VAL A 661 -65.22 49.70 -51.21
C VAL A 661 -65.60 51.12 -51.58
N ILE A 662 -64.60 51.95 -51.91
CA ILE A 662 -64.91 53.34 -52.27
C ILE A 662 -65.70 53.45 -53.58
N GLU A 663 -65.46 52.52 -54.50
CA GLU A 663 -66.17 52.52 -55.77
C GLU A 663 -67.62 52.13 -55.52
N ARG A 664 -67.83 51.11 -54.69
CA ARG A 664 -69.17 50.66 -54.36
C ARG A 664 -69.95 51.73 -53.59
N LEU A 665 -69.23 52.48 -52.75
CA LEU A 665 -69.83 53.62 -52.07
C LEU A 665 -70.18 54.71 -53.07
N SER A 666 -69.37 54.82 -54.12
CA SER A 666 -69.62 55.77 -55.20
C SER A 666 -70.88 55.40 -55.99
N GLN A 667 -71.13 54.09 -56.13
CA GLN A 667 -72.29 53.61 -56.88
C GLN A 667 -73.64 53.85 -56.21
N LEU A 668 -73.65 53.96 -54.88
CA LEU A 668 -74.88 54.27 -54.16
C LEU A 668 -75.32 55.70 -54.50
N GLY A 669 -76.63 55.87 -54.68
CA GLY A 669 -77.16 57.15 -55.11
C GLY A 669 -77.28 58.23 -54.04
N GLY A 670 -76.86 59.45 -54.39
CA GLY A 670 -77.22 60.64 -53.65
C GLY A 670 -76.43 61.00 -52.41
N VAL A 671 -75.42 60.21 -52.08
CA VAL A 671 -74.61 60.49 -50.89
C VAL A 671 -73.11 60.36 -51.17
N PHE A 672 -72.37 61.44 -50.95
CA PHE A 672 -70.93 61.44 -51.13
C PHE A 672 -70.22 61.06 -49.83
N TYR A 673 -69.69 59.84 -49.80
CA TYR A 673 -69.08 59.31 -48.59
C TYR A 673 -67.59 59.65 -48.45
N HIS A 674 -67.29 60.60 -47.58
CA HIS A 674 -65.92 60.81 -47.11
C HIS A 674 -65.48 59.57 -46.35
N THR A 675 -64.20 59.22 -46.46
CA THR A 675 -63.72 57.99 -45.87
C THR A 675 -62.26 58.10 -45.44
N ALA A 676 -61.86 57.24 -44.50
CA ALA A 676 -60.46 57.19 -44.07
C ALA A 676 -60.10 55.85 -43.44
N LEU A 677 -58.90 55.35 -43.73
CA LEU A 677 -58.41 54.15 -43.07
C LEU A 677 -57.97 54.48 -41.64
N LEU A 678 -58.03 53.50 -40.75
CA LEU A 678 -57.80 53.78 -39.33
C LEU A 678 -57.24 52.58 -38.59
N LYS A 679 -56.48 52.87 -37.53
CA LYS A 679 -55.91 51.82 -36.71
C LYS A 679 -55.78 52.27 -35.25
N THR A 680 -56.58 51.66 -34.38
CA THR A 680 -56.52 51.94 -32.94
C THR A 680 -55.38 51.23 -32.20
N ALA A 681 -54.95 51.82 -31.10
CA ALA A 681 -53.86 51.29 -30.30
C ALA A 681 -54.22 49.97 -29.60
N SER A 682 -55.50 49.73 -29.39
CA SER A 682 -55.92 48.52 -28.68
C SER A 682 -56.07 47.29 -29.58
N GLN A 683 -55.77 47.45 -30.87
CA GLN A 683 -55.61 46.32 -31.77
C GLN A 683 -54.39 45.52 -31.36
N ASN A 684 -54.35 44.24 -31.71
CA ASN A 684 -53.12 43.49 -31.55
C ASN A 684 -52.07 44.18 -32.38
N PRO A 685 -50.85 44.34 -31.83
CA PRO A 685 -49.81 45.17 -32.42
C PRO A 685 -49.45 44.77 -33.84
N TYR A 686 -49.53 43.48 -34.15
CA TYR A 686 -49.09 43.00 -35.46
C TYR A 686 -50.19 42.75 -36.48
N SER A 687 -51.45 42.80 -36.06
CA SER A 687 -52.54 42.51 -36.99
C SER A 687 -52.58 43.57 -38.07
N TYR A 688 -52.73 43.12 -39.31
CA TYR A 688 -52.83 44.02 -40.44
C TYR A 688 -54.27 44.46 -40.65
N GLU A 689 -55.18 43.94 -39.84
CA GLU A 689 -56.60 44.24 -39.97
C GLU A 689 -56.82 45.74 -39.76
N THR A 690 -57.64 46.35 -40.62
CA THR A 690 -57.70 47.82 -40.64
C THR A 690 -59.12 48.33 -40.68
N TYR A 691 -59.41 49.39 -39.92
CA TYR A 691 -60.77 49.88 -39.83
C TYR A 691 -61.04 51.04 -40.77
N ILE A 692 -61.74 50.76 -41.86
CA ILE A 692 -62.21 51.82 -42.74
C ILE A 692 -63.33 52.60 -42.07
N TYR A 693 -63.37 53.90 -42.33
CA TYR A 693 -64.28 54.82 -41.65
C TYR A 693 -65.05 55.62 -42.68
N ILE A 694 -66.31 55.24 -42.86
CA ILE A 694 -67.22 55.90 -43.80
C ILE A 694 -68.03 56.97 -43.09
N THR A 695 -68.36 58.04 -43.82
CA THR A 695 -69.25 59.09 -43.31
C THR A 695 -69.69 60.02 -44.44
N PRO A 696 -71.00 60.26 -44.55
CA PRO A 696 -71.50 61.19 -45.58
C PRO A 696 -70.99 62.61 -45.35
N ILE A 697 -70.74 63.33 -46.45
CA ILE A 697 -70.48 64.77 -46.42
C ILE A 697 -71.09 65.39 -47.67
N ALA A 698 -71.47 66.65 -47.58
CA ALA A 698 -72.19 67.32 -48.68
C ALA A 698 -71.38 67.41 -49.98
N ALA A 699 -70.08 67.69 -49.84
CA ALA A 699 -69.20 67.76 -51.01
C ALA A 699 -68.78 66.38 -51.50
N ALA A 700 -68.56 66.26 -52.82
CA ALA A 700 -67.89 65.08 -53.36
C ALA A 700 -66.42 65.13 -52.92
N VAL A 701 -65.84 63.98 -52.62
CA VAL A 701 -64.48 63.97 -52.08
C VAL A 701 -63.42 63.92 -53.17
N ARG A 702 -62.60 64.97 -53.23
CA ARG A 702 -61.42 64.99 -54.08
C ARG A 702 -60.44 63.94 -53.56
N PHE A 703 -59.77 63.25 -54.48
CA PHE A 703 -58.84 62.18 -54.13
C PHE A 703 -59.49 61.13 -53.22
N PRO A 704 -60.40 60.32 -53.77
CA PRO A 704 -61.12 59.34 -52.93
C PRO A 704 -60.44 57.96 -52.84
N PHE A 705 -59.73 57.56 -53.89
CA PHE A 705 -59.07 56.24 -53.91
C PHE A 705 -57.74 56.18 -53.15
N TYR A 706 -57.38 54.97 -52.71
CA TYR A 706 -56.12 54.76 -52.02
C TYR A 706 -55.03 54.20 -52.92
N SER A 707 -53.80 54.61 -52.68
CA SER A 707 -52.64 53.97 -53.29
C SER A 707 -51.45 54.16 -52.36
N ASN A 708 -50.73 53.07 -52.10
CA ASN A 708 -49.59 53.09 -51.19
C ASN A 708 -49.91 53.67 -49.82
N SER A 709 -51.14 53.46 -49.35
CA SER A 709 -51.50 53.86 -48.00
C SER A 709 -50.72 52.98 -47.02
N ALA A 710 -50.35 53.55 -45.88
CA ALA A 710 -49.52 52.83 -44.92
C ALA A 710 -50.21 51.60 -44.35
N MET A 711 -51.50 51.75 -44.02
CA MET A 711 -52.27 50.67 -43.43
C MET A 711 -52.37 49.50 -44.40
N ILE A 712 -52.45 49.82 -45.68
CA ILE A 712 -52.51 48.82 -46.73
C ILE A 712 -51.16 48.18 -46.96
N ASN A 713 -50.10 48.99 -46.90
CA ASN A 713 -48.74 48.49 -47.07
C ASN A 713 -48.37 47.51 -45.98
N ARG A 714 -48.96 47.68 -44.80
CA ARG A 714 -48.69 46.79 -43.68
C ARG A 714 -49.08 45.36 -44.03
N TYR A 715 -50.12 45.24 -44.85
CA TYR A 715 -50.65 43.94 -45.24
C TYR A 715 -50.00 43.45 -46.53
N MET A 716 -50.04 44.29 -47.56
CA MET A 716 -49.64 43.88 -48.90
C MET A 716 -48.18 43.47 -49.03
N THR A 717 -47.30 44.12 -48.27
CA THR A 717 -45.87 43.77 -48.33
C THR A 717 -45.54 42.47 -47.62
N ALA A 718 -46.36 42.06 -46.67
CA ALA A 718 -46.21 40.74 -46.08
C ALA A 718 -46.57 39.68 -47.12
N VAL A 719 -45.78 38.64 -47.21
CA VAL A 719 -46.01 37.56 -48.17
C VAL A 719 -45.42 36.29 -47.58
N ALA A 720 -45.70 35.15 -48.18
CA ALA A 720 -45.20 33.88 -47.64
C ALA A 720 -43.67 33.89 -47.57
N ASP A 721 -43.14 33.47 -46.43
CA ASP A 721 -41.70 33.56 -46.17
C ASP A 721 -40.87 32.49 -46.87
N ASP A 722 -39.62 32.85 -47.17
CA ASP A 722 -38.64 31.91 -47.72
C ASP A 722 -37.94 31.13 -46.61
N GLU A 723 -38.21 31.51 -45.37
CA GLU A 723 -37.59 30.86 -44.22
C GLU A 723 -38.57 30.71 -43.07
N MET A 724 -38.35 29.70 -42.25
CA MET A 724 -39.15 29.48 -41.05
C MET A 724 -38.89 30.61 -40.05
N PRO A 725 -39.90 30.96 -39.24
CA PRO A 725 -39.77 32.04 -38.27
C PRO A 725 -38.68 31.74 -37.25
N ILE A 726 -37.94 32.77 -36.84
CA ILE A 726 -36.80 32.57 -35.95
C ILE A 726 -37.25 32.49 -34.49
N ILE A 727 -37.33 31.28 -33.97
CA ILE A 727 -37.62 31.05 -32.56
C ILE A 727 -36.41 31.40 -31.68
N PRO A 728 -36.62 32.22 -30.63
CA PRO A 728 -35.53 32.71 -29.78
C PRO A 728 -34.93 31.67 -28.83
N SER A 729 -33.72 31.24 -29.12
CA SER A 729 -33.01 30.25 -28.31
C SER A 729 -32.46 30.82 -27.00
N ILE A 730 -32.28 29.95 -26.02
CA ILE A 730 -31.66 30.32 -24.76
C ILE A 730 -30.29 29.66 -24.60
N HIS A 731 -29.25 30.40 -24.95
CA HIS A 731 -27.89 29.85 -24.99
C HIS A 731 -27.22 29.73 -23.63
N THR A 732 -26.33 28.74 -23.54
CA THR A 732 -25.59 28.48 -22.31
C THR A 732 -24.07 28.43 -22.53
N VAL A 733 -23.63 27.74 -23.57
CA VAL A 733 -22.19 27.64 -23.82
C VAL A 733 -21.66 28.86 -24.56
N ILE A 734 -20.86 29.67 -23.86
CA ILE A 734 -20.25 30.85 -24.46
C ILE A 734 -18.90 30.52 -25.12
N LYS A 735 -18.93 30.31 -26.43
CA LYS A 735 -17.70 30.12 -27.20
C LYS A 735 -16.95 31.45 -27.24
N GLY A 736 -15.63 31.39 -27.28
CA GLY A 736 -14.82 32.59 -27.40
C GLY A 736 -14.71 33.06 -28.84
N HIS A 737 -15.45 34.12 -29.18
CA HIS A 737 -15.44 34.69 -30.53
C HIS A 737 -15.92 33.68 -31.60
N SER A 738 -17.22 33.44 -31.65
CA SER A 738 -17.76 32.36 -32.48
C SER A 738 -18.68 32.79 -33.63
N ASN A 739 -19.63 33.68 -33.35
CA ASN A 739 -20.57 34.17 -34.35
C ASN A 739 -21.46 33.08 -34.96
N THR A 740 -21.86 32.11 -34.15
CA THR A 740 -22.77 31.06 -34.62
C THR A 740 -24.14 31.14 -33.96
N TYR A 741 -24.36 32.19 -33.16
CA TYR A 741 -25.58 32.28 -32.36
C TYR A 741 -26.81 32.83 -33.10
N SER A 742 -27.89 32.06 -33.04
CA SER A 742 -29.19 32.51 -33.48
C SER A 742 -29.72 33.51 -32.46
N PRO A 743 -30.61 34.42 -32.89
CA PRO A 743 -31.09 35.42 -31.93
C PRO A 743 -31.82 34.78 -30.76
N GLY A 744 -31.62 35.34 -29.57
CA GLY A 744 -32.13 34.75 -28.34
C GLY A 744 -31.50 35.43 -27.15
N LEU A 745 -31.08 34.66 -26.16
CA LEU A 745 -30.34 35.22 -25.02
C LEU A 745 -29.51 34.20 -24.24
N PHE A 746 -28.31 34.61 -23.83
CA PHE A 746 -27.51 33.83 -22.88
C PHE A 746 -28.17 33.90 -21.53
N CYS A 747 -28.17 32.78 -20.82
CA CYS A 747 -28.80 32.74 -19.50
C CYS A 747 -28.29 31.54 -18.70
N GLY A 748 -27.71 31.80 -17.54
CA GLY A 748 -27.18 30.71 -16.75
C GLY A 748 -26.43 31.16 -15.52
N CYS A 749 -25.44 30.38 -15.11
CA CYS A 749 -24.63 30.74 -13.95
C CYS A 749 -23.22 30.15 -14.02
N VAL A 750 -22.28 30.82 -13.37
CA VAL A 750 -20.90 30.33 -13.34
C VAL A 750 -20.33 30.50 -11.94
N ASP A 751 -19.20 29.86 -11.67
CA ASP A 751 -18.52 30.11 -10.41
C ASP A 751 -18.15 31.58 -10.42
N VAL A 752 -18.13 32.20 -9.24
CA VAL A 752 -17.85 33.62 -9.16
C VAL A 752 -16.44 33.92 -9.69
N GLN A 753 -15.54 32.94 -9.56
CA GLN A 753 -14.20 33.10 -10.11
C GLN A 753 -14.15 33.15 -11.63
N SER A 754 -15.01 32.38 -12.30
CA SER A 754 -15.04 32.35 -13.75
C SER A 754 -15.79 33.55 -14.31
N ALA A 755 -16.58 34.20 -13.46
CA ALA A 755 -17.48 35.27 -13.87
C ALA A 755 -16.84 36.44 -14.63
N PRO A 756 -15.68 36.95 -14.15
CA PRO A 756 -15.05 37.99 -14.96
C PRO A 756 -14.70 37.50 -16.36
N LEU A 757 -14.37 36.22 -16.50
CA LEU A 757 -13.99 35.69 -17.80
C LEU A 757 -15.21 35.62 -18.70
N ALA A 758 -16.31 35.12 -18.15
CA ALA A 758 -17.51 34.89 -18.93
C ALA A 758 -18.07 36.19 -19.49
N LEU A 759 -17.96 37.28 -18.72
CA LEU A 759 -18.47 38.58 -19.18
C LEU A 759 -17.61 39.08 -20.31
N SER A 760 -16.31 38.82 -20.17
CA SER A 760 -15.34 39.25 -21.16
C SER A 760 -15.52 38.48 -22.47
N GLN A 761 -16.05 37.27 -22.38
CA GLN A 761 -16.29 36.50 -23.59
C GLN A 761 -17.58 36.85 -24.30
N LEU A 762 -18.63 37.15 -23.54
CA LEU A 762 -19.94 37.40 -24.16
C LEU A 762 -20.13 38.83 -24.63
N LYS A 763 -19.14 39.68 -24.37
CA LYS A 763 -19.18 41.05 -24.88
C LYS A 763 -19.14 41.01 -26.40
N SER A 764 -18.70 39.86 -26.93
CA SER A 764 -18.64 39.60 -28.36
C SER A 764 -20.03 39.55 -28.98
N TYR A 765 -21.02 39.20 -28.18
CA TYR A 765 -22.39 39.07 -28.67
C TYR A 765 -23.32 40.10 -28.05
N CYS A 766 -23.53 39.96 -26.75
CA CYS A 766 -24.40 40.84 -25.99
C CYS A 766 -23.84 42.26 -25.84
N SER A 767 -24.71 43.25 -25.99
CA SER A 767 -24.33 44.65 -25.80
C SER A 767 -24.36 45.06 -24.32
N GLU A 768 -25.02 44.25 -23.51
CA GLU A 768 -25.16 44.49 -22.07
C GLU A 768 -25.58 43.20 -21.38
N ALA A 769 -25.33 43.09 -20.07
CA ALA A 769 -25.54 41.82 -19.37
C ALA A 769 -25.79 41.98 -17.87
N THR A 770 -27.02 41.73 -17.43
CA THR A 770 -27.27 41.74 -15.98
C THR A 770 -26.68 40.50 -15.31
N THR A 771 -26.15 40.68 -14.10
CA THR A 771 -25.60 39.57 -13.31
C THR A 771 -25.93 39.78 -11.84
N TRP A 772 -25.91 38.68 -11.08
CA TRP A 772 -26.08 38.74 -9.62
C TRP A 772 -25.86 37.37 -8.97
N ARG A 773 -25.44 37.38 -7.71
CA ARG A 773 -25.42 36.16 -6.91
C ARG A 773 -26.68 36.17 -6.05
N VAL A 774 -27.25 35.00 -5.78
CA VAL A 774 -28.50 34.96 -5.03
C VAL A 774 -28.33 35.43 -3.57
N ASP A 775 -27.17 35.16 -2.99
CA ASP A 775 -26.90 35.43 -1.57
C ASP A 775 -25.40 35.48 -1.35
N SER A 776 -24.99 35.96 -0.18
CA SER A 776 -23.56 36.08 0.13
C SER A 776 -22.88 34.72 0.21
N ASP A 777 -23.63 33.70 0.62
CA ASP A 777 -23.05 32.37 0.80
C ASP A 777 -22.97 31.57 -0.50
N ASP A 778 -23.97 31.70 -1.36
CA ASP A 778 -23.97 30.96 -2.64
C ASP A 778 -22.97 31.54 -3.63
N ASN A 779 -22.01 30.71 -4.05
CA ASN A 779 -20.93 31.17 -4.92
C ASN A 779 -21.25 31.31 -6.42
N LEU A 780 -22.32 30.68 -6.89
CA LEU A 780 -22.72 30.83 -8.29
C LEU A 780 -23.23 32.23 -8.58
N VAL A 781 -22.84 32.76 -9.73
CA VAL A 781 -23.34 34.05 -10.20
C VAL A 781 -24.15 33.85 -11.47
N ASN A 782 -25.43 34.17 -11.36
CA ASN A 782 -26.36 34.17 -12.47
C ASN A 782 -26.11 35.31 -13.42
N ILE A 783 -26.33 35.05 -14.69
CA ILE A 783 -26.16 36.05 -15.73
C ILE A 783 -27.26 35.89 -16.77
N ILE A 784 -27.80 37.04 -17.19
CA ILE A 784 -28.69 37.10 -18.32
C ILE A 784 -28.15 38.16 -19.27
N ALA A 785 -28.16 37.85 -20.56
CA ALA A 785 -27.68 38.80 -21.54
C ALA A 785 -28.26 38.48 -22.91
N ARG A 786 -29.13 39.34 -23.43
CA ARG A 786 -29.67 39.10 -24.76
C ARG A 786 -28.68 39.51 -25.86
N ILE A 787 -28.73 38.80 -26.97
CA ILE A 787 -27.77 39.00 -28.05
C ILE A 787 -28.17 40.18 -28.93
N ASP A 788 -27.27 41.15 -29.05
CA ASP A 788 -27.48 42.29 -29.93
C ASP A 788 -26.81 42.03 -31.27
N PRO A 789 -27.59 42.04 -32.36
CA PRO A 789 -27.04 41.91 -33.70
C PRO A 789 -26.03 43.00 -34.02
N ALA A 790 -26.25 44.20 -33.48
CA ALA A 790 -25.35 45.32 -33.72
C ALA A 790 -23.96 45.09 -33.12
N ARG A 791 -23.93 44.53 -31.91
CA ARG A 791 -22.67 44.17 -31.28
C ARG A 791 -21.94 43.03 -32.01
N ILE A 792 -22.70 42.11 -32.60
CA ILE A 792 -22.10 41.05 -33.40
C ILE A 792 -21.47 41.64 -34.65
N ALA A 793 -22.21 42.56 -35.27
CA ALA A 793 -21.78 43.25 -36.48
C ALA A 793 -20.54 44.10 -36.20
N LEU A 794 -20.40 44.53 -34.96
CA LEU A 794 -19.21 45.31 -34.58
C LEU A 794 -18.02 44.40 -34.28
N GLU A 795 -18.20 43.50 -33.33
CA GLU A 795 -17.12 42.66 -32.82
C GLU A 795 -16.54 41.67 -33.83
N PHE A 796 -17.36 41.21 -34.78
CA PHE A 796 -16.83 40.22 -35.72
C PHE A 796 -16.20 40.78 -37.00
N ARG A 797 -16.03 42.10 -37.06
CA ARG A 797 -15.39 42.74 -38.21
C ARG A 797 -13.94 42.32 -38.40
N THR A 798 -13.27 41.95 -37.31
CA THR A 798 -11.90 41.46 -37.36
C THR A 798 -11.71 40.35 -36.34
N ARG A 799 -10.62 39.62 -36.46
CA ARG A 799 -10.39 38.46 -35.62
C ARG A 799 -9.86 38.76 -34.21
N SER A 800 -9.47 40.01 -33.95
CA SER A 800 -8.95 40.38 -32.64
C SER A 800 -10.00 40.27 -31.53
N ASN A 801 -9.57 39.83 -30.35
CA ASN A 801 -10.51 39.52 -29.27
C ASN A 801 -10.21 40.24 -27.95
N THR A 802 -10.05 41.56 -28.03
CA THR A 802 -9.78 42.36 -26.85
C THR A 802 -11.01 42.54 -25.96
N SER A 803 -10.78 42.70 -24.66
CA SER A 803 -11.85 42.88 -23.69
C SER A 803 -11.29 43.50 -22.41
N ALA A 804 -12.18 44.00 -21.56
CA ALA A 804 -11.74 44.63 -20.32
C ALA A 804 -11.74 43.62 -19.16
N TYR A 805 -11.14 42.47 -19.39
CA TYR A 805 -11.11 41.37 -18.42
C TYR A 805 -10.41 41.76 -17.14
N HIS A 806 -9.41 42.63 -17.27
CA HIS A 806 -8.66 43.15 -16.14
C HIS A 806 -9.58 44.00 -15.25
N GLU A 807 -10.55 44.65 -15.90
CA GLU A 807 -11.52 45.47 -15.19
C GLU A 807 -12.57 44.57 -14.55
N TYR A 808 -12.97 43.54 -15.27
CA TYR A 808 -13.96 42.60 -14.77
C TYR A 808 -13.48 41.78 -13.58
N GLN A 809 -12.18 41.55 -13.47
CA GLN A 809 -11.69 40.77 -12.34
C GLN A 809 -11.62 41.61 -11.06
N ARG A 810 -11.92 42.89 -11.19
CA ARG A 810 -12.10 43.75 -10.03
C ARG A 810 -13.46 43.48 -9.41
N TYR A 811 -14.32 42.77 -10.12
CA TYR A 811 -15.67 42.51 -9.63
C TYR A 811 -15.73 41.38 -8.61
N VAL A 812 -15.02 40.29 -8.85
CA VAL A 812 -15.07 39.13 -7.95
C VAL A 812 -14.54 39.44 -6.54
N PRO A 813 -15.30 39.08 -5.49
CA PRO A 813 -16.58 38.36 -5.53
C PRO A 813 -17.83 39.20 -5.27
N ASN A 814 -17.70 40.31 -4.56
CA ASN A 814 -18.88 41.08 -4.20
C ASN A 814 -19.33 42.11 -5.23
N GLY A 815 -18.50 42.33 -6.24
CA GLY A 815 -18.70 43.42 -7.17
C GLY A 815 -19.65 43.12 -8.32
N LEU A 816 -20.25 41.95 -8.32
CA LEU A 816 -21.20 41.63 -9.38
C LEU A 816 -22.54 41.05 -8.91
N GLY A 817 -23.22 41.81 -8.06
CA GLY A 817 -24.63 41.61 -7.79
C GLY A 817 -25.06 40.78 -6.59
N PHE A 818 -26.21 41.12 -6.04
CA PHE A 818 -26.96 40.26 -5.12
C PHE A 818 -28.45 40.53 -5.29
N LYS A 819 -29.25 39.46 -5.29
CA LYS A 819 -30.70 39.59 -5.34
C LYS A 819 -31.38 38.28 -4.90
N VAL A 820 -31.93 38.29 -3.69
CA VAL A 820 -32.68 37.14 -3.18
C VAL A 820 -33.98 36.91 -3.95
N ARG A 821 -34.58 38.00 -4.42
CA ARG A 821 -35.83 37.94 -5.18
C ARG A 821 -35.67 37.27 -6.54
N LYS A 822 -36.68 36.51 -6.95
CA LYS A 822 -36.70 35.93 -8.29
C LYS A 822 -36.79 37.04 -9.33
N THR A 823 -36.04 36.89 -10.42
CA THR A 823 -36.10 37.85 -11.52
C THR A 823 -36.76 37.22 -12.75
N ARG A 824 -37.45 38.04 -13.53
CA ARG A 824 -38.19 37.52 -14.68
C ARG A 824 -37.88 38.24 -15.99
N GLU A 825 -36.97 37.66 -16.77
CA GLU A 825 -36.66 38.20 -18.10
C GLU A 825 -37.76 37.82 -19.09
N PHE A 826 -37.92 38.64 -20.12
CA PHE A 826 -38.81 38.30 -21.22
C PHE A 826 -38.02 37.98 -22.49
N ARG A 827 -38.53 37.05 -23.27
CA ARG A 827 -37.95 36.76 -24.58
C ARG A 827 -38.12 37.93 -25.54
N TYR A 828 -39.15 38.76 -25.30
CA TYR A 828 -39.43 39.92 -26.15
C TYR A 828 -39.61 41.24 -25.38
N MET A 829 -38.50 41.96 -25.20
CA MET A 829 -38.48 43.23 -24.45
C MET A 829 -39.13 44.40 -25.20
N HIS A 830 -39.64 45.38 -24.44
CA HIS A 830 -40.20 46.58 -25.02
C HIS A 830 -39.16 47.52 -25.62
N ARG A 831 -39.52 48.18 -26.72
CA ARG A 831 -38.71 49.24 -27.30
C ARG A 831 -39.57 50.31 -27.96
N GLU A 832 -39.14 51.56 -27.89
CA GLU A 832 -39.90 52.68 -28.46
C GLU A 832 -39.97 52.59 -29.98
N VAL A 833 -41.05 53.12 -30.54
CA VAL A 833 -41.32 52.99 -31.97
C VAL A 833 -40.26 53.60 -32.86
N THR A 834 -39.64 54.68 -32.40
CA THR A 834 -38.59 55.33 -33.19
C THR A 834 -37.42 54.37 -33.36
N PHE A 835 -37.07 53.71 -32.27
CA PHE A 835 -35.97 52.77 -32.26
C PHE A 835 -36.27 51.61 -33.19
N ILE A 836 -37.54 51.19 -33.19
CA ILE A 836 -37.96 50.07 -34.02
C ILE A 836 -37.90 50.43 -35.49
N HIS A 837 -38.35 51.63 -35.81
CA HIS A 837 -38.33 52.08 -37.20
C HIS A 837 -36.90 52.18 -37.67
N LYS A 838 -36.03 52.57 -36.76
CA LYS A 838 -34.62 52.71 -37.07
C LYS A 838 -34.05 51.33 -37.40
N LEU A 839 -34.40 50.33 -36.59
CA LEU A 839 -33.93 48.97 -36.84
C LEU A 839 -34.49 48.38 -38.14
N MET A 840 -35.72 48.75 -38.49
CA MET A 840 -36.33 48.27 -39.72
C MET A 840 -35.64 48.87 -40.92
N MET A 841 -35.33 50.16 -40.82
CA MET A 841 -34.62 50.84 -41.89
C MET A 841 -33.24 50.23 -42.04
N TYR A 842 -32.66 49.81 -40.93
CA TYR A 842 -31.37 49.14 -40.98
C TYR A 842 -31.45 47.77 -41.66
N ALA A 843 -32.52 47.04 -41.41
CA ALA A 843 -32.70 45.73 -42.05
C ALA A 843 -32.89 45.88 -43.55
N LEU A 844 -33.65 46.90 -43.93
CA LEU A 844 -33.94 47.18 -45.32
C LEU A 844 -32.65 47.56 -46.05
N ILE A 845 -31.90 48.49 -45.45
CA ILE A 845 -30.66 48.96 -46.05
C ILE A 845 -29.58 47.86 -46.09
N ARG A 846 -29.60 46.96 -45.12
CA ARG A 846 -28.59 45.90 -45.06
C ARG A 846 -28.86 44.82 -46.10
N GLU A 847 -30.12 44.41 -46.20
CA GLU A 847 -30.49 43.45 -47.24
C GLU A 847 -30.23 44.08 -48.60
N GLN A 848 -30.47 45.39 -48.70
CA GLN A 848 -30.23 46.12 -49.94
C GLN A 848 -28.74 46.17 -50.28
N ILE A 849 -27.90 46.23 -49.25
CA ILE A 849 -26.46 46.36 -49.42
C ILE A 849 -25.82 45.03 -49.81
N SER A 850 -26.34 43.94 -49.29
CA SER A 850 -25.77 42.63 -49.62
C SER A 850 -25.93 42.29 -51.10
N LEU A 851 -26.99 42.80 -51.74
CA LEU A 851 -27.17 42.63 -53.18
C LEU A 851 -26.12 43.37 -54.01
N THR A 852 -25.66 44.52 -53.51
CA THR A 852 -24.70 45.35 -54.25
C THR A 852 -23.32 44.71 -54.35
N GLU A 853 -22.72 44.83 -55.53
CA GLU A 853 -21.43 44.18 -55.80
C GLU A 853 -20.25 45.15 -55.89
N ASN A 854 -19.10 44.69 -55.44
CA ASN A 854 -17.82 45.37 -55.66
C ASN A 854 -17.73 46.81 -55.13
N MET A 855 -18.17 47.03 -53.90
CA MET A 855 -18.02 48.34 -53.27
C MET A 855 -17.03 48.27 -52.11
N THR A 856 -16.01 49.12 -52.17
CA THR A 856 -14.93 49.11 -51.20
C THR A 856 -15.30 49.51 -49.76
N GLN A 857 -16.29 50.40 -49.62
CA GLN A 857 -16.57 50.96 -48.29
C GLN A 857 -17.98 51.52 -48.08
N VAL A 858 -18.42 51.46 -46.83
CA VAL A 858 -19.63 52.13 -46.39
C VAL A 858 -19.24 53.36 -45.59
N VAL A 859 -19.87 54.49 -45.89
CA VAL A 859 -19.64 55.72 -45.14
C VAL A 859 -20.96 56.25 -44.58
N SER A 860 -21.16 56.02 -43.28
CA SER A 860 -22.34 56.53 -42.59
C SER A 860 -22.06 57.90 -42.00
N ILE A 861 -22.29 58.95 -42.78
CA ILE A 861 -22.24 60.30 -42.24
C ILE A 861 -23.35 60.43 -41.20
N GLY A 862 -23.07 61.11 -40.10
CA GLY A 862 -24.04 61.23 -39.03
C GLY A 862 -24.30 59.90 -38.32
N GLY A 863 -23.24 59.11 -38.16
CA GLY A 863 -23.36 57.77 -37.62
C GLY A 863 -23.46 57.67 -36.10
N ARG A 864 -23.26 58.79 -35.41
CA ARG A 864 -23.33 58.85 -33.95
C ARG A 864 -22.44 57.79 -33.30
N ASN A 865 -23.00 56.97 -32.41
CA ASN A 865 -22.25 55.87 -31.81
C ASN A 865 -22.36 54.58 -32.62
N LEU A 866 -21.84 54.62 -33.84
CA LEU A 866 -21.86 53.48 -34.77
C LEU A 866 -23.24 52.86 -34.91
N ALA A 867 -24.27 53.70 -34.99
CA ALA A 867 -25.64 53.19 -35.03
C ALA A 867 -25.95 52.37 -36.28
N ASP A 868 -25.27 52.68 -37.38
CA ASP A 868 -25.53 52.03 -38.66
C ASP A 868 -24.67 50.78 -38.90
N ILE A 869 -23.91 50.37 -37.89
CA ILE A 869 -22.96 49.26 -38.02
C ILE A 869 -23.62 47.92 -38.39
N SER A 870 -24.89 47.75 -38.02
CA SER A 870 -25.59 46.51 -38.31
C SER A 870 -25.74 46.33 -39.81
N VAL A 871 -25.78 47.45 -40.53
CA VAL A 871 -26.00 47.44 -41.97
C VAL A 871 -24.79 46.93 -42.77
N VAL A 872 -23.62 47.44 -42.42
CA VAL A 872 -22.39 47.12 -43.15
C VAL A 872 -21.93 45.66 -42.94
N PRO A 873 -21.54 44.99 -44.03
CA PRO A 873 -20.97 43.63 -44.04
C PRO A 873 -19.65 43.56 -43.30
N LEU A 874 -19.34 42.40 -42.73
CA LEU A 874 -18.13 42.22 -41.93
C LEU A 874 -16.85 42.53 -42.72
N ASN A 875 -16.93 42.38 -44.04
CA ASN A 875 -15.78 42.62 -44.92
C ASN A 875 -15.47 44.09 -45.17
N MET A 876 -16.36 44.79 -45.86
CA MET A 876 -16.08 46.13 -46.38
C MET A 876 -15.84 47.18 -45.28
N LYS A 877 -14.91 48.10 -45.54
CA LYS A 877 -14.50 49.09 -44.55
C LYS A 877 -15.62 50.05 -44.17
N TYR A 878 -15.69 50.38 -42.89
CA TYR A 878 -16.73 51.28 -42.38
C TYR A 878 -16.15 52.64 -42.00
N VAL A 879 -16.93 53.69 -42.21
CA VAL A 879 -16.51 55.06 -41.93
C VAL A 879 -17.66 55.86 -41.30
N VAL A 880 -17.34 56.75 -40.36
CA VAL A 880 -18.33 57.61 -39.74
C VAL A 880 -17.91 59.08 -39.86
N ILE A 881 -18.88 59.97 -40.03
CA ILE A 881 -18.59 61.40 -40.11
C ILE A 881 -19.57 62.20 -39.23
N ASP A 882 -19.82 61.70 -38.02
CA ASP A 882 -20.58 62.44 -37.02
C ASP A 882 -19.61 63.22 -36.14
N PRO A 883 -19.78 64.55 -36.08
CA PRO A 883 -18.92 65.41 -35.25
C PRO A 883 -18.97 64.98 -33.79
N ALA A 884 -20.13 64.49 -33.35
CA ALA A 884 -20.34 64.12 -31.97
C ALA A 884 -19.81 62.74 -31.60
N THR A 885 -19.38 61.96 -32.60
CA THR A 885 -18.87 60.61 -32.33
C THR A 885 -17.61 60.65 -31.47
N ARG A 886 -17.58 59.84 -30.41
CA ARG A 886 -16.39 59.69 -29.59
C ARG A 886 -15.32 58.88 -30.31
N ILE A 887 -14.06 59.27 -30.17
CA ILE A 887 -12.95 58.55 -30.80
C ILE A 887 -12.41 57.46 -29.86
N GLU A 888 -12.08 56.32 -30.44
CA GLU A 888 -11.43 55.23 -29.71
C GLU A 888 -10.40 54.59 -30.63
N THR A 889 -9.22 55.18 -30.68
CA THR A 889 -8.23 54.81 -31.69
C THR A 889 -7.81 53.34 -31.62
N LEU A 890 -7.82 52.79 -30.41
CA LEU A 890 -7.55 51.36 -30.25
C LEU A 890 -8.70 50.54 -30.85
N THR A 891 -9.94 50.94 -30.56
CA THR A 891 -11.10 50.24 -31.11
C THR A 891 -11.20 50.42 -32.61
N GLN A 892 -10.87 51.61 -33.08
CA GLN A 892 -10.92 51.91 -34.51
C GLN A 892 -9.87 51.10 -35.26
N GLU A 893 -8.64 51.10 -34.76
CA GLU A 893 -7.56 50.37 -35.41
C GLU A 893 -7.78 48.87 -35.36
N LYS A 894 -8.27 48.38 -34.23
CA LYS A 894 -8.56 46.95 -34.07
C LYS A 894 -9.76 46.46 -34.87
N LYS A 895 -10.70 47.35 -35.18
CA LYS A 895 -11.95 46.91 -35.78
C LYS A 895 -12.20 47.41 -37.21
N ASN A 896 -11.16 47.95 -37.84
CA ASN A 896 -11.28 48.48 -39.21
C ASN A 896 -12.39 49.54 -39.37
N ILE A 897 -12.30 50.62 -38.60
CA ILE A 897 -13.31 51.68 -38.64
C ILE A 897 -12.67 53.06 -38.56
N GLU A 898 -12.65 53.78 -39.68
CA GLU A 898 -12.23 55.17 -39.67
C GLU A 898 -13.34 56.02 -39.04
N VAL A 899 -12.98 57.12 -38.38
CA VAL A 899 -13.95 58.08 -37.86
C VAL A 899 -13.52 59.51 -38.18
N GLN A 900 -14.25 60.17 -39.07
CA GLN A 900 -13.90 61.51 -39.52
C GLN A 900 -14.02 62.60 -38.45
N SER A 901 -14.97 62.46 -37.54
CA SER A 901 -15.16 63.38 -36.40
C SER A 901 -15.23 64.86 -36.76
N ARG A 902 -15.77 65.18 -37.93
CA ARG A 902 -15.94 66.56 -38.35
C ARG A 902 -17.31 66.71 -38.99
N PRO A 903 -17.90 67.91 -38.95
CA PRO A 903 -19.17 68.08 -39.67
C PRO A 903 -18.97 67.85 -41.17
N PHE A 904 -19.94 67.24 -41.81
CA PHE A 904 -19.84 66.94 -43.23
C PHE A 904 -20.42 68.08 -44.04
N GLN A 905 -19.69 68.50 -45.07
CA GLN A 905 -20.16 69.60 -45.91
C GLN A 905 -20.97 69.07 -47.08
N PHE A 906 -22.21 69.52 -47.18
CA PHE A 906 -23.08 69.12 -48.27
C PHE A 906 -22.79 69.86 -49.58
N ASP A 907 -22.04 70.97 -49.49
CA ASP A 907 -21.74 71.79 -50.66
C ASP A 907 -20.97 70.98 -51.70
N ALA A 908 -21.37 71.09 -52.97
CA ALA A 908 -20.87 70.23 -54.04
C ALA A 908 -19.36 70.33 -54.30
N ALA A 909 -18.81 71.53 -54.08
CA ALA A 909 -17.38 71.73 -54.23
C ALA A 909 -16.61 71.02 -53.12
N ASN A 910 -17.11 71.14 -51.90
CA ASN A 910 -16.51 70.48 -50.74
C ASN A 910 -16.65 68.96 -50.75
N MET A 911 -17.65 68.47 -51.48
CA MET A 911 -17.98 67.04 -51.47
C MET A 911 -16.81 66.21 -51.98
N ASP A 912 -16.60 65.08 -51.32
CA ASP A 912 -15.50 64.18 -51.68
C ASP A 912 -16.01 62.75 -51.67
N LEU A 913 -17.01 62.46 -52.49
CA LEU A 913 -17.57 61.11 -52.55
C LEU A 913 -16.67 60.18 -53.34
N GLU A 914 -16.33 59.05 -52.74
CA GLU A 914 -15.50 58.03 -53.40
C GLU A 914 -16.26 57.17 -54.38
N ASN A 915 -15.53 56.61 -55.35
CA ASN A 915 -16.05 55.56 -56.20
C ASN A 915 -16.22 54.26 -55.40
N ASN A 916 -17.15 53.41 -55.82
CA ASN A 916 -17.42 52.14 -55.15
C ASN A 916 -17.78 52.31 -53.67
N SER A 917 -18.60 53.32 -53.37
CA SER A 917 -18.93 53.61 -51.98
C SER A 917 -20.43 53.71 -51.72
N ILE A 918 -20.81 53.30 -50.52
CA ILE A 918 -22.21 53.36 -50.09
C ILE A 918 -22.39 54.44 -49.03
N TYR A 919 -23.03 55.54 -49.39
CA TYR A 919 -23.17 56.67 -48.47
C TYR A 919 -24.50 56.71 -47.71
N LEU A 920 -24.45 56.39 -46.42
CA LEU A 920 -25.64 56.45 -45.58
C LEU A 920 -25.84 57.86 -45.01
N PHE A 921 -27.03 58.42 -45.22
CA PHE A 921 -27.37 59.73 -44.69
C PHE A 921 -28.63 59.61 -43.84
N ILE A 922 -28.70 58.54 -43.05
CA ILE A 922 -29.94 58.19 -42.37
C ILE A 922 -30.29 59.17 -41.28
N ALA A 923 -31.41 59.89 -41.48
CA ALA A 923 -31.94 60.84 -40.51
C ALA A 923 -31.05 62.04 -40.17
N VAL A 924 -29.93 62.21 -40.85
CA VAL A 924 -29.01 63.31 -40.55
C VAL A 924 -29.33 64.58 -41.33
N ILE A 925 -30.03 64.41 -42.46
CA ILE A 925 -30.29 65.50 -43.38
C ILE A 925 -31.21 66.57 -42.75
N MET A 926 -32.04 66.16 -41.79
CA MET A 926 -33.02 67.04 -41.19
C MET A 926 -32.50 67.90 -40.05
N ASN A 927 -31.26 67.66 -39.62
CA ASN A 927 -30.70 68.40 -38.49
C ASN A 927 -29.29 68.93 -38.73
N GLU A 928 -29.02 70.11 -38.22
CA GLU A 928 -27.66 70.64 -38.13
C GLU A 928 -26.94 69.91 -36.98
N PRO A 929 -25.60 69.85 -37.05
CA PRO A 929 -24.83 69.09 -36.05
C PRO A 929 -25.07 69.56 -34.61
N ASN A 930 -25.32 70.85 -34.42
CA ASN A 930 -25.59 71.41 -33.10
C ASN A 930 -26.97 71.02 -32.57
N GLY A 931 -27.79 70.44 -33.44
CA GLY A 931 -29.08 69.91 -33.05
C GLY A 931 -30.29 70.73 -33.46
N ALA A 932 -30.07 71.98 -33.83
CA ALA A 932 -31.17 72.83 -34.33
C ALA A 932 -31.68 72.31 -35.66
N ALA A 933 -33.00 72.39 -35.87
CA ALA A 933 -33.59 71.92 -37.12
C ALA A 933 -33.22 72.80 -38.30
N THR A 934 -32.89 72.17 -39.43
CA THR A 934 -32.66 72.89 -40.68
C THR A 934 -33.98 73.05 -41.44
N PRO A 935 -34.19 74.24 -42.03
CA PRO A 935 -35.41 74.53 -42.79
C PRO A 935 -35.53 73.63 -44.02
N ALA A 936 -36.76 73.28 -44.40
CA ALA A 936 -36.99 72.26 -45.42
C ALA A 936 -36.39 72.57 -46.79
N ARG A 937 -36.36 73.86 -47.15
CA ARG A 937 -35.73 74.27 -48.40
C ARG A 937 -34.22 74.00 -48.37
N MET A 938 -33.60 74.19 -47.20
CA MET A 938 -32.19 73.86 -47.02
C MET A 938 -31.94 72.36 -47.06
N GLN A 939 -32.92 71.58 -46.62
CA GLN A 939 -32.84 70.13 -46.66
C GLN A 939 -32.87 69.64 -48.10
N MET A 940 -33.82 70.20 -48.86
CA MET A 940 -33.94 69.88 -50.28
C MET A 940 -32.68 70.33 -51.01
N ASP A 941 -32.10 71.45 -50.56
CA ASP A 941 -30.87 71.95 -51.15
C ASP A 941 -29.69 71.00 -50.93
N LYS A 942 -29.50 70.54 -49.69
CA LYS A 942 -28.43 69.58 -49.43
C LYS A 942 -28.64 68.21 -50.08
N ILE A 943 -29.90 67.79 -50.25
CA ILE A 943 -30.17 66.57 -51.00
C ILE A 943 -29.76 66.75 -52.47
N ARG A 944 -30.11 67.91 -53.04
CA ARG A 944 -29.76 68.21 -54.42
C ARG A 944 -28.26 68.27 -54.58
N ASN A 945 -27.60 68.77 -53.56
CA ASN A 945 -26.15 68.87 -53.58
C ASN A 945 -25.48 67.50 -53.54
N VAL A 946 -26.00 66.59 -52.72
CA VAL A 946 -25.46 65.22 -52.69
C VAL A 946 -25.71 64.53 -54.03
N ALA A 947 -26.84 64.84 -54.65
CA ALA A 947 -27.18 64.25 -55.94
C ALA A 947 -26.24 64.69 -57.05
N THR A 948 -26.05 66.01 -57.20
CA THR A 948 -25.15 66.52 -58.22
C THR A 948 -23.70 66.11 -57.94
N ALA A 949 -23.33 66.06 -56.67
CA ALA A 949 -21.98 65.65 -56.29
C ALA A 949 -21.68 64.19 -56.59
N MET A 950 -22.69 63.34 -56.49
CA MET A 950 -22.49 61.94 -56.85
C MET A 950 -22.82 61.66 -58.31
N LEU A 951 -23.28 62.68 -59.03
CA LEU A 951 -23.61 62.53 -60.45
C LEU A 951 -22.37 62.20 -61.27
N THR A 952 -21.21 62.68 -60.83
CA THR A 952 -19.98 62.50 -61.58
C THR A 952 -19.27 61.15 -61.36
N ARG A 953 -19.23 60.67 -60.12
CA ARG A 953 -18.54 59.40 -59.84
C ARG A 953 -19.35 58.19 -60.28
N THR A 954 -18.69 57.29 -61.01
CA THR A 954 -19.35 56.19 -61.70
C THR A 954 -20.02 55.11 -60.85
N ASN A 955 -19.49 54.84 -59.66
CA ASN A 955 -20.09 53.82 -58.79
C ASN A 955 -20.26 54.30 -57.36
N CYS A 956 -21.52 54.56 -56.99
CA CYS A 956 -21.84 55.06 -55.66
C CYS A 956 -23.32 54.81 -55.39
N VAL A 957 -23.68 54.69 -54.12
CA VAL A 957 -25.09 54.55 -53.77
C VAL A 957 -25.45 55.26 -52.45
N ALA A 958 -26.16 56.38 -52.57
CA ALA A 958 -26.59 57.15 -51.41
C ALA A 958 -27.97 56.74 -50.89
N TYR A 959 -28.13 56.79 -49.58
CA TYR A 959 -29.40 56.52 -48.93
C TYR A 959 -29.83 57.71 -48.06
N ILE A 960 -30.51 58.68 -48.68
CA ILE A 960 -30.95 59.86 -47.96
C ILE A 960 -32.35 59.69 -47.36
N SER A 961 -32.41 59.36 -46.07
CA SER A 961 -33.66 59.31 -45.32
C SER A 961 -34.21 60.71 -45.05
N PHE A 962 -35.53 60.87 -45.06
CA PHE A 962 -36.17 62.16 -44.77
C PHE A 962 -37.63 61.94 -44.36
N TYR A 963 -38.29 62.99 -43.88
CA TYR A 963 -39.70 62.88 -43.49
C TYR A 963 -40.66 63.49 -44.53
N GLU A 964 -41.57 62.67 -45.05
CA GLU A 964 -42.54 63.13 -46.04
C GLU A 964 -43.62 64.01 -45.40
N ALA A 965 -44.11 64.99 -46.14
CA ALA A 965 -45.01 66.01 -45.59
C ALA A 965 -46.36 65.46 -45.12
N GLY A 966 -46.84 64.41 -45.77
CA GLY A 966 -48.21 63.97 -45.59
C GLY A 966 -48.50 63.57 -44.15
N ILE A 967 -47.46 63.13 -43.46
CA ILE A 967 -47.63 62.67 -42.09
C ILE A 967 -48.17 63.77 -41.18
N ILE A 968 -47.79 65.02 -41.43
CA ILE A 968 -48.28 66.10 -40.57
C ILE A 968 -49.79 66.27 -40.71
N THR A 969 -50.32 65.97 -41.90
CA THR A 969 -51.76 66.01 -42.11
C THR A 969 -52.44 64.91 -41.29
N ARG A 970 -51.75 63.79 -41.12
CA ARG A 970 -52.36 62.63 -40.49
C ARG A 970 -52.30 62.67 -38.97
N LEU A 971 -51.17 63.13 -38.44
CA LEU A 971 -51.02 63.28 -37.00
C LEU A 971 -51.87 64.44 -36.46
N ASP A 972 -52.22 65.37 -37.35
CA ASP A 972 -53.16 66.43 -37.00
C ASP A 972 -54.54 65.84 -36.75
N GLN A 973 -54.83 64.71 -37.40
CA GLN A 973 -56.12 64.05 -37.29
C GLN A 973 -56.12 62.81 -36.38
N SER A 974 -54.94 62.31 -36.06
CA SER A 974 -54.80 61.12 -35.22
C SER A 974 -54.78 61.44 -33.71
N THR A 975 -54.69 60.41 -32.89
CA THR A 975 -54.60 60.56 -31.44
C THR A 975 -53.42 59.82 -30.82
N ALA A 976 -53.23 58.55 -31.22
CA ALA A 976 -52.22 57.70 -30.61
C ALA A 976 -50.82 58.08 -31.07
N HIS A 977 -50.25 59.11 -30.45
CA HIS A 977 -48.88 59.50 -30.74
C HIS A 977 -48.16 60.03 -29.51
N LYS A 978 -47.84 59.12 -28.59
CA LYS A 978 -47.12 59.50 -27.37
C LYS A 978 -45.70 59.96 -27.70
N THR A 979 -45.15 59.46 -28.80
CA THR A 979 -43.79 59.78 -29.20
C THR A 979 -43.77 60.90 -30.25
N ILE A 980 -44.36 60.61 -31.41
CA ILE A 980 -44.43 61.58 -32.50
C ILE A 980 -45.43 62.69 -32.19
N ARG A 981 -45.23 63.87 -32.77
CA ARG A 981 -46.09 65.03 -32.50
C ARG A 981 -46.26 65.87 -33.75
N VAL A 982 -46.87 67.03 -33.60
CA VAL A 982 -46.93 68.02 -34.67
C VAL A 982 -46.87 69.44 -34.12
N GLU A 983 -45.78 69.77 -33.43
CA GLU A 983 -45.63 71.11 -32.88
C GLU A 983 -45.43 72.13 -34.00
N GLU A 984 -46.40 73.03 -34.14
CA GLU A 984 -46.37 74.09 -35.15
C GLU A 984 -46.08 73.57 -36.57
N GLY A 985 -46.64 72.41 -36.90
CA GLY A 985 -46.52 71.86 -38.24
C GLY A 985 -45.29 71.02 -38.52
N ARG A 986 -44.42 70.86 -37.53
CA ARG A 986 -43.21 70.05 -37.69
C ARG A 986 -43.23 68.77 -36.86
N LEU A 987 -42.69 67.69 -37.41
CA LEU A 987 -42.56 66.45 -36.66
C LEU A 987 -41.62 66.61 -35.49
N LYS A 988 -41.95 66.00 -34.36
CA LYS A 988 -41.09 66.08 -33.19
C LYS A 988 -40.84 64.69 -32.62
N VAL A 989 -40.10 63.87 -33.35
CA VAL A 989 -39.77 62.52 -32.90
C VAL A 989 -38.87 62.54 -31.65
N ALA A 990 -39.18 61.66 -30.70
CA ALA A 990 -38.44 61.56 -29.44
C ALA A 990 -38.27 62.90 -28.72
N ASN A 991 -37.05 63.16 -28.25
CA ASN A 991 -36.71 64.42 -27.59
C ASN A 991 -36.21 65.49 -28.56
N TYR A 992 -36.13 65.14 -29.83
CA TYR A 992 -35.55 65.99 -30.86
C TYR A 992 -36.40 67.23 -31.15
N VAL A 993 -35.73 68.30 -31.59
CA VAL A 993 -36.41 69.55 -31.91
C VAL A 993 -37.37 69.30 -33.08
N PRO A 994 -38.52 70.01 -33.10
CA PRO A 994 -39.40 69.85 -34.26
C PRO A 994 -38.72 70.26 -35.56
N VAL A 995 -38.99 69.55 -36.65
CA VAL A 995 -38.24 69.70 -37.89
C VAL A 995 -39.11 69.60 -39.13
N ASP A 996 -39.02 70.61 -40.00
CA ASP A 996 -39.90 70.70 -41.17
C ASP A 996 -39.66 69.57 -42.17
N THR A 997 -40.75 69.16 -42.83
CA THR A 997 -40.76 67.97 -43.68
C THR A 997 -40.79 68.29 -45.17
N LEU A 998 -40.12 67.45 -45.95
CA LEU A 998 -40.17 67.52 -47.41
C LEU A 998 -41.46 66.92 -47.96
N VAL A 999 -41.91 67.43 -49.11
CA VAL A 999 -42.97 66.75 -49.86
C VAL A 999 -42.34 65.82 -50.90
N GLU A 1000 -42.85 64.60 -51.02
CA GLU A 1000 -42.25 63.57 -51.87
C GLU A 1000 -42.25 63.94 -53.36
N ALA A 1001 -43.30 64.62 -53.80
CA ALA A 1001 -43.43 64.98 -55.20
C ALA A 1001 -42.39 66.01 -55.66
N ASP A 1002 -42.13 67.00 -54.82
CA ASP A 1002 -41.12 68.01 -55.13
C ASP A 1002 -39.71 67.43 -55.13
N VAL A 1003 -39.46 66.50 -54.22
CA VAL A 1003 -38.16 65.84 -54.13
C VAL A 1003 -37.92 64.96 -55.34
N THR A 1004 -38.93 64.16 -55.71
CA THR A 1004 -38.80 63.32 -56.89
C THR A 1004 -38.67 64.15 -58.18
N LEU A 1005 -39.37 65.29 -58.21
CA LEU A 1005 -39.29 66.18 -59.38
C LEU A 1005 -37.89 66.76 -59.49
N MET A 1006 -37.30 67.06 -58.34
CA MET A 1006 -35.94 67.60 -58.29
C MET A 1006 -34.92 66.57 -58.74
N LEU A 1007 -35.06 65.34 -58.25
CA LEU A 1007 -34.17 64.25 -58.64
C LEU A 1007 -34.29 63.92 -60.12
N ARG A 1008 -35.49 64.06 -60.68
CA ARG A 1008 -35.68 63.90 -62.12
C ARG A 1008 -35.05 65.05 -62.91
N ASP A 1009 -35.09 66.25 -62.36
CA ASP A 1009 -34.40 67.38 -62.99
C ASP A 1009 -32.87 67.20 -62.96
N ILE A 1010 -32.36 66.57 -61.91
CA ILE A 1010 -30.94 66.25 -61.80
C ILE A 1010 -30.50 65.17 -62.79
N GLY A 1011 -31.40 64.25 -63.12
CA GLY A 1011 -31.12 63.19 -64.07
C GLY A 1011 -30.47 61.94 -63.49
N ILE A 1012 -30.22 61.94 -62.19
CA ILE A 1012 -29.68 60.76 -61.50
C ILE A 1012 -30.73 59.66 -61.30
N THR A 1013 -30.30 58.41 -61.36
CA THR A 1013 -31.16 57.27 -61.02
C THR A 1013 -31.55 57.31 -59.55
N HIS A 1014 -32.81 57.00 -59.25
CA HIS A 1014 -33.28 56.94 -57.87
C HIS A 1014 -34.47 56.00 -57.73
N GLU A 1015 -34.82 55.69 -56.49
CA GLU A 1015 -35.91 54.76 -56.19
C GLU A 1015 -36.31 54.94 -54.72
N ILE A 1016 -37.41 55.63 -54.47
CA ILE A 1016 -37.78 56.00 -53.11
C ILE A 1016 -38.41 54.84 -52.32
N ILE A 1017 -37.56 53.92 -51.90
CA ILE A 1017 -37.98 52.76 -51.09
C ILE A 1017 -38.25 53.11 -49.63
N ARG A 1018 -39.16 52.37 -49.01
CA ARG A 1018 -39.32 52.40 -47.57
C ARG A 1018 -39.50 50.97 -47.04
N PRO A 1019 -39.03 50.70 -45.81
CA PRO A 1019 -39.08 49.35 -45.22
C PRO A 1019 -40.49 48.82 -45.05
N SER A 1020 -40.63 47.50 -45.20
CA SER A 1020 -41.92 46.84 -45.21
C SER A 1020 -42.09 45.87 -44.05
N THR A 1021 -43.17 45.10 -44.07
CA THR A 1021 -43.45 44.10 -43.04
C THR A 1021 -42.36 43.04 -42.80
N PRO A 1022 -41.85 42.41 -43.87
CA PRO A 1022 -40.78 41.42 -43.61
C PRO A 1022 -39.57 42.03 -42.92
N GLU A 1023 -39.26 43.29 -43.21
CA GLU A 1023 -38.17 43.99 -42.54
C GLU A 1023 -38.47 44.15 -41.05
N LEU A 1024 -39.72 44.44 -40.73
CA LEU A 1024 -40.15 44.62 -39.36
C LEU A 1024 -39.99 43.31 -38.61
N ILE A 1025 -40.40 42.23 -39.27
CA ILE A 1025 -40.30 40.91 -38.68
C ILE A 1025 -38.84 40.53 -38.48
N ASP A 1026 -37.97 40.97 -39.39
CA ASP A 1026 -36.55 40.65 -39.24
C ASP A 1026 -35.95 41.40 -38.04
N ALA A 1027 -36.35 42.65 -37.87
CA ALA A 1027 -35.84 43.45 -36.76
C ALA A 1027 -36.31 42.87 -35.42
N CYS A 1028 -37.58 42.49 -35.38
CA CYS A 1028 -38.16 41.94 -34.16
C CYS A 1028 -37.61 40.55 -33.82
N SER A 1029 -37.46 39.70 -34.84
CA SER A 1029 -36.92 38.36 -34.62
C SER A 1029 -35.46 38.41 -34.21
N ASN A 1030 -34.71 39.35 -34.77
CA ASN A 1030 -33.29 39.44 -34.50
C ASN A 1030 -32.99 40.08 -33.14
N TYR A 1031 -33.60 41.22 -32.87
CA TYR A 1031 -33.29 41.95 -31.65
C TYR A 1031 -34.02 41.44 -30.40
N GLY A 1032 -34.97 40.53 -30.59
CA GLY A 1032 -35.78 40.06 -29.48
C GLY A 1032 -36.80 41.09 -29.02
N ILE A 1033 -37.34 41.85 -29.97
CA ILE A 1033 -38.25 42.94 -29.62
C ILE A 1033 -39.71 42.72 -29.98
N ARG A 1034 -40.58 42.67 -28.98
CA ARG A 1034 -42.01 42.79 -29.19
C ARG A 1034 -42.37 44.26 -29.49
N LEU A 1035 -43.40 44.49 -30.30
CA LEU A 1035 -43.71 45.85 -30.74
C LEU A 1035 -44.35 46.74 -29.67
N GLY A 1036 -45.37 46.24 -28.99
CA GLY A 1036 -46.16 47.08 -28.11
C GLY A 1036 -47.31 47.73 -28.88
N SER A 1037 -48.31 48.24 -28.17
CA SER A 1037 -49.56 48.66 -28.83
C SER A 1037 -49.50 50.00 -29.53
N THR A 1038 -49.08 51.04 -28.82
CA THR A 1038 -49.07 52.39 -29.35
C THR A 1038 -48.13 52.43 -30.54
N GLY A 1039 -47.05 51.69 -30.41
CA GLY A 1039 -46.08 51.57 -31.47
C GLY A 1039 -46.69 50.80 -32.63
N GLY A 1040 -47.56 49.86 -32.29
CA GLY A 1040 -48.20 49.03 -33.30
C GLY A 1040 -49.12 49.83 -34.18
N ALA A 1041 -49.82 50.79 -33.58
CA ALA A 1041 -50.70 51.65 -34.35
C ALA A 1041 -49.91 52.66 -35.15
N VAL A 1042 -49.01 53.37 -34.49
CA VAL A 1042 -48.29 54.46 -35.15
C VAL A 1042 -47.26 54.03 -36.21
N LEU A 1043 -46.74 52.81 -36.08
CA LEU A 1043 -45.59 52.37 -36.89
C LEU A 1043 -45.81 52.35 -38.40
N ASP A 1044 -47.02 52.06 -38.86
CA ASP A 1044 -47.24 51.99 -40.30
C ASP A 1044 -47.23 53.38 -40.93
N VAL A 1045 -48.02 54.28 -40.36
CA VAL A 1045 -48.10 55.64 -40.88
C VAL A 1045 -46.78 56.37 -40.67
N PHE A 1046 -46.04 55.96 -39.65
CA PHE A 1046 -44.73 56.55 -39.37
C PHE A 1046 -43.69 56.07 -40.37
N ASN A 1047 -43.70 54.75 -40.62
CA ASN A 1047 -42.75 54.14 -41.52
C ASN A 1047 -42.96 54.56 -42.96
N HIS A 1048 -44.22 54.72 -43.35
CA HIS A 1048 -44.52 55.11 -44.73
C HIS A 1048 -44.04 56.53 -45.01
N TYR A 1049 -44.01 57.35 -43.96
CA TYR A 1049 -43.66 58.75 -44.12
C TYR A 1049 -42.27 59.05 -43.62
N SER A 1050 -41.40 58.04 -43.70
CA SER A 1050 -39.96 58.24 -43.63
C SER A 1050 -39.31 57.55 -44.82
N PRO A 1051 -39.51 58.10 -46.02
CA PRO A 1051 -38.99 57.52 -47.27
C PRO A 1051 -37.47 57.51 -47.26
N VAL A 1052 -36.87 56.50 -47.89
CA VAL A 1052 -35.42 56.46 -48.02
C VAL A 1052 -35.03 56.61 -49.48
N ILE A 1053 -34.58 57.81 -49.86
CA ILE A 1053 -34.11 58.04 -51.22
C ILE A 1053 -32.90 57.16 -51.47
N LYS A 1054 -32.90 56.47 -52.62
CA LYS A 1054 -31.81 55.57 -52.96
C LYS A 1054 -31.15 56.01 -54.26
N LEU A 1055 -30.27 57.00 -54.17
CA LEU A 1055 -29.52 57.46 -55.32
C LEU A 1055 -28.51 56.38 -55.74
N VAL A 1056 -28.39 56.14 -57.04
CA VAL A 1056 -27.50 55.08 -57.53
C VAL A 1056 -26.77 55.52 -58.79
N ARG A 1057 -25.49 55.14 -58.88
CA ARG A 1057 -24.69 55.43 -60.06
C ARG A 1057 -23.91 54.19 -60.52
N LYS B 135 -6.50 26.18 76.48
CA LYS B 135 -6.64 25.41 77.73
C LYS B 135 -5.43 25.61 78.63
N VAL B 136 -4.61 24.57 78.79
CA VAL B 136 -3.33 24.70 79.51
C VAL B 136 -2.29 25.48 78.68
N ILE B 137 -1.48 26.28 79.37
CA ILE B 137 -0.44 27.08 78.70
C ILE B 137 0.66 26.21 78.13
N PHE B 138 1.16 26.57 76.96
CA PHE B 138 2.21 25.80 76.30
C PHE B 138 3.09 26.70 75.44
N ASN B 139 4.36 26.81 75.82
CA ASN B 139 5.27 27.68 75.12
C ASN B 139 5.84 27.12 73.82
N GLY B 140 5.67 25.81 73.64
CA GLY B 140 6.13 25.19 72.41
C GLY B 140 5.10 25.28 71.29
N LEU B 141 5.51 24.92 70.09
CA LEU B 141 4.56 24.69 69.02
C LEU B 141 3.74 23.46 69.38
N ASP B 142 2.42 23.59 69.43
CA ASP B 142 1.56 22.48 69.84
C ASP B 142 1.28 21.55 68.67
N VAL B 143 2.28 20.75 68.33
CA VAL B 143 2.23 19.87 67.18
C VAL B 143 1.12 18.83 67.34
N ASN B 144 0.45 18.50 66.23
CA ASN B 144 -0.62 17.51 66.28
C ASN B 144 -0.83 16.69 64.99
N THR B 145 0.13 16.75 64.08
CA THR B 145 0.12 15.90 62.88
C THR B 145 1.55 15.57 62.44
N GLU B 146 1.70 14.59 61.55
CA GLU B 146 2.99 14.28 60.96
C GLU B 146 2.85 14.07 59.46
N VAL B 147 3.45 14.95 58.67
CA VAL B 147 3.55 14.69 57.24
C VAL B 147 4.54 13.58 56.89
N GLN B 148 4.15 12.75 55.94
CA GLN B 148 5.07 11.80 55.33
C GLN B 148 5.96 12.57 54.37
N PRO B 149 7.16 12.05 54.09
CA PRO B 149 7.88 12.58 52.94
C PRO B 149 7.07 12.29 51.68
N LEU B 150 7.12 13.21 50.71
CA LEU B 150 6.25 13.07 49.54
C LEU B 150 6.81 12.10 48.51
N SER B 151 8.05 11.70 48.68
CA SER B 151 8.68 10.77 47.76
C SER B 151 9.80 9.98 48.43
N ASP B 152 9.86 8.68 48.18
CA ASP B 152 10.93 7.85 48.69
C ASP B 152 12.00 7.74 47.61
N ASP B 153 12.48 8.90 47.17
CA ASP B 153 13.41 8.96 46.05
C ASP B 153 14.76 8.28 46.35
N PHE B 154 15.20 8.33 47.60
CA PHE B 154 16.60 8.00 47.88
C PHE B 154 16.86 6.88 48.90
N LYS B 155 17.53 5.84 48.43
CA LYS B 155 18.15 4.84 49.30
C LYS B 155 19.35 5.51 49.93
N GLN B 156 19.66 5.19 51.18
CA GLN B 156 20.69 5.92 51.91
C GLN B 156 21.81 5.05 52.49
N ILE B 157 22.63 4.52 51.60
CA ILE B 157 23.78 3.70 51.98
C ILE B 157 24.85 4.53 52.68
N SER B 158 25.69 3.87 53.48
CA SER B 158 26.72 4.59 54.24
C SER B 158 28.11 4.60 53.63
N ASP B 159 28.61 3.43 53.21
CA ASP B 159 29.98 3.34 52.70
C ASP B 159 29.98 2.64 51.35
N PRO B 160 29.66 3.39 50.30
CA PRO B 160 29.14 2.92 49.00
C PRO B 160 30.04 1.97 48.22
N LYS B 161 29.43 0.98 47.56
CA LYS B 161 30.16 0.07 46.67
C LYS B 161 30.25 0.63 45.26
N GLY B 162 31.34 0.34 44.58
CA GLY B 162 31.55 0.83 43.22
C GLY B 162 30.88 -0.01 42.15
N TYR B 163 30.95 0.42 40.91
CA TYR B 163 30.50 -0.43 39.81
C TYR B 163 31.64 -1.33 39.32
N LEU B 164 32.85 -1.02 39.77
CA LEU B 164 34.06 -1.72 39.37
C LEU B 164 34.94 -1.99 40.59
N THR B 165 35.88 -2.90 40.43
CA THR B 165 36.92 -3.16 41.41
C THR B 165 38.13 -3.77 40.72
N TYR B 166 39.28 -3.67 41.36
CA TYR B 166 40.41 -4.51 41.03
C TYR B 166 40.13 -5.94 41.51
N SER B 167 40.54 -6.92 40.70
CA SER B 167 40.51 -8.31 41.13
C SER B 167 41.83 -8.93 40.73
N VAL B 168 42.38 -9.76 41.59
CA VAL B 168 43.77 -10.14 41.47
C VAL B 168 44.04 -11.63 41.51
N LYS B 169 44.75 -12.12 40.48
CA LYS B 169 45.27 -13.48 40.50
C LYS B 169 46.73 -13.46 40.95
N TYR B 170 47.02 -14.21 42.01
CA TYR B 170 48.39 -14.34 42.52
C TYR B 170 49.03 -15.62 42.04
N GLU B 171 50.34 -15.60 41.87
CA GLU B 171 51.09 -16.81 41.56
C GLU B 171 51.57 -17.38 42.87
N ASP B 172 50.94 -18.48 43.30
CA ASP B 172 51.11 -19.00 44.65
C ASP B 172 52.56 -19.34 44.97
N GLN B 173 53.34 -19.67 43.95
CA GLN B 173 54.74 -20.03 44.14
C GLN B 173 55.61 -18.89 44.68
N PHE B 174 55.26 -17.64 44.36
CA PHE B 174 55.98 -16.50 44.93
C PHE B 174 55.23 -15.81 46.06
N THR B 175 53.92 -16.02 46.12
CA THR B 175 53.10 -15.40 47.16
C THR B 175 53.49 -15.92 48.53
N LYS B 176 53.63 -15.02 49.50
CA LYS B 176 53.68 -15.42 50.89
C LYS B 176 52.24 -15.39 51.37
N LYS B 177 51.77 -16.49 51.96
CA LYS B 177 50.40 -16.57 52.41
C LYS B 177 50.14 -15.58 53.54
N ASP B 178 51.19 -15.28 54.30
CA ASP B 178 51.07 -14.44 55.48
C ASP B 178 50.67 -13.00 55.16
N LYS B 179 49.82 -12.44 56.02
CA LYS B 179 49.36 -11.07 55.86
C LYS B 179 50.48 -10.06 56.08
N LEU B 180 50.56 -9.04 55.22
CA LEU B 180 51.52 -7.96 55.39
C LEU B 180 51.09 -7.06 56.55
N ARG B 181 52.07 -6.53 57.28
CA ARG B 181 51.76 -5.66 58.41
C ARG B 181 52.72 -4.48 58.54
N ALA B 182 52.16 -3.33 58.90
CA ALA B 182 52.94 -2.12 59.16
C ALA B 182 52.52 -1.59 60.53
N SER B 183 52.85 -0.34 60.80
CA SER B 183 52.40 0.33 62.02
C SER B 183 50.88 0.34 61.96
N GLU B 184 50.23 0.25 63.11
CA GLU B 184 48.80 -0.03 63.14
C GLU B 184 47.97 1.01 62.39
N ALA B 185 48.38 2.27 62.43
CA ALA B 185 47.60 3.33 61.77
C ALA B 185 47.77 3.25 60.24
N ASP B 186 49.02 3.15 59.84
CA ASP B 186 49.37 3.09 58.43
C ASP B 186 48.82 1.79 57.84
N ASP B 187 48.54 0.81 58.69
CA ASP B 187 47.91 -0.44 58.21
C ASP B 187 46.40 -0.24 58.14
N ARG B 188 45.86 0.58 59.03
CA ARG B 188 44.44 0.89 58.98
C ARG B 188 44.10 1.59 57.68
N ILE B 189 45.06 2.30 57.10
CA ILE B 189 44.83 2.90 55.78
C ILE B 189 45.42 2.07 54.62
N VAL B 190 46.74 2.02 54.57
CA VAL B 190 47.49 1.36 53.50
C VAL B 190 47.20 -0.15 53.44
N GLY B 191 46.71 -0.70 54.54
CA GLY B 191 46.63 -2.13 54.71
C GLY B 191 45.83 -2.99 53.74
N PRO B 192 44.54 -2.65 53.49
CA PRO B 192 43.79 -3.48 52.55
C PRO B 192 44.46 -3.52 51.17
N THR B 193 45.09 -2.42 50.80
CA THR B 193 45.75 -2.27 49.51
C THR B 193 46.97 -3.16 49.35
N VAL B 194 47.87 -3.16 50.33
CA VAL B 194 49.08 -3.95 50.20
C VAL B 194 48.80 -5.45 50.21
N ASN B 195 47.71 -5.86 50.85
CA ASN B 195 47.24 -7.24 50.72
C ASN B 195 46.70 -7.63 49.35
N LEU B 196 46.07 -6.69 48.65
CA LEU B 196 45.53 -6.98 47.34
C LEU B 196 46.62 -6.98 46.30
N PHE B 197 47.55 -6.04 46.42
CA PHE B 197 48.70 -6.03 45.52
C PHE B 197 49.91 -6.57 46.25
N LYS B 198 49.72 -7.71 46.91
CA LYS B 198 50.78 -8.34 47.69
C LYS B 198 51.84 -8.81 46.74
N TYR B 199 53.05 -8.97 47.25
CA TYR B 199 54.13 -9.43 46.40
C TYR B 199 53.69 -10.76 45.82
N GLY B 200 53.86 -10.92 44.51
CA GLY B 200 53.52 -12.16 43.86
C GLY B 200 52.20 -12.19 43.13
N ALA B 201 51.50 -11.06 43.06
CA ALA B 201 50.33 -10.97 42.20
C ALA B 201 50.77 -11.17 40.76
N ALA B 202 50.07 -12.03 40.03
CA ALA B 202 50.42 -12.27 38.66
C ALA B 202 49.70 -11.28 37.76
N VAL B 203 48.42 -11.06 38.04
CA VAL B 203 47.63 -10.10 37.27
C VAL B 203 46.62 -9.37 38.10
N VAL B 204 46.51 -8.08 37.86
CA VAL B 204 45.44 -7.27 38.43
C VAL B 204 44.59 -6.72 37.31
N ASN B 205 43.35 -7.20 37.28
CA ASN B 205 42.34 -6.77 36.31
C ASN B 205 41.34 -5.81 36.94
N ILE B 206 40.61 -5.10 36.08
CA ILE B 206 39.49 -4.28 36.54
C ILE B 206 38.18 -4.83 35.99
N ASP B 207 37.25 -5.11 36.90
CA ASP B 207 36.06 -5.83 36.51
C ASP B 207 34.86 -5.24 37.21
N LEU B 208 33.67 -5.49 36.66
CA LEU B 208 32.42 -5.03 37.28
C LEU B 208 32.31 -5.63 38.68
N ASN B 209 31.94 -4.81 39.65
CA ASN B 209 31.91 -5.27 41.03
C ASN B 209 30.75 -6.22 41.27
N ARG B 210 31.06 -7.47 41.58
CA ARG B 210 30.02 -8.48 41.83
C ARG B 210 29.23 -8.18 43.08
N ASP B 211 29.86 -7.55 44.06
CA ASP B 211 29.14 -7.24 45.30
C ASP B 211 28.08 -6.16 45.08
N PHE B 212 28.25 -5.33 44.06
CA PHE B 212 27.20 -4.38 43.68
C PHE B 212 26.21 -4.97 42.68
N PHE B 213 26.74 -5.53 41.59
CA PHE B 213 25.94 -6.25 40.61
C PHE B 213 25.74 -7.68 41.05
N ASP B 214 24.97 -7.86 42.12
CA ASP B 214 24.76 -9.16 42.73
C ASP B 214 23.83 -10.02 41.89
N THR B 215 23.73 -11.30 42.25
CA THR B 215 22.86 -12.24 41.57
C THR B 215 21.41 -11.80 41.67
N ALA B 216 21.11 -10.98 42.68
CA ALA B 216 19.78 -10.42 42.88
C ALA B 216 19.38 -9.49 41.72
N THR B 217 20.37 -8.93 41.03
CA THR B 217 20.11 -8.14 39.84
C THR B 217 20.05 -9.00 38.57
N GLY B 218 20.16 -10.32 38.75
CA GLY B 218 20.06 -11.24 37.63
C GLY B 218 21.36 -11.45 36.87
N ILE B 219 22.42 -10.78 37.30
CA ILE B 219 23.69 -10.82 36.58
C ILE B 219 24.62 -11.91 37.09
N ASP B 220 25.24 -12.64 36.16
CA ASP B 220 26.20 -13.70 36.50
C ASP B 220 27.59 -13.29 36.04
N LEU B 221 28.40 -12.80 36.96
CA LEU B 221 29.67 -12.16 36.61
C LEU B 221 30.92 -13.05 36.60
N THR B 222 30.76 -14.35 36.82
CA THR B 222 31.91 -15.24 37.00
C THR B 222 32.86 -15.30 35.81
N LYS B 223 32.34 -15.03 34.62
CA LYS B 223 33.13 -15.19 33.39
C LYS B 223 33.78 -13.90 32.87
N GLY B 224 33.72 -12.85 33.65
CA GLY B 224 34.32 -11.58 33.24
C GLY B 224 33.40 -10.69 32.42
N ILE B 225 32.18 -11.16 32.16
CA ILE B 225 31.16 -10.33 31.54
C ILE B 225 29.81 -10.53 32.23
N PRO B 226 28.92 -9.50 32.18
CA PRO B 226 27.56 -9.68 32.68
C PRO B 226 26.79 -10.69 31.84
N LEU B 227 25.92 -11.49 32.45
CA LEU B 227 25.17 -12.50 31.70
C LEU B 227 23.81 -12.80 32.33
N VAL B 228 22.79 -12.06 31.91
CA VAL B 228 21.40 -12.34 32.32
C VAL B 228 20.84 -13.52 31.54
N GLN B 229 19.92 -14.27 32.14
CA GLN B 229 19.52 -15.57 31.60
C GLN B 229 18.47 -15.62 30.48
N ASP B 230 17.38 -14.90 30.63
CA ASP B 230 16.28 -15.01 29.68
C ASP B 230 15.68 -13.66 29.37
N LEU B 231 16.53 -12.74 28.91
CA LEU B 231 16.08 -11.39 28.60
C LEU B 231 15.91 -11.28 27.10
N LEU B 232 17.00 -11.03 26.40
CA LEU B 232 16.94 -10.85 24.95
C LEU B 232 17.30 -12.10 24.15
N VAL B 233 16.61 -13.20 24.42
CA VAL B 233 16.87 -14.45 23.71
C VAL B 233 16.40 -14.42 22.26
N PRO B 234 17.27 -14.88 21.33
CA PRO B 234 16.96 -15.16 19.93
C PRO B 234 15.96 -16.29 19.79
N ILE B 235 15.11 -16.24 18.78
CA ILE B 235 14.22 -17.34 18.50
C ILE B 235 14.60 -17.98 17.17
N GLY B 236 14.16 -19.20 16.95
CA GLY B 236 14.38 -19.88 15.68
C GLY B 236 15.73 -20.53 15.59
N VAL B 237 16.46 -20.53 16.70
CA VAL B 237 17.84 -21.03 16.71
C VAL B 237 18.00 -22.39 17.39
N THR B 238 19.16 -23.01 17.13
CA THR B 238 19.56 -24.25 17.79
C THR B 238 19.74 -23.99 19.28
N ALA B 239 19.61 -25.04 20.09
CA ALA B 239 19.42 -24.86 21.53
C ALA B 239 20.55 -24.10 22.26
N GLY B 240 21.79 -24.25 21.81
CA GLY B 240 22.90 -23.58 22.46
C GLY B 240 23.19 -22.16 21.99
N ALA B 241 22.41 -21.68 21.01
CA ALA B 241 22.70 -20.39 20.37
C ALA B 241 22.21 -19.18 21.15
N GLU B 242 21.45 -19.41 22.21
CA GLU B 242 20.97 -18.31 23.01
C GLU B 242 22.11 -17.54 23.73
N GLN B 243 23.20 -18.22 24.04
CA GLN B 243 24.17 -17.77 25.04
C GLN B 243 24.85 -16.43 24.80
N SER B 244 25.19 -16.13 23.54
CA SER B 244 25.88 -14.87 23.24
C SER B 244 24.97 -13.70 23.61
N ALA B 245 23.67 -13.91 23.45
CA ALA B 245 22.70 -12.88 23.76
C ALA B 245 22.70 -12.53 25.24
N GLU B 246 23.08 -13.50 26.07
CA GLU B 246 23.11 -13.31 27.52
C GLU B 246 24.11 -12.21 27.84
N TYR B 247 25.02 -11.92 26.91
CA TYR B 247 25.92 -10.79 27.10
C TYR B 247 25.22 -9.46 26.88
N VAL B 248 24.49 -9.33 25.76
CA VAL B 248 23.84 -8.06 25.43
C VAL B 248 22.90 -7.67 26.55
N SER B 249 22.05 -8.62 26.92
CA SER B 249 21.10 -8.44 28.00
C SER B 249 21.79 -8.15 29.31
N GLY B 250 22.97 -8.74 29.51
CA GLY B 250 23.72 -8.50 30.73
C GLY B 250 24.00 -7.02 30.80
N LEU B 251 24.47 -6.45 29.69
CA LEU B 251 24.82 -5.05 29.68
C LEU B 251 23.58 -4.24 30.00
N LEU B 252 22.44 -4.69 29.48
CA LEU B 252 21.20 -3.96 29.69
C LEU B 252 20.94 -3.88 31.18
N MET B 253 21.00 -5.02 31.86
CA MET B 253 20.68 -5.01 33.28
C MET B 253 21.69 -4.17 34.05
N VAL B 254 22.94 -4.18 33.59
CA VAL B 254 23.95 -3.34 34.23
C VAL B 254 23.47 -1.89 34.14
N LEU B 255 23.11 -1.48 32.93
CA LEU B 255 22.66 -0.13 32.71
C LEU B 255 21.44 0.18 33.56
N PHE B 256 20.58 -0.80 33.73
CA PHE B 256 19.32 -0.58 34.42
C PHE B 256 19.64 -0.33 35.88
N LYS B 257 20.53 -1.16 36.41
CA LYS B 257 20.93 -1.07 37.80
C LYS B 257 21.70 0.24 38.03
N VAL B 258 22.29 0.80 36.96
CA VAL B 258 22.94 2.09 37.06
C VAL B 258 21.90 3.21 37.00
N MET B 259 20.90 3.03 36.14
CA MET B 259 19.87 4.05 35.97
C MET B 259 19.01 4.14 37.23
N THR B 260 18.94 3.03 37.94
CA THR B 260 18.15 2.97 39.16
C THR B 260 18.98 3.04 40.45
N ASP B 261 20.27 3.35 40.34
CA ASP B 261 21.10 3.54 41.53
C ASP B 261 20.77 4.90 42.14
N ASN B 262 19.79 4.89 43.03
CA ASN B 262 19.36 6.10 43.73
C ASN B 262 19.94 6.17 45.13
N ARG B 263 21.15 5.62 45.28
CA ARG B 263 21.88 5.71 46.52
C ARG B 263 22.31 7.14 46.82
N LEU B 264 22.33 7.48 48.10
CA LEU B 264 22.62 8.83 48.54
C LEU B 264 23.51 8.73 49.77
N VAL B 265 24.81 8.90 49.58
CA VAL B 265 25.79 8.63 50.63
C VAL B 265 25.70 9.53 51.86
N ILE B 266 25.76 8.90 53.02
CA ILE B 266 25.76 9.56 54.30
C ILE B 266 27.08 9.16 54.94
N VAL B 267 27.72 10.09 55.66
CA VAL B 267 29.05 9.81 56.18
C VAL B 267 29.02 8.62 57.14
N GLY B 268 29.95 7.69 56.93
CA GLY B 268 29.93 6.43 57.65
C GLY B 268 30.83 6.50 58.86
N GLU B 269 31.28 5.34 59.33
CA GLU B 269 32.31 5.30 60.35
C GLU B 269 33.53 5.92 59.70
N THR B 270 34.20 6.82 60.43
CA THR B 270 35.33 7.60 59.89
C THR B 270 36.37 7.91 60.96
N THR B 271 37.49 7.18 60.96
CA THR B 271 38.57 7.51 61.90
C THR B 271 39.43 8.73 61.49
N THR B 272 39.94 9.44 62.49
CA THR B 272 40.76 10.64 62.29
C THR B 272 42.05 10.50 63.07
N PRO B 273 43.06 9.85 62.47
CA PRO B 273 44.30 9.51 63.19
C PRO B 273 45.06 10.73 63.68
N MET B 274 45.70 10.65 64.85
CA MET B 274 46.61 11.70 65.28
C MET B 274 47.71 11.63 64.23
N SER B 275 48.14 12.79 63.73
CA SER B 275 48.99 12.82 62.54
C SER B 275 50.35 12.16 62.74
N ASN B 276 50.89 12.28 63.95
CA ASN B 276 52.25 11.83 64.21
C ASN B 276 52.45 10.32 64.05
N THR B 277 51.35 9.58 64.07
CA THR B 277 51.41 8.12 63.91
C THR B 277 51.57 7.69 62.45
N LEU B 278 51.32 8.60 61.52
CA LEU B 278 51.40 8.25 60.10
C LEU B 278 52.76 8.60 59.51
N SER B 279 53.29 7.69 58.70
CA SER B 279 54.48 7.97 57.90
C SER B 279 54.15 9.08 56.93
N THR B 280 55.10 9.96 56.67
CA THR B 280 54.81 11.21 55.98
C THR B 280 54.27 10.92 54.60
N VAL B 281 54.64 9.78 54.05
CA VAL B 281 54.15 9.40 52.73
C VAL B 281 52.63 9.21 52.73
N VAL B 282 52.07 8.86 53.89
CA VAL B 282 50.62 8.76 54.06
C VAL B 282 49.99 10.11 54.45
N ASN B 283 50.75 10.90 55.20
CA ASN B 283 50.29 12.21 55.60
C ASN B 283 50.05 13.16 54.44
N ASN B 284 50.86 13.05 53.40
CA ASN B 284 50.69 13.91 52.23
C ASN B 284 49.43 13.54 51.48
N VAL B 285 49.03 12.29 51.61
CA VAL B 285 47.80 11.79 51.03
C VAL B 285 46.57 12.09 51.91
N LEU B 286 46.68 11.83 53.20
CA LEU B 286 45.55 11.93 54.11
C LEU B 286 45.04 13.36 54.26
N ARG B 287 43.73 13.49 54.20
CA ARG B 287 43.08 14.78 54.32
C ARG B 287 42.18 14.75 55.54
N THR B 288 42.81 14.85 56.71
CA THR B 288 42.13 14.84 58.02
C THR B 288 41.46 13.52 58.42
N THR B 289 40.45 13.11 57.68
CA THR B 289 39.69 11.94 58.09
C THR B 289 39.18 11.09 56.93
N TYR B 290 39.62 9.83 56.93
CA TYR B 290 39.15 8.84 55.97
C TYR B 290 38.00 8.03 56.55
N HIS B 291 37.29 7.32 55.69
CA HIS B 291 36.34 6.30 56.13
C HIS B 291 37.07 5.04 56.58
N ASN B 292 36.52 4.34 57.57
CA ASN B 292 37.15 3.12 58.05
C ASN B 292 37.20 2.06 56.97
N ASN B 293 36.19 2.03 56.12
CA ASN B 293 36.19 1.14 54.96
C ASN B 293 36.98 1.80 53.84
N VAL B 294 38.30 1.73 53.96
CA VAL B 294 39.20 2.54 53.16
C VAL B 294 39.12 2.26 51.67
N GLY B 295 38.90 0.99 51.31
CA GLY B 295 38.98 0.56 49.93
C GLY B 295 40.41 0.36 49.47
N VAL B 296 40.61 0.18 48.16
CA VAL B 296 41.92 -0.14 47.65
C VAL B 296 42.36 0.87 46.60
N ASN B 297 43.62 1.28 46.67
CA ASN B 297 44.19 2.07 45.59
C ASN B 297 45.69 1.94 45.48
N PRO B 298 46.19 1.76 44.24
CA PRO B 298 47.61 1.53 43.94
C PRO B 298 48.49 2.65 44.49
N ALA B 299 47.95 3.86 44.55
CA ALA B 299 48.73 5.01 45.01
C ALA B 299 49.18 4.82 46.46
N LEU B 300 48.46 4.02 47.21
CA LEU B 300 48.84 3.74 48.59
C LEU B 300 50.02 2.77 48.71
N LEU B 301 50.37 2.11 47.61
CA LEU B 301 51.49 1.18 47.61
C LEU B 301 52.80 1.92 47.70
N ARG B 302 52.77 3.23 47.51
CA ARG B 302 53.97 4.04 47.49
C ARG B 302 54.73 3.86 48.79
N ASP B 303 56.04 3.63 48.68
CA ASP B 303 56.90 3.37 49.83
C ASP B 303 56.36 2.31 50.81
N PHE B 304 55.69 1.30 50.27
CA PHE B 304 55.18 0.17 51.07
C PHE B 304 55.30 -1.16 50.35
N THR B 305 55.10 -1.14 49.04
CA THR B 305 55.33 -2.34 48.22
C THR B 305 56.82 -2.69 48.22
N GLN B 306 57.12 -3.98 48.36
CA GLN B 306 58.51 -4.46 48.35
C GLN B 306 59.10 -4.33 46.95
N VAL B 307 58.24 -4.49 45.95
CA VAL B 307 58.61 -4.47 44.56
C VAL B 307 59.22 -3.11 44.17
N ASN B 308 60.37 -3.12 43.52
CA ASN B 308 61.07 -1.86 43.33
C ASN B 308 60.58 -1.04 42.16
N TRP B 309 60.42 -1.69 41.01
CA TRP B 309 60.04 -0.96 39.81
C TRP B 309 58.64 -0.37 39.95
N LEU B 310 57.80 -1.07 40.68
CA LEU B 310 56.42 -0.63 40.89
C LEU B 310 56.43 0.63 41.72
N ASN B 311 57.26 0.61 42.75
CA ASN B 311 57.39 1.74 43.66
C ASN B 311 57.98 2.96 42.95
N ARG B 312 58.89 2.71 42.02
CA ARG B 312 59.51 3.81 41.29
C ARG B 312 58.55 4.40 40.29
N ASP B 313 57.80 3.55 39.60
CA ASP B 313 56.83 4.02 38.61
C ASP B 313 55.68 4.77 39.28
N ILE B 314 55.21 4.25 40.40
CA ILE B 314 54.12 4.89 41.14
C ILE B 314 54.55 6.20 41.77
N THR B 315 55.76 6.22 42.33
CA THR B 315 56.30 7.46 42.89
C THR B 315 56.47 8.49 41.77
N ASN B 316 56.76 8.01 40.56
CA ASN B 316 56.92 8.91 39.43
C ASN B 316 55.59 9.50 39.03
N MET B 317 54.58 8.63 38.91
CA MET B 317 53.24 9.09 38.53
C MET B 317 52.64 10.02 39.55
N LEU B 318 53.02 9.87 40.82
CA LEU B 318 52.51 10.77 41.85
C LEU B 318 53.29 12.07 41.89
N GLN B 319 54.58 12.02 41.58
CA GLN B 319 55.40 13.24 41.58
C GLN B 319 55.19 14.10 40.34
N GLN B 320 54.50 13.53 39.36
CA GLN B 320 54.09 14.27 38.17
C GLN B 320 53.11 15.38 38.53
N ALA B 321 53.19 16.51 37.84
CA ALA B 321 52.30 17.64 38.09
C ALA B 321 50.84 17.32 37.78
N GLY B 322 50.62 16.45 36.81
CA GLY B 322 49.29 16.28 36.26
C GLY B 322 48.40 15.43 37.13
N THR B 323 48.96 14.86 38.18
CA THR B 323 48.19 13.95 39.04
C THR B 323 48.55 14.07 40.52
N LYS B 324 47.60 13.67 41.37
CA LYS B 324 47.74 13.86 42.80
C LYS B 324 46.73 13.02 43.55
N TYR B 325 47.18 11.95 44.17
CA TYR B 325 46.30 11.12 44.98
C TYR B 325 45.99 11.78 46.32
N GLY B 326 44.80 11.50 46.83
CA GLY B 326 44.31 12.06 48.08
C GLY B 326 43.18 11.23 48.63
N LEU B 327 43.15 11.13 49.95
CA LEU B 327 42.17 10.31 50.63
C LEU B 327 41.61 11.07 51.85
N GLY B 328 40.31 10.93 52.08
CA GLY B 328 39.66 11.66 53.16
C GLY B 328 39.02 12.99 52.82
N LEU B 329 38.61 13.69 53.87
CA LEU B 329 37.73 14.86 53.81
C LEU B 329 38.33 16.06 53.10
N THR B 330 38.05 16.18 51.80
CA THR B 330 38.55 17.29 51.02
C THR B 330 37.80 18.60 51.28
N GLU B 331 36.47 18.56 51.32
CA GLU B 331 35.71 19.81 51.37
C GLU B 331 34.53 19.79 52.35
N THR B 332 34.05 20.96 52.73
CA THR B 332 32.95 21.07 53.72
C THR B 332 32.01 22.24 53.44
N ARG B 333 30.72 21.99 53.57
CA ARG B 333 29.71 23.04 53.46
C ARG B 333 28.88 23.12 54.73
N LEU B 334 29.08 24.22 55.48
CA LEU B 334 28.26 24.57 56.67
C LEU B 334 26.91 25.22 56.33
N ASP B 335 25.95 25.14 57.26
CA ASP B 335 24.67 25.85 57.12
C ASP B 335 24.91 27.33 57.28
N TYR B 336 24.09 28.13 56.60
CA TYR B 336 24.23 29.59 56.73
C TYR B 336 23.71 30.12 58.05
N VAL B 337 22.72 29.45 58.62
CA VAL B 337 22.12 29.92 59.85
C VAL B 337 22.61 29.12 61.06
N ARG B 338 22.47 27.81 60.98
CA ARG B 338 22.85 26.93 62.07
C ARG B 338 24.36 26.86 62.31
N LEU B 339 25.13 27.10 61.25
CA LEU B 339 26.60 27.05 61.26
C LEU B 339 27.23 25.64 61.29
N VAL B 340 26.44 24.63 61.62
CA VAL B 340 26.94 23.25 61.60
C VAL B 340 27.23 22.78 60.17
N LYS B 341 28.22 21.90 60.01
CA LYS B 341 28.55 21.38 58.69
C LYS B 341 27.40 20.54 58.16
N THR B 342 27.16 20.61 56.86
CA THR B 342 26.08 19.84 56.24
C THR B 342 26.58 18.90 55.14
N ILE B 343 27.16 19.46 54.09
CA ILE B 343 27.55 18.59 52.97
C ILE B 343 29.07 18.58 52.76
N VAL B 344 29.67 17.44 53.06
CA VAL B 344 31.11 17.33 52.99
C VAL B 344 31.57 16.38 51.88
N GLY B 345 32.61 16.76 51.16
CA GLY B 345 33.15 15.94 50.10
C GLY B 345 34.38 15.18 50.58
N HIS B 346 34.24 13.86 50.61
CA HIS B 346 35.32 12.96 50.96
C HIS B 346 35.97 12.39 49.72
N ALA B 347 37.28 12.20 49.74
CA ALA B 347 37.94 11.51 48.65
C ALA B 347 37.99 10.01 48.96
N LEU B 348 37.06 9.27 48.38
CA LEU B 348 36.98 7.81 48.55
C LEU B 348 37.82 7.03 47.54
N ASN B 349 38.10 5.77 47.86
CA ASN B 349 38.61 4.82 46.87
C ASN B 349 37.45 4.15 46.17
N ILE B 350 37.02 4.71 45.05
CA ILE B 350 35.82 4.23 44.38
C ILE B 350 35.85 4.60 42.89
N ASP B 351 35.29 3.73 42.04
CA ASP B 351 35.25 3.96 40.59
C ASP B 351 34.50 5.26 40.33
N HIS B 352 34.92 5.99 39.30
CA HIS B 352 34.36 7.32 39.10
C HIS B 352 32.96 7.27 38.52
N PHE B 353 32.53 6.11 38.05
CA PHE B 353 31.16 5.97 37.58
C PHE B 353 30.19 6.02 38.76
N ALA B 354 30.47 5.21 39.78
CA ALA B 354 29.61 5.20 40.95
C ALA B 354 29.68 6.54 41.65
N ALA B 355 30.85 7.17 41.65
CA ALA B 355 30.99 8.46 42.29
C ALA B 355 30.19 9.50 41.53
N SER B 356 30.22 9.41 40.21
CA SER B 356 29.52 10.38 39.37
C SER B 356 28.02 10.29 39.59
N VAL B 357 27.51 9.06 39.62
CA VAL B 357 26.09 8.84 39.88
C VAL B 357 25.67 9.28 41.29
N LEU B 358 26.48 8.95 42.30
CA LEU B 358 26.13 9.26 43.67
C LEU B 358 26.09 10.78 43.84
N ASN B 359 27.03 11.42 43.18
CA ASN B 359 27.10 12.86 43.17
C ASN B 359 25.92 13.50 42.45
N ILE B 360 25.41 12.80 41.43
CA ILE B 360 24.22 13.26 40.73
C ILE B 360 22.99 13.22 41.64
N ASN B 361 22.91 12.18 42.45
CA ASN B 361 21.78 12.06 43.38
C ASN B 361 21.80 13.20 44.38
N LEU B 362 22.97 13.37 45.00
CA LEU B 362 23.15 14.38 46.04
C LEU B 362 22.94 15.76 45.46
N ARG B 363 23.34 15.94 44.21
CA ARG B 363 23.25 17.24 43.57
C ARG B 363 21.78 17.56 43.33
N ALA B 364 21.01 16.57 42.92
CA ALA B 364 19.59 16.81 42.65
C ALA B 364 18.88 17.15 43.95
N LEU B 365 19.25 16.45 45.00
CA LEU B 365 18.65 16.65 46.32
C LEU B 365 18.99 18.01 46.92
N MET B 366 20.20 18.47 46.66
CA MET B 366 20.71 19.69 47.28
C MET B 366 20.34 20.95 46.51
N GLU B 367 20.42 20.89 45.19
CA GLU B 367 20.18 22.07 44.37
C GLU B 367 18.69 22.37 44.15
N ALA B 368 17.83 21.43 44.53
CA ALA B 368 16.38 21.60 44.42
C ALA B 368 15.84 22.75 45.27
N ASN B 369 16.54 23.04 46.35
CA ASN B 369 16.16 24.12 47.25
C ASN B 369 14.77 23.99 47.86
N VAL B 370 14.26 22.76 47.97
CA VAL B 370 13.04 22.59 48.75
C VAL B 370 13.33 21.84 50.04
N THR B 371 12.66 22.28 51.10
CA THR B 371 12.79 21.67 52.40
C THR B 371 11.55 20.83 52.71
N ALA B 372 11.44 20.37 53.96
CA ALA B 372 10.28 19.60 54.35
C ALA B 372 9.11 20.53 54.69
N ASP B 373 9.38 21.83 54.81
CA ASP B 373 8.33 22.81 55.03
C ASP B 373 7.40 22.91 53.81
N ASP B 374 7.97 22.68 52.62
CA ASP B 374 7.21 22.71 51.38
C ASP B 374 6.13 21.61 51.37
N ARG B 375 6.32 20.59 52.20
CA ARG B 375 5.32 19.55 52.38
C ARG B 375 3.96 20.09 52.85
N ILE B 376 3.95 21.19 53.58
CA ILE B 376 2.66 21.74 54.02
C ILE B 376 1.83 22.14 52.80
N LYS B 377 2.51 22.48 51.71
CA LYS B 377 1.78 22.83 50.48
C LYS B 377 0.96 21.66 49.95
N ALA B 378 1.38 20.44 50.25
CA ALA B 378 0.56 19.28 49.95
C ALA B 378 -0.60 19.18 50.94
N LEU B 379 -0.33 19.40 52.23
CA LEU B 379 -1.39 19.30 53.23
C LEU B 379 -2.45 20.34 53.02
N GLN B 380 -2.03 21.49 52.52
CA GLN B 380 -2.98 22.54 52.19
C GLN B 380 -3.89 22.16 51.03
N ALA B 381 -3.42 21.27 50.17
CA ALA B 381 -4.22 20.80 49.06
C ALA B 381 -5.14 19.65 49.41
N HIS B 382 -4.96 19.09 50.59
CA HIS B 382 -5.70 17.92 51.00
C HIS B 382 -6.42 18.17 52.31
N SER B 383 -6.69 19.44 52.58
CA SER B 383 -7.39 19.85 53.77
C SER B 383 -8.15 21.12 53.46
N MET B 384 -9.23 21.38 54.20
CA MET B 384 -10.23 22.36 53.80
C MET B 384 -9.65 23.74 53.64
N ILE B 385 -10.22 24.51 52.72
CA ILE B 385 -9.66 25.80 52.36
C ILE B 385 -9.53 26.65 53.61
N SER B 386 -8.45 27.43 53.66
CA SER B 386 -8.13 28.25 54.82
C SER B 386 -7.94 27.45 56.10
N THR B 387 -7.37 26.25 55.98
CA THR B 387 -6.80 25.55 57.13
C THR B 387 -5.35 26.02 57.32
N GLN B 388 -4.86 26.00 58.56
CA GLN B 388 -3.54 26.56 58.86
C GLN B 388 -2.49 25.52 59.26
N PHE B 389 -1.24 25.83 58.98
CA PHE B 389 -0.14 24.93 59.31
C PHE B 389 1.06 25.67 59.88
N HIS B 390 1.30 25.46 61.17
CA HIS B 390 2.39 26.12 61.85
C HIS B 390 3.62 25.22 61.99
N GLY B 391 4.80 25.85 61.98
CA GLY B 391 6.04 25.24 62.43
C GLY B 391 6.49 24.11 61.53
N PRO B 392 7.68 23.54 61.80
CA PRO B 392 8.66 23.98 62.78
C PRO B 392 9.85 24.72 62.16
N ASN B 393 9.75 25.07 60.87
CA ASN B 393 10.80 25.82 60.20
C ASN B 393 12.22 25.24 60.27
N GLN B 394 12.35 23.96 59.95
CA GLN B 394 13.64 23.28 59.97
C GLN B 394 14.65 23.79 58.91
N GLY B 395 14.14 24.31 57.80
CA GLY B 395 15.01 24.92 56.81
C GLY B 395 15.92 23.98 56.03
N ALA B 396 17.05 24.54 55.61
CA ALA B 396 17.99 23.86 54.71
C ALA B 396 18.55 22.57 55.29
N LEU B 397 18.52 22.46 56.61
CA LEU B 397 18.97 21.24 57.28
C LEU B 397 18.12 20.02 56.92
N ARG B 398 16.91 20.21 56.42
CA ARG B 398 16.09 19.05 56.05
C ARG B 398 15.58 19.12 54.62
N PRO B 399 16.50 18.97 53.66
CA PRO B 399 16.23 19.05 52.23
C PRO B 399 15.33 17.92 51.76
N GLU B 400 14.58 18.16 50.70
CA GLU B 400 13.69 17.16 50.10
C GLU B 400 13.66 17.44 48.62
N LEU B 401 13.44 16.41 47.80
CA LEU B 401 13.24 16.62 46.37
C LEU B 401 11.87 17.23 46.11
N ALA B 402 11.78 18.09 45.10
CA ALA B 402 10.49 18.65 44.72
C ALA B 402 9.68 17.56 44.05
N PHE B 403 8.36 17.64 44.16
CA PHE B 403 7.49 16.66 43.52
C PHE B 403 7.72 16.74 42.00
N ASP B 404 7.88 15.59 41.34
CA ASP B 404 8.26 15.55 39.93
C ASP B 404 7.03 15.63 39.05
N HIS B 405 6.41 16.79 39.00
CA HIS B 405 5.09 16.95 38.40
C HIS B 405 5.05 16.43 36.97
N ASP B 406 6.06 16.80 36.19
CA ASP B 406 6.10 16.47 34.78
C ASP B 406 6.13 14.96 34.51
N HIS B 407 6.87 14.20 35.32
CA HIS B 407 6.94 12.75 35.18
C HIS B 407 5.68 12.03 35.62
N ILE B 408 5.20 12.42 36.79
CA ILE B 408 4.03 11.81 37.41
C ILE B 408 2.81 11.98 36.54
N ILE B 409 2.68 13.12 35.89
CA ILE B 409 1.50 13.33 35.07
C ILE B 409 1.51 12.42 33.84
N ARG B 410 2.68 12.23 33.23
CA ARG B 410 2.79 11.32 32.08
C ARG B 410 2.49 9.91 32.51
N CYS B 411 2.91 9.55 33.72
CA CYS B 411 2.60 8.24 34.26
C CYS B 411 1.11 8.05 34.58
N LEU B 412 0.45 9.12 35.02
CA LEU B 412 -0.98 9.06 35.29
C LEU B 412 -1.73 8.88 33.99
N MET B 413 -1.25 9.54 32.95
CA MET B 413 -1.88 9.38 31.65
C MET B 413 -1.71 7.96 31.11
N LEU B 414 -0.47 7.48 31.15
CA LEU B 414 -0.16 6.15 30.65
C LEU B 414 -0.96 5.09 31.39
N ALA B 415 -1.01 5.24 32.71
CA ALA B 415 -1.74 4.29 33.54
C ALA B 415 -3.23 4.40 33.27
N ALA B 416 -3.69 5.60 32.95
CA ALA B 416 -5.10 5.81 32.67
C ALA B 416 -5.46 5.08 31.39
N ALA B 417 -4.49 5.02 30.49
CA ALA B 417 -4.68 4.31 29.24
C ALA B 417 -4.72 2.81 29.47
N ASN B 418 -3.76 2.31 30.23
CA ASN B 418 -3.64 0.87 30.41
C ASN B 418 -4.58 0.30 31.46
N TYR B 419 -5.06 1.17 32.35
CA TYR B 419 -5.89 0.75 33.48
C TYR B 419 -7.11 1.63 33.66
N PRO B 420 -8.17 1.40 32.88
CA PRO B 420 -9.35 2.26 33.00
C PRO B 420 -9.89 2.23 34.43
N ARG B 421 -9.71 1.10 35.09
CA ARG B 421 -10.17 0.93 36.47
C ARG B 421 -9.51 1.93 37.42
N LEU B 422 -8.48 2.60 36.93
CA LEU B 422 -7.81 3.64 37.71
C LEU B 422 -8.77 4.74 38.11
N GLU B 423 -9.75 5.01 37.24
CA GLU B 423 -10.78 5.99 37.56
C GLU B 423 -11.40 5.64 38.91
N GLY B 424 -11.77 4.37 39.06
CA GLY B 424 -12.47 3.94 40.24
C GLY B 424 -11.60 3.98 41.48
N ILE B 425 -10.27 4.00 41.31
CA ILE B 425 -9.39 4.17 42.46
C ILE B 425 -9.55 5.59 42.96
N ILE B 426 -9.44 6.54 42.03
CA ILE B 426 -9.42 7.95 42.38
C ILE B 426 -10.74 8.33 43.03
N VAL B 427 -11.84 7.93 42.40
CA VAL B 427 -13.16 8.15 42.94
C VAL B 427 -13.26 7.60 44.35
N GLN B 428 -12.72 6.40 44.56
CA GLN B 428 -12.84 5.76 45.86
C GLN B 428 -12.21 6.68 46.89
N ILE B 429 -11.03 7.18 46.56
CA ILE B 429 -10.31 8.07 47.46
C ILE B 429 -11.21 9.26 47.74
N ASN B 430 -11.72 9.85 46.65
CA ASN B 430 -12.53 11.04 46.75
C ASN B 430 -13.79 10.74 47.53
N THR B 431 -14.35 9.57 47.31
CA THR B 431 -15.60 9.24 47.96
C THR B 431 -15.35 9.19 49.45
N GLY B 432 -14.21 8.62 49.82
CA GLY B 432 -13.94 8.41 51.23
C GLY B 432 -13.71 9.72 51.94
N TYR B 433 -13.33 10.74 51.18
CA TYR B 433 -13.17 12.05 51.77
C TYR B 433 -14.53 12.70 52.01
N VAL B 434 -15.43 12.58 51.03
CA VAL B 434 -16.75 13.16 51.14
C VAL B 434 -17.42 12.51 52.33
N ALA B 435 -17.28 11.20 52.42
CA ALA B 435 -17.85 10.44 53.53
C ALA B 435 -17.21 10.87 54.84
N SER B 436 -15.93 11.21 54.81
CA SER B 436 -15.25 11.64 56.02
C SER B 436 -15.45 13.13 56.28
N ALA B 437 -16.00 13.84 55.30
CA ALA B 437 -16.34 15.24 55.52
C ALA B 437 -17.62 15.30 56.34
N ASN B 438 -18.28 14.14 56.42
CA ASN B 438 -19.52 13.97 57.17
C ASN B 438 -20.56 15.01 56.78
N VAL B 439 -20.81 15.12 55.49
CA VAL B 439 -21.51 16.28 54.97
C VAL B 439 -23.03 16.10 54.81
N ILE B 440 -23.45 14.88 54.47
CA ILE B 440 -24.88 14.59 54.27
C ILE B 440 -25.19 13.27 54.97
N ARG B 441 -26.36 13.17 55.57
CA ARG B 441 -26.69 12.01 56.38
C ARG B 441 -28.15 11.65 56.15
N PRO B 442 -28.40 10.49 55.52
CA PRO B 442 -29.78 10.11 55.19
C PRO B 442 -30.62 9.94 56.45
N VAL B 443 -31.90 10.26 56.35
CA VAL B 443 -32.78 10.20 57.51
C VAL B 443 -34.04 9.40 57.15
N SER B 444 -34.63 8.75 58.14
CA SER B 444 -35.78 7.87 57.93
C SER B 444 -37.00 8.64 57.44
N GLU B 445 -37.09 9.91 57.82
CA GLU B 445 -38.28 10.72 57.54
C GLU B 445 -38.23 11.37 56.17
N LYS B 446 -38.95 10.78 55.21
CA LYS B 446 -39.12 11.35 53.88
C LYS B 446 -40.05 12.55 53.97
N ARG B 447 -39.92 13.50 53.06
CA ARG B 447 -40.87 14.60 53.00
C ARG B 447 -41.11 15.10 51.58
N TYR B 448 -41.43 14.17 50.69
CA TYR B 448 -41.65 14.49 49.28
C TYR B 448 -42.90 15.34 49.04
N PHE B 449 -43.87 15.27 49.95
CA PHE B 449 -45.12 15.98 49.76
C PHE B 449 -45.45 16.89 50.92
N PRO B 450 -46.22 17.97 50.65
CA PRO B 450 -46.82 18.86 51.65
C PRO B 450 -47.84 18.10 52.45
N GLU B 451 -48.12 18.54 53.67
CA GLU B 451 -49.12 17.85 54.49
C GLU B 451 -50.46 17.76 53.74
N ASN B 452 -51.15 16.64 53.92
CA ASN B 452 -52.46 16.34 53.31
C ASN B 452 -52.42 15.86 51.88
N LEU B 453 -51.50 16.41 51.09
CA LEU B 453 -51.50 16.19 49.65
C LEU B 453 -51.26 14.73 49.26
N GLU B 454 -50.47 14.01 50.05
CA GLU B 454 -50.18 12.61 49.78
C GLU B 454 -51.45 11.76 49.83
N GLN B 455 -52.35 12.12 50.73
CA GLN B 455 -53.63 11.42 50.89
C GLN B 455 -54.74 12.00 50.04
N ASN B 456 -54.49 13.12 49.37
CA ASN B 456 -55.48 13.75 48.51
C ASN B 456 -55.79 12.94 47.26
N GLN B 457 -57.07 12.89 46.89
CA GLN B 457 -57.50 12.03 45.79
C GLN B 457 -57.19 12.59 44.41
N SER B 458 -57.27 13.90 44.27
CA SER B 458 -56.96 14.54 42.99
C SER B 458 -55.49 14.34 42.63
N ALA B 459 -54.67 14.17 43.66
CA ALA B 459 -53.22 14.22 43.50
C ALA B 459 -52.57 12.89 43.12
N ALA B 460 -53.36 11.82 43.08
CA ALA B 460 -52.82 10.47 43.10
C ALA B 460 -51.81 10.20 42.00
N ARG B 461 -52.04 10.82 40.85
CA ARG B 461 -51.21 10.62 39.68
C ARG B 461 -49.80 11.15 39.93
N LEU B 462 -49.75 12.37 40.43
CA LEU B 462 -48.49 13.02 40.73
C LEU B 462 -47.72 12.30 41.83
N VAL B 463 -48.43 11.78 42.83
CA VAL B 463 -47.74 11.07 43.90
C VAL B 463 -47.23 9.71 43.46
N SER B 464 -47.96 9.05 42.56
CA SER B 464 -47.42 7.81 42.00
C SER B 464 -46.16 8.11 41.17
N ALA B 465 -46.15 9.26 40.50
CA ALA B 465 -44.95 9.68 39.76
C ALA B 465 -43.76 9.94 40.68
N VAL B 466 -43.99 10.72 41.73
CA VAL B 466 -42.93 11.09 42.63
C VAL B 466 -42.38 9.86 43.35
N LYS B 467 -43.28 8.99 43.82
CA LYS B 467 -42.87 7.77 44.51
C LYS B 467 -42.16 6.81 43.57
N ALA B 468 -42.51 6.86 42.29
CA ALA B 468 -41.79 6.07 41.29
C ALA B 468 -40.37 6.58 41.06
N ARG B 469 -40.20 7.89 41.04
CA ARG B 469 -38.87 8.46 40.83
C ARG B 469 -37.97 8.37 42.07
N ALA B 470 -38.49 8.83 43.21
CA ALA B 470 -37.72 8.86 44.44
C ALA B 470 -37.38 7.47 44.90
N SER B 471 -36.16 7.30 45.41
CA SER B 471 -35.69 6.00 45.87
C SER B 471 -35.26 6.10 47.32
N GLU B 472 -34.98 4.97 47.94
CA GLU B 472 -34.37 4.97 49.27
C GLU B 472 -33.00 5.63 49.15
N ALA B 473 -32.63 6.39 50.17
CA ALA B 473 -31.39 7.16 50.12
C ALA B 473 -30.17 6.32 50.49
N ASP B 474 -29.45 5.84 49.48
CA ASP B 474 -28.17 5.20 49.76
C ASP B 474 -27.16 6.30 49.94
N ILE B 475 -26.58 6.39 51.14
CA ILE B 475 -25.59 7.40 51.42
C ILE B 475 -24.37 7.16 50.53
N SER B 476 -24.18 5.90 50.16
CA SER B 476 -23.06 5.49 49.33
C SER B 476 -23.16 6.14 47.97
N SER B 477 -24.33 6.03 47.35
CA SER B 477 -24.52 6.56 46.01
C SER B 477 -24.50 8.10 46.00
N ILE B 478 -24.77 8.71 47.15
CA ILE B 478 -24.76 10.17 47.25
C ILE B 478 -23.35 10.73 47.43
N HIS B 479 -22.56 10.10 48.30
CA HIS B 479 -21.16 10.46 48.40
C HIS B 479 -20.52 10.20 47.05
N LEU B 480 -20.97 9.13 46.39
CA LEU B 480 -20.42 8.78 45.10
C LEU B 480 -20.75 9.85 44.09
N ALA B 481 -21.99 10.33 44.13
CA ALA B 481 -22.44 11.34 43.18
C ALA B 481 -21.69 12.62 43.39
N ILE B 482 -21.36 12.91 44.64
CA ILE B 482 -20.54 14.08 44.96
C ILE B 482 -19.09 13.94 44.46
N ALA B 483 -18.47 12.80 44.72
CA ALA B 483 -17.08 12.58 44.31
C ALA B 483 -16.93 12.47 42.80
N ARG B 484 -17.98 12.06 42.10
CA ARG B 484 -17.88 11.92 40.65
C ARG B 484 -17.76 13.30 40.01
N GLU B 485 -18.19 14.32 40.75
CA GLU B 485 -18.15 15.69 40.27
C GLU B 485 -16.76 16.29 40.17
N VAL B 486 -15.78 15.68 40.83
CA VAL B 486 -14.40 16.16 40.73
C VAL B 486 -13.45 15.10 40.19
N SER B 487 -13.88 13.84 40.24
CA SER B 487 -13.07 12.72 39.79
C SER B 487 -12.88 12.74 38.28
N PRO B 488 -11.64 12.52 37.82
CA PRO B 488 -11.40 12.41 36.38
C PRO B 488 -12.18 11.26 35.77
N MET B 489 -12.71 11.47 34.57
CA MET B 489 -13.51 10.46 33.91
C MET B 489 -12.69 9.76 32.83
N PHE B 490 -12.50 8.45 32.97
CA PHE B 490 -11.76 7.68 31.98
C PHE B 490 -12.74 6.87 31.15
N ASN B 491 -13.45 5.97 31.80
CA ASN B 491 -14.59 5.32 31.17
C ASN B 491 -15.75 6.33 31.04
N VAL B 492 -16.51 6.26 29.95
CA VAL B 492 -17.57 7.25 29.67
C VAL B 492 -18.92 6.92 30.33
N HIS B 493 -19.44 7.87 31.11
CA HIS B 493 -20.70 7.70 31.86
C HIS B 493 -21.95 7.58 31.01
N GLU B 494 -22.88 6.73 31.43
CA GLU B 494 -24.19 6.59 30.79
C GLU B 494 -25.30 6.87 31.78
N LEU B 495 -26.23 7.74 31.40
CA LEU B 495 -27.42 7.99 32.18
C LEU B 495 -28.18 6.67 32.36
N LYS B 496 -28.63 6.39 33.57
CA LYS B 496 -29.48 5.24 33.85
C LYS B 496 -30.77 5.43 33.09
N LYS B 497 -31.28 4.36 32.50
CA LYS B 497 -32.43 4.49 31.62
C LYS B 497 -33.66 4.99 32.37
N ILE B 498 -34.35 5.96 31.78
CA ILE B 498 -35.64 6.43 32.27
C ILE B 498 -36.66 6.10 31.18
N ALA B 499 -37.83 5.63 31.57
CA ALA B 499 -38.82 5.20 30.60
C ALA B 499 -40.14 5.94 30.71
N GLU B 500 -40.11 7.26 30.57
CA GLU B 500 -41.35 8.03 30.64
C GLU B 500 -41.94 8.28 29.26
N SER B 501 -43.26 8.16 29.16
CA SER B 501 -43.97 8.44 27.93
C SER B 501 -44.52 9.87 27.88
N PHE B 502 -44.65 10.51 29.05
CA PHE B 502 -45.20 11.86 29.18
C PHE B 502 -46.66 12.07 28.75
N GLU B 503 -47.56 11.13 29.09
CA GLU B 503 -48.99 11.33 28.86
C GLU B 503 -49.51 12.39 29.81
N ASP B 504 -49.24 12.18 31.09
CA ASP B 504 -49.74 13.04 32.15
C ASP B 504 -48.86 14.27 32.35
N PRO B 505 -49.46 15.36 32.83
CA PRO B 505 -48.73 16.54 33.33
C PRO B 505 -47.79 16.20 34.49
N SER B 506 -48.16 15.20 35.29
CA SER B 506 -47.35 14.76 36.41
C SER B 506 -45.97 14.30 35.95
N SER B 507 -45.86 13.95 34.67
CA SER B 507 -44.60 13.52 34.08
C SER B 507 -43.53 14.62 34.17
N ILE B 508 -43.96 15.84 34.45
CA ILE B 508 -43.05 16.96 34.68
C ILE B 508 -42.05 16.60 35.77
N VAL B 509 -42.44 15.68 36.65
CA VAL B 509 -41.56 15.22 37.73
C VAL B 509 -40.21 14.80 37.18
N VAL B 510 -40.21 14.01 36.12
CA VAL B 510 -38.95 13.56 35.55
C VAL B 510 -38.11 14.73 35.05
N VAL B 511 -38.75 15.71 34.42
CA VAL B 511 -38.04 16.89 33.95
C VAL B 511 -37.41 17.60 35.15
N LEU B 512 -38.17 17.68 36.23
CA LEU B 512 -37.72 18.35 37.43
C LEU B 512 -36.51 17.61 37.95
N GLU B 513 -36.58 16.28 37.85
CA GLU B 513 -35.53 15.41 38.35
C GLU B 513 -34.24 15.74 37.62
N PHE B 514 -34.36 16.11 36.34
CA PHE B 514 -33.17 16.45 35.57
C PHE B 514 -32.63 17.80 35.99
N ILE B 515 -33.54 18.73 36.22
CA ILE B 515 -33.12 20.11 36.45
C ILE B 515 -32.31 20.17 37.72
N LEU B 516 -32.74 19.41 38.73
CA LEU B 516 -32.03 19.38 40.00
C LEU B 516 -30.67 18.76 39.81
N PHE B 517 -30.61 17.76 38.94
CA PHE B 517 -29.36 17.12 38.60
C PHE B 517 -28.42 18.10 37.91
N ALA B 518 -28.99 19.07 37.19
CA ALA B 518 -28.19 20.06 36.48
C ALA B 518 -27.76 21.18 37.41
N LEU B 519 -28.30 21.16 38.63
CA LEU B 519 -27.95 22.17 39.62
C LEU B 519 -26.95 21.61 40.63
N PHE B 520 -27.30 20.49 41.24
CA PHE B 520 -26.43 19.83 42.19
C PHE B 520 -25.18 19.27 41.52
N PHE B 521 -25.32 18.83 40.27
CA PHE B 521 -24.19 18.22 39.59
C PHE B 521 -23.99 18.65 38.14
N PRO B 522 -23.58 19.90 37.91
CA PRO B 522 -23.42 20.32 36.52
C PRO B 522 -22.42 19.46 35.75
N THR B 523 -21.41 18.93 36.44
CA THR B 523 -20.42 18.10 35.76
C THR B 523 -20.98 16.80 35.17
N GLU B 524 -21.51 15.93 36.02
CA GLU B 524 -22.07 14.66 35.55
C GLU B 524 -23.22 14.88 34.59
N PHE B 525 -23.98 15.95 34.83
CA PHE B 525 -25.05 16.27 33.92
C PHE B 525 -24.46 16.62 32.57
N ASN B 526 -23.31 17.25 32.55
CA ASN B 526 -22.71 17.58 31.28
C ASN B 526 -22.29 16.31 30.57
N ARG B 527 -21.88 15.32 31.35
CA ARG B 527 -21.52 14.03 30.76
C ARG B 527 -22.69 13.21 30.23
N ILE B 528 -23.89 13.41 30.77
CA ILE B 528 -25.02 12.58 30.37
C ILE B 528 -26.12 13.33 29.65
N LYS B 529 -25.87 14.60 29.35
CA LYS B 529 -26.92 15.48 28.87
C LYS B 529 -27.45 15.03 27.51
N GLY B 530 -26.67 14.24 26.77
CA GLY B 530 -27.19 13.72 25.52
C GLY B 530 -28.30 12.73 25.79
N ASP B 531 -27.99 11.75 26.63
CA ASP B 531 -28.92 10.69 26.95
C ASP B 531 -30.15 11.31 27.60
N ILE B 532 -29.94 12.38 28.35
CA ILE B 532 -31.03 13.15 28.97
C ILE B 532 -31.89 13.93 27.94
N GLN B 533 -31.25 14.40 26.87
CA GLN B 533 -31.99 15.06 25.82
C GLN B 533 -32.82 14.05 25.03
N ASN B 534 -32.46 12.77 25.10
CA ASN B 534 -33.36 11.74 24.54
C ASN B 534 -34.71 11.60 25.24
N VAL B 535 -34.74 11.78 26.56
CA VAL B 535 -36.01 11.83 27.30
C VAL B 535 -36.71 13.17 27.10
N LEU B 536 -35.92 14.24 27.15
CA LEU B 536 -36.47 15.57 26.94
C LEU B 536 -37.11 15.75 25.56
N LEU B 537 -36.61 15.08 24.53
CA LEU B 537 -37.23 15.20 23.21
C LEU B 537 -38.59 14.50 23.10
N LEU B 538 -38.80 13.47 23.91
CA LEU B 538 -40.13 12.91 24.07
C LEU B 538 -41.05 13.91 24.79
N PHE B 539 -40.54 14.53 25.85
CA PHE B 539 -41.34 15.48 26.61
C PHE B 539 -41.78 16.65 25.74
N PHE B 540 -40.88 17.09 24.88
CA PHE B 540 -41.15 18.21 23.97
C PHE B 540 -42.04 17.83 22.81
N SER B 541 -41.83 16.64 22.25
CA SER B 541 -42.65 16.20 21.13
C SER B 541 -44.09 16.02 21.58
N ARG B 542 -44.29 15.58 22.82
CA ARG B 542 -45.67 15.43 23.29
C ARG B 542 -46.29 16.71 23.79
N TRP B 543 -45.52 17.52 24.52
CA TRP B 543 -46.06 18.76 25.07
C TRP B 543 -46.12 19.95 24.10
N TYR B 544 -45.08 20.13 23.27
CA TYR B 544 -45.04 21.25 22.33
C TYR B 544 -44.68 20.74 20.94
N PRO B 545 -45.59 20.00 20.31
CA PRO B 545 -45.28 19.35 19.03
C PRO B 545 -44.88 20.31 17.92
N VAL B 546 -45.47 21.50 17.90
CA VAL B 546 -45.16 22.48 16.85
C VAL B 546 -43.73 23.01 16.99
N GLU B 547 -43.40 23.51 18.19
CA GLU B 547 -42.08 24.04 18.43
C GLU B 547 -41.04 22.94 18.29
N TYR B 548 -41.42 21.72 18.63
CA TYR B 548 -40.51 20.59 18.52
C TYR B 548 -40.20 20.30 17.08
N GLY B 549 -41.22 20.43 16.23
CA GLY B 549 -41.00 20.18 14.83
C GLY B 549 -40.03 21.21 14.30
N ILE B 550 -40.29 22.46 14.67
CA ILE B 550 -39.45 23.57 14.22
C ILE B 550 -38.02 23.45 14.72
N PHE B 551 -37.87 22.85 15.90
CA PHE B 551 -36.56 22.73 16.53
C PHE B 551 -35.74 21.62 15.88
N VAL B 552 -36.37 20.48 15.76
CA VAL B 552 -35.69 19.29 15.30
C VAL B 552 -35.51 19.29 13.78
N GLN B 553 -36.19 20.19 13.08
CA GLN B 553 -35.85 20.39 11.67
C GLN B 553 -34.47 21.00 11.54
N ARG B 554 -34.08 21.81 12.52
CA ARG B 554 -32.73 22.36 12.51
C ARG B 554 -31.68 21.26 12.72
N GLY B 555 -32.03 20.24 13.50
CA GLY B 555 -31.14 19.13 13.75
C GLY B 555 -31.13 18.66 15.19
N ALA B 556 -31.04 17.35 15.38
CA ALA B 556 -30.96 16.73 16.72
C ALA B 556 -29.63 16.98 17.41
N THR B 557 -28.58 17.23 16.64
CA THR B 557 -27.26 17.57 17.21
C THR B 557 -26.62 18.76 16.49
N TYR B 558 -25.40 19.10 16.88
CA TYR B 558 -24.59 20.06 16.09
C TYR B 558 -23.11 19.82 16.28
N THR B 559 -22.30 20.50 15.48
CA THR B 559 -20.86 20.50 15.72
C THR B 559 -20.34 21.92 15.58
N ILE B 560 -19.37 22.29 16.42
CA ILE B 560 -18.70 23.57 16.22
C ILE B 560 -17.80 23.46 15.00
N ASN B 561 -17.80 24.51 14.20
CA ASN B 561 -16.92 24.62 13.05
C ASN B 561 -15.57 25.15 13.50
N ALA B 562 -14.54 25.00 12.68
CA ALA B 562 -13.23 25.58 12.96
C ALA B 562 -13.29 27.11 13.05
N ALA B 563 -14.30 27.69 12.40
CA ALA B 563 -14.58 29.12 12.47
C ALA B 563 -15.41 29.47 13.71
N GLY B 564 -15.87 28.45 14.43
CA GLY B 564 -16.61 28.66 15.66
C GLY B 564 -18.11 28.88 15.49
N GLU B 565 -18.61 28.83 14.26
CA GLU B 565 -20.05 28.81 14.05
C GLU B 565 -20.60 27.42 14.39
N PHE B 566 -21.86 27.35 14.80
CA PHE B 566 -22.50 26.04 14.99
C PHE B 566 -23.05 25.51 13.67
N GLU B 567 -23.01 24.19 13.51
CA GLU B 567 -23.55 23.56 12.30
C GLU B 567 -24.39 22.37 12.71
N PHE B 568 -25.71 22.55 12.67
CA PHE B 568 -26.64 21.52 13.09
C PHE B 568 -26.89 20.49 11.98
N SER B 569 -27.11 19.24 12.39
CA SER B 569 -27.16 18.11 11.46
C SER B 569 -28.32 18.17 10.47
N GLY B 570 -29.44 18.73 10.90
CA GLY B 570 -30.64 18.78 10.09
C GLY B 570 -31.41 17.47 10.19
N ARG B 571 -30.79 16.49 10.86
CA ARG B 571 -31.38 15.17 11.00
C ARG B 571 -31.91 14.95 12.41
N ASN B 572 -33.03 14.25 12.52
CA ASN B 572 -33.57 13.84 13.80
C ASN B 572 -33.10 12.43 14.16
N GLU B 573 -32.07 12.35 15.01
CA GLU B 573 -31.51 11.06 15.41
C GLU B 573 -31.41 10.98 16.92
N LYS B 574 -31.65 9.81 17.48
CA LYS B 574 -31.41 9.59 18.90
C LYS B 574 -29.92 9.62 19.22
N TRP B 575 -29.57 10.28 20.31
CA TRP B 575 -28.21 10.41 20.79
C TRP B 575 -27.71 9.12 21.43
N ASP B 576 -26.41 8.85 21.32
CA ASP B 576 -25.77 7.77 22.09
C ASP B 576 -24.51 8.33 22.71
N GLN B 577 -24.05 7.69 23.78
CA GLN B 577 -22.86 8.16 24.48
C GLN B 577 -21.59 7.98 23.65
N ALA B 578 -21.69 7.17 22.60
CA ALA B 578 -20.59 7.01 21.66
C ALA B 578 -20.27 8.36 21.04
N LEU B 579 -21.28 9.22 20.98
CA LEU B 579 -21.12 10.57 20.46
C LEU B 579 -20.48 11.55 21.45
N TYR B 580 -20.35 11.18 22.72
CA TYR B 580 -19.81 12.12 23.72
C TYR B 580 -18.37 12.51 23.41
N LEU B 581 -17.61 11.58 22.87
CA LEU B 581 -16.22 11.85 22.49
C LEU B 581 -16.11 12.33 21.05
N SER B 582 -17.24 12.36 20.34
CA SER B 582 -17.27 12.78 18.95
C SER B 582 -17.29 14.29 18.82
N GLU B 583 -17.26 14.77 17.58
CA GLU B 583 -17.40 16.19 17.29
C GLU B 583 -18.80 16.71 17.68
N HIS B 584 -19.76 15.79 17.78
CA HIS B 584 -21.16 16.11 18.00
C HIS B 584 -21.57 16.56 19.41
N PHE B 585 -22.58 17.43 19.47
CA PHE B 585 -23.15 17.94 20.70
C PHE B 585 -24.66 17.75 20.64
N PRO B 586 -25.30 17.47 21.80
CA PRO B 586 -26.77 17.49 21.83
C PRO B 586 -27.29 18.89 21.46
N ALA B 587 -28.33 18.99 20.64
CA ALA B 587 -28.76 20.29 20.13
C ALA B 587 -29.64 21.05 21.09
N LEU B 588 -30.18 20.36 22.10
CA LEU B 588 -31.01 21.01 23.10
C LEU B 588 -30.23 22.05 23.89
N PHE B 589 -28.94 21.78 24.05
CA PHE B 589 -28.10 22.56 24.92
C PHE B 589 -27.21 23.58 24.20
N SER B 590 -27.52 23.84 22.93
CA SER B 590 -26.77 24.81 22.13
C SER B 590 -26.97 26.25 22.62
N ASP B 591 -28.12 26.50 23.24
CA ASP B 591 -28.51 27.85 23.67
C ASP B 591 -28.52 28.86 22.53
N VAL B 592 -28.69 28.35 21.30
CA VAL B 592 -28.86 29.20 20.13
C VAL B 592 -30.35 29.41 19.87
N PRO B 593 -30.78 30.68 19.83
CA PRO B 593 -32.19 31.01 19.62
C PRO B 593 -32.71 30.50 18.28
N LEU B 594 -33.98 30.09 18.27
CA LEU B 594 -34.63 29.63 17.05
C LEU B 594 -35.93 30.38 16.86
N ALA B 595 -36.35 30.58 15.61
CA ALA B 595 -37.44 31.50 15.29
C ALA B 595 -38.80 31.14 15.88
N GLY B 596 -39.10 29.85 15.97
CA GLY B 596 -40.42 29.44 16.42
C GLY B 596 -40.41 28.53 17.62
N ALA B 597 -39.20 28.24 18.13
CA ALA B 597 -39.03 27.26 19.19
C ALA B 597 -38.59 27.88 20.52
N ASN B 598 -39.13 29.05 20.83
CA ASN B 598 -38.68 29.83 21.98
C ASN B 598 -38.93 29.17 23.33
N THR B 599 -39.99 28.40 23.41
CA THR B 599 -40.35 27.72 24.65
C THR B 599 -39.29 26.68 25.02
N ILE B 600 -38.70 26.08 24.00
CA ILE B 600 -37.74 25.00 24.18
C ILE B 600 -36.39 25.56 24.59
N ILE B 601 -35.99 26.65 23.94
CA ILE B 601 -34.79 27.37 24.30
C ILE B 601 -34.86 27.84 25.76
N ALA B 602 -35.96 28.53 26.08
CA ALA B 602 -36.15 29.05 27.43
C ALA B 602 -36.25 27.95 28.49
N ILE B 603 -36.88 26.83 28.15
CA ILE B 603 -36.96 25.74 29.12
C ILE B 603 -35.59 25.12 29.35
N MET B 604 -34.77 25.10 28.31
CA MET B 604 -33.42 24.57 28.43
C MET B 604 -32.50 25.54 29.15
N ARG B 605 -32.93 26.78 29.27
CA ARG B 605 -32.17 27.74 30.06
C ARG B 605 -32.17 27.36 31.54
N LEU B 606 -33.18 26.60 31.96
CA LEU B 606 -33.29 26.17 33.35
C LEU B 606 -32.17 25.23 33.71
N PHE B 607 -31.59 24.60 32.70
CA PHE B 607 -30.49 23.67 32.90
C PHE B 607 -29.13 24.34 33.05
N THR B 608 -29.08 25.66 32.89
CA THR B 608 -27.84 26.39 33.05
C THR B 608 -27.33 26.37 34.51
N PRO B 609 -26.04 26.03 34.70
CA PRO B 609 -25.39 25.91 36.02
C PRO B 609 -25.31 27.23 36.79
N GLN B 610 -25.40 27.15 38.11
CA GLN B 610 -25.37 28.36 38.94
C GLN B 610 -24.06 28.54 39.68
N GLY B 611 -23.08 27.72 39.35
CA GLY B 611 -21.81 27.68 40.09
C GLY B 611 -20.80 28.65 39.54
N PHE B 612 -19.53 28.37 39.81
CA PHE B 612 -18.45 29.25 39.37
C PHE B 612 -17.23 28.42 39.10
N LEU B 613 -16.30 28.98 38.34
CA LEU B 613 -15.14 28.24 37.88
C LEU B 613 -13.88 28.58 38.70
N ARG B 614 -13.69 27.88 39.82
CA ARG B 614 -12.53 28.13 40.68
C ARG B 614 -11.27 27.59 40.04
N THR B 615 -10.16 28.30 40.20
CA THR B 615 -8.89 27.77 39.72
C THR B 615 -8.18 27.01 40.86
N ASP B 616 -7.52 25.91 40.50
CA ASP B 616 -6.92 25.03 41.50
C ASP B 616 -5.58 25.56 41.99
N ASP B 617 -5.62 26.54 42.90
CA ASP B 617 -4.43 27.27 43.31
C ASP B 617 -3.55 26.49 44.26
N LEU B 618 -4.16 25.85 45.25
CA LEU B 618 -3.43 25.06 46.23
C LEU B 618 -2.80 23.81 45.63
N ALA B 619 -3.42 23.29 44.57
CA ALA B 619 -2.93 22.12 43.85
C ALA B 619 -1.78 22.48 42.93
N ILE B 620 -1.65 23.77 42.66
CA ILE B 620 -0.56 24.26 41.81
C ILE B 620 0.68 24.41 42.64
N ALA B 621 0.50 24.99 43.84
CA ALA B 621 1.60 25.23 44.75
C ALA B 621 2.27 23.92 45.16
N ALA B 622 1.49 22.85 45.21
CA ALA B 622 1.99 21.54 45.62
C ALA B 622 2.65 20.83 44.46
N ASN B 623 2.57 21.43 43.29
CA ASN B 623 3.03 20.81 42.05
C ASN B 623 2.34 19.49 41.77
N PHE B 624 1.07 19.41 42.14
CA PHE B 624 0.29 18.22 41.84
C PHE B 624 0.06 18.20 40.35
N PRO B 625 0.11 16.99 39.74
CA PRO B 625 -0.01 16.82 38.29
C PRO B 625 -1.35 17.33 37.76
N ARG B 626 -1.34 17.99 36.62
CA ARG B 626 -2.57 18.53 36.05
C ARG B 626 -2.47 18.49 34.54
N ALA B 627 -3.43 17.84 33.88
CA ALA B 627 -3.39 17.74 32.43
C ALA B 627 -3.60 19.08 31.73
N SER B 628 -4.40 19.97 32.31
CA SER B 628 -4.65 21.29 31.73
C SER B 628 -3.51 22.29 31.92
N ARG B 629 -3.31 23.16 30.94
CA ARG B 629 -2.30 24.21 31.03
C ARG B 629 -2.66 25.32 32.04
N ASN B 630 -3.95 25.52 32.30
CA ASN B 630 -4.36 26.16 33.56
C ASN B 630 -5.50 25.42 34.27
N PRO B 631 -5.15 24.69 35.33
CA PRO B 631 -6.07 23.82 36.07
C PRO B 631 -7.21 24.61 36.72
N GLN B 632 -8.40 24.01 36.73
CA GLN B 632 -9.65 24.69 37.07
C GLN B 632 -10.74 23.67 37.27
N THR B 633 -11.68 23.99 38.15
CA THR B 633 -12.84 23.13 38.34
C THR B 633 -14.10 23.96 38.47
N TYR B 634 -15.20 23.42 37.97
CA TYR B 634 -16.46 24.06 38.16
C TYR B 634 -17.03 23.60 39.48
N ILE B 635 -17.12 24.52 40.41
CA ILE B 635 -17.83 24.27 41.66
C ILE B 635 -19.30 24.67 41.50
N PRO B 636 -20.22 23.71 41.71
CA PRO B 636 -21.66 23.84 41.41
C PRO B 636 -22.37 24.97 42.14
N TYR B 637 -21.94 25.34 43.34
CA TYR B 637 -22.57 26.47 44.06
C TYR B 637 -21.62 27.35 44.83
N THR B 638 -21.94 28.64 44.83
CA THR B 638 -21.21 29.65 45.58
C THR B 638 -21.51 29.58 47.07
N ASN B 639 -20.54 29.99 47.89
CA ASN B 639 -20.79 30.29 49.29
C ASN B 639 -21.77 31.48 49.38
N GLN B 640 -22.69 31.43 50.33
CA GLN B 640 -23.67 32.53 50.47
C GLN B 640 -23.60 33.21 51.84
N ARG B 641 -22.43 33.72 52.21
CA ARG B 641 -22.26 34.32 53.53
C ARG B 641 -23.12 35.56 53.74
N GLY B 642 -23.80 35.62 54.88
CA GLY B 642 -24.43 36.83 55.36
C GLY B 642 -25.72 37.25 54.70
N THR B 643 -26.09 36.56 53.62
CA THR B 643 -27.31 36.91 52.88
C THR B 643 -28.55 36.45 53.62
N VAL B 644 -29.63 37.20 53.45
CA VAL B 644 -30.91 36.75 53.96
C VAL B 644 -31.50 35.73 52.99
N THR B 645 -31.45 36.05 51.69
CA THR B 645 -31.91 35.11 50.67
C THR B 645 -30.76 34.42 49.98
N ASN B 646 -30.85 33.09 49.90
CA ASN B 646 -29.86 32.28 49.20
C ASN B 646 -30.07 32.41 47.69
N GLU B 647 -29.03 32.74 46.94
CA GLU B 647 -29.21 32.89 45.50
C GLU B 647 -29.53 31.56 44.84
N PHE B 648 -28.96 30.49 45.40
CA PHE B 648 -29.13 29.16 44.85
C PHE B 648 -30.58 28.72 44.96
N ALA B 649 -31.22 29.11 46.05
CA ALA B 649 -32.65 28.88 46.23
C ALA B 649 -33.49 29.73 45.28
N SER B 650 -33.13 31.00 45.14
CA SER B 650 -33.95 31.93 44.36
C SER B 650 -33.96 31.53 42.90
N ARG B 651 -32.86 30.97 42.43
CA ARG B 651 -32.84 30.47 41.05
C ARG B 651 -33.88 29.39 40.90
N PHE B 652 -33.86 28.42 41.81
CA PHE B 652 -34.79 27.30 41.76
C PHE B 652 -36.23 27.78 41.88
N ARG B 653 -36.40 28.91 42.55
CA ARG B 653 -37.71 29.51 42.71
C ARG B 653 -38.21 29.99 41.36
N THR B 654 -37.33 30.65 40.60
CA THR B 654 -37.76 31.10 39.27
C THR B 654 -38.00 29.90 38.36
N ILE B 655 -37.20 28.86 38.58
CA ILE B 655 -37.30 27.65 37.79
C ILE B 655 -38.67 27.02 37.96
N VAL B 656 -39.10 26.85 39.21
CA VAL B 656 -40.41 26.27 39.46
C VAL B 656 -41.54 27.22 39.09
N ALA B 657 -41.26 28.52 39.01
CA ALA B 657 -42.28 29.43 38.48
C ALA B 657 -42.51 29.13 37.01
N THR B 658 -41.42 28.94 36.28
CA THR B 658 -41.50 28.62 34.85
C THR B 658 -42.20 27.27 34.63
N LEU B 659 -41.77 26.28 35.39
CA LEU B 659 -42.33 24.95 35.26
C LEU B 659 -43.78 24.94 35.66
N ALA B 660 -44.14 25.85 36.57
CA ALA B 660 -45.53 25.96 37.00
C ALA B 660 -46.36 26.47 35.83
N ASN B 661 -45.84 27.46 35.11
CA ASN B 661 -46.56 27.98 33.97
C ASN B 661 -46.74 26.91 32.91
N VAL B 662 -45.69 26.13 32.71
CA VAL B 662 -45.67 25.10 31.69
C VAL B 662 -46.65 23.96 31.99
N VAL B 663 -46.58 23.45 33.21
CA VAL B 663 -47.45 22.37 33.65
C VAL B 663 -48.92 22.81 33.69
N ASN B 664 -49.14 24.08 33.99
CA ASN B 664 -50.48 24.64 34.01
C ASN B 664 -51.05 24.73 32.60
N GLU B 665 -50.25 25.21 31.65
CA GLU B 665 -50.72 25.31 30.28
C GLU B 665 -51.03 23.92 29.70
N ARG B 666 -50.16 22.96 30.00
CA ARG B 666 -50.40 21.58 29.58
C ARG B 666 -51.66 21.04 30.27
N ALA B 667 -51.96 21.56 31.45
CA ALA B 667 -53.15 21.13 32.18
C ALA B 667 -54.45 21.66 31.58
N VAL B 668 -54.50 22.95 31.24
CA VAL B 668 -55.69 23.49 30.59
C VAL B 668 -55.88 22.94 29.18
N GLN B 669 -54.78 22.60 28.51
CA GLN B 669 -54.90 21.94 27.21
C GLN B 669 -55.55 20.56 27.31
N ASP B 670 -55.26 19.85 28.39
CA ASP B 670 -55.82 18.52 28.61
C ASP B 670 -57.13 18.61 29.38
N ASP B 671 -57.60 19.84 29.58
CA ASP B 671 -58.85 20.16 30.28
C ASP B 671 -59.03 19.44 31.62
N MET B 672 -57.94 19.24 32.34
CA MET B 672 -57.98 18.51 33.61
C MET B 672 -58.54 19.34 34.76
N GLN B 673 -59.12 18.67 35.75
CA GLN B 673 -59.86 19.32 36.84
C GLN B 673 -58.97 20.23 37.68
N LYS B 674 -59.58 21.27 38.25
CA LYS B 674 -58.83 22.30 38.98
C LYS B 674 -58.05 21.74 40.16
N ALA B 675 -58.62 20.75 40.84
CA ALA B 675 -58.05 20.29 42.10
C ALA B 675 -56.69 19.64 41.92
N THR B 676 -56.59 18.80 40.90
CA THR B 676 -55.33 18.11 40.63
C THR B 676 -54.28 19.14 40.24
N ARG B 677 -54.75 20.18 39.54
CA ARG B 677 -53.87 21.21 39.02
C ARG B 677 -53.26 21.98 40.18
N SER B 678 -54.12 22.35 41.13
CA SER B 678 -53.65 23.04 42.32
C SER B 678 -52.74 22.13 43.13
N CYS B 679 -53.00 20.83 43.12
CA CYS B 679 -52.13 19.87 43.82
C CYS B 679 -50.73 19.87 43.23
N THR B 680 -50.65 19.99 41.92
CA THR B 680 -49.34 20.06 41.27
C THR B 680 -48.65 21.33 41.71
N LYS B 681 -49.40 22.43 41.75
CA LYS B 681 -48.78 23.70 42.15
C LYS B 681 -48.30 23.66 43.59
N GLN B 682 -49.06 22.97 44.43
CA GLN B 682 -48.74 22.88 45.84
C GLN B 682 -47.50 22.05 46.08
N TRP B 683 -47.38 20.96 45.35
CA TRP B 683 -46.17 20.16 45.44
C TRP B 683 -44.97 20.92 44.92
N LEU B 684 -45.18 21.78 43.92
CA LEU B 684 -44.09 22.61 43.42
C LEU B 684 -43.60 23.60 44.47
N ARG B 685 -44.53 24.32 45.09
CA ARG B 685 -44.11 25.29 46.10
C ARG B 685 -43.50 24.60 47.31
N HIS B 686 -43.98 23.40 47.58
CA HIS B 686 -43.40 22.60 48.65
C HIS B 686 -41.95 22.26 48.32
N LEU B 687 -41.70 21.94 47.06
CA LEU B 687 -40.34 21.65 46.63
C LEU B 687 -39.48 22.87 46.83
N GLU B 688 -40.02 24.04 46.51
CA GLU B 688 -39.23 25.27 46.59
C GLU B 688 -38.82 25.53 48.05
N THR B 689 -39.72 25.19 48.96
CA THR B 689 -39.40 25.31 50.38
C THR B 689 -38.27 24.35 50.79
N GLN B 690 -38.37 23.09 50.35
CA GLN B 690 -37.37 22.08 50.70
C GLN B 690 -36.03 22.49 50.15
N PHE B 691 -36.09 23.13 49.01
CA PHE B 691 -34.89 23.55 48.34
C PHE B 691 -34.21 24.69 49.05
N ASP B 692 -34.97 25.63 49.60
CA ASP B 692 -34.33 26.72 50.35
C ASP B 692 -33.63 26.12 51.56
N ASN B 693 -34.43 25.32 52.24
CA ASN B 693 -34.08 24.72 53.51
C ASN B 693 -32.80 23.87 53.39
N ILE B 694 -32.62 23.24 52.23
CA ILE B 694 -31.43 22.44 51.95
C ILE B 694 -30.31 23.30 51.36
N ALA B 695 -30.72 24.39 50.72
CA ALA B 695 -29.83 25.20 49.91
C ALA B 695 -28.78 25.80 50.78
N VAL B 696 -29.13 26.13 52.02
CA VAL B 696 -28.06 26.70 52.86
C VAL B 696 -26.88 25.74 53.08
N ALA B 697 -27.17 24.45 53.21
CA ALA B 697 -26.12 23.45 53.40
C ALA B 697 -25.38 23.14 52.12
N HIS B 698 -26.10 23.09 51.00
CA HIS B 698 -25.42 22.86 49.74
C HIS B 698 -24.47 23.99 49.36
N THR B 699 -24.85 25.23 49.64
CA THR B 699 -23.99 26.36 49.28
C THR B 699 -22.90 26.64 50.29
N ASP B 700 -23.25 26.66 51.57
CA ASP B 700 -22.30 27.08 52.59
C ASP B 700 -21.38 25.98 53.15
N HIS B 701 -21.56 24.73 52.73
CA HIS B 701 -20.75 23.63 53.27
C HIS B 701 -20.19 22.70 52.21
N LEU B 702 -21.05 22.18 51.35
CA LEU B 702 -20.64 21.24 50.30
C LEU B 702 -19.66 21.88 49.34
N SER B 703 -19.83 23.19 49.14
CA SER B 703 -18.99 23.92 48.22
C SER B 703 -17.52 23.94 48.63
N VAL B 704 -17.25 23.94 49.93
CA VAL B 704 -15.86 23.96 50.38
C VAL B 704 -15.27 22.56 50.33
N VAL B 705 -16.16 21.57 50.23
CA VAL B 705 -15.70 20.20 50.07
C VAL B 705 -15.37 19.96 48.60
N TYR B 706 -16.17 20.50 47.68
CA TYR B 706 -15.77 20.46 46.27
C TYR B 706 -14.51 21.27 46.03
N ALA B 707 -14.41 22.38 46.73
CA ALA B 707 -13.27 23.26 46.56
C ALA B 707 -12.02 22.61 47.09
N THR B 708 -12.14 21.96 48.24
CA THR B 708 -10.99 21.25 48.78
C THR B 708 -10.63 20.02 47.96
N MET B 709 -11.62 19.32 47.42
CA MET B 709 -11.35 18.13 46.61
C MET B 709 -10.78 18.46 45.24
N SER B 710 -10.97 19.71 44.82
CA SER B 710 -10.41 20.17 43.57
C SER B 710 -8.89 20.22 43.61
N ASN B 711 -8.34 20.42 44.81
CA ASN B 711 -6.89 20.50 44.98
C ASN B 711 -6.18 19.16 45.14
N PHE B 712 -6.93 18.08 45.31
CA PHE B 712 -6.34 16.77 45.59
C PHE B 712 -5.43 16.35 44.45
N MET B 713 -4.42 15.58 44.79
CA MET B 713 -3.35 15.22 43.87
C MET B 713 -3.86 14.60 42.58
N LEU B 714 -4.73 13.60 42.70
CA LEU B 714 -5.08 12.79 41.53
C LEU B 714 -6.24 13.30 40.69
N ASN B 715 -6.91 14.34 41.16
CA ASN B 715 -8.01 14.94 40.40
C ASN B 715 -7.42 15.82 39.31
N PHE B 716 -6.71 15.19 38.39
CA PHE B 716 -5.77 15.90 37.52
C PHE B 716 -6.36 16.59 36.28
N THR B 717 -7.65 16.43 36.02
CA THR B 717 -8.26 17.02 34.83
C THR B 717 -9.31 18.10 35.15
N ASN B 718 -9.54 18.99 34.19
CA ASN B 718 -10.68 19.89 34.25
C ASN B 718 -11.96 19.10 34.05
N ASN B 719 -12.97 19.44 34.82
CA ASN B 719 -14.23 18.71 34.79
C ASN B 719 -15.29 19.38 33.92
N PHE B 720 -15.22 20.71 33.84
CA PHE B 720 -16.27 21.47 33.19
C PHE B 720 -15.74 22.87 32.97
N SER B 721 -16.48 23.69 32.22
CA SER B 721 -16.14 25.10 32.05
C SER B 721 -17.34 25.94 32.44
N GLY B 722 -18.48 25.28 32.61
CA GLY B 722 -19.75 25.95 32.81
C GLY B 722 -20.57 26.16 31.55
N ASN B 723 -19.97 25.94 30.39
CA ASN B 723 -20.69 26.04 29.13
C ASN B 723 -21.17 24.70 28.58
N HIS B 724 -22.44 24.39 28.75
CA HIS B 724 -22.97 23.16 28.19
C HIS B 724 -22.92 23.19 26.68
N ALA B 725 -22.97 24.40 26.12
CA ALA B 725 -22.98 24.56 24.68
C ALA B 725 -21.70 24.09 24.02
N THR B 726 -20.59 24.17 24.74
CA THR B 726 -19.29 23.99 24.10
C THR B 726 -18.28 23.10 24.82
N PHE B 727 -18.56 22.70 26.06
CA PHE B 727 -17.55 21.95 26.78
C PHE B 727 -17.44 20.51 26.32
N LYS B 728 -16.24 20.19 25.84
CA LYS B 728 -15.91 18.88 25.36
C LYS B 728 -14.61 18.57 26.06
N PRO B 729 -14.53 17.42 26.74
CA PRO B 729 -13.32 17.14 27.50
C PRO B 729 -12.12 17.05 26.57
N ASP B 730 -10.95 17.50 27.02
CA ASP B 730 -9.74 17.35 26.20
C ASP B 730 -9.41 15.86 26.12
N GLN B 731 -9.04 15.40 24.93
CA GLN B 731 -8.92 13.97 24.67
C GLN B 731 -7.52 13.55 24.29
N TYR B 732 -6.69 13.28 25.29
CA TYR B 732 -5.35 12.79 25.04
C TYR B 732 -5.38 11.31 24.73
N VAL B 733 -4.38 10.86 23.96
CA VAL B 733 -4.13 9.44 23.73
C VAL B 733 -2.64 9.13 23.87
N ILE B 734 -2.29 7.86 24.06
CA ILE B 734 -0.91 7.42 24.02
C ILE B 734 -0.58 6.83 22.64
N THR B 735 -0.50 7.70 21.63
CA THR B 735 -0.17 7.28 20.27
C THR B 735 1.25 6.77 20.14
N SER B 736 1.43 5.78 19.28
CA SER B 736 2.78 5.42 18.86
C SER B 736 2.82 5.31 17.34
N PRO B 737 3.96 5.65 16.73
CA PRO B 737 4.13 5.52 15.28
C PRO B 737 3.94 4.09 14.77
N GLU B 738 4.32 3.09 15.57
CA GLU B 738 4.20 1.69 15.16
C GLU B 738 3.09 0.94 15.89
N GLY B 739 1.89 1.52 15.89
CA GLY B 739 0.74 0.90 16.53
C GLY B 739 -0.45 1.85 16.56
N SER B 740 -1.60 1.35 16.99
CA SER B 740 -2.76 2.20 17.21
C SER B 740 -2.68 2.90 18.56
N TYR B 741 -3.28 4.10 18.66
CA TYR B 741 -3.28 4.84 19.91
C TYR B 741 -4.28 4.30 20.93
N LYS B 742 -4.00 4.50 22.21
CA LYS B 742 -5.00 4.23 23.24
C LYS B 742 -5.60 5.53 23.72
N PRO B 743 -6.89 5.73 23.46
CA PRO B 743 -7.54 6.88 24.09
C PRO B 743 -7.55 6.73 25.60
N ILE B 744 -7.38 7.82 26.32
CA ILE B 744 -7.41 7.77 27.78
C ILE B 744 -8.86 7.72 28.21
N ILE B 745 -9.71 8.45 27.47
CA ILE B 745 -11.15 8.34 27.68
C ILE B 745 -11.74 7.55 26.56
N GLU B 746 -12.57 6.57 26.91
CA GLU B 746 -13.19 5.72 25.91
C GLU B 746 -14.51 5.19 26.46
N ARG B 747 -15.43 4.80 25.59
CA ARG B 747 -16.69 4.23 26.06
C ARG B 747 -16.50 2.74 26.29
N GLN B 748 -15.50 2.39 27.10
CA GLN B 748 -15.04 1.01 27.24
C GLN B 748 -16.14 0.18 27.87
N GLY B 749 -17.07 0.86 28.51
CA GLY B 749 -18.36 0.28 28.86
C GLY B 749 -18.29 -0.59 30.09
N GLU B 750 -17.06 -0.88 30.55
CA GLU B 750 -16.90 -1.61 31.80
C GLU B 750 -17.46 -0.70 32.87
N THR B 751 -18.28 -1.26 33.74
CA THR B 751 -19.03 -0.44 34.66
C THR B 751 -18.20 -0.07 35.89
N VAL B 752 -17.01 -0.67 35.99
CA VAL B 752 -16.09 -0.42 37.11
C VAL B 752 -16.83 -0.60 38.42
N ASP B 753 -17.57 -1.71 38.52
CA ASP B 753 -18.46 -1.99 39.64
C ASP B 753 -19.55 -0.92 39.79
N GLY B 754 -20.15 -0.53 38.67
CA GLY B 754 -21.29 0.37 38.66
C GLY B 754 -20.96 1.84 38.80
N LEU B 755 -19.68 2.18 38.66
CA LEU B 755 -19.24 3.57 38.75
C LEU B 755 -19.80 4.46 37.64
N THR B 756 -19.98 3.91 36.44
CA THR B 756 -20.30 4.72 35.27
C THR B 756 -21.77 4.79 34.84
N ILE B 757 -22.67 4.20 35.64
CA ILE B 757 -24.09 4.43 35.41
C ILE B 757 -24.62 5.46 36.41
N ILE B 758 -25.40 6.41 35.92
CA ILE B 758 -25.74 7.60 36.67
C ILE B 758 -27.23 7.72 36.94
N ASP B 759 -27.67 7.42 38.16
CA ASP B 759 -29.09 7.57 38.49
C ASP B 759 -29.41 9.01 38.89
N THR B 760 -30.26 9.67 38.11
CA THR B 760 -30.67 11.04 38.41
C THR B 760 -31.59 11.09 39.63
N SER B 761 -32.19 9.94 39.93
CA SER B 761 -33.22 9.82 40.96
C SER B 761 -32.63 10.23 42.30
N ILE B 762 -31.31 10.18 42.38
CA ILE B 762 -30.57 10.47 43.60
C ILE B 762 -30.79 11.90 44.08
N VAL B 763 -31.21 12.80 43.21
CA VAL B 763 -31.52 14.16 43.69
C VAL B 763 -32.72 14.18 44.63
N TRP B 764 -33.64 13.24 44.46
CA TRP B 764 -34.81 13.18 45.34
C TRP B 764 -34.49 12.95 46.82
N PRO B 765 -33.64 11.95 47.15
CA PRO B 765 -33.26 11.80 48.54
C PRO B 765 -32.60 13.04 49.08
N ILE B 766 -31.82 13.72 48.24
CA ILE B 766 -31.07 14.88 48.67
C ILE B 766 -32.00 16.00 49.08
N LEU B 767 -32.94 16.33 48.21
CA LEU B 767 -33.88 17.40 48.48
C LEU B 767 -34.78 17.09 49.66
N CYS B 768 -35.13 15.81 49.82
CA CYS B 768 -36.21 15.43 50.73
C CYS B 768 -35.82 14.62 51.95
N GLN B 769 -35.24 13.43 51.75
CA GLN B 769 -34.87 12.63 52.92
C GLN B 769 -33.38 12.59 53.27
N CYS B 770 -32.78 13.75 53.55
CA CYS B 770 -31.41 13.80 54.08
C CYS B 770 -31.24 15.01 54.97
N THR B 771 -30.36 14.90 55.95
CA THR B 771 -30.08 16.01 56.85
C THR B 771 -28.63 16.43 56.70
N TYR B 772 -28.36 17.67 57.10
CA TYR B 772 -27.04 18.23 56.99
C TYR B 772 -26.67 18.88 58.31
N PRO B 773 -25.37 18.93 58.61
CA PRO B 773 -24.85 19.63 59.78
C PRO B 773 -25.22 21.11 59.82
N LEU B 774 -25.32 21.77 58.67
CA LEU B 774 -25.70 23.17 58.66
C LEU B 774 -27.21 23.42 58.77
N VAL B 775 -28.00 22.59 58.11
CA VAL B 775 -29.46 22.71 58.15
C VAL B 775 -29.99 22.51 59.56
N ARG B 776 -29.33 21.66 60.33
CA ARG B 776 -29.77 21.29 61.67
C ARG B 776 -29.76 22.49 62.62
N GLN B 777 -28.93 23.49 62.31
CA GLN B 777 -28.84 24.70 63.12
C GLN B 777 -29.87 25.74 62.70
N SER B 786 -33.05 22.51 67.09
CA SER B 786 -32.03 23.49 66.76
C SER B 786 -30.65 23.07 67.27
N ILE B 787 -30.38 21.77 67.24
CA ILE B 787 -29.10 21.24 67.69
C ILE B 787 -27.95 21.71 66.80
N MET B 788 -26.81 22.02 67.42
CA MET B 788 -25.64 22.48 66.67
C MET B 788 -24.54 21.41 66.55
N GLU B 789 -24.60 20.64 65.47
CA GLU B 789 -23.52 19.73 65.14
C GLU B 789 -22.27 20.55 64.87
N GLU B 790 -21.15 20.14 65.45
CA GLU B 790 -19.88 20.73 65.12
C GLU B 790 -19.49 20.22 63.73
N ILE B 791 -18.88 21.05 62.91
CA ILE B 791 -18.44 20.65 61.58
C ILE B 791 -17.18 19.76 61.67
N VAL B 792 -17.05 18.83 60.73
CA VAL B 792 -15.86 17.97 60.68
C VAL B 792 -14.82 18.55 59.72
N TYR B 793 -13.55 18.49 60.11
CA TYR B 793 -12.46 18.96 59.27
C TYR B 793 -11.43 17.86 59.15
N PRO B 794 -11.67 16.91 58.23
CA PRO B 794 -10.90 15.65 58.16
C PRO B 794 -9.41 15.85 57.91
N ASP B 795 -8.61 14.99 58.52
CA ASP B 795 -7.16 15.08 58.41
C ASP B 795 -6.73 14.92 56.96
N PRO B 796 -5.75 15.72 56.53
CA PRO B 796 -5.16 15.59 55.19
C PRO B 796 -4.59 14.20 54.95
N SER B 797 -4.05 13.65 56.04
CA SER B 797 -3.15 12.53 55.97
C SER B 797 -3.77 11.33 55.31
N THR B 798 -5.07 11.12 55.51
CA THR B 798 -5.70 9.93 54.94
C THR B 798 -5.73 9.93 53.42
N THR B 799 -5.96 11.07 52.78
CA THR B 799 -6.14 11.01 51.32
C THR B 799 -4.81 11.21 50.68
N LEU B 800 -4.00 12.05 51.32
CA LEU B 800 -2.66 12.35 50.82
C LEU B 800 -1.86 11.06 50.77
N SER B 801 -1.85 10.34 51.88
CA SER B 801 -1.08 9.11 51.96
C SER B 801 -1.58 8.12 50.92
N GLN B 802 -2.87 8.18 50.59
CA GLN B 802 -3.39 7.29 49.57
C GLN B 802 -2.95 7.77 48.21
N SER B 803 -3.06 9.07 47.99
CA SER B 803 -2.79 9.60 46.67
C SER B 803 -1.33 9.34 46.35
N LEU B 804 -0.48 9.61 47.34
CA LEU B 804 0.94 9.35 47.21
C LEU B 804 1.22 7.88 46.88
N SER B 805 0.50 6.97 47.54
CA SER B 805 0.73 5.55 47.35
C SER B 805 0.47 5.24 45.90
N VAL B 806 -0.61 5.80 45.37
CA VAL B 806 -0.99 5.50 44.01
C VAL B 806 0.10 6.03 43.11
N ALA B 807 0.53 7.27 43.40
CA ALA B 807 1.51 7.91 42.56
C ALA B 807 2.80 7.11 42.63
N GLN B 808 3.06 6.48 43.77
CA GLN B 808 4.30 5.74 43.89
C GLN B 808 4.23 4.49 43.05
N VAL B 809 3.06 3.84 43.04
CA VAL B 809 2.91 2.60 42.29
C VAL B 809 3.06 2.93 40.84
N LEU B 810 2.11 3.71 40.32
CA LEU B 810 2.01 3.92 38.88
C LEU B 810 3.18 4.69 38.28
N SER B 811 3.93 5.39 39.12
CA SER B 811 5.20 5.95 38.69
C SER B 811 6.13 4.84 38.20
N LYS B 812 6.37 3.84 39.05
CA LYS B 812 7.39 2.84 38.75
C LYS B 812 6.86 1.68 37.92
N LEU B 813 5.54 1.65 37.77
CA LEU B 813 4.87 0.50 37.16
C LEU B 813 5.29 0.30 35.72
N THR B 814 5.60 1.39 35.05
CA THR B 814 6.00 1.34 33.66
C THR B 814 7.50 1.13 33.44
N LEU B 815 8.29 1.11 34.52
CA LEU B 815 9.73 1.28 34.36
C LEU B 815 10.42 0.25 33.47
N PRO B 816 10.23 -1.06 33.74
CA PRO B 816 10.92 -1.98 32.81
C PRO B 816 10.51 -1.81 31.35
N ASP B 817 9.25 -1.49 31.10
CA ASP B 817 8.76 -1.29 29.75
C ASP B 817 9.46 -0.09 29.17
N ALA B 818 9.67 0.89 30.04
CA ALA B 818 10.16 2.19 29.62
C ALA B 818 11.59 2.07 29.17
N PHE B 819 12.35 1.30 29.93
CA PHE B 819 13.77 1.13 29.67
C PHE B 819 13.98 0.45 28.33
N ILE B 820 13.32 -0.66 28.11
CA ILE B 820 13.54 -1.42 26.89
C ILE B 820 13.09 -0.66 25.65
N ASN B 821 11.94 -0.01 25.73
CA ASN B 821 11.43 0.79 24.62
C ASN B 821 12.31 2.01 24.37
N MET B 822 12.98 2.47 25.42
CA MET B 822 13.95 3.55 25.29
C MET B 822 15.18 3.11 24.48
N ILE B 823 15.57 1.85 24.64
CA ILE B 823 16.74 1.32 23.94
C ILE B 823 16.40 1.08 22.46
N LEU B 824 15.24 0.49 22.25
CA LEU B 824 14.80 0.06 20.92
C LEU B 824 14.26 1.19 20.04
N SER B 825 14.16 2.39 20.57
CA SER B 825 13.49 3.49 19.88
C SER B 825 14.16 3.82 18.55
N GLY B 826 15.48 3.68 18.50
CA GLY B 826 16.19 3.98 17.27
C GLY B 826 16.13 2.84 16.26
N GLY B 827 15.64 1.69 16.70
CA GLY B 827 15.71 0.48 15.90
C GLY B 827 14.67 0.28 14.82
N ASP B 828 13.59 1.06 14.84
CA ASP B 828 12.57 0.96 13.80
C ASP B 828 13.22 1.38 12.51
N SER B 829 12.84 0.76 11.39
CA SER B 829 13.58 0.98 10.16
C SER B 829 12.74 0.88 8.89
N VAL B 830 13.21 1.54 7.84
CA VAL B 830 12.57 1.43 6.54
C VAL B 830 13.53 0.84 5.52
N VAL B 831 13.02 -0.01 4.64
CA VAL B 831 13.79 -0.50 3.51
C VAL B 831 14.08 0.65 2.55
N MET B 832 15.32 0.75 2.09
CA MET B 832 15.69 1.81 1.16
C MET B 832 16.68 1.34 0.10
N ARG B 833 16.46 1.80 -1.13
CA ARG B 833 17.39 1.49 -2.22
C ARG B 833 18.33 2.66 -2.46
N THR B 834 19.59 2.33 -2.72
CA THR B 834 20.56 3.37 -3.03
C THR B 834 21.12 3.17 -4.43
N TYR B 835 20.56 3.90 -5.38
CA TYR B 835 21.08 3.93 -6.74
C TYR B 835 22.37 4.72 -6.82
N GLN B 836 23.29 4.30 -7.69
CA GLN B 836 24.58 5.00 -7.79
C GLN B 836 24.64 5.97 -8.97
N THR B 837 24.82 7.25 -8.66
CA THR B 837 24.91 8.29 -9.68
C THR B 837 26.19 8.26 -10.52
N GLU B 838 27.27 7.72 -9.98
CA GLU B 838 28.55 7.82 -10.68
C GLU B 838 29.43 6.59 -10.53
N ALA B 839 30.33 6.40 -11.49
CA ALA B 839 31.20 5.23 -11.55
C ALA B 839 32.17 5.19 -10.38
N ASP B 840 32.49 3.97 -9.95
CA ASP B 840 33.32 3.74 -8.78
C ASP B 840 32.72 4.33 -7.50
N ASP B 841 31.39 4.26 -7.39
CA ASP B 841 30.73 4.53 -6.13
C ASP B 841 30.63 3.24 -5.33
N ASP B 842 30.97 3.32 -4.05
CA ASP B 842 30.73 2.22 -3.13
C ASP B 842 29.21 2.07 -3.04
N LEU B 843 28.73 0.85 -2.86
CA LEU B 843 27.29 0.61 -2.93
C LEU B 843 26.50 1.38 -1.86
N ASP B 844 27.16 1.76 -0.77
CA ASP B 844 26.57 2.67 0.21
C ASP B 844 26.34 4.08 -0.36
N GLU B 845 27.19 4.50 -1.30
CA GLU B 845 27.11 5.83 -1.90
C GLU B 845 25.99 5.94 -2.94
N GLY B 846 25.47 7.15 -3.15
CA GLY B 846 24.46 7.39 -4.17
C GLY B 846 23.17 8.00 -3.65
N ILE B 847 22.25 8.33 -4.53
CA ILE B 847 20.94 8.83 -4.12
C ILE B 847 20.12 7.75 -3.40
N ARG B 848 19.50 8.13 -2.29
CA ARG B 848 18.78 7.17 -1.45
C ARG B 848 17.27 7.34 -1.64
N MET B 849 16.56 6.22 -1.63
CA MET B 849 15.14 6.24 -2.00
C MET B 849 14.33 5.23 -1.20
N THR B 850 13.06 5.56 -0.99
CA THR B 850 12.17 4.71 -0.22
C THR B 850 10.77 4.89 -0.80
N THR B 851 9.95 3.84 -0.70
CA THR B 851 8.61 3.90 -1.23
C THR B 851 7.77 4.86 -0.42
N TYR B 852 6.73 5.41 -1.01
CA TYR B 852 5.86 6.32 -0.27
C TYR B 852 5.24 5.58 0.90
N ASP B 853 4.98 4.30 0.70
CA ASP B 853 4.36 3.45 1.72
C ASP B 853 5.20 3.35 2.99
N GLN B 854 6.52 3.31 2.83
CA GLN B 854 7.45 3.26 3.96
C GLN B 854 7.54 4.60 4.67
N TYR B 855 7.51 5.68 3.91
CA TYR B 855 7.50 7.00 4.50
C TYR B 855 6.23 7.20 5.33
N LEU B 856 5.13 6.61 4.87
CA LEU B 856 3.87 6.74 5.59
C LEU B 856 3.88 5.90 6.86
N SER B 857 4.35 4.68 6.76
CA SER B 857 4.28 3.76 7.89
C SER B 857 5.20 4.14 9.04
N HIS B 858 6.23 4.94 8.77
CA HIS B 858 7.25 5.19 9.78
C HIS B 858 7.67 6.65 9.92
N ILE B 859 8.21 7.21 8.84
CA ILE B 859 8.76 8.56 8.87
C ILE B 859 7.75 9.69 9.13
N ARG B 860 6.54 9.55 8.61
CA ARG B 860 5.61 10.69 8.64
C ARG B 860 4.99 10.92 10.01
N GLU B 861 4.58 9.83 10.64
CA GLU B 861 4.00 9.94 11.97
C GLU B 861 5.05 10.52 12.92
N ARG B 862 6.31 10.12 12.73
CA ARG B 862 7.39 10.65 13.54
C ARG B 862 7.67 12.12 13.25
N LEU B 863 7.46 12.53 12.00
CA LEU B 863 7.48 13.95 11.71
C LEU B 863 6.37 14.69 12.46
N HIS B 864 5.21 14.06 12.60
CA HIS B 864 4.12 14.70 13.34
C HIS B 864 4.49 14.83 14.80
N ILE B 865 5.08 13.78 15.35
CA ILE B 865 5.48 13.82 16.75
C ILE B 865 6.56 14.85 16.98
N THR B 866 7.45 15.02 16.00
CA THR B 866 8.55 15.96 16.17
C THR B 866 8.12 17.39 15.84
N ASN B 867 6.90 17.53 15.32
CA ASN B 867 6.25 18.82 15.15
C ASN B 867 6.98 19.79 14.21
N VAL B 868 7.19 19.37 12.96
CA VAL B 868 7.95 20.14 11.98
C VAL B 868 7.15 20.23 10.68
N PRO B 869 7.46 21.24 9.84
CA PRO B 869 6.74 21.37 8.56
C PRO B 869 6.95 20.15 7.67
N ASP B 870 5.93 19.78 6.90
CA ASP B 870 6.00 18.60 6.04
C ASP B 870 7.02 18.82 4.91
N PRO B 871 7.81 17.78 4.60
CA PRO B 871 8.90 17.86 3.62
C PRO B 871 8.40 18.19 2.21
N ILE B 872 9.18 18.99 1.49
CA ILE B 872 8.75 19.48 0.18
C ILE B 872 8.75 18.40 -0.89
N TYR B 873 7.73 18.42 -1.74
CA TYR B 873 7.77 17.64 -2.97
C TYR B 873 8.76 18.30 -3.93
N ILE B 874 9.54 17.50 -4.64
CA ILE B 874 10.48 18.04 -5.62
C ILE B 874 10.06 17.72 -7.04
N THR B 875 9.84 18.75 -7.83
CA THR B 875 9.31 18.59 -9.19
C THR B 875 10.36 18.58 -10.30
N GLY B 876 11.63 18.75 -9.92
CA GLY B 876 12.70 18.78 -10.90
C GLY B 876 12.90 20.19 -11.44
N ALA B 877 11.95 21.06 -11.12
CA ALA B 877 12.15 22.49 -11.28
C ALA B 877 12.90 22.97 -10.06
N SER B 878 12.92 22.12 -9.03
CA SER B 878 13.46 22.48 -7.71
C SER B 878 14.95 22.77 -7.73
N THR B 879 15.32 23.87 -7.09
CA THR B 879 16.72 24.23 -6.87
C THR B 879 17.27 23.44 -5.70
N PRO B 880 18.57 23.16 -5.68
CA PRO B 880 19.17 22.48 -4.52
C PRO B 880 18.97 23.30 -3.24
N ASP B 881 18.97 24.62 -3.39
CA ASP B 881 18.79 25.53 -2.26
C ASP B 881 17.41 25.36 -1.59
N GLN B 882 16.39 25.04 -2.38
CA GLN B 882 15.05 24.78 -1.84
C GLN B 882 15.01 23.51 -1.01
N ILE B 883 15.69 22.47 -1.50
CA ILE B 883 15.78 21.21 -0.77
C ILE B 883 16.52 21.47 0.53
N ALA B 884 17.49 22.38 0.47
CA ALA B 884 18.22 22.74 1.67
C ALA B 884 17.29 23.41 2.66
N ALA B 885 16.44 24.31 2.16
CA ALA B 885 15.51 25.02 3.03
C ALA B 885 14.54 24.07 3.70
N SER B 886 14.14 23.04 2.95
CA SER B 886 13.23 22.04 3.50
C SER B 886 13.92 21.26 4.59
N VAL B 887 15.12 20.78 4.32
CA VAL B 887 15.81 19.95 5.30
C VAL B 887 16.11 20.77 6.56
N GLN B 888 16.36 22.06 6.38
CA GLN B 888 16.53 22.94 7.53
C GLN B 888 15.23 23.10 8.30
N ALA B 889 14.10 23.08 7.60
CA ALA B 889 12.82 23.23 8.27
C ALA B 889 12.40 21.94 8.96
N THR B 890 12.59 20.81 8.27
CA THR B 890 12.36 19.50 8.87
C THR B 890 13.69 18.79 8.97
N HIS B 891 14.17 18.65 10.18
CA HIS B 891 15.56 18.30 10.41
C HIS B 891 15.99 16.92 9.92
N VAL B 892 15.02 16.02 9.78
CA VAL B 892 15.29 14.79 9.05
C VAL B 892 15.53 15.11 7.57
N ALA B 893 16.54 14.48 6.96
CA ALA B 893 16.87 14.76 5.57
C ALA B 893 16.01 13.94 4.63
N VAL B 894 14.85 14.47 4.26
CA VAL B 894 13.88 13.74 3.44
C VAL B 894 13.11 14.69 2.55
N VAL B 895 12.90 14.28 1.30
CA VAL B 895 12.04 15.03 0.39
C VAL B 895 11.17 14.07 -0.42
N LEU B 896 9.86 14.28 -0.38
CA LEU B 896 8.97 13.53 -1.25
C LEU B 896 9.23 13.96 -2.69
N TYR B 897 9.28 12.99 -3.59
CA TYR B 897 9.26 13.29 -5.03
C TYR B 897 7.82 13.64 -5.42
N GLN B 898 7.63 14.46 -6.44
CA GLN B 898 6.29 14.65 -6.98
C GLN B 898 6.17 14.17 -8.43
N SER B 899 6.71 14.95 -9.36
CA SER B 899 6.65 14.60 -10.78
C SER B 899 7.68 15.37 -11.59
N GLY B 900 8.02 14.87 -12.76
CA GLY B 900 8.98 15.51 -13.64
C GLY B 900 10.39 15.01 -13.40
N VAL B 901 11.25 15.16 -14.39
CA VAL B 901 12.67 14.80 -14.24
C VAL B 901 13.39 15.79 -13.33
N ILE B 902 14.25 15.28 -12.46
CA ILE B 902 14.99 16.11 -11.50
C ILE B 902 16.38 16.52 -12.03
N ASN B 903 16.62 17.82 -12.05
CA ASN B 903 17.85 18.37 -12.64
C ASN B 903 19.09 17.90 -11.91
N GLY B 904 20.22 17.86 -12.62
CA GLY B 904 21.44 17.28 -12.09
C GLY B 904 22.13 17.92 -10.90
N PRO B 905 22.17 19.27 -10.82
CA PRO B 905 22.72 19.84 -9.57
C PRO B 905 21.96 19.40 -8.33
N ALA B 906 20.64 19.29 -8.46
CA ALA B 906 19.82 18.85 -7.35
C ALA B 906 20.17 17.42 -7.00
N SER B 907 20.54 16.65 -8.02
CA SER B 907 20.88 15.25 -7.82
C SER B 907 22.20 15.14 -7.07
N THR B 908 23.14 16.01 -7.43
CA THR B 908 24.43 16.01 -6.75
C THR B 908 24.22 16.46 -5.31
N TYR B 909 23.21 17.29 -5.07
CA TYR B 909 22.88 17.69 -3.71
C TYR B 909 22.27 16.52 -2.92
N LEU B 910 21.37 15.79 -3.56
CA LEU B 910 20.70 14.64 -2.94
C LEU B 910 21.70 13.53 -2.68
N ARG B 911 22.81 13.55 -3.39
CA ARG B 911 23.85 12.56 -3.20
C ARG B 911 24.80 13.01 -2.10
N GLU B 912 25.32 14.22 -2.23
CA GLU B 912 26.30 14.75 -1.29
C GLU B 912 25.74 14.88 0.12
N ASN B 913 24.46 15.18 0.21
CA ASN B 913 23.83 15.46 1.50
C ASN B 913 23.00 14.30 2.05
N GLU B 914 23.07 13.17 1.36
CA GLU B 914 22.42 11.93 1.79
C GLU B 914 20.92 12.08 2.09
N VAL B 915 20.28 13.00 1.38
CA VAL B 915 18.82 13.15 1.45
C VAL B 915 18.11 11.90 0.92
N LEU B 916 17.10 11.46 1.65
CA LEU B 916 16.35 10.27 1.27
C LEU B 916 15.10 10.67 0.49
N VAL B 917 15.20 10.62 -0.84
CA VAL B 917 14.04 10.91 -1.69
C VAL B 917 12.94 9.85 -1.54
N VAL B 918 11.70 10.31 -1.42
CA VAL B 918 10.58 9.38 -1.23
C VAL B 918 9.78 9.19 -2.52
N MET B 919 10.26 8.27 -3.33
CA MET B 919 9.62 7.92 -4.59
C MET B 919 8.32 7.17 -4.30
N PRO B 920 7.22 7.52 -4.99
CA PRO B 920 5.94 6.79 -4.87
C PRO B 920 6.02 5.31 -5.24
N ASP B 921 6.85 4.97 -6.22
CA ASP B 921 7.02 3.58 -6.65
C ASP B 921 8.30 3.44 -7.45
N TYR B 922 8.83 2.23 -7.54
CA TYR B 922 10.11 2.02 -8.22
C TYR B 922 9.99 1.68 -9.70
N TYR B 923 9.05 2.32 -10.39
CA TYR B 923 8.84 2.06 -11.82
C TYR B 923 9.70 2.96 -12.70
N ASP B 924 10.78 2.39 -13.22
CA ASP B 924 11.71 3.09 -14.11
C ASP B 924 12.19 4.40 -13.47
N VAL B 925 12.76 4.28 -12.29
CA VAL B 925 13.17 5.44 -11.50
C VAL B 925 14.26 6.30 -12.16
N VAL B 926 15.04 5.69 -13.05
CA VAL B 926 16.11 6.40 -13.75
C VAL B 926 15.55 7.43 -14.72
N SER B 927 14.31 7.21 -15.16
CA SER B 927 13.60 8.21 -15.95
C SER B 927 13.35 9.48 -15.13
N ARG B 928 13.27 9.31 -13.82
CA ARG B 928 13.00 10.43 -12.91
C ARG B 928 14.14 11.43 -12.75
N PHE B 929 15.36 11.02 -13.03
CA PHE B 929 16.53 11.88 -12.85
C PHE B 929 17.18 12.26 -14.17
N ALA B 930 17.72 13.46 -14.24
CA ALA B 930 18.45 13.89 -15.43
C ALA B 930 19.82 13.22 -15.39
N ASN B 931 19.84 11.96 -15.77
CA ASN B 931 21.05 11.17 -15.68
C ASN B 931 22.00 11.53 -16.82
N ALA B 932 22.47 12.78 -16.81
CA ALA B 932 23.42 13.26 -17.82
C ALA B 932 24.75 12.52 -17.69
N ASN B 933 25.07 12.10 -16.48
CA ASN B 933 26.25 11.30 -16.23
C ASN B 933 26.14 9.93 -16.90
N LEU B 934 24.90 9.50 -17.09
CA LEU B 934 24.57 8.21 -17.71
C LEU B 934 25.20 7.02 -16.99
N GLN B 935 25.40 7.15 -15.68
CA GLN B 935 25.85 6.04 -14.85
C GLN B 935 24.70 5.36 -14.12
N MET B 936 23.67 6.14 -13.82
CA MET B 936 22.49 5.62 -13.13
C MET B 936 21.73 4.65 -14.01
N ASN B 937 21.24 3.57 -13.40
CA ASN B 937 20.54 2.52 -14.14
C ASN B 937 19.60 1.76 -13.20
N ASN B 938 18.45 1.33 -13.73
CA ASN B 938 17.41 0.69 -12.92
C ASN B 938 17.85 -0.61 -12.26
N ASN B 939 18.76 -1.34 -12.88
CA ASN B 939 19.28 -2.57 -12.29
C ASN B 939 20.41 -2.34 -11.29
N ARG B 940 20.90 -1.08 -11.23
CA ARG B 940 22.06 -0.76 -10.41
C ARG B 940 21.71 0.02 -9.15
N TYR B 941 21.47 -0.69 -8.06
CA TYR B 941 21.14 -0.10 -6.77
C TYR B 941 21.50 -1.07 -5.67
N HIS B 942 21.55 -0.57 -4.44
CA HIS B 942 21.71 -1.45 -3.29
C HIS B 942 20.64 -1.23 -2.22
N GLU B 943 19.77 -2.22 -2.07
CA GLU B 943 18.76 -2.23 -1.02
C GLU B 943 19.40 -2.47 0.34
N SER B 944 18.88 -1.82 1.37
CA SER B 944 19.33 -2.05 2.76
C SER B 944 18.33 -1.45 3.73
N VAL B 945 18.42 -1.81 5.00
CA VAL B 945 17.61 -1.14 6.02
C VAL B 945 18.17 0.21 6.44
N LEU B 946 17.29 1.08 6.91
CA LEU B 946 17.69 2.36 7.46
C LEU B 946 16.96 2.54 8.78
N GLU B 947 17.71 2.48 9.88
CA GLU B 947 17.16 2.65 11.23
C GLU B 947 16.67 4.08 11.45
N ILE B 948 15.64 4.24 12.27
CA ILE B 948 15.04 5.55 12.53
C ILE B 948 16.08 6.47 13.15
N ALA B 949 16.98 5.88 13.94
CA ALA B 949 18.10 6.61 14.51
C ALA B 949 19.08 7.10 13.42
N ASP B 950 19.07 6.46 12.27
CA ASP B 950 19.97 6.85 11.19
C ASP B 950 19.38 8.04 10.44
N ILE B 951 18.15 8.39 10.80
CA ILE B 951 17.48 9.55 10.18
C ILE B 951 17.16 10.64 11.21
N PHE B 952 16.31 10.30 12.17
CA PHE B 952 15.94 11.22 13.27
C PHE B 952 17.02 11.30 14.34
N ASP B 953 17.04 12.39 15.09
CA ASP B 953 18.04 12.54 16.15
C ASP B 953 17.59 13.41 17.32
N GLN B 954 16.29 13.57 17.51
CA GLN B 954 15.76 14.34 18.63
C GLN B 954 16.05 13.66 19.96
N ALA B 955 16.40 14.45 20.98
CA ALA B 955 17.02 13.90 22.18
C ALA B 955 16.13 13.06 23.10
N ASP B 956 14.98 13.60 23.50
CA ASP B 956 14.09 12.88 24.41
C ASP B 956 13.06 12.04 23.64
N PHE B 957 13.15 12.09 22.31
CA PHE B 957 12.28 11.30 21.43
C PHE B 957 12.87 9.91 21.18
N ILE B 958 14.15 9.88 20.83
CA ILE B 958 14.78 8.72 20.21
C ILE B 958 16.22 8.62 20.69
N GLN B 959 16.52 7.62 21.51
CA GLN B 959 17.89 7.38 21.97
C GLN B 959 18.79 7.09 20.77
N THR B 960 19.93 7.75 20.73
CA THR B 960 20.74 7.75 19.53
C THR B 960 22.22 7.79 19.85
N SER B 961 22.55 7.50 21.10
CA SER B 961 23.93 7.48 21.56
C SER B 961 24.67 6.35 20.87
N ASP B 962 25.97 6.55 20.63
CA ASP B 962 26.80 5.53 19.99
C ASP B 962 26.84 4.28 20.88
N ALA B 963 26.70 4.49 22.18
CA ALA B 963 26.63 3.37 23.13
C ALA B 963 25.41 2.48 22.86
N VAL B 964 24.23 3.09 22.85
CA VAL B 964 23.00 2.36 22.61
C VAL B 964 22.96 1.84 21.18
N ARG B 965 23.64 2.55 20.27
CA ARG B 965 23.78 2.11 18.90
C ARG B 965 24.47 0.76 18.88
N GLN B 966 25.57 0.69 19.63
CA GLN B 966 26.41 -0.49 19.71
C GLN B 966 25.67 -1.66 20.35
N LEU B 967 24.98 -1.33 21.44
CA LEU B 967 24.20 -2.28 22.20
C LEU B 967 23.13 -2.87 21.31
N ARG B 968 22.52 -2.03 20.49
CA ARG B 968 21.50 -2.48 19.56
C ARG B 968 22.11 -3.36 18.47
N ALA B 969 23.33 -3.03 18.07
CA ALA B 969 24.02 -3.81 17.06
C ALA B 969 24.27 -5.23 17.56
N LEU B 970 24.53 -5.36 18.85
CA LEU B 970 24.73 -6.69 19.44
C LEU B 970 23.46 -7.53 19.52
N MET B 971 22.30 -6.88 19.46
CA MET B 971 21.02 -7.57 19.60
C MET B 971 20.71 -8.53 18.45
N PRO B 972 20.07 -9.65 18.79
CA PRO B 972 19.46 -10.56 17.81
C PRO B 972 18.25 -9.90 17.18
N THR B 973 17.81 -10.37 16.03
CA THR B 973 16.56 -9.91 15.43
C THR B 973 15.42 -10.13 16.44
N LEU B 974 14.51 -9.16 16.53
CA LEU B 974 13.47 -9.17 17.57
C LEU B 974 12.02 -9.09 17.06
N SER B 975 11.16 -9.94 17.62
CA SER B 975 9.72 -9.85 17.44
C SER B 975 9.18 -9.02 18.58
N THR B 976 7.93 -8.57 18.47
CA THR B 976 7.34 -7.81 19.58
C THR B 976 7.19 -8.69 20.83
N SER B 977 6.95 -9.97 20.61
CA SER B 977 6.85 -10.94 21.71
C SER B 977 8.18 -11.17 22.46
N GLN B 978 9.30 -11.07 21.75
CA GLN B 978 10.61 -11.16 22.38
C GLN B 978 10.84 -9.96 23.28
N ILE B 979 10.38 -8.80 22.82
CA ILE B 979 10.50 -7.58 23.58
C ILE B 979 9.64 -7.65 24.83
N ARG B 980 8.45 -8.19 24.68
CA ARG B 980 7.56 -8.37 25.82
C ARG B 980 8.18 -9.33 26.82
N HIS B 981 8.88 -10.33 26.32
CA HIS B 981 9.57 -11.27 27.18
C HIS B 981 10.71 -10.59 27.94
N ALA B 982 11.38 -9.64 27.28
CA ALA B 982 12.43 -8.87 27.92
C ALA B 982 11.83 -8.10 29.06
N ILE B 983 10.72 -7.43 28.76
CA ILE B 983 10.09 -6.59 29.76
C ILE B 983 9.65 -7.41 30.96
N GLU B 984 9.05 -8.57 30.71
CA GLU B 984 8.60 -9.42 31.83
C GLU B 984 9.77 -9.94 32.66
N ARG B 985 10.90 -10.22 32.03
CA ARG B 985 12.04 -10.68 32.78
C ARG B 985 12.64 -9.56 33.62
N ILE B 986 12.73 -8.36 33.04
CA ILE B 986 13.25 -7.20 33.78
C ILE B 986 12.34 -6.89 34.96
N ALA B 987 11.05 -7.15 34.78
CA ALA B 987 10.08 -6.90 35.83
C ALA B 987 10.25 -7.92 36.94
N GLN B 988 10.45 -9.17 36.55
CA GLN B 988 10.61 -10.25 37.52
C GLN B 988 11.93 -10.16 38.30
N ILE B 989 12.96 -9.58 37.69
CA ILE B 989 14.23 -9.36 38.36
C ILE B 989 14.10 -8.33 39.48
N THR B 990 13.42 -7.23 39.19
CA THR B 990 13.23 -6.18 40.17
C THR B 990 11.78 -6.11 40.64
N ASP B 991 11.49 -6.78 41.75
CA ASP B 991 10.15 -6.72 42.34
C ASP B 991 10.04 -5.41 43.10
N VAL B 992 9.33 -4.45 42.51
CA VAL B 992 9.24 -3.10 43.05
C VAL B 992 8.58 -3.07 44.42
N ASP B 993 9.09 -2.21 45.29
CA ASP B 993 8.49 -1.99 46.61
C ASP B 993 7.19 -1.21 46.49
N SER B 994 6.24 -1.54 47.35
CA SER B 994 4.99 -0.80 47.42
C SER B 994 4.39 -0.88 48.82
N THR B 995 3.75 0.20 49.23
CA THR B 995 3.03 0.23 50.49
C THR B 995 1.76 -0.60 50.36
N ASP B 996 1.20 -1.05 51.48
CA ASP B 996 0.08 -1.98 51.45
C ASP B 996 -1.15 -1.42 50.70
N TYR B 997 -1.37 -0.11 50.81
CA TYR B 997 -2.42 0.53 50.02
C TYR B 997 -2.08 0.47 48.53
N GLY B 998 -0.79 0.51 48.20
CA GLY B 998 -0.36 0.37 46.82
C GLY B 998 -0.55 -1.02 46.25
N LYS B 999 -0.34 -2.06 47.06
CA LYS B 999 -0.62 -3.41 46.63
C LYS B 999 -2.11 -3.54 46.41
N LEU B 1000 -2.88 -2.83 47.24
CA LEU B 1000 -4.33 -2.85 47.11
C LEU B 1000 -4.80 -2.19 45.80
N THR B 1001 -4.26 -1.02 45.45
CA THR B 1001 -4.62 -0.41 44.17
C THR B 1001 -4.12 -1.25 43.01
N LEU B 1002 -2.97 -1.89 43.20
CA LEU B 1002 -2.39 -2.68 42.13
C LEU B 1002 -3.28 -3.84 41.80
N ARG B 1003 -3.72 -4.57 42.82
CA ARG B 1003 -4.62 -5.70 42.59
C ARG B 1003 -6.02 -5.24 42.17
N PHE B 1004 -6.39 -4.01 42.53
CA PHE B 1004 -7.63 -3.44 42.02
C PHE B 1004 -7.61 -3.06 40.53
N LEU B 1005 -6.43 -2.76 39.98
CA LEU B 1005 -6.35 -2.20 38.63
C LEU B 1005 -6.71 -3.12 37.43
N GLY B 1006 -6.13 -4.30 37.29
CA GLY B 1006 -5.02 -4.77 38.09
C GLY B 1006 -4.31 -5.96 37.45
N THR B 1007 -4.05 -5.87 36.15
CA THR B 1007 -3.49 -7.03 35.43
C THR B 1007 -2.56 -6.70 34.25
N LEU B 1008 -3.07 -6.87 33.03
CA LEU B 1008 -2.27 -6.72 31.82
C LEU B 1008 -1.91 -5.27 31.53
N THR B 1009 -0.78 -5.08 30.85
CA THR B 1009 -0.37 -3.78 30.37
C THR B 1009 0.08 -3.94 28.91
N ARG B 1010 0.16 -5.19 28.48
CA ARG B 1010 0.89 -5.56 27.27
C ARG B 1010 0.21 -5.21 25.94
N SER B 1011 -1.07 -4.85 25.99
CA SER B 1011 -1.80 -4.55 24.76
C SER B 1011 -1.26 -3.33 24.02
N LEU B 1012 -0.64 -2.40 24.75
CA LEU B 1012 -0.21 -1.14 24.16
C LEU B 1012 1.26 -1.12 23.73
N LYS B 1013 1.50 -0.83 22.46
CA LYS B 1013 2.85 -0.55 21.99
C LYS B 1013 3.37 0.74 22.59
N MET B 1014 4.62 0.75 23.04
CA MET B 1014 5.20 1.99 23.53
C MET B 1014 6.51 2.30 22.83
N GLN B 1015 6.57 2.04 21.53
CA GLN B 1015 7.83 2.13 20.79
C GLN B 1015 8.39 3.54 20.80
N ASN B 1016 7.53 4.51 20.46
CA ASN B 1016 7.87 5.91 20.58
C ASN B 1016 6.61 6.57 21.06
N ALA B 1017 5.98 5.93 22.04
CA ALA B 1017 4.69 6.37 22.52
C ALA B 1017 4.81 7.81 23.00
N GLN B 1018 3.76 8.58 22.75
CA GLN B 1018 3.72 9.98 23.12
C GLN B 1018 2.33 10.28 23.65
N ILE B 1019 2.16 11.46 24.23
CA ILE B 1019 0.83 11.83 24.68
C ILE B 1019 0.36 13.03 23.87
N ARG B 1020 -0.74 12.85 23.16
CA ARG B 1020 -1.20 13.83 22.21
C ARG B 1020 -2.72 13.88 22.23
N ARG B 1021 -3.27 15.09 22.15
CA ARG B 1021 -4.72 15.24 22.00
C ARG B 1021 -5.11 14.77 20.62
N ILE B 1022 -6.20 14.02 20.53
CA ILE B 1022 -6.84 13.78 19.25
C ILE B 1022 -8.04 14.72 19.07
N ARG B 1023 -8.27 15.13 17.84
CA ARG B 1023 -9.45 15.90 17.50
C ARG B 1023 -10.62 14.93 17.67
N PRO B 1024 -11.80 15.45 18.06
CA PRO B 1024 -13.00 14.60 18.18
C PRO B 1024 -13.32 13.90 16.85
N ASP B 1025 -12.96 14.51 15.74
CA ASP B 1025 -13.06 13.87 14.42
C ASP B 1025 -12.13 12.63 14.33
N GLY B 1026 -11.16 12.52 15.23
CA GLY B 1026 -10.33 11.33 15.32
C GLY B 1026 -8.88 11.41 14.83
N THR B 1027 -8.53 12.51 14.18
CA THR B 1027 -7.13 12.76 13.82
C THR B 1027 -6.30 13.13 15.05
N VAL B 1028 -5.04 12.70 15.08
CA VAL B 1028 -4.15 13.01 16.19
C VAL B 1028 -3.42 14.33 15.95
N LEU B 1029 -3.81 15.35 16.70
CA LEU B 1029 -3.20 16.68 16.60
C LEU B 1029 -1.72 16.68 16.95
N ARG B 1030 -0.95 17.50 16.25
CA ARG B 1030 0.43 17.76 16.63
C ARG B 1030 0.42 18.47 17.96
N TYR B 1031 1.49 18.32 18.72
CA TYR B 1031 1.62 19.02 20.00
C TYR B 1031 1.49 20.52 19.79
N ASP B 1032 0.71 21.18 20.64
CA ASP B 1032 0.50 22.61 20.51
C ASP B 1032 0.99 23.27 21.78
N ASP B 1033 2.02 24.11 21.64
CA ASP B 1033 2.68 24.73 22.79
C ASP B 1033 1.73 25.58 23.64
N GLN B 1034 0.72 26.14 22.99
CA GLN B 1034 -0.23 27.02 23.66
C GLN B 1034 -1.49 26.33 24.20
N ILE B 1035 -1.67 25.05 23.87
CA ILE B 1035 -2.83 24.32 24.37
C ILE B 1035 -2.34 23.25 25.33
N ASP B 1036 -1.74 22.20 24.76
CA ASP B 1036 -1.31 21.03 25.50
C ASP B 1036 -0.23 21.44 26.51
N ILE B 1037 -0.23 20.80 27.69
CA ILE B 1037 0.74 21.13 28.72
C ILE B 1037 2.17 20.72 28.32
N GLU B 1038 3.16 21.46 28.81
CA GLU B 1038 4.53 21.30 28.33
C GLU B 1038 5.14 19.92 28.61
N ALA B 1039 4.67 19.29 29.69
CA ALA B 1039 5.18 17.99 30.12
C ALA B 1039 4.86 16.88 29.10
N PHE B 1040 3.92 17.15 28.20
CA PHE B 1040 3.55 16.20 27.15
C PHE B 1040 4.34 16.31 25.84
N ARG B 1041 5.22 17.31 25.73
CA ARG B 1041 5.89 17.56 24.46
C ARG B 1041 6.77 16.39 24.04
N TRP B 1042 7.34 15.72 25.03
CA TRP B 1042 8.10 14.49 24.84
C TRP B 1042 7.84 13.63 26.04
N SER B 1043 7.29 12.44 25.85
CA SER B 1043 7.43 11.46 26.91
C SER B 1043 8.91 11.25 26.90
N ARG B 1044 9.55 11.28 28.05
CA ARG B 1044 10.98 11.13 28.06
C ARG B 1044 11.20 9.66 28.31
N TYR B 1045 10.64 8.87 27.40
CA TYR B 1045 10.56 7.43 27.53
C TYR B 1045 9.87 7.04 28.82
N PHE B 1046 9.11 7.96 29.37
CA PHE B 1046 8.46 7.75 30.67
C PHE B 1046 9.44 7.41 31.79
N LEU B 1047 10.61 8.05 31.76
CA LEU B 1047 11.56 7.98 32.86
C LEU B 1047 11.65 9.34 33.58
N ASP B 1048 12.07 9.30 34.86
CA ASP B 1048 12.31 10.50 35.66
C ASP B 1048 13.59 11.21 35.19
N GLU B 1049 13.71 12.50 35.48
CA GLU B 1049 14.88 13.26 35.07
C GLU B 1049 16.16 12.66 35.64
N LEU B 1050 16.11 12.23 36.89
CA LEU B 1050 17.28 11.66 37.53
C LEU B 1050 17.75 10.35 36.88
N GLN B 1051 16.82 9.52 36.42
CA GLN B 1051 17.17 8.29 35.70
C GLN B 1051 17.85 8.56 34.37
N LEU B 1052 17.45 9.64 33.70
CA LEU B 1052 18.09 10.03 32.45
C LEU B 1052 19.50 10.52 32.73
N ARG B 1053 19.61 11.28 33.83
CA ARG B 1053 20.91 11.76 34.26
C ARG B 1053 21.89 10.62 34.54
N ARG B 1054 21.46 9.64 35.31
CA ARG B 1054 22.32 8.50 35.60
C ARG B 1054 22.56 7.68 34.35
N LEU B 1055 21.57 7.67 33.47
CA LEU B 1055 21.62 6.83 32.28
C LEU B 1055 22.77 7.27 31.40
N SER B 1056 23.05 8.56 31.32
CA SER B 1056 24.21 8.97 30.52
C SER B 1056 25.54 8.41 31.07
N VAL B 1057 25.67 8.43 32.39
CA VAL B 1057 26.86 7.89 33.07
C VAL B 1057 26.99 6.39 32.77
N GLY B 1058 25.85 5.70 32.80
CA GLY B 1058 25.86 4.27 32.55
C GLY B 1058 26.25 3.98 31.13
N LEU B 1059 25.85 4.84 30.20
CA LEU B 1059 26.25 4.68 28.80
C LEU B 1059 27.73 4.86 28.69
N ARG B 1060 28.30 5.71 29.54
CA ARG B 1060 29.76 5.78 29.60
C ARG B 1060 30.40 4.51 30.18
N LEU B 1061 29.67 3.81 31.04
CA LEU B 1061 30.18 2.58 31.63
C LEU B 1061 30.16 1.39 30.66
N ILE B 1062 29.04 1.24 29.96
CA ILE B 1062 28.83 0.12 29.04
C ILE B 1062 29.81 0.16 27.87
N THR B 1063 30.14 1.37 27.45
CA THR B 1063 30.89 1.58 26.22
C THR B 1063 32.38 1.51 26.51
N ASN B 1064 32.71 1.30 27.78
CA ASN B 1064 34.09 1.28 28.22
C ASN B 1064 34.87 0.10 27.67
N PRO B 1065 36.07 0.36 27.13
CA PRO B 1065 36.92 -0.67 26.53
C PRO B 1065 37.29 -1.76 27.54
N ARG B 1066 37.44 -1.39 28.80
CA ARG B 1066 37.90 -2.32 29.82
C ARG B 1066 36.92 -3.43 30.16
N ILE B 1067 35.64 -3.23 29.86
CA ILE B 1067 34.66 -4.27 30.16
C ILE B 1067 34.15 -4.97 28.92
N ALA B 1068 34.75 -4.64 27.77
CA ALA B 1068 34.39 -5.26 26.50
C ALA B 1068 35.08 -6.61 26.37
N ARG B 1069 34.76 -7.52 27.30
CA ARG B 1069 35.48 -8.78 27.40
C ARG B 1069 34.76 -9.98 26.79
N ARG B 1070 33.73 -9.74 25.99
CA ARG B 1070 33.29 -10.79 25.10
C ARG B 1070 34.08 -10.61 23.81
N PHE B 1071 34.76 -11.68 23.39
CA PHE B 1071 35.69 -11.60 22.27
C PHE B 1071 35.17 -12.35 21.06
N ASN B 1072 35.27 -11.74 19.89
CA ASN B 1072 34.81 -12.35 18.65
C ASN B 1072 35.95 -12.76 17.74
N GLY B 1073 35.77 -13.87 17.04
CA GLY B 1073 36.77 -14.32 16.08
C GLY B 1073 37.82 -15.15 16.77
N VAL B 1074 38.53 -15.97 15.98
CA VAL B 1074 39.55 -16.86 16.54
C VAL B 1074 40.50 -17.26 15.40
N ARG B 1075 41.61 -17.89 15.74
CA ARG B 1075 42.61 -18.27 14.75
C ARG B 1075 43.22 -19.63 15.08
N ILE B 1076 42.80 -20.64 14.34
CA ILE B 1076 43.39 -21.96 14.48
C ILE B 1076 44.73 -22.02 13.74
N MET B 1077 45.78 -22.37 14.48
CA MET B 1077 47.14 -22.36 13.97
C MET B 1077 47.96 -23.27 14.86
N TYR B 1078 48.92 -23.98 14.27
CA TYR B 1078 49.59 -25.06 14.97
C TYR B 1078 51.02 -24.71 15.37
N LEU B 1079 51.16 -23.80 16.33
CA LEU B 1079 52.48 -23.41 16.82
C LEU B 1079 52.81 -24.03 18.18
N THR B 1080 54.09 -24.04 18.51
CA THR B 1080 54.54 -24.37 19.86
C THR B 1080 54.13 -23.27 20.83
N ASP B 1081 53.79 -23.64 22.07
CA ASP B 1081 53.43 -22.66 23.09
C ASP B 1081 54.62 -22.35 24.00
N ASP B 1082 55.65 -21.72 23.45
CA ASP B 1082 56.91 -21.57 24.17
C ASP B 1082 56.91 -20.53 25.28
N ASP B 1083 56.41 -19.33 25.00
CA ASP B 1083 56.42 -18.23 25.99
C ASP B 1083 55.06 -17.54 26.07
N PRO B 1084 54.09 -18.17 26.76
CA PRO B 1084 52.65 -17.86 26.72
C PRO B 1084 52.27 -16.45 27.23
N ASP B 1085 52.07 -15.52 26.30
CA ASP B 1085 51.38 -14.27 26.59
C ASP B 1085 49.99 -14.32 26.00
N PRO B 1086 48.96 -14.14 26.84
CA PRO B 1086 47.57 -14.13 26.39
C PRO B 1086 47.33 -13.03 25.34
N ASP B 1087 48.07 -11.94 25.45
CA ASP B 1087 47.99 -10.84 24.47
C ASP B 1087 48.45 -11.22 23.05
N PHE B 1088 49.25 -12.28 22.94
CA PHE B 1088 49.92 -12.64 21.68
C PHE B 1088 49.02 -13.26 20.62
N VAL B 1089 48.92 -12.59 19.48
CA VAL B 1089 48.21 -13.12 18.31
C VAL B 1089 49.21 -13.46 17.21
N PRO B 1090 49.32 -14.76 16.88
CA PRO B 1090 50.32 -15.22 15.91
C PRO B 1090 50.13 -14.59 14.53
N ASP B 1091 51.23 -14.30 13.86
CA ASP B 1091 51.19 -13.60 12.58
C ASP B 1091 51.21 -14.60 11.45
N VAL B 1092 50.42 -14.35 10.42
CA VAL B 1092 50.43 -15.21 9.24
C VAL B 1092 51.74 -15.02 8.49
N PRO B 1093 52.47 -16.13 8.26
CA PRO B 1093 53.81 -16.08 7.65
C PRO B 1093 53.78 -15.61 6.21
N GLU B 1094 54.90 -15.12 5.71
CA GLU B 1094 54.94 -14.31 4.49
C GLU B 1094 54.37 -14.99 3.23
N GLY B 1095 54.42 -16.32 3.16
CA GLY B 1095 53.99 -17.01 1.96
C GLY B 1095 52.51 -17.34 1.77
N TYR B 1096 51.68 -17.06 2.77
CA TYR B 1096 50.29 -17.53 2.78
C TYR B 1096 49.33 -16.80 1.85
N VAL B 1097 48.36 -17.55 1.31
CA VAL B 1097 47.33 -16.98 0.43
C VAL B 1097 45.97 -16.99 1.11
N ALA B 1098 45.31 -15.83 1.13
CA ALA B 1098 43.98 -15.73 1.72
C ALA B 1098 42.98 -16.54 0.92
N VAL B 1099 42.10 -17.24 1.62
CA VAL B 1099 41.09 -18.05 0.97
C VAL B 1099 39.79 -18.00 1.77
N GLN B 1100 38.79 -17.32 1.23
CA GLN B 1100 37.49 -17.34 1.87
C GLN B 1100 36.98 -18.76 1.79
N TYR B 1101 36.48 -19.29 2.90
CA TYR B 1101 35.87 -20.61 2.89
C TYR B 1101 34.57 -20.56 2.10
N ALA B 1102 34.29 -21.63 1.37
CA ALA B 1102 32.99 -21.84 0.78
C ALA B 1102 32.77 -23.34 0.75
N HIS B 1103 31.52 -23.77 0.81
CA HIS B 1103 31.23 -25.20 0.78
C HIS B 1103 31.74 -25.77 -0.54
N ARG B 1104 31.82 -24.90 -1.52
CA ARG B 1104 32.22 -25.25 -2.87
C ARG B 1104 33.67 -25.78 -2.95
N LEU B 1105 34.54 -25.30 -2.07
CA LEU B 1105 35.96 -25.67 -2.12
C LEU B 1105 36.19 -27.14 -1.84
N PHE B 1106 35.34 -27.70 -1.00
CA PHE B 1106 35.54 -29.08 -0.56
C PHE B 1106 34.57 -30.04 -1.21
N SER B 1107 35.09 -31.18 -1.65
CA SER B 1107 34.26 -32.15 -2.34
C SER B 1107 34.81 -33.53 -2.04
N SER B 1108 33.97 -34.56 -2.16
CA SER B 1108 34.50 -35.90 -2.10
C SER B 1108 35.10 -36.25 -3.46
N SER B 1109 36.11 -37.10 -3.48
CA SER B 1109 36.71 -37.56 -4.73
C SER B 1109 37.48 -38.87 -4.58
N LEU B 1110 37.43 -39.71 -5.62
CA LEU B 1110 38.32 -40.86 -5.71
C LEU B 1110 39.72 -40.29 -5.85
N ALA B 1111 40.67 -40.85 -5.11
CA ALA B 1111 42.05 -40.36 -5.11
C ALA B 1111 42.97 -41.48 -5.47
N ASN B 1112 43.24 -42.32 -4.48
CA ASN B 1112 44.07 -43.48 -4.69
C ASN B 1112 43.41 -44.65 -3.98
N LYS B 1113 42.51 -45.32 -4.70
CA LYS B 1113 41.72 -46.41 -4.14
C LYS B 1113 41.01 -46.03 -2.85
N ARG B 1114 40.66 -44.74 -2.72
CA ARG B 1114 39.93 -44.29 -1.55
C ARG B 1114 39.21 -42.99 -1.83
N ASN B 1115 37.98 -42.86 -1.33
CA ASN B 1115 37.27 -41.58 -1.34
C ASN B 1115 37.86 -40.62 -0.32
N ARG B 1116 37.93 -39.34 -0.66
CA ARG B 1116 38.69 -38.37 0.12
C ARG B 1116 38.07 -36.98 0.08
N VAL B 1117 38.27 -36.20 1.14
CA VAL B 1117 37.76 -34.83 1.17
C VAL B 1117 38.76 -33.87 0.51
N THR B 1118 38.67 -33.79 -0.81
CA THR B 1118 39.50 -32.92 -1.61
C THR B 1118 39.21 -31.44 -1.43
N TYR B 1119 40.29 -30.66 -1.39
CA TYR B 1119 40.23 -29.22 -1.37
C TYR B 1119 40.79 -28.68 -2.67
N THR B 1120 39.96 -28.00 -3.44
CA THR B 1120 40.44 -27.39 -4.69
C THR B 1120 40.74 -25.91 -4.51
N HIS B 1121 42.04 -25.58 -4.50
CA HIS B 1121 42.54 -24.27 -4.12
C HIS B 1121 42.17 -23.23 -5.19
N PRO B 1122 41.38 -22.21 -4.81
CA PRO B 1122 40.80 -21.26 -5.77
C PRO B 1122 41.77 -20.46 -6.66
N PRO B 1123 42.95 -20.07 -6.16
CA PRO B 1123 43.86 -19.34 -7.08
C PRO B 1123 44.24 -20.12 -8.32
N THR B 1124 44.39 -21.43 -8.20
CA THR B 1124 45.00 -22.24 -9.25
C THR B 1124 44.01 -23.26 -9.80
N GLY B 1125 43.03 -23.61 -8.98
CA GLY B 1125 42.02 -24.59 -9.33
C GLY B 1125 42.46 -26.02 -9.03
N MET B 1126 43.70 -26.17 -8.58
CA MET B 1126 44.24 -27.51 -8.30
C MET B 1126 43.62 -28.18 -7.10
N ALA B 1127 43.32 -29.47 -7.25
CA ALA B 1127 42.71 -30.27 -6.21
C ALA B 1127 43.75 -30.92 -5.32
N TYR B 1128 43.49 -30.91 -4.01
CA TYR B 1128 44.43 -31.49 -3.04
C TYR B 1128 43.70 -32.52 -2.21
N PRO B 1129 43.78 -33.79 -2.64
CA PRO B 1129 43.04 -34.91 -2.06
C PRO B 1129 43.32 -35.11 -0.56
N SER B 1130 44.55 -34.83 -0.12
CA SER B 1130 44.94 -35.11 1.25
C SER B 1130 45.52 -33.89 1.96
N PRO B 1131 45.30 -33.80 3.27
CA PRO B 1131 45.72 -32.66 4.09
C PRO B 1131 47.21 -32.34 4.07
N THR B 1132 48.07 -33.34 3.87
CA THR B 1132 49.52 -33.11 3.92
C THR B 1132 50.12 -32.24 2.80
N GLY B 1133 49.57 -32.28 1.60
CA GLY B 1133 50.21 -31.60 0.49
C GLY B 1133 49.84 -30.16 0.19
N ARG B 1134 48.78 -29.66 0.83
CA ARG B 1134 48.15 -28.40 0.42
C ARG B 1134 49.08 -27.20 0.56
N PRO B 1135 48.90 -26.19 -0.31
CA PRO B 1135 49.67 -24.93 -0.26
C PRO B 1135 49.41 -24.19 1.04
N HIS B 1136 50.39 -23.44 1.54
CA HIS B 1136 50.16 -22.65 2.76
C HIS B 1136 49.00 -21.71 2.53
N VAL B 1137 47.97 -21.83 3.36
CA VAL B 1137 46.69 -21.19 3.10
C VAL B 1137 46.19 -20.48 4.33
N HIS B 1138 45.87 -19.21 4.19
CA HIS B 1138 45.23 -18.46 5.26
C HIS B 1138 43.73 -18.42 4.95
N MET B 1139 43.03 -19.44 5.42
CA MET B 1139 41.59 -19.54 5.25
C MET B 1139 40.80 -18.69 6.24
N THR B 1140 39.64 -18.21 5.77
CA THR B 1140 38.71 -17.53 6.64
C THR B 1140 37.32 -18.14 6.57
N ILE B 1141 36.79 -18.48 7.73
CA ILE B 1141 35.45 -19.05 7.82
C ILE B 1141 34.51 -18.04 8.45
N ASN B 1142 33.88 -17.24 7.60
CA ASN B 1142 32.96 -16.22 8.05
C ASN B 1142 31.69 -16.77 8.69
N GLU B 1143 31.22 -17.89 8.18
CA GLU B 1143 29.91 -18.38 8.55
C GLU B 1143 29.99 -19.61 9.46
N ARG B 1144 30.53 -20.69 8.91
CA ARG B 1144 30.66 -21.99 9.58
C ARG B 1144 29.37 -22.82 9.56
N ALA B 1145 28.22 -22.16 9.40
CA ALA B 1145 26.96 -22.87 9.24
C ALA B 1145 26.88 -23.62 7.92
N GLY B 1146 26.37 -24.85 7.97
CA GLY B 1146 26.21 -25.68 6.79
C GLY B 1146 27.42 -26.55 6.50
N MET B 1147 28.52 -26.25 7.16
CA MET B 1147 29.82 -26.90 6.89
C MET B 1147 29.80 -28.37 7.26
N SER B 1148 30.33 -29.21 6.39
CA SER B 1148 30.36 -30.66 6.67
C SER B 1148 31.33 -31.00 7.78
N LYS B 1149 30.96 -31.94 8.64
CA LYS B 1149 31.84 -32.34 9.73
C LYS B 1149 33.13 -32.99 9.21
N LEU B 1150 33.03 -33.74 8.12
CA LEU B 1150 34.19 -34.31 7.46
C LEU B 1150 35.09 -33.22 6.91
N VAL B 1151 34.47 -32.16 6.42
CA VAL B 1151 35.24 -31.03 5.91
C VAL B 1151 35.96 -30.34 7.05
N ALA B 1152 35.29 -30.17 8.19
CA ALA B 1152 35.90 -29.53 9.35
C ALA B 1152 37.10 -30.31 9.87
N ASP B 1153 36.97 -31.64 9.86
CA ASP B 1153 38.07 -32.50 10.25
C ASP B 1153 39.21 -32.30 9.26
N ASN B 1154 38.86 -32.19 7.99
CA ASN B 1154 39.87 -32.02 6.96
C ASN B 1154 40.60 -30.66 7.06
N ILE B 1155 39.89 -29.65 7.53
CA ILE B 1155 40.45 -28.31 7.64
C ILE B 1155 41.39 -28.21 8.83
N ILE B 1156 40.97 -28.75 9.97
CA ILE B 1156 41.88 -28.76 11.11
C ILE B 1156 43.09 -29.66 10.79
N ALA B 1157 42.85 -30.72 10.03
CA ALA B 1157 43.93 -31.60 9.61
C ALA B 1157 44.90 -30.87 8.67
N SER B 1158 44.39 -29.95 7.86
CA SER B 1158 45.27 -29.16 7.01
C SER B 1158 46.04 -28.17 7.86
N VAL B 1159 45.42 -27.75 8.96
CA VAL B 1159 46.09 -26.87 9.91
C VAL B 1159 47.28 -27.58 10.50
N ILE B 1160 47.11 -28.87 10.76
CA ILE B 1160 48.16 -29.65 11.40
C ILE B 1160 49.25 -30.15 10.44
N LYS B 1161 48.83 -30.72 9.31
CA LYS B 1161 49.76 -31.31 8.35
C LYS B 1161 50.36 -30.31 7.36
N SER B 1162 49.55 -29.35 6.91
CA SER B 1162 50.01 -28.40 5.90
C SER B 1162 50.17 -26.98 6.44
N ASN B 1163 50.14 -26.84 7.76
CA ASN B 1163 50.30 -25.54 8.43
C ASN B 1163 49.34 -24.49 7.91
N TRP B 1164 48.10 -24.88 7.65
CA TRP B 1164 47.07 -23.92 7.31
C TRP B 1164 46.84 -23.00 8.49
N VAL B 1165 46.47 -21.75 8.20
CA VAL B 1165 46.02 -20.82 9.25
C VAL B 1165 44.54 -20.58 9.02
N VAL B 1166 43.73 -20.83 10.04
CA VAL B 1166 42.29 -20.75 9.85
C VAL B 1166 41.61 -19.83 10.86
N ASP B 1167 41.50 -18.55 10.48
CA ASP B 1167 40.69 -17.59 11.22
C ASP B 1167 39.18 -17.93 11.11
N ILE B 1168 38.48 -17.86 12.24
CA ILE B 1168 37.06 -18.19 12.30
C ILE B 1168 36.30 -17.04 12.96
N LEU B 1169 35.59 -16.28 12.15
CA LEU B 1169 35.02 -15.01 12.61
C LEU B 1169 33.72 -15.13 13.40
N ASP B 1170 33.09 -16.29 13.36
CA ASP B 1170 31.79 -16.49 14.01
C ASP B 1170 31.84 -16.89 15.49
N ILE B 1171 33.04 -17.10 16.03
CA ILE B 1171 33.19 -17.57 17.41
C ILE B 1171 33.15 -16.46 18.46
N GLU B 1172 32.17 -16.51 19.35
CA GLU B 1172 32.15 -15.61 20.51
C GLU B 1172 32.70 -16.37 21.70
N TYR B 1173 33.54 -15.72 22.48
CA TYR B 1173 34.06 -16.38 23.66
C TYR B 1173 34.53 -15.40 24.69
N THR B 1174 34.53 -15.84 25.95
CA THR B 1174 35.30 -15.18 27.00
C THR B 1174 36.69 -15.80 27.19
N ALA B 1175 37.56 -15.08 27.88
CA ALA B 1175 38.85 -15.66 28.27
C ALA B 1175 39.15 -15.46 29.76
N GLU B 1176 39.93 -16.38 30.31
CA GLU B 1176 40.38 -16.29 31.69
C GLU B 1176 41.89 -16.45 31.65
N VAL B 1177 42.62 -15.46 32.13
CA VAL B 1177 44.06 -15.57 32.18
C VAL B 1177 44.52 -16.24 33.48
N MET B 1178 44.84 -17.53 33.37
CA MET B 1178 45.37 -18.33 34.47
C MET B 1178 46.85 -18.04 34.74
N THR B 1179 47.26 -18.14 36.00
CA THR B 1179 48.66 -18.08 36.38
C THR B 1179 49.28 -19.46 36.13
N PRO B 1180 50.62 -19.53 35.98
CA PRO B 1180 51.25 -20.84 35.78
C PRO B 1180 50.98 -21.82 36.92
N SER B 1181 50.86 -21.33 38.14
CA SER B 1181 50.52 -22.19 39.27
C SER B 1181 49.10 -22.75 39.13
N GLU B 1182 48.20 -21.93 38.60
CA GLU B 1182 46.78 -22.29 38.49
C GLU B 1182 46.60 -23.46 37.54
N GLY B 1183 47.48 -23.56 36.54
CA GLY B 1183 47.36 -24.57 35.51
C GLY B 1183 46.26 -24.23 34.51
N TYR B 1184 45.86 -25.20 33.72
CA TYR B 1184 44.69 -25.05 32.85
C TYR B 1184 43.61 -25.97 33.37
N THR B 1185 42.59 -25.42 34.04
CA THR B 1185 41.57 -26.27 34.62
C THR B 1185 40.74 -26.99 33.56
N GLN B 1186 40.61 -26.39 32.37
CA GLN B 1186 39.78 -27.00 31.32
C GLN B 1186 40.12 -26.58 29.90
N HIS B 1187 39.72 -27.42 28.94
CA HIS B 1187 40.19 -27.28 27.57
C HIS B 1187 39.07 -27.36 26.57
N VAL B 1188 39.25 -26.62 25.47
CA VAL B 1188 38.23 -26.51 24.43
C VAL B 1188 38.66 -27.29 23.19
N ASP B 1189 37.92 -28.36 22.90
CA ASP B 1189 38.20 -29.17 21.72
C ASP B 1189 37.97 -28.38 20.43
N ALA B 1190 38.82 -28.63 19.45
CA ALA B 1190 38.61 -28.12 18.10
C ALA B 1190 37.30 -28.66 17.54
N GLU B 1191 36.90 -29.83 18.05
CA GLU B 1191 35.68 -30.48 17.57
C GLU B 1191 34.47 -29.61 17.82
N SER B 1192 34.48 -28.87 18.93
CA SER B 1192 33.35 -28.01 19.28
C SER B 1192 33.50 -26.62 18.69
N ILE B 1193 34.74 -26.16 18.59
CA ILE B 1193 35.02 -24.85 18.00
C ILE B 1193 34.60 -24.89 16.55
N MET B 1194 34.56 -26.10 16.01
CA MET B 1194 34.17 -26.32 14.61
C MET B 1194 32.69 -26.64 14.41
N THR B 1195 32.10 -27.36 15.35
CA THR B 1195 30.71 -27.83 15.17
C THR B 1195 29.81 -27.43 16.35
N ALA B 1196 29.57 -26.13 16.47
CA ALA B 1196 28.70 -25.61 17.52
C ALA B 1196 27.74 -24.61 16.88
N PRO B 1197 26.59 -24.38 17.53
CA PRO B 1197 25.66 -23.37 17.03
C PRO B 1197 26.34 -22.00 17.07
N LYS B 1198 25.95 -21.11 16.15
CA LYS B 1198 26.61 -19.82 15.98
C LYS B 1198 26.56 -18.91 17.21
N GLY B 1199 25.53 -19.05 18.03
CA GLY B 1199 25.44 -18.23 19.23
C GLY B 1199 26.12 -18.71 20.51
N LYS B 1200 26.70 -19.91 20.47
CA LYS B 1200 27.31 -20.52 21.65
C LYS B 1200 28.47 -19.67 22.15
N LEU B 1201 28.68 -19.67 23.47
CA LEU B 1201 29.66 -18.79 24.09
C LEU B 1201 30.79 -19.57 24.77
N PHE B 1202 31.90 -19.74 24.05
CA PHE B 1202 33.05 -20.50 24.56
C PHE B 1202 33.80 -19.81 25.68
N HIS B 1203 34.52 -20.58 26.50
CA HIS B 1203 35.35 -19.97 27.52
C HIS B 1203 36.80 -20.44 27.45
N LEU B 1204 37.59 -19.70 26.68
CA LEU B 1204 39.01 -20.01 26.50
C LEU B 1204 39.86 -19.63 27.71
N GLN B 1205 41.01 -20.29 27.87
CA GLN B 1205 41.91 -20.00 28.97
C GLN B 1205 43.30 -19.78 28.43
N PHE B 1206 44.01 -18.81 29.00
CA PHE B 1206 45.35 -18.47 28.52
C PHE B 1206 46.30 -18.28 29.68
N MET B 1207 47.29 -19.15 29.78
CA MET B 1207 48.30 -18.98 30.81
C MET B 1207 49.12 -17.74 30.52
N ASP B 1208 49.46 -17.02 31.59
CA ASP B 1208 50.45 -15.95 31.52
C ASP B 1208 51.77 -16.54 31.99
N GLY B 1209 52.70 -16.74 31.06
CA GLY B 1209 53.92 -17.48 31.30
C GLY B 1209 55.05 -16.65 31.87
N LEU B 1210 54.74 -15.42 32.23
CA LEU B 1210 55.73 -14.47 32.73
C LEU B 1210 56.43 -14.90 34.03
N LEU B 1211 55.73 -15.64 34.89
CA LEU B 1211 56.28 -15.98 36.20
C LEU B 1211 56.70 -17.42 36.36
N ARG B 1212 56.83 -18.15 35.25
CA ARG B 1212 57.23 -19.55 35.34
C ARG B 1212 58.64 -19.65 35.89
N PRO B 1213 58.87 -20.64 36.75
CA PRO B 1213 60.22 -20.95 37.22
C PRO B 1213 61.14 -21.40 36.06
N GLU B 1214 62.40 -20.99 36.11
CA GLU B 1214 63.40 -21.56 35.20
C GLU B 1214 63.87 -22.90 35.75
N PRO B 1215 64.13 -23.87 34.86
CA PRO B 1215 64.74 -25.14 35.26
C PRO B 1215 66.15 -24.92 35.80
N SER B 1216 66.59 -25.78 36.71
CA SER B 1216 67.96 -25.71 37.23
C SER B 1216 68.96 -25.95 36.12
N ALA B 1217 70.15 -25.36 36.26
CA ALA B 1217 71.12 -25.32 35.16
C ALA B 1217 71.58 -26.71 34.74
N PHE B 1218 71.42 -27.69 35.62
CA PHE B 1218 71.92 -29.03 35.37
C PHE B 1218 70.84 -30.10 35.15
N ASP B 1219 69.57 -29.72 35.24
CA ASP B 1219 68.51 -30.71 35.09
C ASP B 1219 68.46 -31.15 33.64
N PRO B 1220 68.51 -32.47 33.41
CA PRO B 1220 68.47 -33.02 32.05
C PRO B 1220 67.12 -32.68 31.40
N PRO B 1221 67.11 -32.51 30.07
CA PRO B 1221 65.95 -32.07 29.29
C PRO B 1221 64.76 -33.00 29.39
N ALA B 1222 63.54 -32.44 29.39
CA ALA B 1222 62.31 -33.22 29.31
C ALA B 1222 61.92 -33.55 27.85
N SER B 1223 60.98 -34.48 27.68
CA SER B 1223 60.74 -35.06 26.34
C SER B 1223 59.73 -34.37 25.41
N GLY B 1224 58.64 -33.84 25.97
CA GLY B 1224 57.57 -33.29 25.14
C GLY B 1224 57.68 -31.84 24.69
N GLU B 1225 56.62 -31.35 24.05
CA GLU B 1225 56.48 -29.94 23.67
C GLU B 1225 55.05 -29.48 23.91
N ASP B 1226 54.89 -28.39 24.65
CA ASP B 1226 53.56 -27.76 24.79
C ASP B 1226 53.20 -27.11 23.46
N MET B 1227 51.93 -27.20 23.06
CA MET B 1227 51.49 -26.71 21.77
C MET B 1227 50.14 -26.03 21.91
N ARG B 1228 49.97 -24.88 21.27
CA ARG B 1228 48.70 -24.20 21.27
C ARG B 1228 48.10 -24.16 19.87
N LEU B 1229 46.86 -24.61 19.75
CA LEU B 1229 46.20 -24.74 18.46
C LEU B 1229 45.20 -23.63 18.17
N ILE B 1230 44.73 -22.95 19.22
CA ILE B 1230 43.65 -21.98 19.08
C ILE B 1230 44.06 -20.65 19.70
N TYR B 1231 43.95 -19.57 18.92
CA TYR B 1231 44.42 -18.26 19.35
C TYR B 1231 43.38 -17.16 19.20
N PRO B 1232 43.48 -16.13 20.03
CA PRO B 1232 42.68 -14.90 19.91
C PRO B 1232 43.00 -14.13 18.64
N LEU B 1233 42.02 -13.39 18.11
CA LEU B 1233 42.28 -12.43 17.04
C LEU B 1233 42.46 -11.01 17.53
N GLN B 1234 42.07 -10.76 18.77
CA GLN B 1234 42.09 -9.42 19.33
C GLN B 1234 42.73 -9.46 20.71
N PRO B 1235 43.31 -8.34 21.14
CA PRO B 1235 43.95 -8.24 22.47
C PRO B 1235 43.05 -8.66 23.65
N ILE B 1236 43.27 -9.87 24.16
CA ILE B 1236 42.68 -10.33 25.41
C ILE B 1236 43.34 -9.51 26.49
N SER B 1237 42.80 -9.59 27.71
CA SER B 1237 43.36 -8.87 28.86
C SER B 1237 43.34 -7.37 28.62
N VAL B 1238 42.19 -6.88 28.15
CA VAL B 1238 41.92 -5.46 28.08
C VAL B 1238 41.71 -4.86 29.46
N ALA B 1239 41.26 -5.68 30.41
CA ALA B 1239 40.92 -5.18 31.73
C ALA B 1239 42.15 -4.94 32.59
N ARG B 1240 43.27 -5.47 32.14
CA ARG B 1240 44.48 -5.55 32.95
C ARG B 1240 45.00 -4.17 33.32
N SER B 1241 45.33 -4.01 34.60
CA SER B 1241 45.85 -2.78 35.13
C SER B 1241 47.29 -3.04 35.59
N MET B 1242 47.49 -4.19 36.22
CA MET B 1242 48.84 -4.51 36.67
C MET B 1242 49.27 -5.91 36.28
N ARG B 1243 50.56 -6.08 36.03
CA ARG B 1243 51.10 -7.40 35.72
C ARG B 1243 52.44 -7.62 36.41
N ALA B 1244 52.61 -8.81 37.00
CA ALA B 1244 53.89 -9.28 37.54
C ALA B 1244 54.44 -8.39 38.63
N ILE B 1245 53.73 -8.31 39.75
CA ILE B 1245 54.16 -7.54 40.91
C ILE B 1245 55.18 -8.35 41.72
N VAL B 1246 56.39 -8.44 41.16
CA VAL B 1246 57.51 -9.20 41.72
C VAL B 1246 58.77 -8.56 41.18
N ASN B 1247 59.88 -8.64 41.90
CA ASN B 1247 61.11 -8.08 41.34
C ASN B 1247 62.00 -9.16 40.76
N HIS B 1248 62.48 -8.93 39.55
CA HIS B 1248 63.47 -9.79 38.95
C HIS B 1248 64.78 -9.55 39.69
N ASN B 1249 65.55 -10.60 39.91
CA ASN B 1249 66.78 -10.48 40.67
C ASN B 1249 67.98 -10.04 39.84
N GLU B 1250 67.82 -9.97 38.52
CA GLU B 1250 68.93 -9.54 37.67
C GLU B 1250 68.60 -8.22 36.94
N VAL B 1251 67.65 -8.26 36.02
CA VAL B 1251 67.20 -7.04 35.33
C VAL B 1251 66.38 -6.11 36.26
N ASP B 1252 66.44 -4.80 36.01
CA ASP B 1252 65.83 -3.81 36.91
C ASP B 1252 64.30 -3.89 37.06
N ARG B 1253 63.59 -4.24 35.99
CA ARG B 1253 62.16 -4.56 36.09
C ARG B 1253 61.85 -5.73 35.19
N PRO B 1254 60.89 -6.57 35.59
CA PRO B 1254 60.61 -7.78 34.80
C PRO B 1254 60.12 -7.40 33.41
N ARG B 1255 60.48 -8.19 32.41
CA ARG B 1255 59.97 -7.97 31.08
C ARG B 1255 58.46 -8.18 31.14
N GLY B 1256 57.69 -7.26 30.57
CA GLY B 1256 56.25 -7.41 30.53
C GLY B 1256 55.49 -6.97 31.77
N ALA B 1257 56.20 -6.47 32.77
CA ALA B 1257 55.55 -5.89 33.95
C ALA B 1257 54.85 -4.59 33.58
N VAL B 1258 53.63 -4.38 34.07
CA VAL B 1258 52.91 -3.15 33.71
C VAL B 1258 52.45 -2.36 34.94
N ALA B 1259 52.83 -1.08 34.98
CA ALA B 1259 52.44 -0.18 36.06
C ALA B 1259 51.01 0.33 35.85
N PRO B 1260 50.31 0.63 36.96
CA PRO B 1260 48.94 1.17 36.89
C PRO B 1260 48.92 2.54 36.21
N SER B 1261 47.84 2.86 35.49
CA SER B 1261 47.74 4.16 34.82
C SER B 1261 47.64 5.26 35.86
N SER B 1262 48.18 6.43 35.54
CA SER B 1262 48.19 7.54 36.49
C SER B 1262 46.78 8.02 36.80
N TYR B 1263 45.87 7.79 35.87
CA TYR B 1263 44.47 8.17 36.04
C TYR B 1263 43.82 7.41 37.17
N GLU B 1264 44.33 6.22 37.49
CA GLU B 1264 43.77 5.40 38.56
C GLU B 1264 43.94 6.10 39.89
N MET B 1265 44.92 7.01 39.94
CA MET B 1265 45.31 7.64 41.18
C MET B 1265 45.02 9.15 41.28
N ASP B 1266 44.58 9.79 40.19
CA ASP B 1266 44.29 11.23 40.24
C ASP B 1266 42.91 11.44 40.80
N THR B 1267 42.82 11.81 42.07
CA THR B 1267 41.53 12.07 42.69
C THR B 1267 40.88 13.29 42.09
N GLY B 1268 41.71 14.17 41.55
CA GLY B 1268 41.23 15.40 40.97
C GLY B 1268 40.44 16.19 41.99
N THR B 1269 39.28 16.66 41.55
CA THR B 1269 38.45 17.54 42.36
C THR B 1269 37.01 17.22 42.05
N LEU B 1270 36.11 17.81 42.82
CA LEU B 1270 34.72 17.84 42.42
C LEU B 1270 34.47 19.23 41.85
N SER B 1271 33.89 19.28 40.66
CA SER B 1271 33.59 20.55 40.01
C SER B 1271 32.46 21.23 40.75
N ARG B 1272 32.34 22.54 40.59
CA ARG B 1272 31.26 23.30 41.22
C ARG B 1272 29.91 22.74 40.76
N ASN B 1273 29.90 22.22 39.54
CA ASN B 1273 28.72 21.60 38.95
C ASN B 1273 28.30 20.27 39.58
N GLY B 1274 29.25 19.58 40.19
CA GLY B 1274 29.00 18.25 40.73
C GLY B 1274 29.60 17.13 39.88
N ASP B 1275 30.06 17.47 38.68
CA ASP B 1275 30.82 16.50 37.88
C ASP B 1275 32.25 16.32 38.38
N LEU B 1276 32.81 15.13 38.20
CA LEU B 1276 34.18 14.85 38.60
C LEU B 1276 35.19 15.43 37.62
N LEU B 1277 36.37 15.77 38.14
CA LEU B 1277 37.47 16.21 37.29
C LEU B 1277 38.77 15.50 37.66
N TYR B 1278 39.68 15.40 36.68
CA TYR B 1278 41.07 15.05 36.97
C TYR B 1278 41.80 16.31 37.44
N SER B 1279 43.03 16.17 37.92
CA SER B 1279 43.82 17.35 38.26
C SER B 1279 44.21 18.07 36.97
N PRO B 1280 44.38 19.39 37.05
CA PRO B 1280 44.92 20.14 35.89
C PRO B 1280 46.33 19.71 35.53
N VAL B 1281 46.65 19.65 34.24
CA VAL B 1281 47.99 19.24 33.80
C VAL B 1281 48.97 20.39 33.80
N ALA B 1282 48.46 21.60 33.98
CA ALA B 1282 49.28 22.79 34.04
C ALA B 1282 48.48 23.90 34.70
N ASN B 1283 49.15 24.87 35.28
CA ASN B 1283 48.46 25.99 35.91
C ASN B 1283 47.69 26.83 34.89
N GLY B 1284 46.52 27.31 35.28
CA GLY B 1284 45.69 28.12 34.41
C GLY B 1284 44.85 27.26 33.48
N GLN B 1285 44.99 25.95 33.63
CA GLN B 1285 44.20 24.99 32.88
C GLN B 1285 43.24 24.29 33.83
N VAL B 1286 42.00 24.13 33.41
CA VAL B 1286 41.05 23.35 34.19
C VAL B 1286 41.34 21.87 33.97
N GLY B 1287 40.99 21.02 34.93
CA GLY B 1287 41.17 19.60 34.77
C GLY B 1287 40.19 18.97 33.80
N ILE B 1288 40.59 17.86 33.18
CA ILE B 1288 39.71 17.13 32.28
C ILE B 1288 38.62 16.44 33.08
N PRO B 1289 37.35 16.59 32.66
CA PRO B 1289 36.32 15.79 33.33
C PRO B 1289 36.56 14.30 33.19
N LYS B 1290 36.30 13.57 34.25
CA LYS B 1290 36.56 12.13 34.27
C LYS B 1290 35.67 11.32 33.33
N LEU B 1291 34.42 11.76 33.16
CA LEU B 1291 33.48 11.04 32.32
C LEU B 1291 33.72 11.32 30.84
N GLU B 1292 34.46 12.40 30.56
CA GLU B 1292 34.77 12.80 29.19
C GLU B 1292 35.68 11.80 28.46
N VAL B 1293 36.53 11.09 29.21
CA VAL B 1293 37.54 10.18 28.62
C VAL B 1293 37.35 8.72 29.03
N ASP B 1294 38.10 7.82 28.37
CA ASP B 1294 37.91 6.37 28.58
C ASP B 1294 38.66 5.66 29.73
N HIS B 1295 39.57 6.35 30.42
CA HIS B 1295 40.33 5.74 31.52
C HIS B 1295 39.49 5.58 32.78
N ILE B 1296 39.84 4.59 33.61
CA ILE B 1296 39.13 4.38 34.87
C ILE B 1296 39.89 5.00 36.01
N SER B 1297 39.23 5.85 36.78
CA SER B 1297 39.84 6.44 37.98
C SER B 1297 39.27 5.79 39.22
N PHE B 1298 40.14 5.37 40.13
CA PHE B 1298 39.68 4.63 41.28
C PHE B 1298 39.73 5.39 42.60
N SER B 1299 40.12 6.66 42.55
CA SER B 1299 39.98 7.53 43.70
C SER B 1299 39.22 8.77 43.28
N ASN B 1300 38.10 9.05 43.96
CA ASN B 1300 37.22 10.14 43.55
C ASN B 1300 36.53 10.82 44.72
N VAL B 1301 36.38 12.15 44.65
CA VAL B 1301 35.56 12.87 45.63
C VAL B 1301 34.08 12.50 45.47
N VAL B 1302 33.44 12.25 46.60
CA VAL B 1302 32.02 11.99 46.65
C VAL B 1302 31.50 12.96 47.69
N SER B 1303 30.50 13.75 47.31
CA SER B 1303 29.79 14.57 48.27
C SER B 1303 28.90 13.65 49.10
N MET B 1304 28.75 13.98 50.37
CA MET B 1304 27.89 13.18 51.23
C MET B 1304 27.40 14.01 52.38
N MET B 1305 26.30 13.57 52.99
CA MET B 1305 25.68 14.33 54.05
C MET B 1305 26.08 13.87 55.43
N THR B 1306 26.45 14.82 56.28
CA THR B 1306 26.77 14.55 57.66
C THR B 1306 25.48 14.29 58.42
N ALA B 1307 25.60 13.90 59.68
CA ALA B 1307 24.45 13.53 60.50
C ALA B 1307 23.47 14.69 60.63
N ASN B 1308 23.99 15.90 60.51
CA ASN B 1308 23.17 17.10 60.67
C ASN B 1308 22.08 17.29 59.63
N ILE B 1309 22.24 16.68 58.46
CA ILE B 1309 21.23 16.79 57.41
C ILE B 1309 19.96 15.98 57.67
N ARG B 1310 20.01 14.67 57.44
CA ARG B 1310 18.80 13.82 57.45
C ARG B 1310 17.81 14.22 56.36
N THR B 1311 17.24 13.23 55.69
CA THR B 1311 16.18 13.48 54.72
C THR B 1311 15.23 12.29 54.69
N GLY B 1312 13.98 12.52 54.30
CA GLY B 1312 13.01 11.45 54.26
C GLY B 1312 12.37 11.18 55.61
N ASP B 1313 12.75 11.94 56.63
CA ASP B 1313 12.13 11.83 57.95
C ASP B 1313 10.72 12.41 57.94
N ASP B 1314 9.80 11.79 58.69
CA ASP B 1314 8.48 12.37 58.90
C ASP B 1314 8.61 13.61 59.77
N MET B 1315 7.90 14.69 59.41
CA MET B 1315 8.00 15.94 60.14
C MET B 1315 6.66 16.33 60.73
N ALA B 1316 6.71 16.98 61.88
CA ALA B 1316 5.48 17.28 62.62
C ALA B 1316 4.98 18.70 62.43
N VAL B 1317 3.66 18.85 62.43
CA VAL B 1317 3.04 20.17 62.24
C VAL B 1317 1.84 20.38 63.17
N GLU B 1318 1.38 21.63 63.20
CA GLU B 1318 0.16 21.96 63.90
C GLU B 1318 -0.89 22.42 62.90
N ARG B 1319 -1.83 21.53 62.58
CA ARG B 1319 -3.00 21.92 61.80
C ARG B 1319 -3.99 22.74 62.62
N VAL B 1320 -4.56 23.77 62.01
CA VAL B 1320 -5.53 24.62 62.68
C VAL B 1320 -6.75 24.86 61.77
N ASN B 1321 -7.81 24.12 62.03
CA ASN B 1321 -9.01 24.15 61.21
C ASN B 1321 -9.68 25.50 61.29
N PRO B 1322 -10.38 25.89 60.21
CA PRO B 1322 -11.07 27.19 60.17
C PRO B 1322 -12.14 27.28 61.27
N ASP B 1323 -12.32 28.46 61.85
CA ASP B 1323 -13.24 28.62 62.99
C ASP B 1323 -14.70 28.39 62.64
N ASP B 1324 -15.09 28.75 61.41
CA ASP B 1324 -16.43 28.47 60.91
C ASP B 1324 -16.37 28.11 59.45
N VAL B 1325 -17.15 27.10 59.06
CA VAL B 1325 -17.19 26.69 57.65
C VAL B 1325 -17.81 27.79 56.79
N ARG B 1326 -18.73 28.55 57.36
CA ARG B 1326 -19.44 29.58 56.61
C ARG B 1326 -18.59 30.82 56.37
N ALA B 1327 -17.49 30.93 57.12
CA ALA B 1327 -16.61 32.09 57.00
C ALA B 1327 -15.49 31.89 55.97
N ILE B 1328 -15.39 30.67 55.44
CA ILE B 1328 -14.38 30.36 54.42
C ILE B 1328 -14.79 30.99 53.11
N ASN B 1329 -13.83 31.44 52.32
CA ASN B 1329 -14.15 31.91 50.98
C ASN B 1329 -13.32 31.24 49.91
N ILE B 1330 -13.97 30.97 48.78
CA ILE B 1330 -13.43 30.10 47.74
C ILE B 1330 -12.94 30.90 46.52
N ARG B 1331 -13.88 31.60 45.88
CA ARG B 1331 -13.57 32.64 44.91
C ARG B 1331 -13.22 33.87 45.75
N ASN B 1332 -12.53 34.87 45.20
CA ASN B 1332 -12.03 34.91 43.82
C ASN B 1332 -10.60 34.44 43.74
N ALA B 1333 -10.01 34.18 44.91
CA ALA B 1333 -8.61 33.74 45.01
C ALA B 1333 -7.60 34.74 44.46
N LYS C 74 4.14 -104.54 -28.04
CA LYS C 74 3.63 -103.38 -27.31
C LYS C 74 3.14 -102.29 -28.26
N ILE C 75 2.20 -101.48 -27.78
CA ILE C 75 1.66 -100.37 -28.58
C ILE C 75 2.66 -99.22 -28.77
N ALA C 76 2.58 -98.59 -29.94
CA ALA C 76 3.30 -97.35 -30.22
C ALA C 76 2.69 -96.23 -29.41
N THR C 77 3.51 -95.27 -28.98
CA THR C 77 2.97 -94.11 -28.25
C THR C 77 3.60 -92.79 -28.66
N ALA C 78 2.89 -91.72 -28.35
CA ALA C 78 3.37 -90.36 -28.58
C ALA C 78 3.85 -89.75 -27.28
N SER C 79 4.64 -88.70 -27.39
CA SER C 79 5.10 -87.97 -26.21
C SER C 79 5.40 -86.55 -26.59
N SER C 80 5.66 -85.71 -25.60
CA SER C 80 5.86 -84.29 -25.86
C SER C 80 6.92 -83.69 -24.97
N ALA C 81 7.51 -82.60 -25.43
CA ALA C 81 8.51 -81.88 -24.64
C ALA C 81 8.54 -80.44 -25.06
N ARG C 82 9.05 -79.58 -24.21
CA ARG C 82 9.30 -78.18 -24.58
C ARG C 82 10.43 -77.74 -23.69
N GLN C 83 11.23 -76.79 -24.16
CA GLN C 83 12.37 -76.36 -23.36
C GLN C 83 11.90 -75.66 -22.10
N ALA C 84 12.51 -76.01 -20.96
CA ALA C 84 12.14 -75.42 -19.69
C ALA C 84 12.83 -74.07 -19.44
N ASP C 85 12.13 -73.18 -18.73
CA ASP C 85 12.74 -71.94 -18.26
C ASP C 85 13.68 -72.23 -17.11
N VAL C 86 14.77 -71.48 -17.03
CA VAL C 86 15.66 -71.55 -15.87
C VAL C 86 16.04 -70.16 -15.39
N GLU C 87 15.25 -69.17 -15.82
CA GLU C 87 15.50 -67.79 -15.43
C GLU C 87 15.39 -67.71 -13.92
N LYS C 88 16.37 -67.07 -13.29
CA LYS C 88 16.39 -66.93 -11.85
C LYS C 88 16.80 -65.51 -11.51
N PRO C 89 16.41 -65.03 -10.32
CA PRO C 89 16.91 -63.73 -9.87
C PRO C 89 18.42 -63.80 -9.75
N ALA C 90 19.11 -62.72 -10.10
CA ALA C 90 20.55 -62.74 -10.21
C ALA C 90 21.22 -62.99 -8.86
N ASP C 91 22.23 -63.85 -8.86
CA ASP C 91 22.98 -64.13 -7.64
C ASP C 91 23.73 -62.90 -7.20
N VAL C 92 23.80 -62.70 -5.89
CA VAL C 92 24.62 -61.64 -5.34
C VAL C 92 25.95 -62.20 -4.81
N THR C 93 26.86 -62.47 -5.74
CA THR C 93 28.20 -62.96 -5.42
C THR C 93 28.96 -61.90 -4.64
N PHE C 94 29.80 -62.32 -3.70
CA PHE C 94 30.61 -61.38 -2.91
C PHE C 94 32.02 -61.14 -3.45
N THR C 95 32.58 -62.16 -4.07
CA THR C 95 33.91 -62.07 -4.67
C THR C 95 33.91 -61.19 -5.91
N ILE C 96 35.02 -60.49 -6.14
CA ILE C 96 35.26 -59.74 -7.36
C ILE C 96 36.13 -60.55 -8.32
N GLU C 97 36.23 -60.14 -9.59
CA GLU C 97 37.15 -60.79 -10.53
C GLU C 97 38.41 -59.97 -10.75
N ASN C 98 38.24 -58.78 -11.34
CA ASN C 98 39.34 -57.86 -11.59
C ASN C 98 39.75 -57.08 -10.34
N VAL C 99 40.99 -56.62 -10.28
CA VAL C 99 41.40 -55.70 -9.21
C VAL C 99 40.69 -54.35 -9.32
N ASP C 100 40.30 -54.00 -10.54
CA ASP C 100 39.62 -52.74 -10.79
C ASP C 100 38.22 -52.63 -10.17
N ASP C 101 37.53 -53.75 -10.02
CA ASP C 101 36.16 -53.76 -9.47
C ASP C 101 36.13 -53.35 -8.00
N VAL C 102 35.10 -52.59 -7.61
CA VAL C 102 34.95 -52.15 -6.23
C VAL C 102 34.68 -53.33 -5.31
N GLY C 103 35.35 -53.37 -4.16
CA GLY C 103 35.24 -54.49 -3.23
C GLY C 103 33.85 -54.55 -2.61
N ILE C 104 33.38 -55.75 -2.30
CA ILE C 104 32.02 -55.91 -1.79
C ILE C 104 32.07 -56.41 -0.35
N MET C 105 32.91 -57.42 -0.13
CA MET C 105 33.17 -57.95 1.19
C MET C 105 33.86 -56.88 2.03
N GLN C 106 33.58 -56.87 3.32
CA GLN C 106 34.19 -55.91 4.23
C GLN C 106 35.72 -56.07 4.24
N GLN C 107 36.42 -54.95 4.15
CA GLN C 107 37.86 -54.92 3.90
C GLN C 107 38.68 -54.86 5.19
N LYS C 108 39.99 -55.10 5.09
CA LYS C 108 40.89 -54.91 6.24
C LYS C 108 41.56 -53.55 6.22
N LYS C 109 40.95 -52.57 6.91
CA LYS C 109 41.50 -51.23 7.02
C LYS C 109 42.63 -51.12 8.04
N PRO C 110 43.59 -50.21 7.81
CA PRO C 110 44.62 -49.93 8.82
C PRO C 110 43.96 -49.36 10.07
N PRO C 111 44.52 -49.67 11.26
CA PRO C 111 43.89 -49.28 12.53
C PRO C 111 43.74 -47.78 12.67
N THR C 112 42.63 -47.34 13.27
CA THR C 112 42.33 -45.92 13.37
C THR C 112 42.75 -45.31 14.70
N VAL C 113 43.27 -44.08 14.65
CA VAL C 113 43.68 -43.35 15.84
C VAL C 113 42.99 -42.00 15.87
N VAL C 114 42.33 -41.69 16.98
CA VAL C 114 41.72 -40.38 17.13
C VAL C 114 42.53 -39.49 18.05
N GLN C 115 43.33 -38.62 17.47
CA GLN C 115 44.07 -37.63 18.23
C GLN C 115 43.15 -36.44 18.40
N SER C 116 42.34 -36.46 19.45
CA SER C 116 41.47 -35.33 19.72
C SER C 116 42.36 -34.13 20.02
N ARG C 117 41.99 -32.97 19.49
CA ARG C 117 42.85 -31.81 19.55
C ARG C 117 42.18 -30.66 20.26
N THR C 118 42.77 -30.26 21.38
CA THR C 118 42.25 -29.18 22.19
C THR C 118 43.07 -27.91 22.01
N ASP C 119 42.75 -26.88 22.78
CA ASP C 119 43.42 -25.59 22.66
C ASP C 119 44.92 -25.74 22.94
N VAL C 120 45.26 -26.58 23.90
CA VAL C 120 46.66 -26.79 24.27
C VAL C 120 46.89 -28.24 24.68
N PHE C 121 47.99 -28.80 24.22
CA PHE C 121 48.30 -30.19 24.46
C PHE C 121 49.80 -30.37 24.41
N ASN C 122 50.26 -31.46 24.99
CA ASN C 122 51.68 -31.77 24.97
C ASN C 122 51.94 -32.85 23.94
N GLU C 123 52.12 -32.47 22.68
CA GLU C 123 52.43 -33.48 21.67
C GLU C 123 53.80 -34.13 21.95
N GLN C 124 53.84 -35.46 21.89
CA GLN C 124 55.09 -36.19 22.01
C GLN C 124 54.94 -37.50 21.26
N PHE C 125 56.03 -37.95 20.66
CA PHE C 125 55.93 -39.01 19.68
C PHE C 125 56.58 -40.32 20.11
N ALA C 126 56.95 -40.39 21.38
CA ALA C 126 57.45 -41.64 21.91
C ALA C 126 56.33 -42.65 21.77
N ASN C 127 56.69 -43.89 21.42
CA ASN C 127 55.71 -44.95 21.23
C ASN C 127 54.67 -44.58 20.17
N GLU C 128 55.14 -44.10 19.02
CA GLU C 128 54.27 -43.89 17.87
C GLU C 128 54.39 -45.09 16.95
N ALA C 129 53.27 -45.50 16.36
CA ALA C 129 53.29 -46.64 15.45
C ALA C 129 54.08 -46.33 14.18
N LEU C 130 54.90 -47.28 13.74
CA LEU C 130 55.65 -47.13 12.49
C LEU C 130 54.90 -47.62 11.26
N HIS C 131 54.06 -48.64 11.43
CA HIS C 131 53.19 -49.13 10.36
C HIS C 131 52.08 -48.12 10.06
N PRO C 132 51.54 -48.14 8.83
CA PRO C 132 50.53 -47.17 8.41
C PRO C 132 49.28 -47.20 9.29
N THR C 133 48.72 -46.02 9.57
CA THR C 133 47.51 -45.90 10.40
C THR C 133 46.78 -44.59 10.15
N THR C 134 45.44 -44.65 10.04
CA THR C 134 44.64 -43.44 9.85
C THR C 134 44.61 -42.60 11.11
N LYS C 135 44.68 -41.29 10.94
CA LYS C 135 44.70 -40.39 12.08
C LYS C 135 43.65 -39.32 11.91
N VAL C 136 42.58 -39.41 12.69
CA VAL C 136 41.47 -38.48 12.55
C VAL C 136 41.35 -37.55 13.76
N ILE C 137 40.86 -36.34 13.53
CA ILE C 137 40.77 -35.36 14.62
C ILE C 137 39.43 -35.42 15.36
N PHE C 138 38.36 -35.80 14.68
CA PHE C 138 37.03 -35.73 15.30
C PHE C 138 36.45 -37.09 15.67
N ASN C 139 35.76 -37.13 16.79
CA ASN C 139 34.88 -38.23 17.15
C ASN C 139 33.56 -38.12 16.40
N GLY C 140 32.87 -39.23 16.20
CA GLY C 140 31.52 -39.19 15.66
C GLY C 140 31.48 -38.74 14.21
N LEU C 141 32.48 -39.18 13.45
CA LEU C 141 32.65 -38.74 12.07
C LEU C 141 31.76 -39.47 11.07
N ASP C 142 31.00 -40.46 11.52
CA ASP C 142 30.09 -41.18 10.63
C ASP C 142 28.81 -40.36 10.42
N VAL C 143 28.90 -39.30 9.61
CA VAL C 143 27.84 -38.31 9.51
C VAL C 143 26.79 -38.55 8.41
N ASN C 144 27.14 -39.29 7.37
CA ASN C 144 26.22 -39.48 6.25
C ASN C 144 25.16 -40.54 6.57
N THR C 145 24.24 -40.16 7.43
CA THR C 145 23.24 -41.07 7.94
C THR C 145 22.07 -41.29 6.97
N GLU C 146 21.69 -40.26 6.23
CA GLU C 146 20.45 -40.33 5.47
C GLU C 146 20.65 -41.10 4.18
N VAL C 147 20.41 -42.41 4.24
CA VAL C 147 20.60 -43.28 3.08
C VAL C 147 19.53 -43.07 2.00
N GLN C 148 19.94 -43.15 0.74
CA GLN C 148 19.06 -42.82 -0.37
C GLN C 148 18.80 -44.04 -1.23
N PRO C 149 17.66 -44.68 -1.01
CA PRO C 149 17.32 -45.89 -1.76
C PRO C 149 17.19 -45.57 -3.24
N LEU C 150 17.62 -46.52 -4.06
CA LEU C 150 17.43 -46.47 -5.51
C LEU C 150 16.01 -46.88 -5.88
N SER C 151 15.51 -46.40 -7.01
CA SER C 151 14.28 -46.95 -7.58
C SER C 151 14.60 -48.29 -8.24
N ASP C 152 13.67 -49.25 -8.17
CA ASP C 152 13.84 -50.52 -8.85
C ASP C 152 13.28 -50.44 -10.27
N ASP C 153 14.05 -49.87 -11.18
CA ASP C 153 13.61 -49.75 -12.56
C ASP C 153 13.60 -51.11 -13.26
N PHE C 154 14.68 -51.88 -13.11
CA PHE C 154 14.83 -53.15 -13.81
C PHE C 154 14.89 -54.35 -12.90
N LYS C 155 14.41 -55.48 -13.41
CA LYS C 155 14.48 -56.74 -12.69
C LYS C 155 15.69 -57.54 -13.15
N GLN C 156 16.78 -57.46 -12.39
CA GLN C 156 18.01 -58.21 -12.75
C GLN C 156 17.85 -59.72 -12.58
N ILE C 157 18.36 -60.47 -13.56
CA ILE C 157 18.09 -61.90 -13.69
C ILE C 157 19.25 -62.51 -14.45
N SER C 158 19.28 -63.83 -14.52
CA SER C 158 20.29 -64.52 -15.33
C SER C 158 19.65 -65.67 -16.09
N ASP C 159 20.25 -66.03 -17.22
CA ASP C 159 19.77 -67.10 -18.08
C ASP C 159 18.29 -66.91 -18.44
N PRO C 160 17.98 -65.88 -19.23
CA PRO C 160 16.65 -65.33 -19.53
C PRO C 160 15.66 -66.25 -20.26
N LYS C 161 14.37 -66.09 -19.96
CA LYS C 161 13.29 -66.65 -20.76
C LYS C 161 13.14 -65.94 -22.10
N GLY C 162 12.85 -66.70 -23.15
CA GLY C 162 12.49 -66.11 -24.42
C GLY C 162 11.01 -65.78 -24.49
N TYR C 163 10.59 -65.10 -25.55
CA TYR C 163 9.17 -64.95 -25.82
C TYR C 163 8.60 -66.13 -26.63
N LEU C 164 9.49 -66.95 -27.15
CA LEU C 164 9.12 -68.06 -28.00
C LEU C 164 10.00 -69.26 -27.66
N THR C 165 9.42 -70.44 -27.67
CA THR C 165 10.18 -71.65 -27.42
C THR C 165 9.79 -72.73 -28.41
N TYR C 166 10.75 -73.61 -28.70
CA TYR C 166 10.44 -74.82 -29.41
C TYR C 166 9.66 -75.80 -28.53
N SER C 167 8.74 -76.53 -29.14
CA SER C 167 8.03 -77.59 -28.48
C SER C 167 7.87 -78.73 -29.48
N VAL C 168 8.06 -79.95 -28.99
CA VAL C 168 8.26 -81.09 -29.83
C VAL C 168 7.27 -82.18 -29.52
N LYS C 169 6.63 -82.69 -30.58
CA LYS C 169 5.87 -83.92 -30.52
C LYS C 169 6.70 -85.07 -31.07
N TYR C 170 6.72 -86.16 -30.32
CA TYR C 170 7.48 -87.36 -30.61
C TYR C 170 6.63 -88.59 -30.89
N GLU C 171 7.06 -89.39 -31.85
CA GLU C 171 6.53 -90.73 -32.05
C GLU C 171 7.55 -91.70 -31.47
N ASP C 172 7.33 -92.13 -30.23
CA ASP C 172 8.37 -92.80 -29.45
C ASP C 172 8.84 -94.13 -30.06
N GLN C 173 8.04 -94.69 -30.95
CA GLN C 173 8.38 -95.94 -31.64
C GLN C 173 9.64 -95.89 -32.50
N PHE C 174 9.91 -94.75 -33.13
CA PHE C 174 11.10 -94.62 -33.98
C PHE C 174 12.31 -94.37 -33.12
N THR C 175 13.31 -95.23 -33.23
CA THR C 175 14.55 -94.96 -32.49
C THR C 175 15.78 -95.58 -33.14
N LYS C 176 16.86 -94.80 -33.16
CA LYS C 176 18.10 -95.22 -33.80
C LYS C 176 18.75 -96.34 -33.00
N LYS C 177 19.25 -97.35 -33.70
CA LYS C 177 19.87 -98.48 -33.02
C LYS C 177 21.23 -98.09 -32.46
N ASP C 178 22.07 -97.50 -33.31
CA ASP C 178 23.45 -97.22 -32.94
C ASP C 178 23.56 -96.08 -31.94
N LYS C 179 23.96 -96.41 -30.71
CA LYS C 179 24.15 -95.40 -29.68
C LYS C 179 25.31 -94.48 -30.07
N LEU C 180 25.22 -93.22 -29.66
CA LEU C 180 26.19 -92.22 -30.06
C LEU C 180 26.91 -91.69 -28.83
N ARG C 181 27.92 -92.41 -28.37
CA ARG C 181 28.72 -91.91 -27.26
C ARG C 181 29.48 -90.67 -27.71
N ALA C 182 29.63 -89.70 -26.82
CA ALA C 182 30.17 -88.39 -27.18
C ALA C 182 31.01 -87.84 -26.04
N SER C 183 31.75 -86.76 -26.32
CA SER C 183 32.54 -86.11 -25.29
C SER C 183 31.62 -85.56 -24.20
N GLU C 184 32.07 -85.64 -22.94
CA GLU C 184 31.23 -85.18 -21.85
C GLU C 184 30.97 -83.67 -21.90
N ALA C 185 31.97 -82.92 -22.35
CA ALA C 185 31.82 -81.48 -22.42
C ALA C 185 30.84 -81.13 -23.53
N ASP C 186 31.06 -81.75 -24.68
CA ASP C 186 30.23 -81.51 -25.84
C ASP C 186 28.81 -81.97 -25.56
N ASP C 187 28.65 -83.03 -24.77
CA ASP C 187 27.30 -83.41 -24.37
C ASP C 187 26.68 -82.39 -23.43
N ARG C 188 27.50 -81.72 -22.64
CA ARG C 188 26.94 -80.75 -21.71
C ARG C 188 26.67 -79.40 -22.36
N ILE C 189 27.15 -79.23 -23.59
CA ILE C 189 26.81 -78.04 -24.38
C ILE C 189 25.65 -78.34 -25.31
N VAL C 190 25.84 -79.38 -26.10
CA VAL C 190 24.96 -79.75 -27.19
C VAL C 190 23.77 -80.61 -26.74
N GLY C 191 23.80 -81.06 -25.50
CA GLY C 191 22.85 -82.04 -25.02
C GLY C 191 21.39 -81.66 -24.84
N PRO C 192 21.11 -80.46 -24.30
CA PRO C 192 19.69 -80.07 -24.23
C PRO C 192 19.04 -80.03 -25.62
N THR C 193 19.83 -79.69 -26.63
CA THR C 193 19.37 -79.67 -28.00
C THR C 193 19.05 -81.07 -28.50
N VAL C 194 20.01 -81.98 -28.37
CA VAL C 194 19.88 -83.30 -28.97
C VAL C 194 18.80 -84.13 -28.30
N ASN C 195 18.46 -83.75 -27.09
CA ASN C 195 17.34 -84.37 -26.40
C ASN C 195 16.03 -83.86 -26.93
N LEU C 196 15.94 -82.54 -27.10
CA LEU C 196 14.72 -81.92 -27.58
C LEU C 196 14.44 -82.29 -29.04
N PHE C 197 15.48 -82.42 -29.84
CA PHE C 197 15.29 -82.78 -31.24
C PHE C 197 15.76 -84.21 -31.47
N LYS C 198 15.38 -85.09 -30.56
CA LYS C 198 15.83 -86.47 -30.60
C LYS C 198 15.15 -87.21 -31.73
N TYR C 199 15.76 -88.34 -32.09
CA TYR C 199 15.29 -89.14 -33.22
C TYR C 199 13.84 -89.53 -32.97
N GLY C 200 13.03 -89.51 -34.02
CA GLY C 200 11.61 -89.81 -33.87
C GLY C 200 10.77 -88.64 -33.42
N ALA C 201 11.30 -87.44 -33.58
CA ALA C 201 10.53 -86.24 -33.27
C ALA C 201 9.57 -85.91 -34.44
N ALA C 202 8.29 -86.10 -34.21
CA ALA C 202 7.30 -85.92 -35.26
C ALA C 202 7.16 -84.48 -35.74
N VAL C 203 7.26 -83.50 -34.82
CA VAL C 203 7.23 -82.08 -35.23
C VAL C 203 7.79 -81.17 -34.18
N VAL C 204 8.46 -80.11 -34.62
CA VAL C 204 9.00 -79.12 -33.72
C VAL C 204 8.45 -77.77 -34.09
N ASN C 205 7.38 -77.42 -33.38
CA ASN C 205 6.70 -76.14 -33.47
C ASN C 205 7.38 -75.03 -32.67
N ILE C 206 7.15 -73.77 -33.07
CA ILE C 206 7.62 -72.62 -32.31
C ILE C 206 6.44 -71.86 -31.70
N ASP C 207 6.22 -72.04 -30.40
CA ASP C 207 5.07 -71.42 -29.73
C ASP C 207 5.50 -70.26 -28.84
N LEU C 208 4.57 -69.42 -28.40
CA LEU C 208 4.87 -68.44 -27.34
C LEU C 208 5.28 -69.15 -26.07
N ASN C 209 6.36 -68.68 -25.44
CA ASN C 209 6.82 -69.28 -24.20
C ASN C 209 5.76 -69.04 -23.12
N ARG C 210 5.03 -70.10 -22.79
CA ARG C 210 4.00 -70.03 -21.76
C ARG C 210 4.56 -69.73 -20.37
N ASP C 211 5.81 -70.14 -20.14
CA ASP C 211 6.46 -69.87 -18.87
C ASP C 211 6.65 -68.36 -18.68
N PHE C 212 6.86 -67.64 -19.78
CA PHE C 212 6.99 -66.19 -19.69
C PHE C 212 5.65 -65.49 -19.62
N PHE C 213 4.80 -65.76 -20.63
CA PHE C 213 3.45 -65.23 -20.68
C PHE C 213 2.54 -66.04 -19.77
N ASP C 214 2.73 -65.81 -18.47
CA ASP C 214 2.14 -66.61 -17.40
C ASP C 214 0.65 -66.41 -17.28
N THR C 215 0.02 -67.18 -16.39
CA THR C 215 -1.37 -66.96 -16.01
C THR C 215 -1.47 -65.77 -15.05
N ALA C 216 -0.32 -65.28 -14.61
CA ALA C 216 -0.26 -64.02 -13.87
C ALA C 216 -0.67 -62.86 -14.77
N THR C 217 -0.38 -63.00 -16.06
CA THR C 217 -0.77 -61.99 -17.05
C THR C 217 -2.14 -62.29 -17.65
N GLY C 218 -2.82 -63.30 -17.12
CA GLY C 218 -4.16 -63.65 -17.56
C GLY C 218 -4.21 -64.53 -18.79
N ILE C 219 -3.06 -65.03 -19.22
CA ILE C 219 -2.94 -65.66 -20.54
C ILE C 219 -2.84 -67.19 -20.53
N ASP C 220 -3.90 -67.89 -20.93
CA ASP C 220 -3.75 -69.29 -21.31
C ASP C 220 -3.11 -69.36 -22.69
N LEU C 221 -2.27 -70.37 -22.91
CA LEU C 221 -1.61 -70.55 -24.19
C LEU C 221 -1.79 -71.99 -24.65
N THR C 222 -2.59 -72.74 -23.89
CA THR C 222 -2.70 -74.18 -24.08
C THR C 222 -3.26 -74.58 -25.43
N LYS C 223 -4.09 -73.72 -26.01
CA LYS C 223 -4.72 -74.02 -27.30
C LYS C 223 -3.84 -73.65 -28.49
N GLY C 224 -2.67 -73.09 -28.22
CA GLY C 224 -1.74 -72.70 -29.27
C GLY C 224 -1.74 -71.22 -29.62
N ILE C 225 -2.68 -70.49 -29.04
CA ILE C 225 -2.71 -69.03 -29.17
C ILE C 225 -2.97 -68.44 -27.80
N PRO C 226 -2.53 -67.19 -27.56
CA PRO C 226 -2.87 -66.53 -26.29
C PRO C 226 -4.38 -66.34 -26.20
N LEU C 227 -4.94 -66.46 -25.01
CA LEU C 227 -6.37 -66.22 -24.80
C LEU C 227 -6.60 -65.61 -23.43
N VAL C 228 -7.10 -64.38 -23.39
CA VAL C 228 -7.40 -63.70 -22.11
C VAL C 228 -8.90 -63.62 -21.83
N GLN C 229 -9.29 -63.91 -20.59
CA GLN C 229 -10.70 -64.13 -20.26
C GLN C 229 -11.68 -62.96 -20.28
N ASP C 230 -11.30 -61.76 -19.82
CA ASP C 230 -12.32 -60.72 -19.70
C ASP C 230 -11.93 -59.32 -20.16
N LEU C 231 -11.41 -59.20 -21.37
CA LEU C 231 -11.00 -57.88 -21.87
C LEU C 231 -12.01 -57.31 -22.86
N LEU C 232 -12.12 -57.94 -24.02
CA LEU C 232 -13.11 -57.54 -25.02
C LEU C 232 -14.35 -58.42 -24.89
N VAL C 233 -15.36 -57.88 -24.24
CA VAL C 233 -16.49 -58.67 -23.77
C VAL C 233 -17.80 -57.90 -24.03
N PRO C 234 -18.90 -58.61 -24.31
CA PRO C 234 -20.22 -57.97 -24.33
C PRO C 234 -20.57 -57.45 -22.94
N ILE C 235 -21.26 -56.32 -22.85
CA ILE C 235 -21.68 -55.85 -21.54
C ILE C 235 -23.15 -56.18 -21.30
N GLY C 236 -23.51 -56.49 -20.06
CA GLY C 236 -24.87 -56.89 -19.75
C GLY C 236 -25.18 -58.36 -19.94
N VAL C 237 -24.17 -59.13 -20.33
CA VAL C 237 -24.31 -60.59 -20.47
C VAL C 237 -22.98 -61.29 -20.21
N THR C 238 -23.03 -62.55 -19.77
CA THR C 238 -21.81 -63.32 -19.56
C THR C 238 -21.12 -63.64 -20.89
N ALA C 239 -19.79 -63.61 -20.86
CA ALA C 239 -18.98 -63.62 -22.09
C ALA C 239 -19.11 -64.89 -22.94
N GLY C 240 -19.31 -66.03 -22.28
CA GLY C 240 -19.37 -67.30 -22.97
C GLY C 240 -17.98 -67.92 -23.08
N ALA C 241 -17.93 -69.24 -23.23
CA ALA C 241 -16.67 -69.95 -23.35
C ALA C 241 -16.06 -69.85 -24.74
N GLU C 242 -14.73 -69.91 -24.80
CA GLU C 242 -14.00 -70.06 -26.06
C GLU C 242 -14.39 -69.03 -27.13
N GLN C 243 -14.65 -67.80 -26.71
CA GLN C 243 -14.83 -66.70 -27.65
C GLN C 243 -13.55 -66.44 -28.46
N SER C 244 -13.69 -66.17 -29.74
CA SER C 244 -12.54 -65.87 -30.59
C SER C 244 -11.93 -64.52 -30.23
N ALA C 245 -12.75 -63.65 -29.67
CA ALA C 245 -12.31 -62.31 -29.28
C ALA C 245 -11.21 -62.40 -28.25
N GLU C 246 -11.22 -63.50 -27.48
CA GLU C 246 -10.22 -63.71 -26.43
C GLU C 246 -8.83 -63.74 -27.02
N TYR C 247 -8.72 -64.27 -28.24
CA TYR C 247 -7.43 -64.32 -28.92
C TYR C 247 -6.91 -62.91 -29.09
N VAL C 248 -7.78 -62.02 -29.52
CA VAL C 248 -7.35 -60.66 -29.79
C VAL C 248 -6.89 -60.08 -28.46
N SER C 249 -7.65 -60.36 -27.42
CA SER C 249 -7.34 -59.81 -26.11
C SER C 249 -5.99 -60.32 -25.65
N GLY C 250 -5.73 -61.59 -25.95
CA GLY C 250 -4.49 -62.18 -25.50
C GLY C 250 -3.33 -61.49 -26.18
N LEU C 251 -3.51 -61.13 -27.45
CA LEU C 251 -2.40 -60.51 -28.18
C LEU C 251 -2.06 -59.20 -27.50
N LEU C 252 -3.09 -58.49 -27.06
CA LEU C 252 -2.88 -57.21 -26.40
C LEU C 252 -2.04 -57.45 -25.16
N MET C 253 -2.41 -58.46 -24.38
CA MET C 253 -1.66 -58.73 -23.17
C MET C 253 -0.22 -59.16 -23.47
N VAL C 254 -0.02 -59.88 -24.57
CA VAL C 254 1.32 -60.25 -24.95
C VAL C 254 2.05 -58.96 -25.21
N LEU C 255 1.40 -58.12 -26.01
CA LEU C 255 1.95 -56.84 -26.44
C LEU C 255 2.18 -55.97 -25.22
N PHE C 256 1.43 -56.23 -24.16
CA PHE C 256 1.55 -55.43 -22.95
C PHE C 256 2.71 -55.98 -22.14
N LYS C 257 2.75 -57.29 -21.99
CA LYS C 257 3.74 -57.92 -21.14
C LYS C 257 5.13 -57.70 -21.72
N VAL C 258 5.21 -57.52 -23.04
CA VAL C 258 6.48 -57.21 -23.67
C VAL C 258 6.79 -55.74 -23.52
N MET C 259 5.76 -54.90 -23.66
CA MET C 259 5.94 -53.46 -23.58
C MET C 259 6.47 -53.04 -22.20
N THR C 260 6.17 -53.86 -21.20
CA THR C 260 6.63 -53.60 -19.86
C THR C 260 7.55 -54.71 -19.32
N ASP C 261 8.33 -55.35 -20.19
CA ASP C 261 9.37 -56.28 -19.75
C ASP C 261 10.62 -55.49 -19.38
N ASN C 262 10.87 -55.37 -18.08
CA ASN C 262 11.99 -54.60 -17.58
C ASN C 262 13.10 -55.48 -17.05
N ARG C 263 13.33 -56.61 -17.71
CA ARG C 263 14.46 -57.47 -17.38
C ARG C 263 15.83 -56.95 -17.79
N LEU C 264 16.81 -57.16 -16.91
CA LEU C 264 18.19 -56.81 -17.18
C LEU C 264 19.05 -58.05 -16.94
N VAL C 265 19.71 -58.56 -17.99
CA VAL C 265 20.54 -59.77 -17.87
C VAL C 265 21.87 -59.61 -17.13
N ILE C 266 22.22 -60.63 -16.34
CA ILE C 266 23.47 -60.70 -15.59
C ILE C 266 24.08 -62.02 -16.05
N VAL C 267 25.39 -62.09 -16.21
CA VAL C 267 25.99 -63.35 -16.60
C VAL C 267 25.75 -64.38 -15.49
N GLY C 268 25.31 -65.57 -15.87
CA GLY C 268 24.97 -66.60 -14.91
C GLY C 268 26.17 -67.49 -14.67
N GLU C 269 25.93 -68.73 -14.25
CA GLU C 269 27.02 -69.68 -14.17
C GLU C 269 27.52 -69.94 -15.58
N THR C 270 28.85 -70.02 -15.73
CA THR C 270 29.47 -70.12 -17.06
C THR C 270 30.72 -70.98 -17.07
N THR C 271 30.82 -71.81 -18.09
CA THR C 271 31.92 -72.77 -18.20
C THR C 271 32.86 -72.33 -19.31
N THR C 272 34.13 -72.72 -19.20
CA THR C 272 35.12 -72.36 -20.20
C THR C 272 35.80 -73.64 -20.66
N PRO C 273 35.14 -74.38 -21.57
CA PRO C 273 35.64 -75.69 -21.99
C PRO C 273 37.01 -75.54 -22.62
N MET C 274 37.86 -76.53 -22.39
CA MET C 274 39.29 -76.43 -22.62
C MET C 274 39.67 -76.81 -24.05
N SER C 275 38.69 -76.74 -24.95
CA SER C 275 38.90 -76.78 -26.40
C SER C 275 39.12 -78.17 -26.98
N ASN C 276 40.18 -78.84 -26.58
CA ASN C 276 40.48 -80.17 -27.11
C ASN C 276 39.39 -81.14 -26.68
N THR C 277 38.66 -80.74 -25.65
CA THR C 277 37.61 -81.55 -25.07
C THR C 277 36.28 -81.38 -25.82
N LEU C 278 36.34 -80.80 -27.01
CA LEU C 278 35.16 -80.52 -27.82
C LEU C 278 35.39 -80.93 -29.26
N SER C 279 34.37 -81.50 -29.91
CA SER C 279 34.49 -81.84 -31.33
C SER C 279 34.60 -80.55 -32.13
N THR C 280 35.38 -80.57 -33.20
CA THR C 280 35.83 -79.34 -33.83
C THR C 280 34.70 -78.46 -34.35
N VAL C 281 33.59 -79.10 -34.73
CA VAL C 281 32.41 -78.33 -35.14
C VAL C 281 31.88 -77.48 -33.98
N VAL C 282 31.76 -78.10 -32.81
CA VAL C 282 31.36 -77.42 -31.58
C VAL C 282 32.39 -76.39 -31.10
N ASN C 283 33.65 -76.70 -31.32
CA ASN C 283 34.73 -75.79 -31.00
C ASN C 283 34.66 -74.53 -31.85
N ASN C 284 34.18 -74.66 -33.09
CA ASN C 284 34.04 -73.50 -33.95
C ASN C 284 32.78 -72.70 -33.65
N VAL C 285 31.72 -73.41 -33.30
CA VAL C 285 30.50 -72.73 -32.86
C VAL C 285 30.74 -71.95 -31.54
N LEU C 286 31.58 -72.50 -30.68
CA LEU C 286 31.80 -71.92 -29.36
C LEU C 286 32.66 -70.68 -29.43
N ARG C 287 32.51 -69.80 -28.45
CA ARG C 287 33.34 -68.62 -28.33
C ARG C 287 33.84 -68.51 -26.90
N THR C 288 34.92 -69.23 -26.61
CA THR C 288 35.58 -69.18 -25.30
C THR C 288 34.72 -69.66 -24.12
N THR C 289 33.63 -68.94 -23.85
CA THR C 289 32.80 -69.20 -22.68
C THR C 289 31.33 -69.29 -23.10
N TYR C 290 30.52 -70.00 -22.32
CA TYR C 290 29.09 -70.13 -22.61
C TYR C 290 28.32 -70.34 -21.30
N HIS C 291 27.04 -69.98 -21.26
CA HIS C 291 26.26 -70.23 -20.05
C HIS C 291 25.96 -71.70 -19.89
N ASN C 292 25.94 -72.18 -18.66
CA ASN C 292 25.70 -73.60 -18.40
C ASN C 292 24.32 -74.03 -18.86
N ASN C 293 23.37 -73.12 -18.80
CA ASN C 293 22.07 -73.35 -19.43
C ASN C 293 22.13 -72.86 -20.86
N VAL C 294 22.74 -73.67 -21.70
CA VAL C 294 23.03 -73.31 -23.08
C VAL C 294 21.76 -73.08 -23.88
N GLY C 295 20.67 -73.71 -23.45
CA GLY C 295 19.42 -73.61 -24.19
C GLY C 295 19.48 -74.50 -25.41
N VAL C 296 18.57 -74.28 -26.34
CA VAL C 296 18.39 -75.18 -27.45
C VAL C 296 18.48 -74.46 -28.79
N ASN C 297 19.35 -74.94 -29.66
CA ASN C 297 19.32 -74.50 -31.06
C ASN C 297 19.60 -75.67 -31.97
N PRO C 298 18.91 -75.72 -33.12
CA PRO C 298 19.14 -76.73 -34.17
C PRO C 298 20.58 -76.73 -34.71
N ALA C 299 21.24 -75.58 -34.69
CA ALA C 299 22.59 -75.47 -35.23
C ALA C 299 23.55 -76.37 -34.49
N LEU C 300 23.24 -76.65 -33.23
CA LEU C 300 23.98 -77.60 -32.42
C LEU C 300 23.83 -79.08 -32.85
N LEU C 301 22.75 -79.41 -33.55
CA LEU C 301 22.51 -80.79 -34.01
C LEU C 301 23.55 -81.26 -35.02
N ARG C 302 24.30 -80.33 -35.61
CA ARG C 302 25.27 -80.64 -36.64
C ARG C 302 26.30 -81.64 -36.14
N ASP C 303 26.58 -82.65 -36.98
CA ASP C 303 27.46 -83.77 -36.62
C ASP C 303 27.11 -84.39 -35.26
N PHE C 304 25.82 -84.37 -34.91
CA PHE C 304 25.36 -84.89 -33.62
C PHE C 304 24.03 -85.63 -33.72
N THR C 305 23.12 -85.11 -34.53
CA THR C 305 21.90 -85.83 -34.84
C THR C 305 22.21 -87.07 -35.65
N GLN C 306 21.54 -88.16 -35.29
CA GLN C 306 21.65 -89.41 -36.02
C GLN C 306 21.05 -89.29 -37.42
N VAL C 307 20.00 -88.48 -37.55
CA VAL C 307 19.27 -88.31 -38.80
C VAL C 307 20.16 -87.67 -39.85
N ASN C 308 20.40 -88.40 -40.93
CA ASN C 308 21.40 -87.98 -41.91
C ASN C 308 21.01 -86.76 -42.73
N TRP C 309 19.79 -86.74 -43.24
CA TRP C 309 19.38 -85.68 -44.16
C TRP C 309 19.37 -84.36 -43.44
N LEU C 310 19.10 -84.43 -42.15
CA LEU C 310 19.02 -83.25 -41.30
C LEU C 310 20.40 -82.65 -41.15
N ASN C 311 21.36 -83.53 -40.93
CA ASN C 311 22.74 -83.14 -40.75
C ASN C 311 23.28 -82.58 -42.05
N ARG C 312 22.77 -83.08 -43.17
CA ARG C 312 23.19 -82.57 -44.47
C ARG C 312 22.64 -81.19 -44.75
N ASP C 313 21.35 -80.99 -44.49
CA ASP C 313 20.72 -79.68 -44.69
C ASP C 313 21.25 -78.61 -43.73
N ILE C 314 21.60 -79.03 -42.52
CA ILE C 314 22.13 -78.11 -41.52
C ILE C 314 23.59 -77.78 -41.78
N THR C 315 24.38 -78.80 -42.11
CA THR C 315 25.79 -78.58 -42.42
C THR C 315 25.86 -77.67 -43.63
N ASN C 316 25.04 -77.99 -44.62
CA ASN C 316 25.02 -77.20 -45.84
C ASN C 316 24.53 -75.77 -45.58
N MET C 317 23.55 -75.61 -44.68
CA MET C 317 23.06 -74.27 -44.35
C MET C 317 24.11 -73.43 -43.67
N LEU C 318 24.79 -74.03 -42.70
CA LEU C 318 25.81 -73.32 -41.93
C LEU C 318 27.03 -73.00 -42.76
N GLN C 319 27.31 -73.83 -43.76
CA GLN C 319 28.52 -73.61 -44.55
C GLN C 319 28.46 -72.41 -45.50
N GLN C 320 27.26 -71.97 -45.84
CA GLN C 320 27.08 -70.76 -46.64
C GLN C 320 27.44 -69.51 -45.85
N ALA C 321 27.91 -68.49 -46.56
CA ALA C 321 28.32 -67.24 -45.93
C ALA C 321 27.17 -66.51 -45.25
N GLY C 322 25.95 -66.72 -45.75
CA GLY C 322 24.82 -65.90 -45.35
C GLY C 322 24.34 -66.20 -43.95
N THR C 323 24.85 -67.27 -43.35
CA THR C 323 24.47 -67.65 -42.00
C THR C 323 25.65 -68.23 -41.23
N LYS C 324 25.80 -67.81 -39.98
CA LYS C 324 26.86 -68.32 -39.14
C LYS C 324 26.44 -68.40 -37.67
N TYR C 325 26.24 -69.63 -37.19
CA TYR C 325 25.92 -69.83 -35.77
C TYR C 325 27.09 -69.62 -34.83
N GLY C 326 26.80 -69.06 -33.66
CA GLY C 326 27.80 -68.82 -32.66
C GLY C 326 27.21 -68.90 -31.26
N LEU C 327 28.04 -69.24 -30.29
CA LEU C 327 27.56 -69.50 -28.95
C LEU C 327 28.51 -68.89 -27.93
N GLY C 328 27.96 -68.28 -26.90
CA GLY C 328 28.79 -67.70 -25.85
C GLY C 328 29.45 -66.35 -26.14
N LEU C 329 30.42 -66.00 -25.31
CA LEU C 329 31.03 -64.67 -25.23
C LEU C 329 31.66 -64.15 -26.52
N THR C 330 30.97 -63.22 -27.16
CA THR C 330 31.50 -62.53 -28.33
C THR C 330 32.07 -61.18 -27.92
N GLU C 331 33.12 -60.74 -28.60
CA GLU C 331 33.55 -59.34 -28.48
C GLU C 331 32.52 -58.41 -29.12
N THR C 332 32.22 -57.30 -28.46
CA THR C 332 31.17 -56.41 -28.94
C THR C 332 31.47 -54.94 -28.62
N ARG C 333 30.70 -54.04 -29.23
CA ARG C 333 30.99 -52.61 -29.14
C ARG C 333 30.89 -52.11 -27.71
N LEU C 334 30.06 -52.77 -26.90
CA LEU C 334 29.89 -52.39 -25.51
C LEU C 334 30.91 -53.00 -24.55
N ASP C 335 31.93 -53.65 -25.11
CA ASP C 335 32.97 -54.24 -24.28
C ASP C 335 33.71 -53.18 -23.47
N TYR C 336 33.95 -53.49 -22.20
CA TYR C 336 34.72 -52.67 -21.26
C TYR C 336 34.01 -51.41 -20.74
N VAL C 337 32.80 -51.16 -21.24
CA VAL C 337 31.97 -50.11 -20.67
C VAL C 337 31.67 -50.47 -19.22
N ARG C 338 31.70 -49.49 -18.33
CA ARG C 338 31.41 -49.73 -16.93
C ARG C 338 30.05 -49.20 -16.54
N LEU C 339 29.33 -49.98 -15.74
CA LEU C 339 28.04 -49.56 -15.19
C LEU C 339 27.95 -50.15 -13.80
N VAL C 340 28.87 -49.70 -12.93
CA VAL C 340 29.37 -50.46 -11.79
C VAL C 340 30.18 -51.65 -12.36
N LYS C 341 29.50 -52.74 -12.67
CA LYS C 341 30.11 -53.89 -13.35
C LYS C 341 30.33 -53.66 -14.85
N THR C 342 31.24 -54.44 -15.44
CA THR C 342 31.48 -54.39 -16.88
C THR C 342 30.33 -55.01 -17.68
N ILE C 343 30.02 -54.42 -18.83
CA ILE C 343 29.11 -55.02 -19.80
C ILE C 343 29.89 -55.99 -20.70
N VAL C 344 29.23 -57.07 -21.13
CA VAL C 344 29.82 -58.04 -22.05
C VAL C 344 28.70 -58.60 -22.89
N GLY C 345 29.01 -59.35 -23.93
CA GLY C 345 27.97 -59.85 -24.79
C GLY C 345 28.04 -61.34 -25.04
N HIS C 346 26.98 -62.07 -24.70
CA HIS C 346 26.97 -63.51 -25.01
C HIS C 346 25.97 -63.82 -26.09
N ALA C 347 26.38 -64.66 -27.04
CA ALA C 347 25.47 -65.09 -28.08
C ALA C 347 24.70 -66.23 -27.48
N LEU C 348 23.56 -65.87 -26.90
CA LEU C 348 22.62 -66.79 -26.29
C LEU C 348 21.74 -67.50 -27.32
N ASN C 349 21.28 -68.70 -26.96
CA ASN C 349 20.15 -69.30 -27.64
C ASN C 349 18.84 -68.71 -27.14
N ILE C 350 18.28 -67.76 -27.89
CA ILE C 350 17.10 -67.02 -27.45
C ILE C 350 16.36 -66.43 -28.67
N ASP C 351 15.06 -66.16 -28.55
CA ASP C 351 14.31 -65.47 -29.60
C ASP C 351 14.89 -64.08 -29.79
N HIS C 352 14.94 -63.60 -31.03
CA HIS C 352 15.52 -62.27 -31.26
C HIS C 352 14.64 -61.17 -30.68
N PHE C 353 13.37 -61.49 -30.44
CA PHE C 353 12.49 -60.52 -29.79
C PHE C 353 12.96 -60.17 -28.37
N ALA C 354 12.95 -61.16 -27.48
CA ALA C 354 13.35 -60.98 -26.10
C ALA C 354 14.75 -60.47 -26.06
N ALA C 355 15.54 -60.87 -27.05
CA ALA C 355 16.93 -60.44 -27.11
C ALA C 355 16.97 -58.95 -27.34
N SER C 356 16.13 -58.49 -28.28
CA SER C 356 16.11 -57.09 -28.65
C SER C 356 15.68 -56.26 -27.45
N VAL C 357 14.73 -56.78 -26.68
CA VAL C 357 14.29 -56.10 -25.48
C VAL C 357 15.34 -56.07 -24.37
N LEU C 358 16.04 -57.18 -24.15
CA LEU C 358 17.06 -57.22 -23.12
C LEU C 358 18.21 -56.24 -23.45
N ASN C 359 18.48 -56.11 -24.73
CA ASN C 359 19.41 -55.09 -25.18
C ASN C 359 18.90 -53.68 -24.92
N ILE C 360 17.65 -53.39 -25.29
CA ILE C 360 17.17 -52.01 -25.13
C ILE C 360 17.10 -51.62 -23.66
N ASN C 361 16.84 -52.58 -22.79
CA ASN C 361 16.82 -52.32 -21.36
C ASN C 361 18.22 -52.00 -20.84
N LEU C 362 19.18 -52.80 -21.27
CA LEU C 362 20.56 -52.56 -20.84
C LEU C 362 21.01 -51.19 -21.30
N ARG C 363 20.78 -50.89 -22.57
CA ARG C 363 21.25 -49.65 -23.16
C ARG C 363 20.52 -48.44 -22.62
N ALA C 364 19.29 -48.64 -22.18
CA ALA C 364 18.55 -47.56 -21.53
C ALA C 364 19.26 -47.24 -20.23
N LEU C 365 19.56 -48.29 -19.46
CA LEU C 365 20.22 -48.09 -18.16
C LEU C 365 21.58 -47.46 -18.34
N MET C 366 22.23 -47.82 -19.43
CA MET C 366 23.57 -47.35 -19.74
C MET C 366 23.55 -45.87 -20.10
N GLU C 367 22.63 -45.47 -20.96
CA GLU C 367 22.59 -44.08 -21.41
C GLU C 367 21.90 -43.16 -20.42
N ALA C 368 21.28 -43.73 -19.40
CA ALA C 368 20.51 -42.92 -18.47
C ALA C 368 21.37 -41.86 -17.80
N ASN C 369 22.59 -42.24 -17.43
CA ASN C 369 23.58 -41.30 -16.90
C ASN C 369 23.10 -40.46 -15.70
N VAL C 370 22.19 -41.02 -14.90
CA VAL C 370 21.83 -40.35 -13.64
C VAL C 370 22.96 -40.50 -12.62
N THR C 371 23.18 -39.48 -11.81
CA THR C 371 24.23 -39.51 -10.81
C THR C 371 23.73 -39.04 -9.45
N ALA C 372 24.66 -38.85 -8.52
CA ALA C 372 24.34 -38.38 -7.18
C ALA C 372 23.83 -36.93 -7.15
N ASP C 373 24.26 -36.13 -8.13
CA ASP C 373 23.82 -34.76 -8.23
C ASP C 373 22.31 -34.66 -8.47
N ASP C 374 21.76 -35.59 -9.24
CA ASP C 374 20.32 -35.58 -9.48
C ASP C 374 19.56 -35.85 -8.18
N ARG C 375 20.09 -36.77 -7.40
CA ARG C 375 19.50 -37.14 -6.12
C ARG C 375 19.57 -35.99 -5.11
N ILE C 376 20.74 -35.37 -4.95
CA ILE C 376 20.84 -34.26 -4.02
C ILE C 376 20.03 -33.04 -4.48
N LYS C 377 19.87 -32.89 -5.79
CA LYS C 377 19.05 -31.80 -6.29
C LYS C 377 17.58 -32.03 -5.92
N ALA C 378 17.14 -33.27 -6.12
CA ALA C 378 15.77 -33.63 -5.77
C ALA C 378 15.57 -33.47 -4.28
N LEU C 379 16.62 -33.75 -3.52
CA LEU C 379 16.56 -33.69 -2.08
C LEU C 379 16.40 -32.24 -1.67
N GLN C 380 17.20 -31.38 -2.29
CA GLN C 380 17.23 -29.96 -1.97
C GLN C 380 15.92 -29.29 -2.30
N ALA C 381 15.27 -29.77 -3.35
CA ALA C 381 13.98 -29.23 -3.74
C ALA C 381 12.94 -29.54 -2.66
N HIS C 382 13.15 -30.65 -1.96
CA HIS C 382 12.21 -31.13 -0.94
C HIS C 382 12.57 -30.81 0.51
N SER C 383 13.51 -29.89 0.73
CA SER C 383 13.92 -29.55 2.09
C SER C 383 14.19 -28.07 2.25
N MET C 384 14.16 -27.61 3.51
CA MET C 384 14.07 -26.19 3.84
C MET C 384 15.18 -25.44 3.15
N ILE C 385 14.87 -24.25 2.67
CA ILE C 385 15.81 -23.54 1.79
C ILE C 385 17.15 -23.34 2.49
N SER C 386 18.22 -23.46 1.72
CA SER C 386 19.60 -23.37 2.21
C SER C 386 20.03 -24.54 3.09
N THR C 387 19.22 -25.60 3.16
CA THR C 387 19.69 -26.82 3.80
C THR C 387 20.87 -27.31 2.98
N GLN C 388 21.90 -27.81 3.66
CA GLN C 388 23.11 -28.21 2.95
C GLN C 388 23.27 -29.72 2.83
N PHE C 389 23.74 -30.17 1.67
CA PHE C 389 23.95 -31.58 1.42
C PHE C 389 25.37 -31.89 1.03
N HIS C 390 26.02 -32.73 1.83
CA HIS C 390 27.32 -33.25 1.46
C HIS C 390 27.21 -34.76 1.47
N GLY C 391 27.66 -35.39 0.40
CA GLY C 391 27.61 -36.84 0.31
C GLY C 391 28.70 -37.40 -0.58
N PRO C 392 28.30 -38.26 -1.52
CA PRO C 392 29.16 -38.96 -2.47
C PRO C 392 29.73 -37.98 -3.46
N ASN C 393 30.82 -38.34 -4.14
CA ASN C 393 31.37 -37.47 -5.17
C ASN C 393 30.24 -37.20 -6.14
N GLN C 394 30.13 -35.96 -6.58
CA GLN C 394 28.88 -35.47 -7.16
C GLN C 394 28.47 -36.24 -8.42
N GLY C 395 29.44 -36.81 -9.12
CA GLY C 395 29.19 -37.58 -10.32
C GLY C 395 29.04 -39.08 -10.13
N ALA C 396 28.98 -39.52 -8.88
CA ALA C 396 28.88 -40.96 -8.61
C ALA C 396 27.66 -41.56 -9.28
N LEU C 397 27.89 -42.53 -10.15
CA LEU C 397 26.82 -43.12 -10.94
C LEU C 397 25.81 -43.89 -10.10
N ARG C 398 24.52 -43.67 -10.37
CA ARG C 398 23.48 -44.50 -9.77
C ARG C 398 22.89 -45.40 -10.86
N PRO C 399 22.96 -46.72 -10.64
CA PRO C 399 22.41 -47.67 -11.60
C PRO C 399 20.87 -47.67 -11.59
N GLU C 400 20.28 -46.65 -12.19
CA GLU C 400 18.83 -46.53 -12.29
C GLU C 400 18.49 -45.63 -13.46
N LEU C 401 17.25 -45.68 -13.91
CA LEU C 401 16.79 -44.87 -15.02
C LEU C 401 16.69 -43.39 -14.65
N ALA C 402 16.93 -42.51 -15.62
CA ALA C 402 16.80 -41.08 -15.43
C ALA C 402 15.34 -40.73 -15.15
N PHE C 403 15.11 -39.70 -14.33
CA PHE C 403 13.75 -39.23 -14.08
C PHE C 403 13.20 -38.51 -15.33
N ASP C 404 12.13 -39.06 -15.91
CA ASP C 404 11.67 -38.60 -17.23
C ASP C 404 10.71 -37.43 -17.10
N HIS C 405 11.26 -36.22 -17.15
CA HIS C 405 10.47 -35.02 -16.87
C HIS C 405 9.31 -34.92 -17.83
N ASP C 406 9.59 -35.15 -19.11
CA ASP C 406 8.58 -34.97 -20.14
C ASP C 406 7.43 -35.97 -19.97
N HIS C 407 7.78 -37.25 -19.85
CA HIS C 407 6.76 -38.27 -19.67
C HIS C 407 5.95 -38.15 -18.38
N ILE C 408 6.60 -37.72 -17.29
CA ILE C 408 5.85 -37.52 -16.04
C ILE C 408 4.90 -36.31 -16.14
N ILE C 409 5.34 -35.21 -16.76
CA ILE C 409 4.45 -34.07 -16.90
C ILE C 409 3.27 -34.44 -17.80
N ARG C 410 3.51 -35.23 -18.83
CA ARG C 410 2.40 -35.67 -19.66
C ARG C 410 1.40 -36.55 -18.91
N CYS C 411 1.91 -37.57 -18.20
CA CYS C 411 1.03 -38.47 -17.46
C CYS C 411 0.26 -37.76 -16.36
N LEU C 412 0.88 -36.73 -15.78
CA LEU C 412 0.21 -35.91 -14.78
C LEU C 412 -0.91 -35.12 -15.42
N MET C 413 -0.69 -34.64 -16.64
CA MET C 413 -1.75 -33.90 -17.30
C MET C 413 -2.92 -34.83 -17.59
N LEU C 414 -2.60 -36.04 -18.05
CA LEU C 414 -3.62 -37.00 -18.38
C LEU C 414 -4.43 -37.35 -17.15
N ALA C 415 -3.74 -37.53 -16.02
CA ALA C 415 -4.39 -37.89 -14.77
C ALA C 415 -5.25 -36.73 -14.30
N ALA C 416 -4.81 -35.51 -14.57
CA ALA C 416 -5.57 -34.34 -14.17
C ALA C 416 -6.88 -34.32 -14.94
N ALA C 417 -6.80 -34.71 -16.21
CA ALA C 417 -7.99 -34.71 -17.05
C ALA C 417 -8.92 -35.88 -16.75
N ASN C 418 -8.38 -36.93 -16.12
CA ASN C 418 -9.13 -38.19 -16.01
C ASN C 418 -9.35 -38.73 -14.60
N TYR C 419 -8.54 -38.27 -13.65
CA TYR C 419 -8.49 -38.88 -12.34
C TYR C 419 -8.79 -37.83 -11.26
N PRO C 420 -10.05 -37.79 -10.79
CA PRO C 420 -10.52 -36.77 -9.84
C PRO C 420 -9.74 -36.76 -8.53
N ARG C 421 -9.28 -37.93 -8.11
CA ARG C 421 -8.57 -38.06 -6.84
C ARG C 421 -7.25 -37.31 -6.84
N LEU C 422 -6.73 -37.04 -8.03
CA LEU C 422 -5.37 -36.51 -8.19
C LEU C 422 -5.11 -35.25 -7.39
N GLU C 423 -6.05 -34.31 -7.46
CA GLU C 423 -5.95 -33.07 -6.72
C GLU C 423 -5.75 -33.41 -5.25
N GLY C 424 -6.65 -34.22 -4.72
CA GLY C 424 -6.58 -34.60 -3.32
C GLY C 424 -5.32 -35.36 -2.98
N ILE C 425 -4.75 -36.10 -3.94
CA ILE C 425 -3.53 -36.86 -3.68
C ILE C 425 -2.46 -35.86 -3.33
N ILE C 426 -2.33 -34.87 -4.20
CA ILE C 426 -1.22 -33.95 -4.11
C ILE C 426 -1.32 -33.11 -2.84
N VAL C 427 -2.54 -32.70 -2.50
CA VAL C 427 -2.73 -31.87 -1.32
C VAL C 427 -2.26 -32.64 -0.12
N GLN C 428 -2.50 -33.95 -0.14
CA GLN C 428 -2.21 -34.77 1.03
C GLN C 428 -0.72 -34.77 1.30
N ILE C 429 0.09 -34.57 0.26
CA ILE C 429 1.52 -34.51 0.48
C ILE C 429 1.84 -33.21 1.18
N ASN C 430 1.35 -32.12 0.60
CA ASN C 430 1.72 -30.81 1.07
C ASN C 430 1.23 -30.63 2.47
N THR C 431 0.01 -31.09 2.68
CA THR C 431 -0.65 -30.91 3.95
C THR C 431 0.19 -31.66 4.99
N GLY C 432 0.69 -32.84 4.61
CA GLY C 432 1.43 -33.66 5.55
C GLY C 432 2.71 -32.93 5.88
N TYR C 433 3.28 -32.27 4.88
CA TYR C 433 4.53 -31.58 5.06
C TYR C 433 4.34 -30.46 6.05
N VAL C 434 3.21 -29.78 5.95
CA VAL C 434 2.95 -28.66 6.83
C VAL C 434 2.85 -29.20 8.24
N ALA C 435 2.21 -30.36 8.38
CA ALA C 435 2.09 -30.97 9.70
C ALA C 435 3.45 -31.35 10.24
N SER C 436 4.37 -31.72 9.36
CA SER C 436 5.70 -32.14 9.79
C SER C 436 6.61 -30.95 9.98
N ALA C 437 6.17 -29.78 9.54
CA ALA C 437 6.98 -28.60 9.73
C ALA C 437 6.69 -28.04 11.13
N ASN C 438 5.65 -28.61 11.75
CA ASN C 438 5.19 -28.19 13.08
C ASN C 438 5.07 -26.67 13.17
N VAL C 439 4.48 -26.06 12.14
CA VAL C 439 4.50 -24.62 11.99
C VAL C 439 3.30 -23.88 12.59
N ILE C 440 2.13 -24.52 12.68
CA ILE C 440 0.94 -23.89 13.26
C ILE C 440 0.14 -24.88 14.06
N ARG C 441 -0.22 -24.52 15.29
CA ARG C 441 -1.12 -25.36 16.07
C ARG C 441 -2.23 -24.55 16.67
N PRO C 442 -3.43 -25.13 16.75
CA PRO C 442 -4.55 -24.58 17.52
C PRO C 442 -4.24 -24.52 19.00
N VAL C 443 -4.77 -23.53 19.69
CA VAL C 443 -4.81 -23.53 21.15
C VAL C 443 -6.26 -23.47 21.66
N SER C 444 -6.43 -23.79 22.94
CA SER C 444 -7.74 -23.68 23.58
C SER C 444 -8.20 -22.22 23.71
N GLU C 445 -7.23 -21.32 23.88
CA GLU C 445 -7.54 -19.93 24.19
C GLU C 445 -7.76 -19.07 22.95
N LYS C 446 -9.01 -18.66 22.74
CA LYS C 446 -9.34 -17.68 21.71
C LYS C 446 -8.87 -16.30 22.17
N ARG C 447 -8.64 -15.41 21.21
CA ARG C 447 -8.17 -14.06 21.53
C ARG C 447 -8.90 -12.98 20.72
N TYR C 448 -10.14 -13.24 20.35
CA TYR C 448 -10.86 -12.35 19.45
C TYR C 448 -11.17 -10.94 19.96
N PHE C 449 -11.40 -10.79 21.27
CA PHE C 449 -11.85 -9.49 21.79
C PHE C 449 -10.96 -8.94 22.90
N PRO C 450 -10.70 -7.62 22.86
CA PRO C 450 -10.01 -6.97 23.96
C PRO C 450 -10.83 -7.07 25.23
N GLU C 451 -10.20 -7.25 26.38
CA GLU C 451 -10.93 -7.11 27.63
C GLU C 451 -11.22 -5.64 27.88
N ASN C 452 -12.41 -5.34 28.39
CA ASN C 452 -13.46 -6.32 28.49
C ASN C 452 -14.59 -5.92 27.56
N LEU C 453 -14.23 -5.72 26.29
CA LEU C 453 -15.17 -5.32 25.26
C LEU C 453 -16.23 -6.39 25.04
N GLU C 454 -15.87 -7.65 25.28
CA GLU C 454 -16.82 -8.75 25.16
C GLU C 454 -17.94 -8.58 26.18
N GLN C 455 -17.64 -7.87 27.26
CA GLN C 455 -18.59 -7.63 28.34
C GLN C 455 -19.40 -6.35 28.18
N ASN C 456 -18.91 -5.39 27.40
CA ASN C 456 -19.63 -4.13 27.15
C ASN C 456 -20.94 -4.34 26.39
N GLN C 457 -21.99 -3.68 26.87
CA GLN C 457 -23.33 -3.92 26.34
C GLN C 457 -23.50 -3.40 24.90
N SER C 458 -22.76 -2.37 24.55
CA SER C 458 -22.86 -1.78 23.23
C SER C 458 -22.27 -2.69 22.17
N ALA C 459 -21.38 -3.57 22.61
CA ALA C 459 -20.58 -4.38 21.71
C ALA C 459 -21.30 -5.63 21.21
N ALA C 460 -22.50 -5.85 21.73
CA ALA C 460 -23.22 -7.10 21.48
C ALA C 460 -23.35 -7.36 19.99
N ARG C 461 -23.87 -6.36 19.30
CA ARG C 461 -24.12 -6.49 17.86
C ARG C 461 -22.80 -6.70 17.12
N LEU C 462 -21.71 -6.16 17.66
CA LEU C 462 -20.39 -6.46 17.12
C LEU C 462 -19.92 -7.85 17.50
N VAL C 463 -20.03 -8.16 18.79
CA VAL C 463 -19.42 -9.38 19.29
C VAL C 463 -20.03 -10.57 18.58
N SER C 464 -21.37 -10.56 18.48
CA SER C 464 -22.09 -11.66 17.85
C SER C 464 -21.65 -11.79 16.40
N ALA C 465 -21.44 -10.65 15.74
CA ALA C 465 -21.00 -10.65 14.36
C ALA C 465 -19.68 -11.40 14.27
N VAL C 466 -18.73 -11.05 15.14
CA VAL C 466 -17.45 -11.73 15.10
C VAL C 466 -17.62 -13.21 15.39
N LYS C 467 -18.52 -13.52 16.31
CA LYS C 467 -18.72 -14.91 16.70
C LYS C 467 -19.41 -15.68 15.58
N ALA C 468 -20.03 -14.95 14.66
CA ALA C 468 -20.63 -15.59 13.49
C ALA C 468 -19.56 -16.02 12.52
N ARG C 469 -18.44 -15.33 12.55
CA ARG C 469 -17.36 -15.59 11.59
C ARG C 469 -16.30 -16.57 12.11
N ALA C 470 -16.00 -16.48 13.40
CA ALA C 470 -14.89 -17.23 14.00
C ALA C 470 -15.13 -18.72 14.11
N SER C 471 -14.58 -19.47 13.16
CA SER C 471 -14.57 -20.93 13.21
C SER C 471 -13.64 -21.40 14.32
N GLU C 472 -13.99 -22.51 14.96
CA GLU C 472 -13.07 -23.11 15.91
C GLU C 472 -11.87 -23.71 15.17
N ALA C 473 -10.69 -23.62 15.77
CA ALA C 473 -9.46 -24.09 15.14
C ALA C 473 -9.41 -25.61 15.02
N ASP C 474 -8.92 -26.10 13.89
CA ASP C 474 -8.79 -27.54 13.65
C ASP C 474 -7.65 -27.78 12.67
N ILE C 475 -6.63 -28.50 13.12
CA ILE C 475 -5.36 -28.57 12.41
C ILE C 475 -5.48 -29.09 11.00
N SER C 476 -6.40 -30.03 10.78
CA SER C 476 -6.60 -30.54 9.43
C SER C 476 -7.03 -29.41 8.50
N SER C 477 -8.01 -28.62 8.94
CA SER C 477 -8.48 -27.50 8.16
C SER C 477 -7.47 -26.37 7.98
N ILE C 478 -6.67 -26.13 9.02
CA ILE C 478 -5.68 -25.06 8.96
C ILE C 478 -4.54 -25.42 8.02
N HIS C 479 -4.05 -26.65 8.16
CA HIS C 479 -3.02 -27.14 7.29
C HIS C 479 -3.53 -27.19 5.87
N LEU C 480 -4.82 -27.46 5.73
CA LEU C 480 -5.40 -27.55 4.39
C LEU C 480 -5.42 -26.18 3.74
N ALA C 481 -5.76 -25.17 4.54
CA ALA C 481 -5.76 -23.81 4.05
C ALA C 481 -4.35 -23.41 3.66
N ILE C 482 -3.35 -23.91 4.38
CA ILE C 482 -1.97 -23.60 4.04
C ILE C 482 -1.57 -24.27 2.74
N ALA C 483 -1.86 -25.57 2.63
CA ALA C 483 -1.46 -26.38 1.49
C ALA C 483 -2.14 -25.95 0.19
N ARG C 484 -3.37 -25.46 0.27
CA ARG C 484 -4.12 -25.11 -0.93
C ARG C 484 -3.45 -23.98 -1.71
N GLU C 485 -2.65 -23.21 -1.01
CA GLU C 485 -1.91 -22.12 -1.61
C GLU C 485 -0.92 -22.63 -2.67
N VAL C 486 -0.35 -23.82 -2.46
CA VAL C 486 0.67 -24.33 -3.39
C VAL C 486 0.26 -25.58 -4.19
N SER C 487 -0.77 -26.29 -3.74
CA SER C 487 -1.28 -27.41 -4.53
C SER C 487 -2.00 -26.90 -5.77
N PRO C 488 -1.81 -27.57 -6.91
CA PRO C 488 -2.52 -27.31 -8.18
C PRO C 488 -4.03 -27.49 -8.08
N MET C 489 -4.78 -26.64 -8.77
CA MET C 489 -6.25 -26.65 -8.73
C MET C 489 -6.86 -27.18 -10.04
N PHE C 490 -7.52 -28.33 -9.98
CA PHE C 490 -8.04 -28.99 -11.18
C PHE C 490 -9.55 -28.91 -11.28
N ASN C 491 -10.14 -28.27 -10.29
CA ASN C 491 -11.56 -28.06 -10.28
C ASN C 491 -11.76 -26.71 -9.63
N VAL C 492 -12.27 -25.76 -10.42
CA VAL C 492 -12.32 -24.36 -10.00
C VAL C 492 -12.95 -24.19 -8.62
N HIS C 493 -12.17 -23.68 -7.68
CA HIS C 493 -12.60 -23.52 -6.32
C HIS C 493 -13.71 -22.51 -6.27
N GLU C 494 -14.61 -22.65 -5.29
CA GLU C 494 -15.69 -21.68 -5.09
C GLU C 494 -15.72 -21.19 -3.64
N LEU C 495 -15.99 -19.90 -3.46
CA LEU C 495 -16.15 -19.32 -2.14
C LEU C 495 -17.39 -19.91 -1.44
N LYS C 496 -17.26 -20.24 -0.16
CA LYS C 496 -18.42 -20.66 0.63
C LYS C 496 -19.25 -19.43 0.89
N LYS C 497 -20.43 -19.36 0.29
CA LYS C 497 -21.15 -18.10 0.18
C LYS C 497 -21.52 -17.47 1.52
N ILE C 498 -21.26 -16.18 1.65
CA ILE C 498 -21.63 -15.41 2.83
C ILE C 498 -22.95 -14.71 2.49
N ALA C 499 -23.83 -14.61 3.48
CA ALA C 499 -25.15 -14.02 3.27
C ALA C 499 -25.25 -12.60 3.82
N GLU C 500 -24.11 -11.96 4.06
CA GLU C 500 -24.09 -10.63 4.69
C GLU C 500 -24.82 -9.58 3.84
N SER C 501 -25.58 -8.72 4.51
CA SER C 501 -26.32 -7.66 3.86
C SER C 501 -25.73 -6.28 4.13
N PHE C 502 -24.78 -6.24 5.07
CA PHE C 502 -24.04 -5.03 5.41
C PHE C 502 -24.86 -3.84 5.88
N GLU C 503 -25.74 -4.05 6.87
CA GLU C 503 -26.43 -2.93 7.52
C GLU C 503 -25.65 -2.34 8.70
N ASP C 504 -25.34 -3.18 9.68
CA ASP C 504 -24.58 -2.72 10.85
C ASP C 504 -23.13 -2.45 10.47
N PRO C 505 -22.47 -1.51 11.18
CA PRO C 505 -21.03 -1.24 11.04
C PRO C 505 -20.21 -2.50 11.31
N SER C 506 -20.72 -3.36 12.18
CA SER C 506 -20.06 -4.60 12.54
C SER C 506 -19.83 -5.48 11.32
N SER C 507 -20.62 -5.27 10.28
CA SER C 507 -20.50 -6.03 9.04
C SER C 507 -19.13 -5.86 8.38
N ILE C 508 -18.39 -4.82 8.77
CA ILE C 508 -17.04 -4.61 8.25
C ILE C 508 -16.20 -5.85 8.53
N VAL C 509 -16.59 -6.62 9.54
CA VAL C 509 -15.87 -7.84 9.89
C VAL C 509 -15.69 -8.69 8.65
N VAL C 510 -16.77 -8.90 7.90
CA VAL C 510 -16.69 -9.78 6.75
C VAL C 510 -15.67 -9.25 5.76
N VAL C 511 -15.64 -7.93 5.56
CA VAL C 511 -14.69 -7.35 4.63
C VAL C 511 -13.26 -7.61 5.11
N LEU C 512 -13.05 -7.47 6.41
CA LEU C 512 -11.72 -7.69 6.97
C LEU C 512 -11.34 -9.15 6.79
N GLU C 513 -12.33 -10.03 6.90
CA GLU C 513 -12.08 -11.46 6.78
C GLU C 513 -11.57 -11.75 5.36
N PHE C 514 -12.01 -10.94 4.40
CA PHE C 514 -11.54 -11.12 3.03
C PHE C 514 -10.13 -10.60 2.90
N ILE C 515 -9.88 -9.43 3.50
CA ILE C 515 -8.57 -8.80 3.41
C ILE C 515 -7.49 -9.71 3.99
N LEU C 516 -7.76 -10.31 5.15
CA LEU C 516 -6.80 -11.17 5.81
C LEU C 516 -6.54 -12.35 4.90
N PHE C 517 -7.62 -12.82 4.30
CA PHE C 517 -7.56 -13.97 3.41
C PHE C 517 -6.77 -13.61 2.15
N ALA C 518 -6.84 -12.34 1.75
CA ALA C 518 -6.11 -11.88 0.59
C ALA C 518 -4.64 -11.78 0.91
N LEU C 519 -4.33 -11.69 2.20
CA LEU C 519 -2.94 -11.51 2.65
C LEU C 519 -2.26 -12.83 2.98
N PHE C 520 -2.92 -13.63 3.83
CA PHE C 520 -2.41 -14.93 4.21
C PHE C 520 -2.39 -15.90 3.04
N PHE C 521 -3.35 -15.75 2.15
CA PHE C 521 -3.49 -16.65 1.02
C PHE C 521 -3.80 -15.93 -0.29
N PRO C 522 -2.85 -15.16 -0.83
CA PRO C 522 -3.16 -14.45 -2.08
C PRO C 522 -3.59 -15.38 -3.22
N THR C 523 -3.04 -16.60 -3.29
CA THR C 523 -3.33 -17.49 -4.41
C THR C 523 -4.79 -17.96 -4.44
N GLU C 524 -5.24 -18.51 -3.32
CA GLU C 524 -6.61 -18.96 -3.17
C GLU C 524 -7.62 -17.81 -3.30
N PHE C 525 -7.20 -16.64 -2.81
CA PHE C 525 -8.02 -15.47 -2.92
C PHE C 525 -8.17 -15.15 -4.37
N ASN C 526 -7.08 -15.27 -5.12
CA ASN C 526 -7.14 -14.95 -6.52
C ASN C 526 -8.07 -15.89 -7.26
N ARG C 527 -8.16 -17.12 -6.78
CA ARG C 527 -9.16 -18.06 -7.33
C ARG C 527 -10.62 -17.76 -7.00
N ILE C 528 -10.89 -17.22 -5.81
CA ILE C 528 -12.28 -16.98 -5.42
C ILE C 528 -12.72 -15.51 -5.47
N LYS C 529 -11.86 -14.67 -6.03
CA LYS C 529 -11.99 -13.23 -5.87
C LYS C 529 -13.26 -12.66 -6.48
N GLY C 530 -13.77 -13.27 -7.54
CA GLY C 530 -14.98 -12.73 -8.14
C GLY C 530 -16.18 -13.00 -7.25
N ASP C 531 -16.23 -14.20 -6.70
CA ASP C 531 -17.31 -14.57 -5.81
C ASP C 531 -17.24 -13.72 -4.53
N ILE C 532 -16.04 -13.35 -4.07
CA ILE C 532 -15.97 -12.35 -2.99
C ILE C 532 -16.34 -10.93 -3.46
N GLN C 533 -16.14 -10.66 -4.75
CA GLN C 533 -16.55 -9.37 -5.28
C GLN C 533 -18.05 -9.23 -5.16
N ASN C 534 -18.77 -10.36 -5.29
CA ASN C 534 -20.22 -10.29 -5.16
C ASN C 534 -20.70 -9.85 -3.78
N VAL C 535 -19.92 -10.16 -2.75
CA VAL C 535 -20.24 -9.65 -1.41
C VAL C 535 -19.77 -8.21 -1.25
N LEU C 536 -18.62 -7.90 -1.83
CA LEU C 536 -18.12 -6.54 -1.77
C LEU C 536 -19.04 -5.55 -2.46
N LEU C 537 -19.81 -6.00 -3.45
CA LEU C 537 -20.70 -5.07 -4.13
C LEU C 537 -21.90 -4.71 -3.25
N LEU C 538 -22.41 -5.68 -2.51
CA LEU C 538 -23.44 -5.42 -1.51
C LEU C 538 -22.87 -4.56 -0.39
N PHE C 539 -21.55 -4.56 -0.26
CA PHE C 539 -20.93 -3.70 0.73
C PHE C 539 -20.85 -2.25 0.25
N PHE C 540 -20.33 -2.07 -0.96
CA PHE C 540 -20.12 -0.74 -1.50
C PHE C 540 -21.41 -0.02 -1.79
N SER C 541 -22.43 -0.77 -2.17
CA SER C 541 -23.72 -0.18 -2.50
C SER C 541 -24.42 0.35 -1.26
N ARG C 542 -24.07 -0.19 -0.10
CA ARG C 542 -24.66 0.26 1.17
C ARG C 542 -23.82 1.31 1.87
N TRP C 543 -22.50 1.24 1.71
CA TRP C 543 -21.64 2.23 2.36
C TRP C 543 -21.24 3.39 1.46
N TYR C 544 -21.08 3.13 0.17
CA TYR C 544 -20.69 4.19 -0.76
C TYR C 544 -21.55 4.19 -2.01
N PRO C 545 -22.84 4.49 -1.86
CA PRO C 545 -23.74 4.37 -3.01
C PRO C 545 -23.38 5.22 -4.24
N VAL C 546 -22.80 6.40 -4.04
CA VAL C 546 -22.47 7.25 -5.18
C VAL C 546 -21.29 6.67 -5.95
N GLU C 547 -20.23 6.36 -5.22
CA GLU C 547 -19.05 5.77 -5.81
C GLU C 547 -19.38 4.41 -6.42
N TYR C 548 -20.28 3.67 -5.78
CA TYR C 548 -20.69 2.39 -6.31
C TYR C 548 -21.43 2.56 -7.62
N GLY C 549 -22.24 3.61 -7.70
CA GLY C 549 -23.00 3.87 -8.90
C GLY C 549 -22.05 4.14 -10.04
N ILE C 550 -21.06 4.98 -9.80
CA ILE C 550 -20.09 5.31 -10.84
C ILE C 550 -19.24 4.11 -11.26
N PHE C 551 -18.85 3.30 -10.27
CA PHE C 551 -17.97 2.17 -10.51
C PHE C 551 -18.68 1.13 -11.35
N VAL C 552 -19.89 0.78 -10.94
CA VAL C 552 -20.71 -0.20 -11.65
C VAL C 552 -21.09 0.32 -13.02
N GLN C 553 -21.29 1.63 -13.12
CA GLN C 553 -21.66 2.25 -14.38
C GLN C 553 -20.50 2.11 -15.36
N ARG C 554 -19.27 2.14 -14.88
CA ARG C 554 -18.15 1.84 -15.77
C ARG C 554 -18.18 0.40 -16.28
N GLY C 555 -18.53 -0.52 -15.38
CA GLY C 555 -18.59 -1.93 -15.71
C GLY C 555 -18.22 -2.81 -14.53
N ALA C 556 -18.99 -3.88 -14.32
CA ALA C 556 -18.76 -4.80 -13.21
C ALA C 556 -17.60 -5.75 -13.48
N THR C 557 -17.15 -5.80 -14.73
CA THR C 557 -16.08 -6.72 -15.16
C THR C 557 -15.34 -6.21 -16.38
N TYR C 558 -14.17 -6.77 -16.65
CA TYR C 558 -13.37 -6.37 -17.82
C TYR C 558 -12.64 -7.52 -18.46
N THR C 559 -12.07 -7.25 -19.63
CA THR C 559 -11.34 -8.26 -20.41
C THR C 559 -10.13 -7.61 -21.06
N ILE C 560 -8.95 -7.99 -20.60
CA ILE C 560 -7.71 -7.49 -21.18
C ILE C 560 -7.55 -8.01 -22.61
N ASN C 561 -7.00 -7.18 -23.48
CA ASN C 561 -6.81 -7.52 -24.89
C ASN C 561 -5.34 -7.58 -25.29
N ALA C 562 -5.09 -7.72 -26.59
CA ALA C 562 -3.76 -7.51 -27.11
C ALA C 562 -3.43 -6.06 -26.84
N ALA C 563 -2.16 -5.79 -26.59
CA ALA C 563 -1.66 -4.47 -26.12
C ALA C 563 -1.94 -4.26 -24.63
N GLY C 564 -2.63 -5.21 -24.02
CA GLY C 564 -2.75 -5.26 -22.56
C GLY C 564 -3.71 -4.27 -21.93
N GLU C 565 -4.48 -3.55 -22.76
CA GLU C 565 -5.45 -2.59 -22.22
C GLU C 565 -6.74 -3.26 -21.73
N PHE C 566 -7.37 -2.71 -20.70
CA PHE C 566 -8.59 -3.29 -20.14
C PHE C 566 -9.82 -2.69 -20.83
N GLU C 567 -10.90 -3.46 -20.90
CA GLU C 567 -12.12 -3.00 -21.57
C GLU C 567 -13.33 -3.37 -20.73
N PHE C 568 -13.75 -2.46 -19.87
CA PHE C 568 -14.84 -2.75 -18.94
C PHE C 568 -16.19 -2.95 -19.63
N SER C 569 -16.96 -3.90 -19.11
CA SER C 569 -18.18 -4.35 -19.78
C SER C 569 -19.22 -3.25 -19.93
N GLY C 570 -19.24 -2.32 -18.98
CA GLY C 570 -20.23 -1.26 -18.97
C GLY C 570 -21.53 -1.77 -18.38
N ARG C 571 -21.52 -3.01 -17.94
CA ARG C 571 -22.74 -3.68 -17.54
C ARG C 571 -22.59 -4.42 -16.22
N ASN C 572 -23.34 -3.97 -15.21
CA ASN C 572 -23.42 -4.67 -13.94
C ASN C 572 -24.03 -6.06 -14.12
N GLU C 573 -23.40 -7.06 -13.52
CA GLU C 573 -23.89 -8.44 -13.54
C GLU C 573 -23.17 -9.28 -12.50
N LYS C 574 -23.87 -10.25 -11.92
CA LYS C 574 -23.25 -11.18 -10.99
C LYS C 574 -22.21 -12.07 -11.67
N TRP C 575 -21.14 -12.36 -10.94
CA TRP C 575 -20.00 -13.08 -11.48
C TRP C 575 -20.02 -14.53 -11.01
N ASP C 576 -20.29 -15.47 -11.92
CA ASP C 576 -20.18 -16.91 -11.63
C ASP C 576 -18.74 -17.38 -11.71
N GLN C 577 -18.41 -18.45 -11.00
CA GLN C 577 -17.08 -19.06 -11.13
C GLN C 577 -16.93 -19.64 -12.52
N ALA C 578 -18.04 -19.79 -13.22
CA ALA C 578 -18.06 -20.25 -14.61
C ALA C 578 -17.28 -19.26 -15.46
N LEU C 579 -17.14 -18.05 -14.93
CA LEU C 579 -16.32 -17.02 -15.58
C LEU C 579 -14.80 -17.11 -15.32
N TYR C 580 -14.39 -17.91 -14.34
CA TYR C 580 -12.97 -17.96 -13.98
C TYR C 580 -12.12 -18.52 -15.12
N LEU C 581 -12.71 -19.42 -15.89
CA LEU C 581 -12.03 -20.01 -17.03
C LEU C 581 -12.17 -19.15 -18.27
N SER C 582 -13.03 -18.12 -18.18
CA SER C 582 -13.29 -17.21 -19.29
C SER C 582 -12.30 -16.04 -19.36
N GLU C 583 -12.42 -15.20 -20.37
CA GLU C 583 -11.55 -14.04 -20.53
C GLU C 583 -11.81 -12.95 -19.50
N HIS C 584 -12.98 -13.03 -18.88
CA HIS C 584 -13.47 -12.03 -17.93
C HIS C 584 -12.77 -11.98 -16.58
N PHE C 585 -12.63 -10.76 -16.06
CA PHE C 585 -12.09 -10.52 -14.73
C PHE C 585 -13.05 -9.72 -13.88
N PRO C 586 -13.06 -9.96 -12.56
CA PRO C 586 -13.84 -9.08 -11.68
C PRO C 586 -13.24 -7.68 -11.78
N ALA C 587 -14.05 -6.64 -11.78
CA ALA C 587 -13.51 -5.30 -12.05
C ALA C 587 -12.98 -4.59 -10.82
N LEU C 588 -13.35 -5.06 -9.64
CA LEU C 588 -12.90 -4.44 -8.40
C LEU C 588 -11.38 -4.49 -8.31
N PHE C 589 -10.81 -5.51 -8.92
CA PHE C 589 -9.38 -5.79 -8.78
C PHE C 589 -8.53 -5.32 -9.94
N SER C 590 -9.12 -4.54 -10.84
CA SER C 590 -8.38 -3.97 -11.95
C SER C 590 -7.32 -2.98 -11.49
N ASP C 591 -7.56 -2.38 -10.32
CA ASP C 591 -6.69 -1.34 -9.75
C ASP C 591 -6.55 -0.14 -10.68
N VAL C 592 -7.53 0.03 -11.55
CA VAL C 592 -7.55 1.19 -12.45
C VAL C 592 -8.26 2.32 -11.76
N PRO C 593 -7.59 3.48 -11.63
CA PRO C 593 -8.24 4.63 -10.99
C PRO C 593 -9.47 5.04 -11.78
N LEU C 594 -10.51 5.46 -11.08
CA LEU C 594 -11.74 5.89 -11.73
C LEU C 594 -12.15 7.20 -11.09
N ALA C 595 -12.64 8.12 -11.92
CA ALA C 595 -12.70 9.52 -11.52
C ALA C 595 -13.56 9.81 -10.28
N GLY C 596 -14.73 9.18 -10.18
CA GLY C 596 -15.61 9.47 -9.07
C GLY C 596 -15.59 8.51 -7.90
N ALA C 597 -14.97 7.35 -8.09
CA ALA C 597 -15.08 6.27 -7.11
C ALA C 597 -13.76 5.97 -6.41
N ASN C 598 -13.08 7.02 -5.96
CA ASN C 598 -11.73 6.85 -5.43
C ASN C 598 -11.70 5.97 -4.19
N THR C 599 -12.72 6.11 -3.35
CA THR C 599 -12.71 5.42 -2.06
C THR C 599 -12.84 3.92 -2.25
N ILE C 600 -13.51 3.54 -3.33
CA ILE C 600 -13.64 2.14 -3.67
C ILE C 600 -12.29 1.56 -4.05
N ILE C 601 -11.58 2.23 -4.94
CA ILE C 601 -10.29 1.74 -5.38
C ILE C 601 -9.31 1.69 -4.21
N ALA C 602 -9.39 2.70 -3.35
CA ALA C 602 -8.49 2.82 -2.21
C ALA C 602 -8.74 1.71 -1.21
N ILE C 603 -10.00 1.35 -1.02
CA ILE C 603 -10.33 0.17 -0.23
C ILE C 603 -9.86 -1.12 -0.91
N MET C 604 -9.91 -1.15 -2.23
CA MET C 604 -9.50 -2.32 -2.99
C MET C 604 -8.00 -2.56 -2.93
N ARG C 605 -7.25 -1.51 -2.64
CA ARG C 605 -5.80 -1.67 -2.62
C ARG C 605 -5.34 -2.38 -1.36
N LEU C 606 -6.24 -2.50 -0.39
CA LEU C 606 -5.94 -3.30 0.78
C LEU C 606 -5.78 -4.78 0.42
N PHE C 607 -6.40 -5.20 -0.68
CA PHE C 607 -6.34 -6.60 -1.11
C PHE C 607 -5.08 -6.99 -1.88
N THR C 608 -4.27 -6.02 -2.29
CA THR C 608 -3.05 -6.34 -3.02
C THR C 608 -2.04 -7.08 -2.13
N PRO C 609 -1.47 -8.19 -2.64
CA PRO C 609 -0.58 -9.10 -1.92
C PRO C 609 0.73 -8.46 -1.45
N GLN C 610 1.22 -8.91 -0.30
CA GLN C 610 2.46 -8.39 0.26
C GLN C 610 3.66 -9.32 0.06
N GLY C 611 3.50 -10.32 -0.79
CA GLY C 611 4.56 -11.27 -1.05
C GLY C 611 5.40 -10.92 -2.27
N PHE C 612 6.00 -11.93 -2.89
CA PHE C 612 6.79 -11.73 -4.10
C PHE C 612 6.76 -12.96 -5.00
N LEU C 613 6.99 -12.75 -6.29
CA LEU C 613 7.02 -13.85 -7.27
C LEU C 613 8.39 -14.51 -7.34
N ARG C 614 8.41 -15.83 -7.25
CA ARG C 614 9.66 -16.57 -7.05
C ARG C 614 9.80 -17.69 -8.05
N THR C 615 10.86 -17.68 -8.84
CA THR C 615 11.10 -18.79 -9.78
C THR C 615 11.43 -20.05 -9.00
N ASP C 616 10.91 -21.19 -9.45
CA ASP C 616 11.14 -22.45 -8.75
C ASP C 616 12.52 -22.96 -9.14
N ASP C 617 13.55 -22.36 -8.55
CA ASP C 617 14.93 -22.63 -8.91
C ASP C 617 15.30 -24.09 -8.65
N LEU C 618 14.96 -24.55 -7.45
CA LEU C 618 15.33 -25.90 -7.06
C LEU C 618 14.59 -26.95 -7.88
N ALA C 619 13.32 -26.67 -8.21
CA ALA C 619 12.52 -27.59 -9.01
C ALA C 619 12.98 -27.66 -10.46
N ILE C 620 13.57 -26.56 -10.93
CA ILE C 620 14.14 -26.51 -12.27
C ILE C 620 15.43 -27.31 -12.31
N ALA C 621 16.26 -27.12 -11.29
CA ALA C 621 17.53 -27.84 -11.20
C ALA C 621 17.31 -29.34 -11.05
N ALA C 622 16.22 -29.71 -10.38
CA ALA C 622 15.93 -31.12 -10.11
C ALA C 622 15.23 -31.73 -11.30
N ASN C 623 14.92 -30.90 -12.29
CA ASN C 623 14.15 -31.33 -13.45
C ASN C 623 12.82 -31.95 -13.04
N PHE C 624 12.14 -31.31 -12.11
CA PHE C 624 10.80 -31.72 -11.69
C PHE C 624 9.76 -31.33 -12.72
N PRO C 625 8.70 -32.13 -12.84
CA PRO C 625 7.68 -31.78 -13.82
C PRO C 625 7.06 -30.43 -13.50
N ARG C 626 6.80 -29.64 -14.52
CA ARG C 626 6.25 -28.32 -14.32
C ARG C 626 5.64 -27.84 -15.62
N ALA C 627 4.31 -27.70 -15.65
CA ALA C 627 3.59 -27.38 -16.88
C ALA C 627 3.86 -25.99 -17.46
N SER C 628 4.19 -25.04 -16.59
CA SER C 628 4.54 -23.70 -17.05
C SER C 628 5.88 -23.69 -17.77
N ARG C 629 5.99 -22.91 -18.84
CA ARG C 629 7.25 -22.81 -19.57
C ARG C 629 8.36 -22.27 -18.68
N ASN C 630 8.03 -21.28 -17.85
CA ASN C 630 8.94 -20.78 -16.81
C ASN C 630 8.28 -20.82 -15.43
N PRO C 631 8.60 -21.86 -14.64
CA PRO C 631 8.00 -22.13 -13.33
C PRO C 631 8.24 -21.04 -12.29
N GLN C 632 7.22 -20.78 -11.48
CA GLN C 632 7.31 -19.82 -10.38
C GLN C 632 6.06 -19.84 -9.52
N THR C 633 6.21 -19.48 -8.25
CA THR C 633 5.09 -19.38 -7.33
C THR C 633 5.19 -18.11 -6.54
N TYR C 634 4.04 -17.60 -6.13
CA TYR C 634 3.99 -16.34 -5.41
C TYR C 634 3.96 -16.56 -3.92
N ILE C 635 5.11 -16.38 -3.26
CA ILE C 635 5.17 -16.51 -1.81
C ILE C 635 4.44 -15.33 -1.16
N PRO C 636 3.46 -15.61 -0.29
CA PRO C 636 2.60 -14.61 0.35
C PRO C 636 3.34 -13.57 1.19
N TYR C 637 4.47 -13.95 1.80
CA TYR C 637 5.27 -12.98 2.53
C TYR C 637 6.75 -13.29 2.55
N THR C 638 7.55 -12.23 2.66
CA THR C 638 9.01 -12.33 2.72
C THR C 638 9.52 -12.29 4.17
N ASN C 639 10.81 -12.60 4.36
CA ASN C 639 11.46 -12.50 5.67
C ASN C 639 11.60 -11.06 6.18
N GLN C 640 11.43 -10.89 7.49
CA GLN C 640 11.66 -9.58 8.10
C GLN C 640 13.13 -9.19 7.97
N ARG C 641 13.38 -7.95 7.58
CA ARG C 641 14.74 -7.54 7.25
C ARG C 641 15.31 -6.58 8.29
N GLY C 642 14.46 -5.72 8.86
CA GLY C 642 14.86 -4.89 9.98
C GLY C 642 14.91 -5.65 11.29
N THR C 643 15.65 -5.11 12.26
CA THR C 643 15.73 -5.73 13.58
C THR C 643 14.43 -5.65 14.38
N VAL C 644 13.61 -4.63 14.11
CA VAL C 644 12.38 -4.45 14.90
C VAL C 644 11.09 -4.39 14.06
N THR C 645 11.03 -3.48 13.09
CA THR C 645 9.82 -3.35 12.28
C THR C 645 9.52 -4.58 11.43
N ASN C 646 8.25 -4.92 11.32
CA ASN C 646 7.81 -5.99 10.43
C ASN C 646 6.95 -5.41 9.31
N GLU C 647 7.41 -5.54 8.07
CA GLU C 647 6.75 -4.89 6.95
C GLU C 647 5.31 -5.39 6.79
N PHE C 648 5.12 -6.65 7.13
CA PHE C 648 3.80 -7.25 7.05
C PHE C 648 2.84 -6.64 8.07
N ALA C 649 3.27 -6.62 9.33
CA ALA C 649 2.43 -6.06 10.39
C ALA C 649 2.15 -4.57 10.19
N SER C 650 3.13 -3.84 9.65
CA SER C 650 2.90 -2.42 9.37
C SER C 650 1.89 -2.25 8.25
N ARG C 651 1.92 -3.17 7.29
CA ARG C 651 0.90 -3.17 6.25
C ARG C 651 -0.47 -3.33 6.86
N PHE C 652 -0.61 -4.30 7.74
CA PHE C 652 -1.90 -4.51 8.39
C PHE C 652 -2.31 -3.30 9.19
N ARG C 653 -1.33 -2.57 9.72
CA ARG C 653 -1.64 -1.38 10.48
C ARG C 653 -2.29 -0.34 9.58
N THR C 654 -1.74 -0.14 8.39
CA THR C 654 -2.37 0.85 7.50
C THR C 654 -3.73 0.35 7.01
N ILE C 655 -3.87 -0.97 6.93
CA ILE C 655 -5.18 -1.53 6.57
C ILE C 655 -6.25 -1.24 7.62
N VAL C 656 -5.97 -1.57 8.88
CA VAL C 656 -6.94 -1.30 9.94
C VAL C 656 -7.15 0.19 10.17
N ALA C 657 -6.15 1.01 9.84
CA ALA C 657 -6.32 2.45 9.94
C ALA C 657 -7.30 2.90 8.87
N THR C 658 -7.16 2.34 7.68
CA THR C 658 -8.05 2.69 6.58
C THR C 658 -9.46 2.30 6.94
N LEU C 659 -9.60 1.09 7.45
CA LEU C 659 -10.90 0.56 7.81
C LEU C 659 -11.52 1.34 8.94
N ALA C 660 -10.70 1.82 9.87
CA ALA C 660 -11.20 2.59 11.00
C ALA C 660 -11.72 3.93 10.49
N ASN C 661 -11.05 4.48 9.48
CA ASN C 661 -11.59 5.66 8.82
C ASN C 661 -12.90 5.34 8.11
N VAL C 662 -13.02 4.12 7.59
CA VAL C 662 -14.21 3.73 6.85
C VAL C 662 -15.42 3.63 7.78
N VAL C 663 -15.22 2.93 8.88
CA VAL C 663 -16.29 2.77 9.86
C VAL C 663 -16.62 4.12 10.48
N ASN C 664 -15.61 4.96 10.64
CA ASN C 664 -15.82 6.28 11.20
C ASN C 664 -16.66 7.15 10.29
N GLU C 665 -16.45 7.02 8.98
CA GLU C 665 -17.17 7.87 8.02
C GLU C 665 -18.58 7.37 7.74
N ARG C 666 -18.89 6.18 8.25
CA ARG C 666 -20.19 5.57 8.04
C ARG C 666 -21.27 6.37 8.73
N ALA C 667 -22.25 6.85 7.97
CA ALA C 667 -23.46 7.40 8.55
C ALA C 667 -24.30 6.29 9.17
N VAL C 668 -24.88 6.55 10.33
CA VAL C 668 -25.78 5.60 10.98
C VAL C 668 -26.94 6.37 11.60
N GLN C 669 -28.08 5.72 11.75
CA GLN C 669 -29.24 6.39 12.30
C GLN C 669 -29.67 5.82 13.66
N ASP C 670 -29.68 4.50 13.77
CA ASP C 670 -29.99 3.84 15.03
C ASP C 670 -28.89 4.10 16.07
N ASP C 671 -29.28 4.27 17.32
CA ASP C 671 -28.32 4.53 18.38
C ASP C 671 -27.37 3.35 18.60
N MET C 672 -27.91 2.14 18.49
CA MET C 672 -27.08 0.95 18.67
C MET C 672 -26.03 0.85 17.58
N GLN C 673 -26.38 1.29 16.38
CA GLN C 673 -25.42 1.29 15.29
C GLN C 673 -24.31 2.28 15.57
N LYS C 674 -24.69 3.39 16.19
CA LYS C 674 -23.75 4.42 16.59
C LYS C 674 -22.77 3.83 17.61
N ALA C 675 -23.27 2.92 18.45
CA ALA C 675 -22.44 2.28 19.47
C ALA C 675 -21.45 1.30 18.84
N THR C 676 -21.99 0.40 18.01
CA THR C 676 -21.19 -0.66 17.41
C THR C 676 -20.18 -0.07 16.46
N ARG C 677 -20.41 1.17 16.03
CA ARG C 677 -19.41 1.87 15.25
C ARG C 677 -18.13 2.03 16.06
N SER C 678 -18.25 2.67 17.22
CA SER C 678 -17.07 2.89 18.06
C SER C 678 -16.47 1.58 18.60
N CYS C 679 -17.33 0.60 18.89
CA CYS C 679 -16.82 -0.69 19.33
C CYS C 679 -16.07 -1.41 18.20
N THR C 680 -16.54 -1.24 16.97
CA THR C 680 -15.89 -1.86 15.83
C THR C 680 -14.50 -1.24 15.75
N LYS C 681 -14.44 0.07 15.97
CA LYS C 681 -13.16 0.76 15.93
C LYS C 681 -12.18 0.21 16.99
N GLN C 682 -12.68 -0.02 18.21
CA GLN C 682 -11.81 -0.61 19.26
C GLN C 682 -11.33 -2.03 18.93
N TRP C 683 -12.23 -2.85 18.40
CA TRP C 683 -11.90 -4.23 18.04
C TRP C 683 -10.90 -4.33 16.90
N LEU C 684 -10.98 -3.38 15.97
CA LEU C 684 -9.98 -3.26 14.93
C LEU C 684 -8.64 -2.94 15.58
N ARG C 685 -8.66 -1.96 16.47
CA ARG C 685 -7.39 -1.52 17.05
C ARG C 685 -6.74 -2.63 17.89
N HIS C 686 -7.54 -3.59 18.31
CA HIS C 686 -7.05 -4.78 19.03
C HIS C 686 -6.56 -5.92 18.12
N LEU C 687 -7.25 -6.06 16.99
CA LEU C 687 -6.81 -7.01 15.98
C LEU C 687 -5.44 -6.63 15.51
N GLU C 688 -5.19 -5.32 15.45
CA GLU C 688 -3.92 -4.84 14.95
C GLU C 688 -2.81 -5.46 15.77
N THR C 689 -2.93 -5.37 17.09
CA THR C 689 -1.95 -5.95 17.99
C THR C 689 -1.85 -7.48 17.94
N GLN C 690 -2.98 -8.15 17.72
CA GLN C 690 -2.92 -9.61 17.50
C GLN C 690 -2.00 -9.92 16.33
N PHE C 691 -2.25 -9.21 15.24
CA PHE C 691 -1.54 -9.41 14.00
C PHE C 691 -0.08 -9.10 14.20
N ASP C 692 0.21 -8.07 15.00
CA ASP C 692 1.58 -7.65 15.20
C ASP C 692 2.31 -8.77 15.91
N ASN C 693 1.60 -9.45 16.80
CA ASN C 693 2.18 -10.55 17.56
C ASN C 693 2.49 -11.72 16.64
N ILE C 694 1.51 -12.07 15.81
CA ILE C 694 1.57 -13.27 14.97
C ILE C 694 2.45 -13.14 13.67
N ALA C 695 2.77 -11.89 13.34
CA ALA C 695 3.38 -11.58 12.05
C ALA C 695 4.75 -12.17 11.87
N VAL C 696 5.51 -12.24 12.94
CA VAL C 696 6.86 -12.78 12.85
C VAL C 696 6.79 -14.25 12.50
N ALA C 697 5.80 -14.93 13.09
CA ALA C 697 5.60 -16.35 12.86
C ALA C 697 5.22 -16.60 11.43
N HIS C 698 4.46 -15.69 10.85
CA HIS C 698 4.16 -15.90 9.44
C HIS C 698 5.35 -15.60 8.56
N THR C 699 5.79 -14.36 8.58
CA THR C 699 6.76 -13.87 7.62
C THR C 699 8.15 -14.46 7.74
N ASP C 700 8.51 -14.92 8.93
CA ASP C 700 9.88 -15.37 9.18
C ASP C 700 9.99 -16.88 9.48
N HIS C 701 8.96 -17.63 9.09
CA HIS C 701 8.94 -19.09 9.23
C HIS C 701 8.06 -19.75 8.17
N LEU C 702 6.76 -19.52 8.24
CA LEU C 702 5.78 -20.10 7.32
C LEU C 702 6.07 -19.71 5.87
N SER C 703 6.69 -18.54 5.72
CA SER C 703 7.09 -18.07 4.41
C SER C 703 8.08 -19.04 3.80
N VAL C 704 9.03 -19.48 4.62
CA VAL C 704 10.03 -20.42 4.17
C VAL C 704 9.36 -21.71 3.76
N VAL C 705 8.37 -22.13 4.53
CA VAL C 705 7.69 -23.39 4.23
C VAL C 705 6.97 -23.32 2.88
N TYR C 706 6.37 -22.18 2.54
CA TYR C 706 5.78 -22.07 1.19
C TYR C 706 6.86 -22.10 0.15
N ALA C 707 7.99 -21.50 0.48
CA ALA C 707 9.07 -21.43 -0.49
C ALA C 707 9.60 -22.81 -0.81
N THR C 708 9.64 -23.71 0.17
CA THR C 708 10.14 -25.06 -0.10
C THR C 708 9.06 -25.89 -0.76
N MET C 709 7.83 -25.75 -0.28
CA MET C 709 6.74 -26.54 -0.83
C MET C 709 6.58 -26.19 -2.29
N SER C 710 6.97 -24.97 -2.65
CA SER C 710 6.82 -24.50 -4.02
C SER C 710 7.75 -25.24 -4.97
N ASN C 711 8.79 -25.85 -4.41
CA ASN C 711 9.72 -26.65 -5.20
C ASN C 711 9.43 -28.14 -5.24
N PHE C 712 8.43 -28.58 -4.48
CA PHE C 712 8.09 -30.00 -4.44
C PHE C 712 7.70 -30.48 -5.82
N MET C 713 7.94 -31.76 -6.06
CA MET C 713 7.88 -32.33 -7.40
C MET C 713 6.50 -32.21 -8.03
N LEU C 714 5.45 -32.42 -7.24
CA LEU C 714 4.11 -32.47 -7.81
C LEU C 714 3.36 -31.13 -7.86
N ASN C 715 3.90 -30.11 -7.20
CA ASN C 715 3.29 -28.78 -7.25
C ASN C 715 3.62 -28.12 -8.57
N PHE C 716 3.00 -28.63 -9.63
CA PHE C 716 3.53 -28.44 -10.98
C PHE C 716 2.94 -27.30 -11.84
N THR C 717 2.22 -26.38 -11.23
CA THR C 717 1.58 -25.33 -12.04
C THR C 717 1.84 -23.94 -11.50
N ASN C 718 1.71 -22.95 -12.37
CA ASN C 718 1.77 -21.57 -11.93
C ASN C 718 0.40 -21.12 -11.48
N ASN C 719 0.16 -21.25 -10.18
CA ASN C 719 -1.13 -20.91 -9.56
C ASN C 719 -1.49 -19.42 -9.47
N PHE C 720 -0.48 -18.55 -9.43
CA PHE C 720 -0.71 -17.10 -9.31
C PHE C 720 0.57 -16.36 -9.69
N SER C 721 0.43 -15.15 -10.21
CA SER C 721 1.59 -14.34 -10.58
C SER C 721 1.85 -13.17 -9.64
N GLY C 722 0.92 -12.95 -8.71
CA GLY C 722 0.99 -11.78 -7.86
C GLY C 722 0.24 -10.59 -8.39
N ASN C 723 -0.32 -10.73 -9.59
CA ASN C 723 -1.10 -9.65 -10.16
C ASN C 723 -2.57 -10.01 -10.30
N HIS C 724 -3.40 -9.51 -9.40
CA HIS C 724 -4.82 -9.83 -9.45
C HIS C 724 -5.47 -9.27 -10.70
N ALA C 725 -4.99 -8.12 -11.17
CA ALA C 725 -5.60 -7.45 -12.31
C ALA C 725 -5.45 -8.23 -13.60
N THR C 726 -4.39 -9.04 -13.71
CA THR C 726 -4.06 -9.65 -14.99
C THR C 726 -3.99 -11.17 -15.03
N PHE C 727 -3.59 -11.80 -13.93
CA PHE C 727 -3.31 -13.23 -13.97
C PHE C 727 -4.53 -14.06 -14.26
N LYS C 728 -4.37 -14.99 -15.19
CA LYS C 728 -5.36 -15.98 -15.52
C LYS C 728 -4.57 -17.28 -15.59
N PRO C 729 -5.17 -18.39 -15.16
CA PRO C 729 -4.47 -19.69 -15.25
C PRO C 729 -4.21 -20.10 -16.70
N ASP C 730 -3.08 -20.75 -16.96
CA ASP C 730 -2.86 -21.37 -18.27
C ASP C 730 -3.78 -22.60 -18.38
N GLN C 731 -4.38 -22.81 -19.56
CA GLN C 731 -5.44 -23.83 -19.67
C GLN C 731 -5.18 -24.83 -20.78
N TYR C 732 -5.46 -26.08 -20.47
CA TYR C 732 -5.00 -27.18 -21.30
C TYR C 732 -6.07 -28.22 -21.48
N VAL C 733 -6.01 -28.93 -22.60
CA VAL C 733 -6.87 -30.07 -22.80
C VAL C 733 -6.13 -31.21 -23.44
N ILE C 734 -6.59 -32.41 -23.13
CA ILE C 734 -6.20 -33.57 -23.89
C ILE C 734 -7.26 -33.66 -25.00
N THR C 735 -6.88 -33.25 -26.21
CA THR C 735 -7.82 -33.26 -27.33
C THR C 735 -7.37 -34.15 -28.48
N SER C 736 -8.34 -34.73 -29.19
CA SER C 736 -8.03 -35.57 -30.34
C SER C 736 -8.93 -35.28 -31.54
N PRO C 737 -8.43 -35.54 -32.75
CA PRO C 737 -9.21 -35.38 -33.98
C PRO C 737 -10.43 -36.26 -33.92
N GLU C 738 -10.30 -37.38 -33.23
CA GLU C 738 -11.36 -38.39 -33.14
C GLU C 738 -12.50 -37.94 -32.23
N GLY C 739 -12.42 -36.72 -31.74
CA GLY C 739 -13.55 -36.10 -31.05
C GLY C 739 -13.54 -35.99 -29.54
N SER C 740 -12.51 -36.50 -28.89
CA SER C 740 -12.35 -36.30 -27.44
C SER C 740 -11.93 -34.87 -27.10
N TYR C 741 -12.29 -34.42 -25.90
CA TYR C 741 -11.93 -33.08 -25.43
C TYR C 741 -11.95 -33.06 -23.92
N LYS C 742 -10.79 -33.16 -23.28
CA LYS C 742 -10.75 -33.27 -21.82
C LYS C 742 -10.00 -32.12 -21.22
N PRO C 743 -10.73 -31.14 -20.66
CA PRO C 743 -10.12 -30.01 -19.94
C PRO C 743 -9.35 -30.50 -18.73
N ILE C 744 -8.21 -29.89 -18.42
CA ILE C 744 -7.52 -30.22 -17.19
C ILE C 744 -8.22 -29.51 -16.04
N ILE C 745 -8.56 -28.25 -16.24
CA ILE C 745 -9.34 -27.52 -15.23
C ILE C 745 -10.76 -27.31 -15.69
N GLU C 746 -11.68 -28.02 -15.05
CA GLU C 746 -13.10 -27.84 -15.30
C GLU C 746 -13.70 -27.21 -14.06
N ARG C 747 -14.80 -26.50 -14.22
CA ARG C 747 -15.62 -26.12 -13.08
C ARG C 747 -16.73 -27.15 -13.00
N GLN C 748 -16.84 -27.82 -11.85
CA GLN C 748 -17.86 -28.85 -11.70
C GLN C 748 -18.72 -28.62 -10.45
N GLY C 749 -18.29 -27.71 -9.59
CA GLY C 749 -19.01 -27.46 -8.35
C GLY C 749 -18.58 -28.48 -7.32
N GLU C 750 -19.16 -28.41 -6.12
CA GLU C 750 -18.61 -29.12 -4.98
C GLU C 750 -18.50 -30.62 -5.27
N THR C 751 -17.36 -31.20 -4.90
CA THR C 751 -17.07 -32.60 -5.15
C THR C 751 -17.08 -33.44 -3.88
N VAL C 752 -16.91 -34.74 -4.04
CA VAL C 752 -16.87 -35.62 -2.88
C VAL C 752 -15.58 -35.42 -2.09
N ASP C 753 -14.56 -34.90 -2.75
CA ASP C 753 -13.25 -34.75 -2.14
C ASP C 753 -13.24 -33.77 -0.97
N GLY C 754 -14.14 -32.80 -0.99
CA GLY C 754 -14.21 -31.77 0.03
C GLY C 754 -13.16 -30.69 -0.19
N LEU C 755 -12.59 -30.67 -1.40
CA LEU C 755 -11.52 -29.73 -1.71
C LEU C 755 -11.95 -28.44 -2.39
N THR C 756 -13.15 -28.42 -2.98
CA THR C 756 -13.56 -27.31 -3.83
C THR C 756 -14.10 -26.06 -3.14
N ILE C 757 -15.01 -26.23 -2.18
CA ILE C 757 -15.51 -25.08 -1.44
C ILE C 757 -14.44 -24.54 -0.50
N ILE C 758 -14.36 -23.22 -0.38
CA ILE C 758 -13.35 -22.56 0.43
C ILE C 758 -14.03 -21.69 1.50
N ASP C 759 -13.98 -22.09 2.77
CA ASP C 759 -14.43 -21.19 3.83
C ASP C 759 -13.30 -20.24 4.18
N THR C 760 -13.55 -18.96 4.00
CA THR C 760 -12.59 -17.90 4.30
C THR C 760 -12.44 -17.66 5.80
N SER C 761 -13.41 -18.15 6.55
CA SER C 761 -13.46 -17.98 8.00
C SER C 761 -12.26 -18.62 8.68
N ILE C 762 -11.56 -19.48 7.95
CA ILE C 762 -10.38 -20.17 8.45
C ILE C 762 -9.36 -19.14 8.88
N VAL C 763 -9.46 -17.95 8.29
CA VAL C 763 -8.51 -16.91 8.60
C VAL C 763 -8.59 -16.50 10.08
N TRP C 764 -9.77 -16.61 10.68
CA TRP C 764 -9.95 -16.20 12.08
C TRP C 764 -9.17 -16.99 13.13
N PRO C 765 -9.26 -18.34 13.12
CA PRO C 765 -8.48 -19.10 14.09
C PRO C 765 -6.99 -18.83 13.97
N ILE C 766 -6.56 -18.63 12.73
CA ILE C 766 -5.15 -18.41 12.43
C ILE C 766 -4.66 -17.15 13.12
N LEU C 767 -5.38 -16.05 12.94
CA LEU C 767 -5.06 -14.82 13.62
C LEU C 767 -5.24 -14.88 15.14
N CYS C 768 -6.24 -15.61 15.64
CA CYS C 768 -6.64 -15.45 17.04
C CYS C 768 -6.94 -16.75 17.82
N GLN C 769 -6.21 -17.81 17.53
CA GLN C 769 -6.38 -19.08 18.23
C GLN C 769 -5.30 -20.08 17.85
N CYS C 770 -4.13 -19.58 17.49
CA CYS C 770 -3.08 -20.50 17.09
C CYS C 770 -1.76 -20.08 17.69
N THR C 771 -1.10 -21.02 18.35
CA THR C 771 0.31 -20.84 18.64
C THR C 771 1.16 -21.10 17.41
N TYR C 772 2.33 -20.50 17.43
CA TYR C 772 3.33 -20.78 16.44
C TYR C 772 4.62 -21.05 17.20
N PRO C 773 5.53 -21.85 16.62
CA PRO C 773 6.85 -22.08 17.23
C PRO C 773 7.66 -20.79 17.43
N LEU C 774 7.49 -19.83 16.52
CA LEU C 774 8.21 -18.57 16.64
C LEU C 774 7.67 -17.60 17.69
N VAL C 775 6.37 -17.63 17.90
CA VAL C 775 5.71 -16.69 18.82
C VAL C 775 5.71 -17.13 20.29
N ARG C 776 5.56 -18.43 20.52
CA ARG C 776 5.59 -18.95 21.89
C ARG C 776 6.74 -19.96 22.09
N SER C 786 11.03 -19.48 28.26
CA SER C 786 9.87 -20.28 27.90
C SER C 786 9.55 -20.13 26.42
N ILE C 787 10.02 -19.03 25.83
CA ILE C 787 9.74 -18.73 24.43
C ILE C 787 10.65 -19.45 23.42
N MET C 788 11.72 -20.07 23.92
CA MET C 788 12.57 -20.94 23.11
C MET C 788 11.84 -22.24 22.72
N GLU C 789 12.00 -22.64 21.46
CA GLU C 789 11.39 -23.87 20.96
C GLU C 789 12.10 -24.21 19.67
N GLU C 790 12.67 -25.41 19.59
CA GLU C 790 13.43 -25.79 18.41
C GLU C 790 12.53 -25.83 17.17
N ILE C 791 12.99 -25.23 16.09
CA ILE C 791 12.30 -25.32 14.82
C ILE C 791 12.61 -26.68 14.26
N VAL C 792 11.65 -27.29 13.55
CA VAL C 792 11.93 -28.58 12.94
C VAL C 792 12.05 -28.48 11.43
N TYR C 793 13.05 -29.16 10.89
CA TYR C 793 13.27 -29.23 9.45
C TYR C 793 13.16 -30.71 9.07
N PRO C 794 12.01 -31.10 8.50
CA PRO C 794 11.70 -32.48 8.09
C PRO C 794 12.58 -33.03 6.95
N ASP C 795 12.84 -34.34 7.01
CA ASP C 795 13.67 -35.00 6.00
C ASP C 795 13.05 -34.87 4.62
N PRO C 796 13.85 -34.53 3.62
CA PRO C 796 13.37 -34.43 2.25
C PRO C 796 12.80 -35.76 1.80
N SER C 797 13.41 -36.81 2.32
CA SER C 797 13.17 -38.16 1.85
C SER C 797 11.71 -38.53 1.98
N THR C 798 11.02 -37.95 2.95
CA THR C 798 9.65 -38.39 3.22
C THR C 798 8.70 -37.97 2.08
N THR C 799 8.53 -36.66 1.88
CA THR C 799 7.66 -36.18 0.80
C THR C 799 8.25 -36.52 -0.56
N LEU C 800 9.57 -36.73 -0.62
CA LEU C 800 10.18 -37.04 -1.89
C LEU C 800 9.77 -38.42 -2.30
N SER C 801 9.91 -39.37 -1.39
CA SER C 801 9.54 -40.75 -1.69
C SER C 801 8.03 -40.89 -1.90
N GLN C 802 7.24 -40.08 -1.19
CA GLN C 802 5.80 -40.05 -1.43
C GLN C 802 5.48 -39.56 -2.83
N SER C 803 6.06 -38.43 -3.20
CA SER C 803 5.72 -37.81 -4.46
C SER C 803 6.20 -38.69 -5.61
N LEU C 804 7.37 -39.30 -5.42
CA LEU C 804 7.96 -40.16 -6.43
C LEU C 804 7.04 -41.35 -6.62
N SER C 805 6.59 -41.90 -5.50
CA SER C 805 5.72 -43.05 -5.51
C SER C 805 4.42 -42.71 -6.23
N VAL C 806 3.92 -41.51 -6.00
CA VAL C 806 2.70 -41.08 -6.68
C VAL C 806 2.94 -40.97 -8.18
N ALA C 807 4.13 -40.54 -8.57
CA ALA C 807 4.46 -40.44 -9.98
C ALA C 807 4.41 -41.83 -10.64
N GLN C 808 5.04 -42.80 -10.01
CA GLN C 808 5.01 -44.16 -10.54
C GLN C 808 3.58 -44.70 -10.58
N VAL C 809 2.79 -44.31 -9.58
CA VAL C 809 1.44 -44.86 -9.44
C VAL C 809 0.53 -44.32 -10.54
N LEU C 810 0.56 -43.01 -10.74
CA LEU C 810 -0.26 -42.40 -11.79
C LEU C 810 0.24 -42.79 -13.19
N SER C 811 1.53 -43.12 -13.30
CA SER C 811 2.03 -43.71 -14.53
C SER C 811 1.43 -45.11 -14.79
N LYS C 812 1.44 -45.96 -13.77
CA LYS C 812 0.88 -47.30 -13.88
C LYS C 812 -0.61 -47.25 -14.13
N LEU C 813 -1.21 -46.17 -13.66
CA LEU C 813 -2.64 -45.96 -13.78
C LEU C 813 -3.01 -45.45 -15.17
N THR C 814 -2.12 -44.67 -15.77
CA THR C 814 -2.37 -44.19 -17.11
C THR C 814 -1.98 -45.20 -18.17
N LEU C 815 -1.20 -46.21 -17.79
CA LEU C 815 -0.70 -47.16 -18.78
C LEU C 815 -1.77 -47.91 -19.58
N PRO C 816 -2.76 -48.57 -18.92
CA PRO C 816 -3.81 -49.18 -19.74
C PRO C 816 -4.59 -48.22 -20.66
N ASP C 817 -4.83 -47.00 -20.21
CA ASP C 817 -5.60 -46.05 -21.02
C ASP C 817 -4.76 -45.58 -22.19
N ALA C 818 -3.48 -45.32 -21.92
CA ALA C 818 -2.55 -44.91 -22.95
C ALA C 818 -2.35 -46.04 -23.96
N PHE C 819 -2.50 -47.27 -23.47
CA PHE C 819 -2.21 -48.45 -24.27
C PHE C 819 -3.34 -48.84 -25.21
N ILE C 820 -4.56 -48.82 -24.70
CA ILE C 820 -5.74 -49.15 -25.50
C ILE C 820 -5.97 -48.06 -26.54
N ASN C 821 -5.81 -46.82 -26.11
CA ASN C 821 -6.00 -45.70 -27.01
C ASN C 821 -4.92 -45.68 -28.08
N MET C 822 -3.77 -46.27 -27.76
CA MET C 822 -2.73 -46.45 -28.76
C MET C 822 -3.23 -47.37 -29.87
N ILE C 823 -4.08 -48.33 -29.53
CA ILE C 823 -4.53 -49.33 -30.49
C ILE C 823 -5.67 -48.82 -31.34
N LEU C 824 -6.65 -48.19 -30.69
CA LEU C 824 -7.82 -47.67 -31.39
C LEU C 824 -7.38 -46.56 -32.33
N SER C 825 -6.23 -45.95 -32.02
CA SER C 825 -5.69 -44.88 -32.84
C SER C 825 -5.34 -45.40 -34.22
N GLY C 826 -4.94 -46.66 -34.28
CA GLY C 826 -4.49 -47.26 -35.52
C GLY C 826 -3.03 -46.98 -35.76
N GLY C 827 -2.40 -46.28 -34.82
CA GLY C 827 -0.98 -46.02 -34.86
C GLY C 827 -0.54 -45.02 -35.91
N ASP C 828 0.77 -44.97 -36.17
CA ASP C 828 1.32 -44.04 -37.12
C ASP C 828 1.30 -44.61 -38.53
N SER C 829 0.09 -44.71 -39.08
CA SER C 829 -0.09 -45.19 -40.45
C SER C 829 -1.46 -44.76 -40.96
N VAL C 830 -1.65 -44.76 -42.27
CA VAL C 830 -2.94 -44.36 -42.85
C VAL C 830 -3.37 -45.33 -43.96
N VAL C 831 -4.62 -45.74 -43.93
CA VAL C 831 -5.17 -46.51 -45.03
C VAL C 831 -5.23 -45.61 -46.25
N MET C 832 -4.80 -46.11 -47.39
CA MET C 832 -4.87 -45.32 -48.62
C MET C 832 -4.92 -46.19 -49.87
N ARG C 833 -5.77 -45.79 -50.81
CA ARG C 833 -5.87 -46.45 -52.10
C ARG C 833 -4.79 -45.95 -53.05
N THR C 834 -4.42 -46.79 -54.01
CA THR C 834 -3.60 -46.33 -55.13
C THR C 834 -4.29 -46.67 -56.45
N TYR C 835 -5.00 -45.70 -57.02
CA TYR C 835 -5.64 -45.88 -58.31
C TYR C 835 -4.62 -45.99 -59.45
N GLN C 836 -4.85 -46.96 -60.33
CA GLN C 836 -3.92 -47.25 -61.42
C GLN C 836 -4.04 -46.23 -62.53
N THR C 837 -2.94 -46.01 -63.26
CA THR C 837 -2.90 -44.93 -64.25
C THR C 837 -2.62 -45.40 -65.68
N GLU C 838 -1.58 -46.21 -65.87
CA GLU C 838 -1.23 -46.73 -67.19
C GLU C 838 -1.35 -48.25 -67.22
N ALA C 839 -1.41 -48.84 -68.41
CA ALA C 839 -1.61 -50.29 -68.53
C ALA C 839 -0.47 -51.10 -67.94
N ASP C 840 0.74 -50.57 -68.02
CA ASP C 840 1.92 -51.29 -67.56
C ASP C 840 2.20 -51.13 -66.06
N ASP C 841 1.47 -50.21 -65.41
CA ASP C 841 1.75 -49.90 -64.00
C ASP C 841 1.42 -51.04 -63.03
N ASP C 842 2.27 -51.21 -62.02
CA ASP C 842 2.11 -52.25 -61.02
C ASP C 842 1.13 -51.81 -59.92
N LEU C 843 0.77 -52.75 -59.05
CA LEU C 843 -0.17 -52.48 -57.97
C LEU C 843 0.35 -51.43 -56.95
N ASP C 844 1.68 -51.31 -56.86
CA ASP C 844 2.29 -50.27 -56.03
C ASP C 844 2.35 -48.92 -56.76
N GLU C 845 2.46 -48.97 -58.08
CA GLU C 845 2.53 -47.76 -58.90
C GLU C 845 1.15 -47.12 -59.12
N GLY C 846 1.11 -45.81 -59.32
CA GLY C 846 -0.13 -45.10 -59.55
C GLY C 846 -0.34 -43.89 -58.64
N ILE C 847 -1.52 -43.30 -58.70
CA ILE C 847 -1.84 -42.11 -57.89
C ILE C 847 -2.37 -42.48 -56.50
N ARG C 848 -1.51 -42.31 -55.48
CA ARG C 848 -1.90 -42.56 -54.10
C ARG C 848 -2.93 -41.53 -53.66
N MET C 849 -3.87 -41.96 -52.82
CA MET C 849 -4.84 -41.04 -52.25
C MET C 849 -5.45 -41.62 -50.98
N THR C 850 -5.88 -40.72 -50.10
CA THR C 850 -6.42 -41.11 -48.80
C THR C 850 -7.64 -40.27 -48.47
N THR C 851 -8.50 -40.80 -47.60
CA THR C 851 -9.66 -40.05 -47.16
C THR C 851 -9.20 -38.86 -46.33
N TYR C 852 -9.99 -37.80 -46.32
CA TYR C 852 -9.64 -36.61 -45.56
C TYR C 852 -9.48 -36.97 -44.10
N ASP C 853 -10.42 -37.76 -43.58
CA ASP C 853 -10.47 -38.07 -42.16
C ASP C 853 -9.23 -38.77 -41.66
N GLN C 854 -8.65 -39.62 -42.51
CA GLN C 854 -7.41 -40.31 -42.19
C GLN C 854 -6.27 -39.30 -42.09
N TYR C 855 -6.29 -38.31 -42.98
CA TYR C 855 -5.24 -37.28 -43.02
C TYR C 855 -5.31 -36.40 -41.78
N LEU C 856 -6.53 -36.07 -41.40
CA LEU C 856 -6.80 -35.25 -40.24
C LEU C 856 -6.34 -36.01 -39.02
N SER C 857 -6.64 -37.31 -39.03
CA SER C 857 -6.40 -38.18 -37.89
C SER C 857 -4.90 -38.30 -37.61
N HIS C 858 -4.08 -38.21 -38.65
CA HIS C 858 -2.65 -38.43 -38.47
C HIS C 858 -1.74 -37.31 -38.98
N ILE C 859 -1.70 -37.12 -40.29
CA ILE C 859 -0.65 -36.28 -40.85
C ILE C 859 -0.75 -34.80 -40.49
N ARG C 860 -1.97 -34.29 -40.31
CA ARG C 860 -2.16 -32.85 -40.13
C ARG C 860 -1.51 -32.29 -38.88
N GLU C 861 -1.77 -32.94 -37.74
CA GLU C 861 -1.23 -32.44 -36.49
C GLU C 861 0.29 -32.47 -36.52
N ARG C 862 0.83 -33.47 -37.20
CA ARG C 862 2.28 -33.54 -37.38
C ARG C 862 2.80 -32.41 -38.23
N LEU C 863 2.02 -31.98 -39.22
CA LEU C 863 2.42 -30.82 -40.01
C LEU C 863 2.40 -29.58 -39.16
N HIS C 864 1.44 -29.50 -38.24
CA HIS C 864 1.35 -28.32 -37.38
C HIS C 864 2.56 -28.27 -36.49
N ILE C 865 2.91 -29.42 -35.96
CA ILE C 865 3.89 -29.50 -34.88
C ILE C 865 5.29 -29.26 -35.44
N THR C 866 5.39 -29.31 -36.76
CA THR C 866 6.68 -29.19 -37.43
C THR C 866 6.81 -27.83 -38.15
N ASN C 867 5.91 -26.91 -37.82
CA ASN C 867 6.00 -25.51 -38.26
C ASN C 867 6.01 -25.27 -39.76
N VAL C 868 5.19 -26.02 -40.49
CA VAL C 868 5.20 -25.91 -41.95
C VAL C 868 3.84 -25.42 -42.43
N PRO C 869 3.81 -24.73 -43.59
CA PRO C 869 2.56 -24.22 -44.13
C PRO C 869 1.62 -25.37 -44.48
N ASP C 870 0.32 -25.14 -44.33
CA ASP C 870 -0.65 -26.18 -44.67
C ASP C 870 -0.57 -26.45 -46.18
N PRO C 871 -0.57 -27.74 -46.57
CA PRO C 871 -0.41 -28.12 -47.98
C PRO C 871 -1.53 -27.55 -48.83
N ILE C 872 -1.22 -27.14 -50.05
CA ILE C 872 -2.19 -26.40 -50.86
C ILE C 872 -3.32 -27.28 -51.36
N TYR C 873 -4.50 -26.69 -51.52
CA TYR C 873 -5.59 -27.32 -52.26
C TYR C 873 -5.28 -27.36 -53.76
N ILE C 874 -5.64 -28.45 -54.42
CA ILE C 874 -5.47 -28.54 -55.87
C ILE C 874 -6.79 -28.36 -56.64
N THR C 875 -6.96 -27.18 -57.23
CA THR C 875 -8.19 -26.82 -57.93
C THR C 875 -8.39 -27.58 -59.24
N GLY C 876 -7.30 -28.10 -59.79
CA GLY C 876 -7.32 -28.72 -61.09
C GLY C 876 -6.92 -27.72 -62.15
N ALA C 877 -6.90 -26.44 -61.79
CA ALA C 877 -6.24 -25.42 -62.59
C ALA C 877 -4.77 -25.32 -62.16
N SER C 878 -4.42 -26.04 -61.10
CA SER C 878 -3.09 -25.95 -60.48
C SER C 878 -1.91 -26.49 -61.31
N THR C 879 -0.80 -25.76 -61.25
CA THR C 879 0.44 -26.13 -61.93
C THR C 879 1.14 -27.29 -61.21
N PRO C 880 1.74 -28.21 -61.97
CA PRO C 880 2.63 -29.20 -61.34
C PRO C 880 3.79 -28.56 -60.60
N ASP C 881 4.29 -27.43 -61.11
CA ASP C 881 5.35 -26.69 -60.44
C ASP C 881 4.83 -26.10 -59.12
N GLN C 882 3.53 -25.78 -59.09
CA GLN C 882 2.90 -25.27 -57.88
C GLN C 882 2.82 -26.36 -56.81
N ILE C 883 2.47 -27.57 -57.25
CA ILE C 883 2.42 -28.72 -56.37
C ILE C 883 3.82 -29.02 -55.83
N ALA C 884 4.83 -28.82 -56.68
CA ALA C 884 6.20 -28.98 -56.24
C ALA C 884 6.54 -27.95 -55.18
N ALA C 885 6.01 -26.73 -55.34
CA ALA C 885 6.27 -25.66 -54.37
C ALA C 885 5.67 -26.04 -53.01
N SER C 886 4.50 -26.67 -53.07
CA SER C 886 3.85 -27.11 -51.85
C SER C 886 4.66 -28.22 -51.16
N VAL C 887 5.06 -29.22 -51.94
CA VAL C 887 5.82 -30.34 -51.37
C VAL C 887 7.14 -29.85 -50.79
N GLN C 888 7.71 -28.82 -51.40
CA GLN C 888 8.92 -28.20 -50.87
C GLN C 888 8.64 -27.55 -49.53
N ALA C 889 7.58 -26.74 -49.47
CA ALA C 889 7.27 -25.99 -48.26
C ALA C 889 6.85 -26.87 -47.08
N THR C 890 6.25 -28.02 -47.38
CA THR C 890 5.64 -28.86 -46.35
C THR C 890 6.52 -30.03 -45.92
N HIS C 891 7.52 -30.36 -46.73
CA HIS C 891 8.41 -31.50 -46.48
C HIS C 891 7.67 -32.83 -46.41
N VAL C 892 6.48 -32.89 -47.02
CA VAL C 892 5.78 -34.16 -47.21
C VAL C 892 5.15 -34.17 -48.59
N ALA C 893 5.08 -35.34 -49.20
CA ALA C 893 4.47 -35.46 -50.50
C ALA C 893 2.96 -35.57 -50.35
N VAL C 894 2.33 -34.48 -49.94
CA VAL C 894 0.88 -34.46 -49.73
C VAL C 894 0.22 -33.16 -50.20
N VAL C 895 -0.92 -33.29 -50.87
CA VAL C 895 -1.75 -32.16 -51.26
C VAL C 895 -3.19 -32.51 -50.91
N LEU C 896 -4.03 -31.49 -50.77
CA LEU C 896 -5.45 -31.74 -50.52
C LEU C 896 -6.26 -31.45 -51.77
N TYR C 897 -7.24 -32.29 -52.05
CA TYR C 897 -8.20 -32.02 -53.13
C TYR C 897 -9.16 -30.87 -52.80
N GLN C 898 -9.46 -30.03 -53.79
CA GLN C 898 -10.33 -28.88 -53.59
C GLN C 898 -11.64 -29.05 -54.35
N SER C 899 -11.58 -28.79 -55.66
CA SER C 899 -12.73 -28.97 -56.54
C SER C 899 -12.30 -29.69 -57.83
N GLY C 900 -13.13 -29.59 -58.87
CA GLY C 900 -13.10 -30.56 -59.94
C GLY C 900 -11.88 -30.76 -60.82
N VAL C 901 -11.75 -32.00 -61.30
CA VAL C 901 -10.93 -32.41 -62.45
C VAL C 901 -9.49 -31.91 -62.56
N ILE C 902 -8.56 -32.61 -61.91
CA ILE C 902 -7.14 -32.28 -62.04
C ILE C 902 -6.66 -32.50 -63.48
N ASN C 903 -5.90 -31.54 -63.99
CA ASN C 903 -5.40 -31.59 -65.35
C ASN C 903 -4.33 -32.68 -65.55
N GLY C 904 -4.17 -33.12 -66.79
CA GLY C 904 -3.21 -34.15 -67.14
C GLY C 904 -1.82 -34.06 -66.53
N PRO C 905 -1.02 -33.07 -66.93
CA PRO C 905 0.38 -32.97 -66.48
C PRO C 905 0.54 -32.88 -64.96
N ALA C 906 -0.42 -32.25 -64.29
CA ALA C 906 -0.39 -32.17 -62.84
C ALA C 906 -0.58 -33.54 -62.22
N SER C 907 -1.49 -34.32 -62.81
CA SER C 907 -1.75 -35.67 -62.35
C SER C 907 -0.55 -36.56 -62.58
N THR C 908 0.13 -36.34 -63.71
CA THR C 908 1.33 -37.09 -64.02
C THR C 908 2.42 -36.74 -63.00
N TYR C 909 2.43 -35.49 -62.57
CA TYR C 909 3.34 -35.10 -61.51
C TYR C 909 2.97 -35.78 -60.19
N LEU C 910 1.68 -35.98 -59.96
CA LEU C 910 1.23 -36.69 -58.77
C LEU C 910 1.59 -38.17 -58.80
N ARG C 911 1.64 -38.75 -59.98
CA ARG C 911 1.94 -40.17 -60.12
C ARG C 911 3.44 -40.42 -60.04
N GLU C 912 4.21 -39.65 -60.81
CA GLU C 912 5.66 -39.86 -60.84
C GLU C 912 6.36 -39.46 -59.55
N ASN C 913 5.84 -38.43 -58.87
CA ASN C 913 6.49 -37.94 -57.66
C ASN C 913 5.91 -38.52 -56.39
N GLU C 914 5.00 -39.46 -56.54
CA GLU C 914 4.40 -40.20 -55.43
C GLU C 914 3.83 -39.29 -54.35
N VAL C 915 3.21 -38.19 -54.80
CA VAL C 915 2.45 -37.31 -53.92
C VAL C 915 1.14 -37.97 -53.50
N LEU C 916 0.72 -37.71 -52.26
CA LEU C 916 -0.51 -38.29 -51.73
C LEU C 916 -1.64 -37.28 -51.77
N VAL C 917 -2.57 -37.44 -52.71
CA VAL C 917 -3.77 -36.63 -52.71
C VAL C 917 -4.68 -37.02 -51.56
N VAL C 918 -5.31 -36.03 -50.94
CA VAL C 918 -6.23 -36.29 -49.85
C VAL C 918 -7.65 -35.98 -50.29
N MET C 919 -8.30 -37.00 -50.83
CA MET C 919 -9.67 -36.90 -51.30
C MET C 919 -10.62 -36.82 -50.11
N PRO C 920 -11.62 -35.92 -50.18
CA PRO C 920 -12.64 -35.81 -49.13
C PRO C 920 -13.41 -37.11 -48.94
N ASP C 921 -13.59 -37.84 -50.02
CA ASP C 921 -14.39 -39.06 -50.03
C ASP C 921 -14.05 -39.84 -51.28
N TYR C 922 -14.47 -41.10 -51.32
CA TYR C 922 -14.13 -41.98 -52.44
C TYR C 922 -15.15 -42.11 -53.58
N TYR C 923 -16.29 -41.43 -53.50
CA TYR C 923 -17.28 -41.54 -54.57
C TYR C 923 -16.76 -41.04 -55.94
N ASP C 924 -17.00 -41.83 -56.98
CA ASP C 924 -16.78 -41.42 -58.38
C ASP C 924 -15.44 -40.73 -58.59
N VAL C 925 -14.37 -41.36 -58.10
CA VAL C 925 -13.05 -40.74 -58.06
C VAL C 925 -12.50 -40.34 -59.44
N VAL C 926 -12.81 -41.13 -60.46
CA VAL C 926 -12.31 -40.88 -61.80
C VAL C 926 -12.86 -39.56 -62.36
N SER C 927 -14.06 -39.19 -61.92
CA SER C 927 -14.66 -37.92 -62.34
C SER C 927 -13.81 -36.74 -61.89
N ARG C 928 -13.01 -36.95 -60.84
CA ARG C 928 -12.14 -35.93 -60.30
C ARG C 928 -10.80 -35.81 -61.04
N PHE C 929 -10.60 -36.66 -62.05
CA PHE C 929 -9.38 -36.57 -62.87
C PHE C 929 -9.67 -36.49 -64.36
N ALA C 930 -8.92 -35.65 -65.06
CA ALA C 930 -8.97 -35.61 -66.51
C ALA C 930 -7.97 -36.62 -67.07
N ASN C 931 -8.30 -37.90 -66.95
CA ASN C 931 -7.43 -38.94 -67.46
C ASN C 931 -7.58 -39.10 -68.97
N ALA C 932 -6.56 -38.66 -69.71
CA ALA C 932 -6.59 -38.73 -71.15
C ALA C 932 -6.62 -40.19 -71.61
N ASN C 933 -5.90 -41.03 -70.87
CA ASN C 933 -5.73 -42.44 -71.22
C ASN C 933 -7.03 -43.22 -71.19
N LEU C 934 -7.98 -42.70 -70.42
CA LEU C 934 -9.21 -43.41 -70.09
C LEU C 934 -8.84 -44.75 -69.44
N GLN C 935 -7.66 -44.75 -68.83
CA GLN C 935 -7.11 -45.95 -68.21
C GLN C 935 -7.43 -45.97 -66.72
N MET C 936 -7.54 -44.79 -66.12
CA MET C 936 -7.99 -44.68 -64.74
C MET C 936 -9.42 -45.14 -64.62
N ASN C 937 -9.70 -45.90 -63.58
CA ASN C 937 -11.03 -46.42 -63.36
C ASN C 937 -11.21 -46.80 -61.90
N ASN C 938 -12.42 -46.62 -61.40
CA ASN C 938 -12.75 -47.09 -60.06
C ASN C 938 -12.66 -48.61 -60.10
N ASN C 939 -12.41 -49.21 -58.94
CA ASN C 939 -12.19 -50.64 -58.80
C ASN C 939 -10.80 -51.05 -59.30
N ARG C 940 -10.11 -50.12 -59.96
CA ARG C 940 -8.71 -50.35 -60.34
C ARG C 940 -7.75 -49.85 -59.26
N TYR C 941 -8.28 -49.34 -58.15
CA TYR C 941 -7.47 -48.95 -57.01
C TYR C 941 -6.92 -50.13 -56.24
N HIS C 942 -5.79 -49.93 -55.59
CA HIS C 942 -5.31 -50.91 -54.61
C HIS C 942 -5.26 -50.31 -53.22
N GLU C 943 -6.25 -50.64 -52.39
CA GLU C 943 -6.27 -50.22 -50.99
C GLU C 943 -5.12 -50.87 -50.23
N SER C 944 -4.38 -50.07 -49.45
CA SER C 944 -3.32 -50.61 -48.59
C SER C 944 -2.89 -49.61 -47.52
N VAL C 945 -2.31 -50.12 -46.44
CA VAL C 945 -1.79 -49.28 -45.39
C VAL C 945 -0.48 -48.62 -45.80
N LEU C 946 -0.23 -47.42 -45.28
CA LEU C 946 0.99 -46.69 -45.56
C LEU C 946 1.54 -46.16 -44.26
N GLU C 947 2.76 -46.55 -43.92
CA GLU C 947 3.36 -46.03 -42.69
C GLU C 947 3.58 -44.53 -42.81
N ILE C 948 3.33 -43.84 -41.71
CA ILE C 948 3.57 -42.40 -41.63
C ILE C 948 5.06 -42.13 -41.83
N ALA C 949 5.89 -43.07 -41.40
CA ALA C 949 7.35 -42.95 -41.52
C ALA C 949 7.83 -42.89 -42.97
N ASP C 950 7.06 -43.49 -43.86
CA ASP C 950 7.45 -43.52 -45.27
C ASP C 950 7.17 -42.17 -45.94
N ILE C 951 6.45 -41.29 -45.25
CA ILE C 951 6.21 -39.94 -45.76
C ILE C 951 6.68 -38.82 -44.83
N PHE C 952 7.37 -39.18 -43.76
CA PHE C 952 7.84 -38.19 -42.77
C PHE C 952 9.30 -38.42 -42.38
N ASP C 953 10.15 -37.42 -42.61
CA ASP C 953 11.56 -37.53 -42.25
C ASP C 953 11.86 -37.20 -40.78
N GLN C 954 10.87 -36.69 -40.06
CA GLN C 954 11.03 -36.32 -38.65
C GLN C 954 10.77 -37.49 -37.71
N ALA C 955 11.78 -38.34 -37.51
CA ALA C 955 11.60 -39.61 -36.81
C ALA C 955 11.14 -39.46 -35.36
N ASP C 956 11.36 -38.29 -34.78
CA ASP C 956 11.01 -38.05 -33.38
C ASP C 956 9.50 -38.09 -33.11
N PHE C 957 8.68 -37.83 -34.14
CA PHE C 957 7.22 -37.80 -33.97
C PHE C 957 6.51 -39.01 -34.57
N ILE C 958 7.26 -40.06 -34.86
CA ILE C 958 6.70 -41.30 -35.42
C ILE C 958 7.00 -42.50 -34.52
N GLN C 959 6.11 -42.76 -33.57
CA GLN C 959 6.39 -43.79 -32.56
C GLN C 959 6.06 -45.24 -32.93
N THR C 960 5.27 -45.46 -33.98
CA THR C 960 4.76 -46.80 -34.28
C THR C 960 4.87 -47.24 -35.75
N SER C 961 3.97 -48.12 -36.18
CA SER C 961 4.00 -48.66 -37.54
C SER C 961 2.70 -49.32 -38.01
N ASP C 962 2.77 -50.04 -39.12
CA ASP C 962 1.60 -50.67 -39.75
C ASP C 962 0.99 -51.73 -38.83
N ALA C 963 1.84 -52.25 -37.95
CA ALA C 963 1.50 -53.39 -37.13
C ALA C 963 0.26 -53.14 -36.31
N VAL C 964 0.22 -52.00 -35.64
CA VAL C 964 -0.87 -51.73 -34.72
C VAL C 964 -2.21 -51.56 -35.44
N ARG C 965 -2.21 -51.03 -36.65
CA ARG C 965 -3.45 -50.93 -37.42
C ARG C 965 -3.91 -52.31 -37.85
N GLN C 966 -2.93 -53.12 -38.22
CA GLN C 966 -3.17 -54.52 -38.58
C GLN C 966 -3.73 -55.27 -37.38
N LEU C 967 -3.40 -54.80 -36.18
CA LEU C 967 -3.90 -55.39 -34.95
C LEU C 967 -5.33 -54.96 -34.68
N ARG C 968 -5.59 -53.67 -34.91
CA ARG C 968 -6.92 -53.11 -34.67
C ARG C 968 -7.93 -53.67 -35.69
N ALA C 969 -7.43 -54.19 -36.80
CA ALA C 969 -8.31 -54.84 -37.76
C ALA C 969 -8.97 -56.07 -37.14
N LEU C 970 -8.24 -56.78 -36.28
CA LEU C 970 -8.79 -57.92 -35.55
C LEU C 970 -9.82 -57.52 -34.49
N MET C 971 -9.65 -56.34 -33.93
CA MET C 971 -10.49 -55.86 -32.84
C MET C 971 -11.93 -55.56 -33.29
N PRO C 972 -12.91 -56.04 -32.52
CA PRO C 972 -14.34 -55.78 -32.73
C PRO C 972 -14.61 -54.30 -32.52
N THR C 973 -15.61 -53.74 -33.18
CA THR C 973 -15.95 -52.34 -32.93
C THR C 973 -16.35 -52.20 -31.46
N LEU C 974 -15.79 -51.18 -30.78
CA LEU C 974 -15.90 -51.08 -29.33
C LEU C 974 -16.77 -49.95 -28.83
N SER C 975 -17.74 -50.27 -27.98
CA SER C 975 -18.52 -49.26 -27.29
C SER C 975 -17.61 -48.63 -26.26
N THR C 976 -17.90 -47.38 -25.88
CA THR C 976 -17.08 -46.67 -24.92
C THR C 976 -17.10 -47.40 -23.58
N SER C 977 -18.23 -48.05 -23.31
CA SER C 977 -18.38 -48.86 -22.12
C SER C 977 -17.48 -50.10 -22.15
N GLN C 978 -17.36 -50.69 -23.33
CA GLN C 978 -16.43 -51.81 -23.54
C GLN C 978 -14.97 -51.39 -23.44
N ILE C 979 -14.67 -50.17 -23.87
CA ILE C 979 -13.33 -49.63 -23.74
C ILE C 979 -12.98 -49.44 -22.27
N ARG C 980 -13.92 -48.88 -21.51
CA ARG C 980 -13.69 -48.68 -20.10
C ARG C 980 -13.52 -50.04 -19.45
N HIS C 981 -14.25 -51.03 -19.94
CA HIS C 981 -14.09 -52.38 -19.40
C HIS C 981 -12.72 -52.99 -19.70
N ALA C 982 -12.16 -52.68 -20.87
CA ALA C 982 -10.83 -53.19 -21.21
C ALA C 982 -9.79 -52.55 -20.34
N ILE C 983 -9.92 -51.24 -20.14
CA ILE C 983 -8.93 -50.51 -19.38
C ILE C 983 -8.97 -50.94 -17.92
N GLU C 984 -10.18 -51.10 -17.39
CA GLU C 984 -10.32 -51.54 -16.01
C GLU C 984 -9.78 -52.95 -15.84
N ARG C 985 -9.96 -53.79 -16.86
CA ARG C 985 -9.44 -55.15 -16.75
C ARG C 985 -7.92 -55.26 -16.84
N ILE C 986 -7.33 -54.50 -17.76
CA ILE C 986 -5.88 -54.48 -17.89
C ILE C 986 -5.28 -53.94 -16.61
N ALA C 987 -5.95 -52.96 -16.03
CA ALA C 987 -5.52 -52.42 -14.75
C ALA C 987 -5.63 -53.49 -13.69
N GLN C 988 -6.63 -54.36 -13.84
CA GLN C 988 -6.81 -55.44 -12.89
C GLN C 988 -5.67 -56.45 -12.98
N ILE C 989 -5.26 -56.76 -14.21
CA ILE C 989 -4.18 -57.71 -14.47
C ILE C 989 -2.84 -57.22 -13.95
N THR C 990 -2.62 -55.91 -14.04
CA THR C 990 -1.36 -55.31 -13.61
C THR C 990 -1.44 -54.69 -12.21
N ASP C 991 -2.51 -55.02 -11.49
CA ASP C 991 -2.64 -54.67 -10.08
C ASP C 991 -2.53 -53.19 -9.76
N VAL C 992 -3.51 -52.39 -10.22
CA VAL C 992 -3.57 -50.96 -9.92
C VAL C 992 -5.02 -50.57 -9.59
N ASP C 993 -5.19 -49.59 -8.70
CA ASP C 993 -6.54 -49.20 -8.27
C ASP C 993 -7.14 -48.14 -9.19
N SER C 994 -7.93 -48.58 -10.15
CA SER C 994 -8.49 -47.71 -11.16
C SER C 994 -9.81 -47.09 -10.73
N THR C 995 -10.15 -47.22 -9.45
CA THR C 995 -11.42 -46.70 -8.95
C THR C 995 -11.52 -45.19 -9.13
N ASP C 996 -12.68 -44.76 -9.61
CA ASP C 996 -12.99 -43.35 -9.88
C ASP C 996 -12.27 -42.79 -11.11
N TYR C 997 -11.50 -43.63 -11.81
CA TYR C 997 -10.83 -43.17 -13.02
C TYR C 997 -11.86 -42.86 -14.09
N GLY C 998 -11.70 -41.73 -14.75
CA GLY C 998 -12.58 -41.37 -15.85
C GLY C 998 -13.94 -40.89 -15.38
N LYS C 999 -14.07 -40.66 -14.07
CA LYS C 999 -15.34 -40.22 -13.48
C LYS C 999 -15.25 -38.89 -12.73
N LEU C 1000 -16.32 -38.12 -12.82
CA LEU C 1000 -16.58 -37.07 -11.82
C LEU C 1000 -17.16 -37.74 -10.58
N THR C 1001 -16.97 -37.12 -9.43
CA THR C 1001 -17.56 -37.61 -8.19
C THR C 1001 -18.18 -36.46 -7.39
N LEU C 1002 -19.18 -35.82 -8.00
CA LEU C 1002 -19.83 -34.65 -7.42
C LEU C 1002 -20.66 -34.99 -6.19
N ARG C 1003 -20.71 -34.06 -5.23
CA ARG C 1003 -21.46 -34.32 -3.99
C ARG C 1003 -22.97 -34.42 -4.21
N PHE C 1004 -23.49 -33.64 -5.16
CA PHE C 1004 -24.93 -33.61 -5.34
C PHE C 1004 -25.41 -34.37 -6.57
N LEU C 1005 -24.48 -34.76 -7.43
CA LEU C 1005 -24.83 -35.51 -8.63
C LEU C 1005 -24.49 -37.00 -8.55
N GLY C 1006 -23.62 -37.37 -7.61
CA GLY C 1006 -23.12 -38.73 -7.56
C GLY C 1006 -21.99 -38.87 -8.56
N THR C 1007 -21.43 -40.06 -8.70
CA THR C 1007 -20.39 -40.24 -9.72
C THR C 1007 -20.99 -40.21 -11.11
N LEU C 1008 -20.26 -39.62 -12.05
CA LEU C 1008 -20.69 -39.59 -13.45
C LEU C 1008 -19.54 -40.10 -14.30
N THR C 1009 -19.82 -41.12 -15.10
CA THR C 1009 -18.80 -41.74 -15.92
C THR C 1009 -18.61 -40.99 -17.23
N ARG C 1010 -17.37 -40.65 -17.56
CA ARG C 1010 -17.05 -40.05 -18.84
C ARG C 1010 -16.30 -41.04 -19.72
N SER C 1011 -16.43 -40.89 -21.03
CA SER C 1011 -15.80 -41.79 -21.98
C SER C 1011 -14.27 -41.77 -21.85
N LEU C 1012 -13.66 -42.95 -21.93
CA LEU C 1012 -12.21 -43.05 -21.83
C LEU C 1012 -11.50 -42.90 -23.17
N LYS C 1013 -12.21 -43.21 -24.26
CA LYS C 1013 -11.65 -43.17 -25.62
C LYS C 1013 -11.09 -41.80 -25.96
N MET C 1014 -9.90 -41.79 -26.57
CA MET C 1014 -9.14 -40.58 -26.86
C MET C 1014 -7.92 -40.93 -27.70
N GLN C 1015 -8.16 -41.57 -28.82
CA GLN C 1015 -7.07 -41.98 -29.69
C GLN C 1015 -6.34 -40.75 -30.24
N ASN C 1016 -5.00 -40.79 -30.22
CA ASN C 1016 -4.15 -39.70 -30.73
C ASN C 1016 -4.33 -38.37 -30.00
N ALA C 1017 -4.59 -38.41 -28.71
CA ALA C 1017 -4.83 -37.17 -27.95
C ALA C 1017 -3.55 -36.40 -27.70
N GLN C 1018 -3.65 -35.08 -27.59
CA GLN C 1018 -2.51 -34.22 -27.33
C GLN C 1018 -2.86 -33.22 -26.23
N ILE C 1019 -1.90 -32.85 -25.39
CA ILE C 1019 -2.08 -31.70 -24.51
C ILE C 1019 -1.94 -30.43 -25.35
N ARG C 1020 -2.95 -29.59 -25.33
CA ARG C 1020 -2.98 -28.38 -26.16
C ARG C 1020 -3.67 -27.29 -25.38
N ARG C 1021 -3.04 -26.13 -25.37
CA ARG C 1021 -3.58 -24.97 -24.68
C ARG C 1021 -4.86 -24.53 -25.38
N ILE C 1022 -5.89 -24.20 -24.61
CA ILE C 1022 -7.11 -23.69 -25.20
C ILE C 1022 -7.31 -22.19 -25.02
N ARG C 1023 -8.06 -21.60 -25.95
CA ARG C 1023 -8.50 -20.24 -25.82
C ARG C 1023 -9.51 -20.19 -24.68
N PRO C 1024 -9.67 -19.02 -24.05
CA PRO C 1024 -10.72 -18.84 -23.04
C PRO C 1024 -12.10 -19.14 -23.62
N ASP C 1025 -12.25 -18.96 -24.93
CA ASP C 1025 -13.48 -19.32 -25.64
C ASP C 1025 -13.78 -20.80 -25.47
N GLY C 1026 -12.74 -21.59 -25.22
CA GLY C 1026 -12.86 -23.03 -25.09
C GLY C 1026 -12.40 -23.77 -26.33
N THR C 1027 -12.24 -23.04 -27.43
CA THR C 1027 -11.69 -23.61 -28.65
C THR C 1027 -10.19 -23.85 -28.48
N VAL C 1028 -9.67 -24.85 -29.17
CA VAL C 1028 -8.25 -25.21 -29.06
C VAL C 1028 -7.31 -24.30 -29.84
N LEU C 1029 -6.07 -24.20 -29.36
CA LEU C 1029 -5.00 -23.48 -30.04
C LEU C 1029 -3.95 -24.41 -30.65
N ARG C 1030 -3.24 -23.92 -31.66
CA ARG C 1030 -2.06 -24.62 -32.19
C ARG C 1030 -0.97 -24.63 -31.14
N TYR C 1031 -0.19 -25.70 -31.08
CA TYR C 1031 0.93 -25.75 -30.12
C TYR C 1031 1.98 -24.71 -30.49
N ASP C 1032 2.20 -23.73 -29.61
CA ASP C 1032 3.26 -22.74 -29.81
C ASP C 1032 4.47 -23.15 -29.02
N ASP C 1033 5.62 -23.22 -29.69
CA ASP C 1033 6.88 -23.49 -29.00
C ASP C 1033 7.20 -22.34 -28.06
N GLN C 1034 6.67 -21.16 -28.38
CA GLN C 1034 6.94 -19.95 -27.59
C GLN C 1034 6.37 -19.92 -26.17
N ILE C 1035 5.22 -20.54 -25.96
CA ILE C 1035 4.55 -20.43 -24.65
C ILE C 1035 4.27 -21.79 -24.01
N ASP C 1036 3.75 -22.72 -24.80
CA ASP C 1036 3.54 -24.08 -24.34
C ASP C 1036 4.91 -24.74 -24.10
N ILE C 1037 5.00 -25.61 -23.09
CA ILE C 1037 6.28 -26.29 -22.79
C ILE C 1037 6.59 -27.37 -23.83
N GLU C 1038 7.87 -27.74 -23.98
CA GLU C 1038 8.29 -28.65 -25.04
C GLU C 1038 7.69 -30.04 -24.95
N ALA C 1039 7.48 -30.52 -23.72
CA ALA C 1039 6.99 -31.87 -23.51
C ALA C 1039 5.62 -32.10 -24.14
N PHE C 1040 4.89 -30.99 -24.32
CA PHE C 1040 3.52 -31.03 -24.83
C PHE C 1040 3.35 -31.11 -26.33
N ARG C 1041 4.42 -30.93 -27.11
CA ARG C 1041 4.27 -30.90 -28.57
C ARG C 1041 3.82 -32.25 -29.16
N TRP C 1042 4.14 -33.34 -28.48
CA TRP C 1042 3.68 -34.63 -28.93
C TRP C 1042 3.58 -35.56 -27.75
N SER C 1043 2.37 -36.00 -27.44
CA SER C 1043 2.18 -36.95 -26.36
C SER C 1043 2.39 -38.28 -27.02
N ARG C 1044 3.49 -38.93 -26.70
CA ARG C 1044 3.93 -40.05 -27.51
C ARG C 1044 3.08 -41.26 -27.17
N TYR C 1045 1.81 -41.14 -27.50
CA TYR C 1045 0.75 -42.04 -27.03
C TYR C 1045 0.81 -42.18 -25.53
N PHE C 1046 1.27 -41.13 -24.87
CA PHE C 1046 1.37 -41.06 -23.40
C PHE C 1046 2.16 -42.19 -22.76
N LEU C 1047 3.19 -42.68 -23.46
CA LEU C 1047 4.03 -43.76 -22.96
C LEU C 1047 5.48 -43.33 -22.70
N ASP C 1048 6.15 -44.05 -21.81
CA ASP C 1048 7.57 -43.81 -21.53
C ASP C 1048 8.37 -44.21 -22.75
N GLU C 1049 9.57 -43.63 -22.91
CA GLU C 1049 10.39 -43.94 -24.08
C GLU C 1049 10.70 -45.43 -24.17
N LEU C 1050 11.04 -46.04 -23.04
CA LEU C 1050 11.33 -47.47 -23.03
C LEU C 1050 10.14 -48.31 -23.43
N GLN C 1051 8.95 -47.93 -22.95
CA GLN C 1051 7.74 -48.64 -23.34
C GLN C 1051 7.45 -48.55 -24.84
N LEU C 1052 7.84 -47.46 -25.47
CA LEU C 1052 7.78 -47.34 -26.92
C LEU C 1052 8.78 -48.26 -27.59
N ARG C 1053 9.99 -48.28 -27.02
CA ARG C 1053 11.06 -49.06 -27.63
C ARG C 1053 10.66 -50.52 -27.64
N ARG C 1054 10.17 -50.99 -26.51
CA ARG C 1054 9.72 -52.39 -26.40
C ARG C 1054 8.43 -52.62 -27.16
N LEU C 1055 7.67 -51.56 -27.35
CA LEU C 1055 6.43 -51.62 -28.12
C LEU C 1055 6.72 -52.01 -29.55
N SER C 1056 7.85 -51.55 -30.09
CA SER C 1056 8.20 -51.92 -31.45
C SER C 1056 8.52 -53.41 -31.59
N VAL C 1057 9.28 -53.94 -30.64
CA VAL C 1057 9.58 -55.37 -30.62
C VAL C 1057 8.31 -56.23 -30.44
N GLY C 1058 7.41 -55.76 -29.59
CA GLY C 1058 6.19 -56.51 -29.31
C GLY C 1058 5.25 -56.52 -30.50
N LEU C 1059 5.21 -55.40 -31.19
CA LEU C 1059 4.45 -55.33 -32.42
C LEU C 1059 5.05 -56.23 -33.49
N ARG C 1060 6.39 -56.31 -33.56
CA ARG C 1060 7.01 -57.22 -34.51
C ARG C 1060 6.73 -58.67 -34.13
N LEU C 1061 6.38 -58.89 -32.88
CA LEU C 1061 6.05 -60.23 -32.42
C LEU C 1061 4.62 -60.56 -32.82
N ILE C 1062 3.70 -59.64 -32.62
CA ILE C 1062 2.28 -59.88 -32.88
C ILE C 1062 2.03 -60.11 -34.37
N THR C 1063 2.80 -59.44 -35.21
CA THR C 1063 2.58 -59.50 -36.64
C THR C 1063 3.47 -60.53 -37.31
N ASN C 1064 4.06 -61.39 -36.50
CA ASN C 1064 4.77 -62.53 -37.04
C ASN C 1064 3.76 -63.55 -37.52
N PRO C 1065 4.00 -64.14 -38.70
CA PRO C 1065 3.15 -65.19 -39.30
C PRO C 1065 3.02 -66.41 -38.39
N ARG C 1066 4.06 -66.72 -37.64
CA ARG C 1066 4.06 -67.90 -36.78
C ARG C 1066 3.08 -67.83 -35.63
N ILE C 1067 2.81 -66.63 -35.14
CA ILE C 1067 1.91 -66.45 -34.00
C ILE C 1067 0.44 -66.49 -34.46
N ALA C 1068 0.23 -66.31 -35.75
CA ALA C 1068 -1.11 -66.19 -36.33
C ALA C 1068 -1.78 -67.55 -36.43
N ARG C 1069 -2.02 -68.18 -35.28
CA ARG C 1069 -2.53 -69.53 -35.24
C ARG C 1069 -4.03 -69.64 -34.99
N ARG C 1070 -4.77 -68.57 -35.27
CA ARG C 1070 -6.23 -68.63 -35.24
C ARG C 1070 -6.82 -68.69 -36.66
N PHE C 1071 -7.14 -69.89 -37.11
CA PHE C 1071 -7.49 -70.14 -38.50
C PHE C 1071 -8.95 -69.94 -38.85
N ASN C 1072 -9.21 -69.46 -40.06
CA ASN C 1072 -10.57 -69.17 -40.51
C ASN C 1072 -11.04 -69.99 -41.70
N GLY C 1073 -12.22 -70.59 -41.54
CA GLY C 1073 -12.89 -71.28 -42.64
C GLY C 1073 -12.48 -72.72 -42.80
N VAL C 1074 -13.44 -73.58 -43.13
CA VAL C 1074 -13.16 -74.99 -43.34
C VAL C 1074 -13.80 -75.50 -44.60
N ARG C 1075 -13.04 -76.28 -45.36
CA ARG C 1075 -13.63 -77.01 -46.47
C ARG C 1075 -14.20 -78.34 -45.98
N ILE C 1076 -15.34 -78.75 -46.54
CA ILE C 1076 -15.91 -80.07 -46.24
C ILE C 1076 -16.11 -80.78 -47.57
N MET C 1077 -15.51 -81.95 -47.68
CA MET C 1077 -15.43 -82.63 -48.96
C MET C 1077 -15.19 -84.11 -48.69
N TYR C 1078 -15.85 -84.97 -49.45
CA TYR C 1078 -15.82 -86.41 -49.17
C TYR C 1078 -14.71 -87.14 -49.94
N LEU C 1079 -13.45 -86.89 -49.57
CA LEU C 1079 -12.34 -87.65 -50.16
C LEU C 1079 -11.85 -88.71 -49.19
N THR C 1080 -11.17 -89.72 -49.73
CA THR C 1080 -10.45 -90.70 -48.94
C THR C 1080 -9.24 -90.04 -48.30
N ASP C 1081 -8.86 -90.49 -47.10
CA ASP C 1081 -7.72 -89.88 -46.39
C ASP C 1081 -6.41 -90.46 -46.87
N ASP C 1082 -5.73 -89.74 -47.75
CA ASP C 1082 -4.52 -90.27 -48.38
C ASP C 1082 -3.29 -89.36 -48.27
N ASP C 1083 -3.50 -88.04 -48.19
CA ASP C 1083 -2.37 -87.11 -48.14
C ASP C 1083 -1.99 -86.76 -46.71
N PRO C 1084 -0.77 -87.16 -46.29
CA PRO C 1084 -0.20 -87.02 -44.93
C PRO C 1084 -0.09 -85.60 -44.37
N ASP C 1085 0.18 -84.58 -45.18
CA ASP C 1085 0.41 -83.24 -44.61
C ASP C 1085 -0.85 -82.62 -44.01
N PRO C 1086 -0.74 -82.18 -42.75
CA PRO C 1086 -1.85 -81.60 -41.97
C PRO C 1086 -2.43 -80.37 -42.65
N ASP C 1087 -1.57 -79.64 -43.37
CA ASP C 1087 -1.97 -78.42 -44.04
C ASP C 1087 -2.60 -78.64 -45.43
N PHE C 1088 -2.95 -79.89 -45.74
CA PHE C 1088 -3.56 -80.23 -47.03
C PHE C 1088 -4.98 -79.70 -47.25
N VAL C 1089 -5.16 -78.93 -48.32
CA VAL C 1089 -6.46 -78.43 -48.74
C VAL C 1089 -6.79 -78.98 -50.12
N PRO C 1090 -7.79 -79.88 -50.20
CA PRO C 1090 -8.07 -80.49 -51.50
C PRO C 1090 -8.46 -79.48 -52.58
N ASP C 1091 -7.98 -79.67 -53.80
CA ASP C 1091 -8.31 -78.79 -54.91
C ASP C 1091 -9.72 -79.04 -55.37
N VAL C 1092 -10.41 -78.01 -55.83
CA VAL C 1092 -11.74 -78.21 -56.40
C VAL C 1092 -11.63 -78.67 -57.85
N PRO C 1093 -12.24 -79.81 -58.17
CA PRO C 1093 -12.17 -80.49 -59.46
C PRO C 1093 -12.75 -79.65 -60.60
N GLU C 1094 -12.26 -79.90 -61.80
CA GLU C 1094 -12.45 -79.01 -62.94
C GLU C 1094 -13.91 -78.67 -63.26
N GLY C 1095 -14.82 -79.62 -63.07
CA GLY C 1095 -16.19 -79.45 -63.53
C GLY C 1095 -17.15 -78.72 -62.61
N TYR C 1096 -16.70 -78.36 -61.42
CA TYR C 1096 -17.57 -77.73 -60.42
C TYR C 1096 -18.00 -76.30 -60.76
N VAL C 1097 -19.25 -75.98 -60.47
CA VAL C 1097 -19.70 -74.59 -60.51
C VAL C 1097 -19.74 -74.00 -59.11
N ALA C 1098 -19.09 -72.85 -58.93
CA ALA C 1098 -19.11 -72.17 -57.64
C ALA C 1098 -20.51 -71.62 -57.38
N VAL C 1099 -21.00 -71.78 -56.15
CA VAL C 1099 -22.33 -71.29 -55.80
C VAL C 1099 -22.37 -70.68 -54.39
N GLN C 1100 -22.61 -69.38 -54.33
CA GLN C 1100 -22.78 -68.73 -53.03
C GLN C 1100 -24.03 -69.25 -52.38
N TYR C 1101 -23.95 -69.56 -51.10
CA TYR C 1101 -25.10 -70.11 -50.40
C TYR C 1101 -26.09 -69.00 -50.19
N ALA C 1102 -27.36 -69.35 -50.21
CA ALA C 1102 -28.41 -68.40 -49.84
C ALA C 1102 -29.59 -69.21 -49.38
N HIS C 1103 -30.42 -68.60 -48.55
CA HIS C 1103 -31.61 -69.29 -48.07
C HIS C 1103 -32.51 -69.58 -49.24
N ARG C 1104 -32.45 -68.71 -50.23
CA ARG C 1104 -33.29 -68.82 -51.41
C ARG C 1104 -33.06 -70.15 -52.16
N LEU C 1105 -31.84 -70.67 -52.09
CA LEU C 1105 -31.47 -71.87 -52.83
C LEU C 1105 -32.20 -73.16 -52.43
N PHE C 1106 -32.57 -73.27 -51.16
CA PHE C 1106 -33.25 -74.46 -50.69
C PHE C 1106 -34.72 -74.21 -50.37
N SER C 1107 -35.56 -75.18 -50.68
CA SER C 1107 -36.99 -75.01 -50.50
C SER C 1107 -37.67 -76.35 -50.40
N SER C 1108 -38.69 -76.45 -49.56
CA SER C 1108 -39.50 -77.65 -49.50
C SER C 1108 -40.26 -77.78 -50.81
N SER C 1109 -40.41 -79.01 -51.30
CA SER C 1109 -41.22 -79.24 -52.48
C SER C 1109 -41.63 -80.69 -52.56
N LEU C 1110 -42.82 -80.95 -53.09
CA LEU C 1110 -43.30 -82.30 -53.27
C LEU C 1110 -42.44 -82.97 -54.33
N ALA C 1111 -42.11 -84.24 -54.09
CA ALA C 1111 -41.42 -85.07 -55.07
C ALA C 1111 -41.58 -86.52 -54.69
N ASN C 1112 -42.22 -87.30 -55.54
CA ASN C 1112 -42.46 -88.71 -55.27
C ASN C 1112 -43.15 -88.96 -53.93
N LYS C 1113 -44.24 -88.25 -53.70
CA LYS C 1113 -45.06 -88.40 -52.50
C LYS C 1113 -44.34 -88.21 -51.16
N ARG C 1114 -43.37 -87.30 -51.11
CA ARG C 1114 -42.88 -86.74 -49.85
C ARG C 1114 -42.21 -85.41 -50.07
N ASN C 1115 -42.20 -84.59 -49.02
CA ASN C 1115 -41.65 -83.23 -49.08
C ASN C 1115 -40.15 -83.23 -48.94
N ARG C 1116 -39.47 -83.04 -50.06
CA ARG C 1116 -38.03 -82.95 -50.05
C ARG C 1116 -37.53 -81.53 -49.78
N VAL C 1117 -36.36 -81.44 -49.17
CA VAL C 1117 -35.60 -80.21 -49.07
C VAL C 1117 -34.85 -80.01 -50.38
N THR C 1118 -35.59 -79.58 -51.41
CA THR C 1118 -35.04 -79.35 -52.74
C THR C 1118 -33.97 -78.25 -52.82
N TYR C 1119 -32.90 -78.53 -53.58
CA TYR C 1119 -31.94 -77.50 -53.97
C TYR C 1119 -32.10 -77.18 -55.44
N THR C 1120 -32.42 -75.92 -55.74
CA THR C 1120 -32.49 -75.48 -57.13
C THR C 1120 -31.23 -74.74 -57.60
N HIS C 1121 -30.64 -75.23 -58.68
CA HIS C 1121 -29.32 -74.83 -59.17
C HIS C 1121 -29.40 -73.53 -59.95
N PRO C 1122 -28.66 -72.49 -59.52
CA PRO C 1122 -28.73 -71.21 -60.24
C PRO C 1122 -28.34 -71.21 -61.73
N PRO C 1123 -27.32 -71.97 -62.14
CA PRO C 1123 -27.02 -71.98 -63.59
C PRO C 1123 -28.17 -72.43 -64.48
N THR C 1124 -28.97 -73.39 -64.00
CA THR C 1124 -29.92 -74.05 -64.87
C THR C 1124 -31.36 -73.90 -64.38
N GLY C 1125 -31.52 -73.77 -63.07
CA GLY C 1125 -32.84 -73.60 -62.49
C GLY C 1125 -33.54 -74.93 -62.24
N MET C 1126 -32.90 -76.03 -62.61
CA MET C 1126 -33.46 -77.34 -62.30
C MET C 1126 -33.51 -77.59 -60.80
N ALA C 1127 -34.65 -78.07 -60.33
CA ALA C 1127 -34.79 -78.52 -58.94
C ALA C 1127 -34.19 -79.91 -58.78
N TYR C 1128 -33.66 -80.17 -57.60
CA TYR C 1128 -33.07 -81.45 -57.27
C TYR C 1128 -33.59 -81.87 -55.92
N PRO C 1129 -34.75 -82.56 -55.90
CA PRO C 1129 -35.36 -83.00 -54.65
C PRO C 1129 -34.42 -83.90 -53.82
N SER C 1130 -33.61 -84.71 -54.47
CA SER C 1130 -32.75 -85.64 -53.75
C SER C 1130 -31.30 -85.16 -53.68
N PRO C 1131 -30.63 -85.41 -52.53
CA PRO C 1131 -29.21 -85.10 -52.31
C PRO C 1131 -28.30 -85.81 -53.31
N THR C 1132 -28.71 -87.01 -53.72
CA THR C 1132 -28.03 -87.69 -54.82
C THR C 1132 -28.39 -87.12 -56.20
N GLY C 1133 -27.44 -87.10 -57.12
CA GLY C 1133 -27.68 -86.62 -58.47
C GLY C 1133 -27.60 -85.12 -58.72
N ARG C 1134 -27.31 -84.32 -57.69
CA ARG C 1134 -27.15 -82.87 -57.87
C ARG C 1134 -25.87 -82.62 -58.66
N PRO C 1135 -25.84 -81.53 -59.45
CA PRO C 1135 -24.67 -81.16 -60.25
C PRO C 1135 -23.50 -80.84 -59.32
N HIS C 1136 -22.27 -81.09 -59.74
CA HIS C 1136 -21.13 -80.84 -58.87
C HIS C 1136 -21.09 -79.35 -58.53
N VAL C 1137 -20.95 -79.04 -57.24
CA VAL C 1137 -21.10 -77.67 -56.78
C VAL C 1137 -20.04 -77.32 -55.76
N HIS C 1138 -19.31 -76.24 -56.01
CA HIS C 1138 -18.45 -75.69 -54.97
C HIS C 1138 -19.23 -74.63 -54.22
N MET C 1139 -20.01 -75.06 -53.23
CA MET C 1139 -20.85 -74.14 -52.49
C MET C 1139 -20.08 -73.47 -51.39
N THR C 1140 -20.17 -72.14 -51.34
CA THR C 1140 -19.54 -71.41 -50.25
C THR C 1140 -20.58 -70.85 -49.30
N ILE C 1141 -20.37 -71.08 -48.01
CA ILE C 1141 -21.31 -70.60 -47.00
C ILE C 1141 -20.64 -69.50 -46.18
N ASN C 1142 -21.09 -68.26 -46.38
CA ASN C 1142 -20.54 -67.13 -45.64
C ASN C 1142 -21.14 -66.96 -44.25
N GLU C 1143 -22.41 -67.31 -44.10
CA GLU C 1143 -23.10 -67.12 -42.84
C GLU C 1143 -23.97 -68.33 -42.51
N ARG C 1144 -23.52 -69.15 -41.55
CA ARG C 1144 -24.29 -70.31 -41.10
C ARG C 1144 -25.59 -69.95 -40.40
N ALA C 1145 -25.67 -68.74 -39.86
CA ALA C 1145 -26.85 -68.32 -39.12
C ALA C 1145 -28.11 -68.25 -39.99
N GLY C 1146 -29.21 -68.72 -39.43
CA GLY C 1146 -30.49 -68.77 -40.12
C GLY C 1146 -30.73 -70.11 -40.78
N MET C 1147 -29.66 -70.86 -41.02
CA MET C 1147 -29.74 -72.12 -41.74
C MET C 1147 -30.56 -73.15 -41.00
N SER C 1148 -31.43 -73.83 -41.72
CA SER C 1148 -32.23 -74.89 -41.12
C SER C 1148 -31.36 -76.10 -40.81
N LYS C 1149 -31.73 -76.86 -39.79
CA LYS C 1149 -31.05 -78.12 -39.52
C LYS C 1149 -31.24 -79.04 -40.72
N LEU C 1150 -32.41 -78.92 -41.35
CA LEU C 1150 -32.74 -79.71 -42.52
C LEU C 1150 -31.84 -79.41 -43.71
N VAL C 1151 -31.70 -78.12 -44.03
CA VAL C 1151 -30.81 -77.70 -45.11
C VAL C 1151 -29.35 -78.02 -44.84
N ALA C 1152 -28.96 -77.95 -43.57
CA ALA C 1152 -27.58 -78.26 -43.20
C ALA C 1152 -27.27 -79.72 -43.44
N ASP C 1153 -28.15 -80.57 -42.93
CA ASP C 1153 -27.98 -82.00 -43.12
C ASP C 1153 -28.06 -82.35 -44.60
N ASN C 1154 -28.90 -81.62 -45.32
CA ASN C 1154 -29.08 -81.89 -46.74
C ASN C 1154 -27.88 -81.50 -47.58
N ILE C 1155 -27.25 -80.40 -47.21
CA ILE C 1155 -26.01 -79.99 -47.85
C ILE C 1155 -24.89 -80.98 -47.54
N ILE C 1156 -24.87 -81.49 -46.31
CA ILE C 1156 -23.83 -82.46 -45.95
C ILE C 1156 -23.99 -83.76 -46.76
N ALA C 1157 -25.23 -84.21 -46.87
CA ALA C 1157 -25.51 -85.37 -47.69
C ALA C 1157 -25.18 -85.06 -49.14
N SER C 1158 -25.36 -83.82 -49.57
CA SER C 1158 -25.04 -83.49 -50.95
C SER C 1158 -23.54 -83.58 -51.16
N VAL C 1159 -22.79 -83.26 -50.11
CA VAL C 1159 -21.33 -83.32 -50.12
C VAL C 1159 -20.89 -84.76 -50.24
N ILE C 1160 -21.68 -85.66 -49.67
CA ILE C 1160 -21.34 -87.06 -49.68
C ILE C 1160 -21.85 -87.77 -50.96
N LYS C 1161 -23.16 -87.78 -51.14
CA LYS C 1161 -23.82 -88.37 -52.31
C LYS C 1161 -23.56 -87.70 -53.67
N SER C 1162 -23.39 -86.38 -53.69
CA SER C 1162 -23.20 -85.68 -54.96
C SER C 1162 -21.83 -85.02 -55.11
N ASN C 1163 -20.93 -85.34 -54.19
CA ASN C 1163 -19.57 -84.81 -54.18
C ASN C 1163 -19.46 -83.31 -54.18
N TRP C 1164 -20.35 -82.65 -53.45
CA TRP C 1164 -20.24 -81.23 -53.26
C TRP C 1164 -18.99 -80.87 -52.47
N VAL C 1165 -18.43 -79.71 -52.78
CA VAL C 1165 -17.35 -79.15 -52.00
C VAL C 1165 -17.88 -77.94 -51.25
N VAL C 1166 -17.93 -78.04 -49.94
CA VAL C 1166 -18.55 -76.98 -49.16
C VAL C 1166 -17.52 -76.23 -48.32
N ASP C 1167 -17.02 -75.14 -48.86
CA ASP C 1167 -16.29 -74.15 -48.08
C ASP C 1167 -17.26 -73.44 -47.12
N ILE C 1168 -16.80 -73.22 -45.90
CA ILE C 1168 -17.59 -72.59 -44.85
C ILE C 1168 -16.66 -71.59 -44.17
N LEU C 1169 -16.73 -70.34 -44.59
CA LEU C 1169 -15.76 -69.32 -44.16
C LEU C 1169 -15.99 -68.79 -42.73
N ASP C 1170 -17.14 -69.08 -42.15
CA ASP C 1170 -17.51 -68.49 -40.86
C ASP C 1170 -16.90 -69.15 -39.60
N ILE C 1171 -16.25 -70.30 -39.75
CA ILE C 1171 -15.63 -70.98 -38.60
C ILE C 1171 -14.27 -70.39 -38.21
N GLU C 1172 -14.09 -70.02 -36.94
CA GLU C 1172 -12.74 -69.76 -36.42
C GLU C 1172 -12.33 -70.96 -35.59
N TYR C 1173 -11.13 -71.46 -35.79
CA TYR C 1173 -10.71 -72.66 -35.10
C TYR C 1173 -9.23 -72.63 -34.79
N THR C 1174 -8.82 -73.54 -33.92
CA THR C 1174 -7.42 -73.62 -33.52
C THR C 1174 -6.96 -75.05 -33.68
N ALA C 1175 -6.25 -75.31 -34.78
CA ALA C 1175 -5.76 -76.66 -35.02
C ALA C 1175 -4.67 -77.09 -34.04
N GLU C 1176 -4.79 -78.33 -33.57
CA GLU C 1176 -3.70 -79.03 -32.92
C GLU C 1176 -3.24 -80.02 -33.96
N VAL C 1177 -1.94 -80.24 -34.07
CA VAL C 1177 -1.43 -81.20 -35.05
C VAL C 1177 -0.91 -82.47 -34.38
N MET C 1178 -1.74 -83.50 -34.41
CA MET C 1178 -1.46 -84.80 -33.79
C MET C 1178 -0.41 -85.63 -34.54
N THR C 1179 0.39 -86.37 -33.79
CA THR C 1179 1.24 -87.40 -34.37
C THR C 1179 0.38 -88.64 -34.59
N PRO C 1180 0.75 -89.48 -35.58
CA PRO C 1180 -0.08 -90.65 -35.91
C PRO C 1180 -0.29 -91.60 -34.74
N SER C 1181 0.69 -91.69 -33.84
CA SER C 1181 0.58 -92.64 -32.74
C SER C 1181 -0.27 -92.15 -31.58
N GLU C 1182 -0.70 -90.89 -31.60
CA GLU C 1182 -1.62 -90.41 -30.55
C GLU C 1182 -3.07 -90.30 -31.01
N GLY C 1183 -3.33 -90.63 -32.29
CA GLY C 1183 -4.68 -90.75 -32.80
C GLY C 1183 -5.44 -89.44 -32.85
N TYR C 1184 -6.76 -89.52 -32.96
CA TYR C 1184 -7.62 -88.35 -32.90
C TYR C 1184 -8.41 -88.37 -31.60
N THR C 1185 -7.93 -87.64 -30.58
CA THR C 1185 -8.60 -87.64 -29.28
C THR C 1185 -10.00 -87.04 -29.31
N GLN C 1186 -10.23 -86.10 -30.23
CA GLN C 1186 -11.52 -85.42 -30.31
C GLN C 1186 -12.26 -85.73 -31.61
N HIS C 1187 -13.52 -86.16 -31.48
CA HIS C 1187 -14.34 -86.47 -32.64
C HIS C 1187 -15.43 -85.43 -32.83
N VAL C 1188 -15.76 -85.13 -34.08
CA VAL C 1188 -16.70 -84.06 -34.39
C VAL C 1188 -17.70 -84.44 -35.45
N ASP C 1189 -18.98 -84.31 -35.11
CA ASP C 1189 -20.07 -84.52 -36.05
C ASP C 1189 -20.13 -83.34 -37.01
N ALA C 1190 -20.65 -83.57 -38.21
CA ALA C 1190 -20.88 -82.48 -39.14
C ALA C 1190 -21.92 -81.53 -38.53
N GLU C 1191 -22.78 -82.11 -37.71
CA GLU C 1191 -23.85 -81.36 -37.08
C GLU C 1191 -23.30 -80.23 -36.21
N SER C 1192 -22.25 -80.52 -35.45
CA SER C 1192 -21.64 -79.49 -34.61
C SER C 1192 -20.92 -78.42 -35.43
N ILE C 1193 -20.33 -78.80 -36.55
CA ILE C 1193 -19.64 -77.84 -37.40
C ILE C 1193 -20.65 -76.90 -38.05
N MET C 1194 -21.87 -77.41 -38.26
CA MET C 1194 -22.89 -76.66 -38.98
C MET C 1194 -23.69 -75.72 -38.07
N THR C 1195 -23.62 -75.97 -36.78
CA THR C 1195 -24.41 -75.22 -35.81
C THR C 1195 -23.53 -74.66 -34.70
N ALA C 1196 -22.25 -74.50 -35.01
CA ALA C 1196 -21.36 -73.84 -34.07
C ALA C 1196 -21.77 -72.38 -34.02
N PRO C 1197 -21.77 -71.80 -32.80
CA PRO C 1197 -22.10 -70.38 -32.65
C PRO C 1197 -21.04 -69.53 -33.38
N LYS C 1198 -21.45 -68.39 -33.90
CA LYS C 1198 -20.59 -67.60 -34.79
C LYS C 1198 -19.32 -67.06 -34.14
N GLY C 1199 -19.40 -66.73 -32.86
CA GLY C 1199 -18.26 -66.12 -32.18
C GLY C 1199 -17.28 -67.07 -31.51
N LYS C 1200 -17.73 -68.29 -31.25
CA LYS C 1200 -16.93 -69.30 -30.56
C LYS C 1200 -15.76 -69.84 -31.39
N LEU C 1201 -14.62 -70.05 -30.74
CA LEU C 1201 -13.48 -70.75 -31.34
C LEU C 1201 -13.66 -72.26 -31.29
N PHE C 1202 -13.74 -72.88 -32.46
CA PHE C 1202 -13.75 -74.34 -32.58
C PHE C 1202 -12.33 -74.87 -32.38
N HIS C 1203 -12.18 -76.12 -31.99
CA HIS C 1203 -10.84 -76.68 -31.87
C HIS C 1203 -10.68 -77.95 -32.71
N LEU C 1204 -10.29 -77.79 -33.96
CA LEU C 1204 -10.06 -78.94 -34.83
C LEU C 1204 -8.70 -79.59 -34.55
N GLN C 1205 -8.59 -80.87 -34.87
CA GLN C 1205 -7.32 -81.57 -34.80
C GLN C 1205 -6.92 -82.05 -36.18
N PHE C 1206 -5.62 -82.19 -36.42
CA PHE C 1206 -5.16 -82.69 -37.72
C PHE C 1206 -3.95 -83.60 -37.61
N MET C 1207 -3.97 -84.66 -38.39
CA MET C 1207 -2.87 -85.62 -38.44
C MET C 1207 -1.67 -85.13 -39.22
N ASP C 1208 -0.47 -85.54 -38.80
CA ASP C 1208 0.72 -85.51 -39.66
C ASP C 1208 1.19 -86.94 -39.83
N GLY C 1209 0.69 -87.59 -40.89
CA GLY C 1209 0.88 -89.02 -41.10
C GLY C 1209 2.23 -89.36 -41.71
N LEU C 1210 3.13 -88.39 -41.73
CA LEU C 1210 4.48 -88.55 -42.25
C LEU C 1210 5.28 -89.60 -41.49
N LEU C 1211 5.05 -89.70 -40.18
CA LEU C 1211 5.82 -90.61 -39.36
C LEU C 1211 5.07 -91.92 -39.10
N ARG C 1212 4.48 -92.46 -40.15
CA ARG C 1212 3.69 -93.68 -40.03
C ARG C 1212 4.32 -94.76 -40.90
N PRO C 1213 4.89 -95.79 -40.27
CA PRO C 1213 5.72 -96.85 -40.88
C PRO C 1213 4.88 -97.73 -41.81
N GLU C 1214 5.54 -98.36 -42.79
CA GLU C 1214 4.84 -99.21 -43.76
C GLU C 1214 4.18 -100.41 -43.12
N PRO C 1215 3.03 -100.86 -43.68
CA PRO C 1215 2.34 -102.07 -43.23
C PRO C 1215 3.18 -103.31 -43.51
N SER C 1216 3.07 -104.33 -42.65
CA SER C 1216 3.77 -105.60 -42.86
C SER C 1216 3.20 -106.26 -44.10
N ALA C 1217 4.00 -107.08 -44.76
CA ALA C 1217 3.62 -107.63 -46.07
C ALA C 1217 2.41 -108.55 -45.94
N PHE C 1218 2.16 -109.05 -44.74
CA PHE C 1218 1.09 -110.02 -44.54
C PHE C 1218 -0.08 -109.51 -43.71
N ASP C 1219 -0.14 -108.20 -43.50
CA ASP C 1219 -1.35 -107.61 -42.92
C ASP C 1219 -2.48 -107.85 -43.92
N PRO C 1220 -3.65 -108.30 -43.43
CA PRO C 1220 -4.74 -108.64 -44.34
C PRO C 1220 -5.16 -107.40 -45.10
N PRO C 1221 -5.53 -107.57 -46.38
CA PRO C 1221 -5.96 -106.41 -47.19
C PRO C 1221 -7.18 -105.74 -46.58
N ALA C 1222 -7.25 -104.42 -46.71
CA ALA C 1222 -8.41 -103.66 -46.25
C ALA C 1222 -9.46 -103.47 -47.35
N SER C 1223 -10.54 -104.22 -47.27
CA SER C 1223 -11.67 -104.09 -48.22
C SER C 1223 -12.42 -102.76 -48.11
N GLY C 1224 -12.46 -102.19 -46.91
CA GLY C 1224 -13.12 -100.90 -46.69
C GLY C 1224 -12.21 -99.72 -47.01
N GLU C 1225 -12.77 -98.52 -46.93
CA GLU C 1225 -12.00 -97.33 -47.25
C GLU C 1225 -12.09 -96.30 -46.11
N ASP C 1226 -10.94 -95.84 -45.62
CA ASP C 1226 -10.90 -94.72 -44.68
C ASP C 1226 -11.31 -93.43 -45.39
N MET C 1227 -12.14 -92.62 -44.74
CA MET C 1227 -12.66 -91.40 -45.36
C MET C 1227 -12.37 -90.17 -44.52
N ARG C 1228 -12.71 -89.00 -45.07
CA ARG C 1228 -12.47 -87.75 -44.38
C ARG C 1228 -13.38 -86.67 -44.91
N LEU C 1229 -13.74 -85.72 -44.06
CA LEU C 1229 -14.62 -84.62 -44.48
C LEU C 1229 -14.01 -83.23 -44.27
N ILE C 1230 -13.67 -82.89 -43.03
CA ILE C 1230 -13.08 -81.58 -42.74
C ILE C 1230 -11.63 -81.40 -43.22
N TYR C 1231 -11.34 -80.22 -43.78
CA TYR C 1231 -10.03 -79.80 -44.20
C TYR C 1231 -9.85 -78.31 -43.94
N PRO C 1232 -8.61 -77.88 -43.71
CA PRO C 1232 -8.23 -76.48 -43.62
C PRO C 1232 -8.42 -75.75 -44.96
N LEU C 1233 -8.66 -74.43 -44.90
CA LEU C 1233 -8.70 -73.61 -46.10
C LEU C 1233 -7.36 -72.92 -46.41
N GLN C 1234 -6.53 -72.80 -45.39
CA GLN C 1234 -5.27 -72.07 -45.44
C GLN C 1234 -4.23 -72.97 -44.78
N PRO C 1235 -2.94 -72.70 -44.98
CA PRO C 1235 -2.01 -73.58 -44.27
C PRO C 1235 -2.15 -73.49 -42.75
N ILE C 1236 -2.06 -74.65 -42.09
CA ILE C 1236 -1.87 -74.71 -40.64
C ILE C 1236 -0.36 -74.69 -40.52
N SER C 1237 0.16 -75.25 -39.44
CA SER C 1237 1.59 -75.55 -39.31
C SER C 1237 2.46 -74.37 -39.72
N VAL C 1238 1.97 -73.17 -39.46
CA VAL C 1238 2.78 -71.97 -39.57
C VAL C 1238 3.82 -71.99 -38.47
N ALA C 1239 3.48 -72.65 -37.36
CA ALA C 1239 4.33 -72.71 -36.19
C ALA C 1239 5.48 -73.68 -36.37
N ARG C 1240 5.37 -74.53 -37.38
CA ARG C 1240 6.36 -75.58 -37.60
C ARG C 1240 7.72 -75.03 -37.92
N SER C 1241 8.72 -75.62 -37.27
CA SER C 1241 10.10 -75.31 -37.59
C SER C 1241 10.68 -76.56 -38.24
N MET C 1242 10.52 -77.70 -37.57
CA MET C 1242 11.08 -78.93 -38.14
C MET C 1242 10.05 -80.02 -38.18
N ARG C 1243 10.20 -80.94 -39.13
CA ARG C 1243 9.19 -81.99 -39.27
C ARG C 1243 9.80 -83.33 -39.60
N ALA C 1244 9.28 -84.37 -38.93
CA ALA C 1244 9.65 -85.74 -39.20
C ALA C 1244 11.15 -85.92 -39.16
N ILE C 1245 11.73 -85.74 -37.97
CA ILE C 1245 13.17 -85.91 -37.78
C ILE C 1245 13.49 -87.39 -37.57
N VAL C 1246 13.56 -88.12 -38.68
CA VAL C 1246 13.91 -89.54 -38.71
C VAL C 1246 14.54 -89.78 -40.07
N ASN C 1247 15.07 -90.98 -40.29
CA ASN C 1247 15.58 -91.32 -41.62
C ASN C 1247 14.61 -92.08 -42.48
N HIS C 1248 14.73 -91.90 -43.79
CA HIS C 1248 14.07 -92.76 -44.75
C HIS C 1248 15.16 -93.51 -45.48
N ASN C 1249 15.19 -94.82 -45.29
CA ASN C 1249 16.23 -95.66 -45.88
C ASN C 1249 17.62 -95.19 -45.47
N GLU C 1250 17.71 -94.67 -44.24
CA GLU C 1250 18.98 -94.36 -43.58
C GLU C 1250 19.96 -93.45 -44.31
N VAL C 1251 19.46 -92.62 -45.23
CA VAL C 1251 20.26 -91.55 -45.86
C VAL C 1251 19.36 -90.55 -46.56
N ASP C 1252 18.47 -91.06 -47.42
CA ASP C 1252 17.50 -90.23 -48.11
C ASP C 1252 16.52 -89.58 -47.13
N ARG C 1253 16.09 -88.35 -47.42
CA ARG C 1253 15.09 -87.66 -46.60
C ARG C 1253 13.67 -88.17 -46.86
N PRO C 1254 12.85 -88.25 -45.79
CA PRO C 1254 11.42 -88.55 -45.95
C PRO C 1254 10.75 -87.44 -46.73
N ARG C 1255 9.75 -87.75 -47.55
CA ARG C 1255 9.01 -86.70 -48.25
C ARG C 1255 8.25 -85.83 -47.25
N GLY C 1256 8.35 -84.52 -47.40
CA GLY C 1256 7.66 -83.61 -46.52
C GLY C 1256 8.40 -83.30 -45.23
N ALA C 1257 9.56 -83.94 -45.04
CA ALA C 1257 10.43 -83.63 -43.90
C ALA C 1257 10.99 -82.22 -44.09
N VAL C 1258 11.00 -81.41 -43.02
CA VAL C 1258 11.51 -80.03 -43.18
C VAL C 1258 12.61 -79.69 -42.21
N ALA C 1259 13.64 -79.06 -42.76
CA ALA C 1259 14.78 -78.58 -41.99
C ALA C 1259 14.41 -77.28 -41.30
N PRO C 1260 15.11 -76.97 -40.20
CA PRO C 1260 15.01 -75.62 -39.63
C PRO C 1260 15.49 -74.58 -40.66
N SER C 1261 14.87 -73.41 -40.68
CA SER C 1261 15.30 -72.32 -41.54
C SER C 1261 16.67 -71.79 -41.11
N SER C 1262 17.41 -71.23 -42.07
CA SER C 1262 18.75 -70.71 -41.80
C SER C 1262 18.73 -69.58 -40.77
N TYR C 1263 17.62 -68.85 -40.75
CA TYR C 1263 17.50 -67.70 -39.88
C TYR C 1263 17.47 -68.08 -38.41
N GLU C 1264 17.02 -69.30 -38.11
CA GLU C 1264 16.97 -69.79 -36.73
C GLU C 1264 18.38 -69.91 -36.17
N MET C 1265 19.33 -70.11 -37.07
CA MET C 1265 20.70 -70.40 -36.66
C MET C 1265 21.71 -69.26 -36.83
N ASP C 1266 21.31 -68.14 -37.44
CA ASP C 1266 22.26 -67.06 -37.72
C ASP C 1266 22.32 -66.06 -36.57
N THR C 1267 23.18 -66.32 -35.59
CA THR C 1267 23.60 -65.23 -34.72
C THR C 1267 24.26 -64.33 -35.70
N GLY C 1268 23.95 -63.06 -35.64
CA GLY C 1268 24.53 -62.14 -36.58
C GLY C 1268 25.57 -61.40 -35.81
N THR C 1269 25.50 -60.09 -35.90
CA THR C 1269 26.31 -59.24 -35.05
C THR C 1269 25.32 -58.33 -34.35
N LEU C 1270 25.65 -57.05 -34.29
CA LEU C 1270 24.78 -56.02 -33.75
C LEU C 1270 25.14 -54.78 -34.57
N SER C 1271 24.16 -53.92 -34.84
CA SER C 1271 24.43 -52.73 -35.66
C SER C 1271 25.27 -51.73 -34.88
N ARG C 1272 25.70 -50.67 -35.56
CA ARG C 1272 26.45 -49.61 -34.90
C ARG C 1272 25.59 -48.93 -33.82
N ASN C 1273 24.28 -48.98 -33.98
CA ASN C 1273 23.37 -48.49 -32.95
C ASN C 1273 22.91 -49.55 -31.95
N GLY C 1274 23.37 -50.79 -32.14
CA GLY C 1274 23.09 -51.87 -31.20
C GLY C 1274 21.92 -52.79 -31.50
N ASP C 1275 21.16 -52.48 -32.56
CA ASP C 1275 20.07 -53.35 -32.99
C ASP C 1275 20.63 -54.68 -33.51
N LEU C 1276 19.90 -55.77 -33.27
CA LEU C 1276 20.31 -57.09 -33.78
C LEU C 1276 20.27 -57.18 -35.29
N LEU C 1277 21.25 -57.86 -35.86
CA LEU C 1277 21.32 -58.08 -37.30
C LEU C 1277 21.54 -59.55 -37.66
N TYR C 1278 21.04 -59.95 -38.83
CA TYR C 1278 21.50 -61.17 -39.47
C TYR C 1278 22.89 -60.96 -40.04
N SER C 1279 23.62 -62.04 -40.28
CA SER C 1279 24.96 -61.94 -40.86
C SER C 1279 24.81 -61.39 -42.27
N PRO C 1280 25.84 -60.69 -42.77
CA PRO C 1280 25.68 -60.18 -44.14
C PRO C 1280 25.49 -61.35 -45.07
N VAL C 1281 24.61 -61.22 -46.05
CA VAL C 1281 24.47 -62.27 -47.06
C VAL C 1281 25.40 -61.93 -48.21
N ALA C 1282 26.25 -62.88 -48.58
CA ALA C 1282 27.32 -62.63 -49.56
C ALA C 1282 28.15 -61.42 -49.11
N ASN C 1283 28.58 -60.62 -50.08
CA ASN C 1283 29.35 -59.40 -49.81
C ASN C 1283 29.12 -58.35 -50.88
N GLY C 1284 29.27 -57.08 -50.55
CA GLY C 1284 29.60 -56.62 -49.20
C GLY C 1284 28.42 -56.09 -48.41
N GLN C 1285 27.22 -56.48 -48.81
CA GLN C 1285 25.99 -55.89 -48.27
C GLN C 1285 25.89 -56.01 -46.75
N VAL C 1286 25.47 -54.93 -46.11
CA VAL C 1286 25.28 -54.90 -44.67
C VAL C 1286 24.10 -55.78 -44.25
N GLY C 1287 24.26 -56.52 -43.16
CA GLY C 1287 23.24 -57.44 -42.69
C GLY C 1287 21.93 -56.77 -42.28
N ILE C 1288 20.84 -57.34 -42.75
CA ILE C 1288 19.50 -56.84 -42.49
C ILE C 1288 19.16 -56.98 -41.01
N PRO C 1289 18.51 -55.95 -40.43
CA PRO C 1289 18.07 -56.09 -39.03
C PRO C 1289 17.09 -57.23 -38.84
N LYS C 1290 17.24 -57.95 -37.73
CA LYS C 1290 16.43 -59.12 -37.47
C LYS C 1290 14.98 -58.73 -37.30
N LEU C 1291 14.75 -57.51 -36.83
CA LEU C 1291 13.41 -57.03 -36.61
C LEU C 1291 12.75 -56.52 -37.90
N GLU C 1292 13.55 -56.30 -38.93
CA GLU C 1292 13.05 -55.85 -40.23
C GLU C 1292 12.22 -56.91 -41.00
N VAL C 1293 12.44 -58.19 -40.71
CA VAL C 1293 11.81 -59.28 -41.48
C VAL C 1293 10.90 -60.17 -40.64
N ASP C 1294 10.22 -61.11 -41.30
CA ASP C 1294 9.31 -62.02 -40.60
C ASP C 1294 9.93 -63.33 -40.04
N HIS C 1295 11.20 -63.57 -40.32
CA HIS C 1295 11.88 -64.77 -39.84
C HIS C 1295 12.14 -64.75 -38.33
N ILE C 1296 12.14 -65.92 -37.69
CA ILE C 1296 12.48 -66.01 -36.26
C ILE C 1296 13.88 -66.55 -36.05
N SER C 1297 14.66 -65.84 -35.24
CA SER C 1297 16.03 -66.25 -34.95
C SER C 1297 16.18 -66.73 -33.51
N PHE C 1298 16.87 -67.85 -33.33
CA PHE C 1298 17.11 -68.35 -31.96
C PHE C 1298 18.56 -68.33 -31.54
N SER C 1299 19.30 -67.35 -32.07
CA SER C 1299 20.66 -67.10 -31.65
C SER C 1299 20.96 -65.64 -31.85
N ASN C 1300 21.15 -64.91 -30.75
CA ASN C 1300 21.34 -63.48 -30.82
C ASN C 1300 22.34 -63.01 -29.79
N VAL C 1301 23.21 -62.08 -30.16
CA VAL C 1301 24.11 -61.49 -29.17
C VAL C 1301 23.31 -60.66 -28.17
N VAL C 1302 23.62 -60.81 -26.90
CA VAL C 1302 22.89 -60.11 -25.85
C VAL C 1302 23.87 -59.49 -24.84
N SER C 1303 23.78 -58.16 -24.71
CA SER C 1303 24.53 -57.40 -23.75
C SER C 1303 24.06 -57.79 -22.37
N MET C 1304 25.00 -57.89 -21.43
CA MET C 1304 24.68 -58.18 -20.04
C MET C 1304 25.75 -57.71 -19.06
N MET C 1305 25.30 -57.42 -17.86
CA MET C 1305 26.19 -57.11 -16.75
C MET C 1305 26.97 -58.34 -16.31
N THR C 1306 28.24 -58.14 -15.98
CA THR C 1306 29.11 -59.20 -15.53
C THR C 1306 28.65 -59.80 -14.19
N ALA C 1307 28.03 -58.96 -13.37
CA ALA C 1307 27.54 -59.39 -12.06
C ALA C 1307 26.43 -58.44 -11.61
N ASN C 1308 25.82 -58.76 -10.48
CA ASN C 1308 24.70 -57.96 -10.00
C ASN C 1308 25.19 -56.54 -9.77
N ILE C 1309 24.44 -55.54 -10.25
CA ILE C 1309 24.87 -54.15 -10.08
C ILE C 1309 24.38 -53.50 -8.80
N ARG C 1310 23.38 -54.11 -8.16
CA ARG C 1310 22.80 -53.55 -6.95
C ARG C 1310 23.55 -53.99 -5.70
N THR C 1311 24.62 -54.74 -5.91
CA THR C 1311 25.42 -55.29 -4.82
C THR C 1311 26.13 -54.23 -3.98
N GLY C 1312 26.39 -53.05 -4.54
CA GLY C 1312 27.21 -52.05 -3.87
C GLY C 1312 26.53 -51.28 -2.77
N ASP C 1313 27.30 -50.44 -2.08
CA ASP C 1313 26.77 -49.58 -1.02
C ASP C 1313 25.77 -48.55 -1.54
N ASP C 1314 24.67 -48.38 -0.81
CA ASP C 1314 23.69 -47.35 -1.14
C ASP C 1314 24.20 -45.95 -0.81
N MET C 1315 23.84 -44.98 -1.65
CA MET C 1315 24.23 -43.59 -1.44
C MET C 1315 23.62 -43.01 -0.16
N ALA C 1316 24.41 -42.30 0.60
CA ALA C 1316 23.94 -41.77 1.87
C ALA C 1316 24.51 -40.38 2.08
N VAL C 1317 23.63 -39.44 2.36
CA VAL C 1317 24.07 -38.06 2.53
C VAL C 1317 24.02 -37.61 3.99
N GLU C 1318 24.81 -36.60 4.30
CA GLU C 1318 24.66 -35.82 5.51
C GLU C 1318 23.87 -34.57 5.18
N ARG C 1319 22.75 -34.37 5.87
CA ARG C 1319 21.98 -33.14 5.71
C ARG C 1319 22.21 -32.21 6.88
N VAL C 1320 22.49 -30.95 6.60
CA VAL C 1320 22.68 -29.98 7.68
C VAL C 1320 21.84 -28.72 7.48
N ASN C 1321 20.80 -28.62 8.30
CA ASN C 1321 19.80 -27.56 8.22
C ASN C 1321 20.31 -26.20 8.69
N PRO C 1322 19.72 -25.11 8.17
CA PRO C 1322 20.18 -23.74 8.48
C PRO C 1322 20.07 -23.41 9.96
N ASP C 1323 21.01 -22.63 10.48
CA ASP C 1323 21.11 -22.37 11.92
C ASP C 1323 19.95 -21.55 12.52
N ASP C 1324 19.36 -20.65 11.73
CA ASP C 1324 18.24 -19.83 12.19
C ASP C 1324 17.23 -19.69 11.07
N VAL C 1325 15.98 -19.99 11.37
CA VAL C 1325 14.92 -19.94 10.35
C VAL C 1325 14.71 -18.51 9.85
N ARG C 1326 14.92 -17.53 10.72
CA ARG C 1326 14.77 -16.14 10.34
C ARG C 1326 15.85 -15.66 9.37
N ALA C 1327 17.03 -16.27 9.45
CA ALA C 1327 18.15 -15.84 8.62
C ALA C 1327 17.92 -16.12 7.15
N ILE C 1328 17.13 -17.16 6.88
CA ILE C 1328 17.00 -17.75 5.54
C ILE C 1328 16.51 -16.77 4.47
N ASN C 1329 17.16 -16.80 3.31
CA ASN C 1329 16.77 -15.93 2.21
C ASN C 1329 15.96 -16.69 1.17
N ILE C 1330 14.65 -16.66 1.29
CA ILE C 1330 13.77 -17.32 0.32
C ILE C 1330 13.66 -16.47 -0.93
N ARG C 1331 14.18 -15.25 -0.83
CA ARG C 1331 14.14 -14.28 -1.91
C ARG C 1331 15.07 -14.73 -3.03
N ASN C 1332 15.47 -13.80 -3.89
CA ASN C 1332 16.34 -14.08 -5.03
C ASN C 1332 15.62 -14.92 -6.08
N ALA C 1333 14.33 -15.15 -5.85
CA ALA C 1333 13.52 -16.00 -6.72
C ALA C 1333 14.22 -17.34 -6.99
N MET D 1 44.48 39.52 50.26
CA MET D 1 43.84 40.26 49.16
C MET D 1 44.60 40.19 47.83
N LEU D 2 43.85 40.00 46.75
CA LEU D 2 44.38 40.13 45.39
C LEU D 2 44.26 41.56 44.88
N GLN D 3 45.39 42.19 44.58
CA GLN D 3 45.33 43.48 43.90
C GLN D 3 44.83 43.28 42.48
N GLN D 4 43.94 44.17 42.04
CA GLN D 4 43.44 44.11 40.67
C GLN D 4 44.41 44.76 39.70
N PRO D 5 44.76 44.05 38.62
CA PRO D 5 45.77 44.54 37.67
C PRO D 5 45.31 45.77 36.90
N THR D 6 46.13 46.26 35.98
CA THR D 6 45.74 47.39 35.15
C THR D 6 44.54 46.99 34.32
N GLY D 7 44.52 45.72 33.90
CA GLY D 7 43.36 45.13 33.25
C GLY D 7 42.49 44.57 34.35
N GLY D 8 41.53 43.72 34.01
CA GLY D 8 40.66 43.15 35.02
C GLY D 8 41.34 42.00 35.74
N TYR D 9 40.61 41.38 36.67
CA TYR D 9 41.10 40.17 37.32
C TYR D 9 41.20 39.08 36.27
N THR D 10 40.48 39.28 35.18
CA THR D 10 40.46 38.34 34.07
C THR D 10 41.78 38.24 33.34
N THR D 11 42.62 39.27 33.46
CA THR D 11 43.96 39.21 32.87
C THR D 11 44.83 38.11 33.49
N LEU D 12 44.57 37.77 34.75
CA LEU D 12 45.31 36.71 35.43
C LEU D 12 45.01 35.33 34.85
N GLU D 13 46.03 34.48 34.78
CA GLU D 13 45.87 33.13 34.25
C GLU D 13 45.05 32.29 35.22
N GLN D 14 44.95 32.77 36.46
CA GLN D 14 44.19 32.10 37.50
C GLN D 14 42.69 32.07 37.19
N PHE D 15 42.23 33.04 36.41
CA PHE D 15 40.80 33.18 36.11
C PHE D 15 40.43 32.93 34.66
N ALA D 16 41.24 32.15 33.95
CA ALA D 16 40.97 31.87 32.55
C ALA D 16 39.64 31.12 32.38
N PHE D 17 38.84 31.52 31.39
CA PHE D 17 37.58 30.86 31.09
C PHE D 17 37.71 30.01 29.84
N THR D 18 37.54 28.70 29.98
CA THR D 18 37.83 27.78 28.89
C THR D 18 36.94 26.54 28.88
N ILE D 19 35.98 26.51 27.98
CA ILE D 19 35.16 25.30 27.80
C ILE D 19 35.93 24.14 27.17
N ARG D 20 35.65 22.94 27.64
CA ARG D 20 36.27 21.75 27.08
C ARG D 20 35.72 21.46 25.68
N ASN D 21 36.59 21.07 24.76
CA ASN D 21 36.18 20.81 23.38
C ASN D 21 37.24 20.13 22.53
N ASP D 22 36.85 19.07 21.82
CA ASP D 22 37.76 18.29 20.97
C ASP D 22 39.02 17.83 21.71
N GLY D 23 38.84 17.41 22.96
CA GLY D 23 39.94 16.83 23.71
C GLY D 23 40.93 17.85 24.25
N THR D 24 40.55 19.13 24.24
CA THR D 24 41.43 20.19 24.70
C THR D 24 40.62 21.25 25.42
N ASN D 25 41.31 22.18 26.10
CA ASN D 25 40.63 23.26 26.78
C ASN D 25 40.45 24.50 25.91
N ALA D 26 39.39 24.49 25.11
CA ALA D 26 39.13 25.57 24.16
C ALA D 26 38.75 26.87 24.86
N THR D 27 39.26 27.97 24.35
CA THR D 27 38.80 29.29 24.78
C THR D 27 37.41 29.42 24.21
N PRO D 28 36.54 30.18 24.88
CA PRO D 28 35.15 30.24 24.43
C PRO D 28 35.04 30.75 22.99
N THR D 29 35.95 31.64 22.58
CA THR D 29 35.84 32.25 21.26
C THR D 29 35.97 31.22 20.13
N GLN D 30 36.85 30.25 20.33
CA GLN D 30 37.11 29.27 19.28
C GLN D 30 36.07 28.18 19.31
N PHE D 31 35.17 28.27 20.29
CA PHE D 31 33.94 27.50 20.22
C PHE D 31 32.88 28.29 19.48
N LEU D 32 32.87 29.60 19.72
CA LEU D 32 31.89 30.46 19.05
C LEU D 32 32.13 30.46 17.54
N GLN D 33 33.37 30.15 17.14
CA GLN D 33 33.69 30.00 15.72
C GLN D 33 32.90 28.86 15.09
N LEU D 34 32.63 27.82 15.88
CA LEU D 34 31.92 26.64 15.38
C LEU D 34 30.45 26.94 15.09
N LEU D 35 29.92 27.97 15.72
CA LEU D 35 28.53 28.36 15.53
C LEU D 35 28.22 28.95 14.16
N SER D 36 27.04 28.61 13.65
CA SER D 36 26.58 29.05 12.34
C SER D 36 25.08 29.32 12.47
N TYR D 37 24.52 30.17 11.62
CA TYR D 37 23.13 30.59 11.82
C TYR D 37 22.19 30.50 10.62
N GLU D 38 21.06 29.83 10.81
CA GLU D 38 20.01 29.78 9.79
C GLU D 38 18.99 30.87 10.09
N ALA D 39 19.06 31.98 9.36
CA ALA D 39 18.10 33.07 9.56
C ALA D 39 16.68 32.66 9.19
N THR D 40 15.70 33.17 9.92
CA THR D 40 14.29 32.90 9.62
C THR D 40 13.53 34.19 9.28
N GLU D 41 12.22 34.08 9.08
CA GLU D 41 11.39 35.22 8.70
C GLU D 41 11.19 36.31 9.78
N ASN D 42 11.29 35.93 11.06
CA ASN D 42 11.08 36.89 12.15
C ASN D 42 12.21 37.88 12.39
N GLU D 43 11.88 39.03 12.98
CA GLU D 43 12.90 40.01 13.34
C GLU D 43 12.95 40.27 14.84
N LEU D 44 14.16 40.27 15.38
CA LEU D 44 14.43 40.78 16.72
C LEU D 44 14.83 42.25 16.62
N VAL D 45 14.11 43.09 17.35
CA VAL D 45 14.41 44.52 17.43
C VAL D 45 14.59 44.86 18.89
N LYS D 46 15.77 45.33 19.26
CA LYS D 46 16.02 45.60 20.67
C LYS D 46 15.44 46.94 21.13
N LYS D 47 14.55 46.87 22.11
CA LYS D 47 14.04 48.04 22.82
C LYS D 47 15.11 48.49 23.81
N THR D 48 15.05 49.73 24.25
CA THR D 48 15.94 50.18 25.31
C THR D 48 15.65 49.40 26.59
N ILE D 49 16.70 48.96 27.28
CA ILE D 49 16.55 48.25 28.55
C ILE D 49 16.19 49.23 29.67
N PRO D 50 15.16 48.89 30.47
CA PRO D 50 14.79 49.77 31.59
C PRO D 50 15.93 49.87 32.60
N THR D 51 16.08 51.04 33.21
CA THR D 51 17.11 51.25 34.21
C THR D 51 16.80 50.39 35.43
N PRO D 52 17.81 49.66 35.92
CA PRO D 52 17.67 48.83 37.12
C PRO D 52 17.35 49.68 38.34
N GLU D 53 16.56 49.12 39.25
CA GLU D 53 16.09 49.87 40.41
C GLU D 53 17.22 50.36 41.31
N THR D 54 17.02 51.53 41.90
CA THR D 54 17.97 52.08 42.86
C THR D 54 18.12 51.21 44.11
N HIS D 55 17.02 50.55 44.51
CA HIS D 55 16.98 49.78 45.74
C HIS D 55 17.95 48.58 45.78
N LEU D 56 18.68 48.45 46.89
CA LEU D 56 19.56 47.30 47.14
C LEU D 56 18.98 46.52 48.28
N PRO D 57 18.62 45.25 48.04
CA PRO D 57 17.88 44.49 49.05
C PRO D 57 18.70 44.31 50.31
N SER D 58 18.03 44.28 51.46
CA SER D 58 18.73 44.10 52.72
C SER D 58 19.45 42.75 52.77
N ALA D 59 20.70 42.75 53.20
CA ALA D 59 21.41 41.51 53.47
C ALA D 59 21.12 41.15 54.91
N ARG D 60 20.11 40.31 55.10
CA ARG D 60 19.59 40.02 56.42
C ARG D 60 20.66 39.32 57.24
N ASN D 61 20.59 39.47 58.55
CA ASN D 61 21.59 38.90 59.45
C ASN D 61 21.81 37.41 59.22
N VAL D 62 22.78 37.08 58.37
CA VAL D 62 23.22 35.70 58.19
C VAL D 62 24.61 35.52 58.82
N PRO D 63 24.69 34.71 59.88
CA PRO D 63 25.92 34.40 60.60
C PRO D 63 27.01 33.76 59.73
N GLY D 64 26.60 32.97 58.76
CA GLY D 64 27.52 32.18 57.96
C GLY D 64 28.10 32.82 56.71
N ASN D 65 28.97 32.05 56.06
CA ASN D 65 29.63 32.49 54.84
C ASN D 65 28.90 31.99 53.60
N VAL D 66 28.08 32.83 52.98
CA VAL D 66 27.33 32.44 51.79
C VAL D 66 28.21 32.18 50.58
N TYR D 67 27.93 31.08 49.88
CA TYR D 67 28.65 30.73 48.66
C TYR D 67 27.95 31.37 47.47
N ILE D 68 28.19 32.66 47.26
CA ILE D 68 27.43 33.41 46.27
C ILE D 68 27.68 32.99 44.82
N GLU D 69 28.92 32.61 44.54
CA GLU D 69 29.32 32.36 43.15
C GLU D 69 28.57 31.14 42.68
N ASP D 70 28.56 30.11 43.53
CA ASP D 70 28.00 28.81 43.17
C ASP D 70 26.51 28.98 42.90
N ALA D 71 25.90 29.86 43.67
CA ALA D 71 24.48 30.10 43.56
C ALA D 71 24.19 30.79 42.25
N ILE D 72 24.97 31.82 41.92
CA ILE D 72 24.69 32.57 40.70
C ILE D 72 24.90 31.68 39.48
N THR D 73 25.97 30.90 39.50
CA THR D 73 26.31 30.04 38.37
C THR D 73 25.36 28.88 38.20
N GLN D 74 24.69 28.49 39.27
CA GLN D 74 23.77 27.38 39.17
C GLN D 74 22.35 27.84 38.86
N ALA D 75 22.02 29.05 39.31
CA ALA D 75 20.77 29.67 38.89
C ALA D 75 20.86 30.03 37.42
N LEU D 76 22.09 30.22 36.94
CA LEU D 76 22.29 30.59 35.55
C LEU D 76 22.48 29.42 34.60
N PHE D 77 23.24 28.42 35.01
CA PHE D 77 23.56 27.31 34.10
C PHE D 77 23.47 25.92 34.75
N GLY D 78 22.83 25.84 35.92
CA GLY D 78 22.75 24.60 36.68
C GLY D 78 21.89 23.54 36.03
N ILE D 79 22.31 22.28 36.13
CA ILE D 79 21.57 21.18 35.51
C ILE D 79 20.43 20.71 36.37
N SER D 80 20.36 21.19 37.61
CA SER D 80 19.33 20.72 38.52
C SER D 80 18.77 21.80 39.43
N ALA D 81 19.35 23.00 39.40
CA ALA D 81 18.91 24.05 40.33
C ALA D 81 17.46 24.48 40.10
N GLN D 82 16.76 24.77 41.20
CA GLN D 82 15.40 25.32 41.15
C GLN D 82 15.02 26.01 42.45
N ASN D 83 13.98 26.84 42.41
CA ASN D 83 13.59 27.69 43.53
C ASN D 83 14.74 28.52 44.01
N VAL D 84 15.45 29.12 43.05
CA VAL D 84 16.58 29.99 43.36
C VAL D 84 16.18 31.27 44.12
N ASN D 85 14.91 31.64 44.05
CA ASN D 85 14.40 32.79 44.79
C ASN D 85 13.96 32.48 46.21
N ALA D 86 13.82 31.20 46.53
CA ALA D 86 13.25 30.79 47.81
C ALA D 86 14.12 31.15 49.01
N HIS D 87 15.42 30.82 48.93
CA HIS D 87 16.35 31.17 50.01
C HIS D 87 16.68 32.66 50.02
N GLY D 88 16.95 33.22 48.84
CA GLY D 88 17.18 34.65 48.72
C GLY D 88 18.49 35.11 49.35
N TYR D 89 19.52 34.29 49.22
CA TYR D 89 20.83 34.66 49.75
C TYR D 89 21.63 35.54 48.80
N PHE D 90 21.11 35.79 47.60
CA PHE D 90 21.76 36.73 46.69
C PHE D 90 21.83 38.14 47.27
N SER D 91 20.87 38.45 48.14
CA SER D 91 20.82 39.73 48.83
C SER D 91 22.08 39.94 49.61
N ARG D 92 22.75 38.85 49.95
CA ARG D 92 23.94 38.90 50.79
C ARG D 92 25.04 39.70 50.12
N LEU D 93 24.96 39.79 48.79
CA LEU D 93 25.95 40.51 48.02
C LEU D 93 25.97 41.97 48.50
N SER D 94 24.81 42.44 48.98
CA SER D 94 24.64 43.80 49.45
C SER D 94 25.50 44.15 50.65
N ALA D 95 25.86 43.12 51.42
CA ALA D 95 26.71 43.35 52.59
C ALA D 95 28.06 43.90 52.14
N LEU D 96 28.49 43.52 50.93
CA LEU D 96 29.73 44.02 50.36
C LEU D 96 29.61 45.46 49.81
N ALA D 97 28.36 45.90 49.57
CA ALA D 97 28.10 47.21 48.98
C ALA D 97 28.47 48.41 49.85
N LEU D 98 28.51 48.22 51.17
CA LEU D 98 28.83 49.31 52.08
C LEU D 98 30.31 49.72 51.96
N PRO D 99 30.58 51.01 52.16
CA PRO D 99 31.97 51.44 52.34
C PRO D 99 32.55 50.81 53.61
N ASN D 100 33.84 50.49 53.60
CA ASN D 100 34.56 50.00 54.78
C ASN D 100 33.90 48.85 55.57
N THR D 101 33.17 47.99 54.89
CA THR D 101 32.60 46.80 55.51
C THR D 101 33.69 45.79 55.83
N SER D 102 33.46 44.97 56.84
CA SER D 102 34.40 43.90 57.19
C SER D 102 34.20 42.64 56.34
N ALA D 103 33.18 42.64 55.49
CA ALA D 103 32.92 41.51 54.60
C ALA D 103 33.89 41.43 53.42
N ARG D 104 34.20 40.23 52.98
CA ARG D 104 35.10 40.05 51.84
C ARG D 104 34.53 39.01 50.90
N LEU D 105 34.60 39.29 49.60
CA LEU D 105 34.23 38.30 48.60
C LEU D 105 35.49 37.53 48.24
N GLY D 106 35.58 36.29 48.70
CA GLY D 106 36.72 35.46 48.40
C GLY D 106 36.73 34.93 46.97
N LEU D 107 37.91 34.55 46.51
CA LEU D 107 38.11 34.01 45.17
C LEU D 107 37.35 32.70 45.04
N ASP D 108 37.12 32.06 46.19
CA ASP D 108 36.29 30.88 46.28
C ASP D 108 34.85 31.21 45.87
N GLY D 109 34.51 32.50 45.90
CA GLY D 109 33.16 32.94 45.61
C GLY D 109 32.26 32.96 46.84
N VAL D 110 32.90 32.87 48.00
CA VAL D 110 32.22 32.99 49.28
C VAL D 110 32.19 34.44 49.80
N ILE D 111 31.11 34.81 50.48
CA ILE D 111 31.05 36.11 51.16
C ILE D 111 31.28 35.95 52.65
N TYR D 112 32.53 36.07 53.08
CA TYR D 112 32.86 36.03 54.50
C TYR D 112 32.37 37.29 55.17
N ASN D 113 31.86 37.14 56.39
CA ASN D 113 31.46 38.31 57.19
C ASN D 113 32.66 39.05 57.73
N SER D 114 33.79 38.37 57.79
CA SER D 114 35.00 38.96 58.33
C SER D 114 36.23 38.53 57.55
N GLU D 115 37.23 39.40 57.46
CA GLU D 115 38.47 39.06 56.80
C GLU D 115 39.08 37.93 57.60
N THR D 116 39.58 36.92 56.91
CA THR D 116 40.06 35.72 57.58
C THR D 116 41.35 35.20 56.95
N ILE D 117 42.16 34.54 57.76
CA ILE D 117 43.49 34.12 57.35
C ILE D 117 43.52 33.06 56.24
N ASN D 118 44.49 33.19 55.34
CA ASN D 118 44.73 32.22 54.26
C ASN D 118 43.58 32.03 53.30
N ILE D 119 42.72 33.03 53.22
CA ILE D 119 41.67 33.05 52.20
C ILE D 119 41.79 34.30 51.36
N PRO D 120 42.39 34.18 50.17
CA PRO D 120 42.60 35.33 49.29
C PRO D 120 41.25 35.89 48.84
N PHE D 121 41.16 37.19 48.65
CA PHE D 121 39.89 37.85 48.33
C PHE D 121 40.10 39.09 47.46
N TYR D 122 39.04 39.52 46.77
CA TYR D 122 39.12 40.67 45.85
C TYR D 122 39.26 42.00 46.59
N ASP D 123 39.82 43.01 45.92
CA ASP D 123 39.95 44.33 46.54
C ASP D 123 38.58 44.87 46.86
N PRO D 124 38.37 45.25 48.12
CA PRO D 124 37.05 45.59 48.64
C PRO D 124 36.39 46.77 47.91
N ALA D 125 37.18 47.70 47.39
CA ALA D 125 36.59 48.80 46.62
C ALA D 125 35.89 48.30 45.34
N ALA D 126 36.61 47.49 44.57
CA ALA D 126 36.08 46.96 43.32
C ALA D 126 34.87 46.07 43.59
N VAL D 127 34.95 45.32 44.69
CA VAL D 127 33.84 44.47 45.09
C VAL D 127 32.65 45.30 45.50
N ALA D 128 32.90 46.47 46.08
CA ALA D 128 31.80 47.36 46.44
C ALA D 128 31.14 47.89 45.17
N ASN D 129 31.93 48.06 44.12
CA ASN D 129 31.36 48.46 42.84
C ASN D 129 30.46 47.37 42.29
N PHE D 130 30.98 46.14 42.29
CA PHE D 130 30.27 44.99 41.75
C PHE D 130 28.98 44.68 42.52
N ALA D 131 29.06 44.80 43.84
CA ALA D 131 27.90 44.61 44.70
C ALA D 131 26.89 45.72 44.51
N ALA D 132 27.38 46.92 44.18
CA ALA D 132 26.53 48.09 44.07
C ALA D 132 25.50 47.92 42.97
N THR D 133 25.78 47.03 42.01
CA THR D 133 24.78 46.66 41.02
C THR D 133 24.20 45.27 41.26
N TYR D 134 25.06 44.27 41.44
CA TYR D 134 24.57 42.89 41.45
C TYR D 134 23.92 42.44 42.75
N ALA D 135 23.93 43.29 43.78
CA ALA D 135 23.13 43.01 44.95
C ALA D 135 21.66 43.02 44.58
N LYS D 136 21.34 43.74 43.50
CA LYS D 136 19.96 43.89 43.04
C LYS D 136 19.41 42.58 42.49
N LEU D 137 20.28 41.59 42.29
CA LEU D 137 19.85 40.23 41.98
C LEU D 137 18.98 39.70 43.10
N GLY D 138 19.14 40.29 44.29
CA GLY D 138 18.36 39.88 45.44
C GLY D 138 16.89 40.20 45.28
N ASN D 139 16.57 41.22 44.49
CA ASN D 139 15.16 41.48 44.22
C ASN D 139 14.73 41.09 42.81
N ALA D 140 15.27 39.97 42.33
CA ALA D 140 14.83 39.35 41.08
C ALA D 140 13.43 38.78 41.21
N SER D 141 13.04 38.48 42.45
CA SER D 141 11.77 37.82 42.72
C SER D 141 10.65 38.76 43.14
N THR D 142 10.99 39.86 43.80
CA THR D 142 9.98 40.74 44.37
C THR D 142 9.17 41.40 43.26
N PRO D 143 7.85 41.44 43.42
CA PRO D 143 6.92 41.77 42.32
C PRO D 143 7.19 43.14 41.73
N ARG D 144 7.64 44.08 42.56
CA ARG D 144 7.89 45.45 42.12
C ARG D 144 9.08 45.55 41.18
N TYR D 145 9.97 44.55 41.21
CA TYR D 145 11.28 44.69 40.60
C TYR D 145 11.69 43.66 39.55
N ARG D 146 10.82 42.70 39.23
CA ARG D 146 11.18 41.66 38.26
C ARG D 146 11.54 42.24 36.90
N ALA D 147 12.49 41.62 36.23
CA ALA D 147 12.86 42.01 34.87
C ALA D 147 11.88 41.46 33.84
N ASP D 148 11.78 42.12 32.68
CA ASP D 148 11.09 41.49 31.55
C ASP D 148 11.88 40.26 31.19
N MET D 149 11.20 39.13 31.02
CA MET D 149 11.90 37.92 30.63
C MET D 149 11.70 37.64 29.16
N ILE D 150 10.97 38.52 28.48
CA ILE D 150 10.75 38.36 27.04
C ILE D 150 11.61 39.29 26.19
N ASP D 151 11.56 40.60 26.47
CA ASP D 151 12.27 41.58 25.65
C ASP D 151 13.81 41.49 25.72
N ILE D 152 14.35 41.23 26.91
CA ILE D 152 15.79 41.27 27.10
C ILE D 152 16.51 40.25 26.22
N TYR D 153 15.83 39.15 25.91
CA TYR D 153 16.46 38.11 25.11
C TYR D 153 16.77 38.55 23.69
N ALA D 154 16.04 39.54 23.20
CA ALA D 154 16.42 40.09 21.89
C ALA D 154 17.85 40.62 21.96
N HIS D 155 18.19 41.28 23.07
CA HIS D 155 19.57 41.76 23.29
C HIS D 155 20.55 40.61 23.30
N VAL D 156 20.13 39.51 23.93
CA VAL D 156 20.99 38.34 24.00
C VAL D 156 21.31 37.92 22.58
N GLY D 157 20.27 37.88 21.75
CA GLY D 157 20.46 37.44 20.38
C GLY D 157 21.48 38.34 19.72
N LEU D 158 21.32 39.64 19.87
CA LEU D 158 22.19 40.57 19.16
C LEU D 158 23.64 40.39 19.61
N GLU D 159 23.83 40.08 20.88
CA GLU D 159 25.19 40.04 21.41
C GLU D 159 25.80 38.68 21.13
N LEU D 160 24.96 37.74 20.72
CA LEU D 160 25.44 36.40 20.46
C LEU D 160 25.49 36.20 18.94
N ALA D 161 24.31 36.05 18.34
CA ALA D 161 24.18 35.79 16.90
C ALA D 161 24.53 36.97 15.97
N GLY D 162 24.49 38.19 16.51
CA GLY D 162 24.59 39.38 15.68
C GLY D 162 25.89 39.56 14.92
N THR D 163 25.77 39.96 13.65
CA THR D 163 26.91 40.42 12.87
C THR D 163 27.19 41.86 13.27
N ASP D 164 28.36 42.38 12.93
CA ASP D 164 28.72 43.74 13.31
C ASP D 164 27.70 44.75 12.74
N ALA D 165 27.20 44.46 11.55
CA ALA D 165 26.23 45.32 10.88
C ALA D 165 24.84 45.23 11.53
N GLU D 166 24.37 44.01 11.77
CA GLU D 166 23.08 43.82 12.44
C GLU D 166 23.14 44.40 13.83
N ARG D 167 24.32 44.33 14.45
CA ARG D 167 24.49 44.85 15.81
C ARG D 167 24.41 46.36 15.84
N ALA D 168 25.13 47.01 14.93
CA ALA D 168 25.07 48.46 14.84
C ALA D 168 23.67 48.95 14.45
N ALA D 169 22.97 48.17 13.62
CA ALA D 169 21.60 48.50 13.21
C ALA D 169 20.58 48.32 14.34
N GLY D 170 20.88 47.42 15.28
CA GLY D 170 19.97 47.17 16.38
C GLY D 170 18.80 46.26 16.04
N VAL D 171 18.84 45.63 14.88
CA VAL D 171 17.76 44.74 14.47
C VAL D 171 18.27 43.61 13.57
N MET D 172 18.06 42.38 14.01
CA MET D 172 18.55 41.22 13.25
C MET D 172 17.44 40.21 13.04
N PRO D 173 17.51 39.42 11.95
CA PRO D 173 16.55 38.31 11.79
C PRO D 173 16.70 37.29 12.91
N VAL D 174 15.59 36.69 13.35
CA VAL D 174 15.67 35.63 14.33
C VAL D 174 16.47 34.50 13.70
N LYS D 175 17.43 33.95 14.43
CA LYS D 175 18.32 32.95 13.86
C LYS D 175 18.27 31.62 14.59
N ARG D 176 18.57 30.57 13.84
CA ARG D 176 18.58 29.21 14.33
C ARG D 176 20.04 28.79 14.40
N ALA D 177 20.61 28.80 15.61
CA ALA D 177 22.03 28.49 15.79
C ALA D 177 22.32 27.00 15.61
N LYS D 178 23.54 26.68 15.18
CA LYS D 178 23.93 25.30 14.97
C LYS D 178 25.44 25.11 14.96
N PHE D 179 25.89 23.91 15.32
CA PHE D 179 27.31 23.59 15.33
C PHE D 179 27.55 22.09 15.25
N ASP D 180 28.60 21.69 14.53
CA ASP D 180 28.93 20.26 14.47
C ASP D 180 29.27 19.89 15.89
N SER D 181 28.71 18.78 16.36
CA SER D 181 28.68 18.54 17.80
C SER D 181 28.84 17.09 18.24
N TRP D 182 29.30 16.95 19.48
CA TRP D 182 29.55 15.67 20.14
C TRP D 182 28.35 15.31 21.01
N GLU D 183 28.30 14.08 21.50
CA GLU D 183 27.19 13.65 22.33
C GLU D 183 27.14 14.44 23.63
N GLY D 184 25.94 14.89 24.01
CA GLY D 184 25.74 15.60 25.26
C GLY D 184 26.42 16.96 25.32
N SER D 185 26.53 17.63 24.18
CA SER D 185 27.35 18.83 24.08
C SER D 185 26.86 20.02 24.90
N LEU D 186 25.55 20.17 25.02
CA LEU D 186 25.04 21.37 25.69
C LEU D 186 25.16 21.25 27.20
N ILE D 187 25.00 20.03 27.70
CA ILE D 187 25.19 19.74 29.11
C ILE D 187 26.65 19.88 29.48
N SER D 188 27.53 19.39 28.62
CA SER D 188 28.95 19.50 28.87
C SER D 188 29.39 20.96 28.84
N LEU D 189 28.81 21.74 27.93
CA LEU D 189 29.16 23.15 27.84
C LEU D 189 28.72 23.86 29.10
N SER D 190 27.47 23.62 29.47
CA SER D 190 26.92 24.32 30.62
C SER D 190 27.63 23.91 31.90
N ARG D 191 28.03 22.65 32.03
CA ARG D 191 28.76 22.27 33.24
C ARG D 191 30.16 22.85 33.22
N ASP D 192 30.70 23.04 32.03
CA ASP D 192 32.02 23.63 31.90
C ASP D 192 31.94 25.14 32.16
N VAL D 193 30.73 25.70 32.14
CA VAL D 193 30.53 27.11 32.46
C VAL D 193 30.17 27.31 33.93
N VAL D 194 29.47 26.35 34.51
CA VAL D 194 29.12 26.41 35.92
C VAL D 194 30.42 26.45 36.74
N ASN D 195 31.48 25.84 36.20
CA ASN D 195 32.78 25.88 36.84
C ASN D 195 33.52 27.21 36.72
N TRP D 196 33.10 28.05 35.79
CA TRP D 196 33.77 29.34 35.59
C TRP D 196 33.71 30.23 36.82
N LYS D 197 34.78 30.96 37.06
CA LYS D 197 34.84 31.92 38.15
C LYS D 197 34.29 33.26 37.69
N ILE D 198 32.98 33.31 37.46
CA ILE D 198 32.37 34.46 36.78
C ILE D 198 32.44 35.74 37.58
N LEU D 199 32.63 35.64 38.90
CA LEU D 199 32.72 36.84 39.72
C LEU D 199 33.91 37.68 39.27
N ALA D 200 34.93 37.05 38.72
CA ALA D 200 36.06 37.79 38.18
C ALA D 200 35.59 38.70 37.03
N PHE D 201 34.83 38.11 36.11
CA PHE D 201 34.29 38.81 34.97
C PHE D 201 33.33 39.93 35.41
N LEU D 202 32.54 39.66 36.45
CA LEU D 202 31.55 40.62 36.93
C LEU D 202 32.18 41.80 37.65
N ILE D 203 33.15 41.49 38.50
CA ILE D 203 33.89 42.50 39.26
C ILE D 203 34.69 43.40 38.34
N ASP D 204 35.24 42.83 37.27
CA ASP D 204 35.99 43.65 36.33
C ASP D 204 35.03 44.49 35.47
N LEU D 205 33.89 43.91 35.15
CA LEU D 205 32.88 44.63 34.37
C LEU D 205 32.34 45.83 35.16
N CYS D 206 32.30 45.72 36.48
CA CYS D 206 31.82 46.81 37.32
C CYS D 206 32.90 47.82 37.74
N SER D 207 34.11 47.34 37.99
CA SER D 207 35.17 48.18 38.53
C SER D 207 35.97 48.99 37.52
N LEU D 208 36.32 48.37 36.40
CA LEU D 208 37.16 49.02 35.39
C LEU D 208 36.43 50.19 34.76
N GLU D 209 37.19 51.23 34.39
CA GLU D 209 36.60 52.39 33.74
C GLU D 209 37.58 52.98 32.73
N GLY D 210 37.07 53.78 31.80
CA GLY D 210 37.90 54.38 30.77
C GLY D 210 38.33 53.37 29.73
N GLU D 211 39.42 53.67 29.03
CA GLU D 211 39.91 52.81 27.96
C GLU D 211 40.21 51.41 28.46
N ALA D 212 40.70 51.33 29.70
CA ALA D 212 41.03 50.04 30.29
C ALA D 212 39.78 49.17 30.39
N LEU D 213 38.63 49.80 30.62
CA LEU D 213 37.37 49.08 30.63
C LEU D 213 37.00 48.61 29.24
N ARG D 214 37.23 49.46 28.24
CA ARG D 214 36.81 49.16 26.89
C ARG D 214 37.56 47.95 26.32
N ALA D 215 38.84 47.86 26.64
CA ALA D 215 39.66 46.74 26.19
C ALA D 215 39.15 45.45 26.82
N PHE D 216 38.54 45.58 28.00
CA PHE D 216 37.94 44.41 28.65
C PHE D 216 36.78 43.93 27.78
N LYS D 217 35.96 44.88 27.33
CA LYS D 217 34.72 44.53 26.66
C LYS D 217 34.99 43.77 25.36
N THR D 218 36.10 44.08 24.72
CA THR D 218 36.46 43.36 23.50
C THR D 218 37.10 42.03 23.85
N ARG D 219 38.02 42.06 24.81
CA ARG D 219 38.79 40.87 25.15
C ARG D 219 37.90 39.77 25.73
N ASN D 220 36.83 40.17 26.41
CA ASN D 220 35.97 39.22 27.10
C ASN D 220 34.58 39.14 26.50
N ARG D 221 34.45 39.62 25.27
CA ARG D 221 33.17 39.59 24.60
C ARG D 221 32.72 38.14 24.43
N ASP D 222 33.67 37.31 24.00
CA ASP D 222 33.36 35.92 23.72
C ASP D 222 32.93 35.14 24.96
N VAL D 223 33.47 35.52 26.12
CA VAL D 223 33.07 34.89 27.39
C VAL D 223 31.61 35.17 27.68
N PHE D 224 31.28 36.46 27.60
CA PHE D 224 29.92 36.93 27.79
C PHE D 224 29.01 36.15 26.88
N ARG D 225 29.42 36.05 25.62
CA ARG D 225 28.61 35.34 24.63
C ARG D 225 28.46 33.87 24.96
N MET D 226 29.44 33.28 25.63
CA MET D 226 29.32 31.86 25.97
C MET D 226 28.26 31.66 27.05
N MET D 227 28.29 32.55 28.05
CA MET D 227 27.26 32.49 29.08
C MET D 227 25.90 32.71 28.41
N LEU D 228 25.89 33.63 27.44
CA LEU D 228 24.66 34.00 26.76
C LEU D 228 24.14 32.81 26.00
N PHE D 229 25.08 31.97 25.55
CA PHE D 229 24.73 30.83 24.73
C PHE D 229 24.09 29.78 25.60
N ILE D 230 24.64 29.58 26.78
CA ILE D 230 24.01 28.62 27.70
C ILE D 230 22.59 29.07 28.11
N MET D 231 22.41 30.37 28.32
CA MET D 231 21.08 30.88 28.65
C MET D 231 20.10 30.70 27.49
N SER D 232 20.58 31.04 26.29
CA SER D 232 19.73 30.96 25.12
C SER D 232 19.35 29.51 24.82
N THR D 233 20.25 28.56 25.10
CA THR D 233 19.85 27.16 25.02
C THR D 233 18.83 26.83 26.11
N ALA D 234 18.92 27.50 27.25
CA ALA D 234 17.97 27.23 28.33
C ALA D 234 16.57 27.66 27.96
N VAL D 235 16.44 28.67 27.11
CA VAL D 235 15.11 29.12 26.72
C VAL D 235 14.65 28.73 25.31
N ALA D 236 15.52 28.09 24.54
CA ALA D 236 15.19 27.72 23.17
C ALA D 236 14.01 26.77 23.16
N ALA D 237 13.11 26.97 22.20
CA ALA D 237 11.90 26.14 22.15
C ALA D 237 12.22 24.66 21.90
N ASN D 238 13.26 24.41 21.11
CA ASN D 238 13.69 23.04 20.80
C ASN D 238 15.14 22.95 20.33
N VAL D 239 15.76 21.81 20.60
CA VAL D 239 17.17 21.63 20.30
C VAL D 239 17.35 20.32 19.52
N VAL D 240 17.10 20.37 18.22
CA VAL D 240 17.19 19.19 17.37
C VAL D 240 18.63 18.88 17.01
N ASN D 241 18.90 17.62 16.69
CA ASN D 241 20.16 17.27 16.05
C ASN D 241 19.88 16.92 14.60
N ARG D 242 20.81 17.22 13.70
CA ARG D 242 20.69 16.79 12.31
C ARG D 242 21.79 15.82 11.90
N LYS D 243 21.41 14.65 11.40
CA LYS D 243 22.34 13.76 10.70
C LYS D 243 22.79 14.38 9.38
N VAL D 244 24.08 14.28 9.09
CA VAL D 244 24.61 14.78 7.82
C VAL D 244 25.95 14.10 7.48
N THR D 245 25.85 13.03 6.70
CA THR D 245 27.02 12.25 6.25
C THR D 245 27.93 11.80 7.39
N LYS D 246 27.34 11.08 8.35
CA LYS D 246 28.07 10.57 9.51
C LYS D 246 28.75 11.70 10.30
N ARG D 247 28.07 12.85 10.36
CA ARG D 247 28.44 13.95 11.24
C ARG D 247 27.14 14.54 11.76
N VAL D 248 27.08 14.84 13.05
CA VAL D 248 25.86 15.38 13.61
C VAL D 248 26.00 16.86 13.94
N ASP D 249 25.01 17.65 13.54
CA ASP D 249 25.03 19.07 13.84
C ASP D 249 23.89 19.41 14.79
N ARG D 250 24.25 19.82 16.01
CA ARG D 250 23.24 20.31 16.96
C ARG D 250 22.69 21.65 16.50
N VAL D 251 21.38 21.82 16.64
CA VAL D 251 20.70 23.02 16.18
C VAL D 251 19.68 23.47 17.20
N LEU D 252 19.90 24.66 17.77
CA LEU D 252 18.93 25.26 18.67
C LEU D 252 18.20 26.42 18.04
N GLU D 253 16.88 26.36 18.18
CA GLU D 253 15.96 27.30 17.58
C GLU D 253 14.98 27.70 18.66
N TYR D 254 14.98 28.98 19.02
CA TYR D 254 15.76 29.96 18.29
C TYR D 254 16.57 30.83 19.25
N ILE D 255 17.68 31.35 18.76
CA ILE D 255 18.43 32.35 19.50
C ILE D 255 17.64 33.64 19.62
N GLY D 256 17.61 34.22 20.82
CA GLY D 256 16.98 35.50 21.07
C GLY D 256 15.49 35.49 21.35
N VAL D 257 14.89 34.30 21.37
CA VAL D 257 13.46 34.21 21.69
C VAL D 257 13.19 33.29 22.88
N ASN D 258 12.91 33.92 24.02
CA ASN D 258 12.44 33.19 25.19
C ASN D 258 11.10 32.51 24.91
N SER D 259 11.07 31.18 25.05
CA SER D 259 9.85 30.40 24.87
C SER D 259 9.13 30.21 26.20
N MET D 260 9.77 30.65 27.27
CA MET D 260 9.26 30.48 28.63
C MET D 260 9.14 29.01 29.07
N ARG D 261 9.64 28.08 28.27
CA ARG D 261 9.40 26.66 28.58
C ARG D 261 10.13 26.22 29.84
N THR D 262 9.45 25.40 30.63
CA THR D 262 9.94 25.03 31.96
C THR D 262 10.02 23.52 32.17
N ALA D 263 9.45 22.74 31.25
CA ALA D 263 9.56 21.30 31.32
C ALA D 263 10.98 20.86 30.98
N GLY D 264 11.49 19.85 31.69
CA GLY D 264 12.85 19.40 31.51
C GLY D 264 13.11 18.67 30.19
N ARG D 265 14.37 18.57 29.81
CA ARG D 265 14.74 17.78 28.65
C ARG D 265 16.21 17.44 28.71
N THR D 266 16.56 16.29 28.15
CA THR D 266 17.91 15.78 28.26
C THR D 266 18.91 16.72 27.59
N ALA D 267 18.46 17.39 26.54
CA ALA D 267 19.36 18.14 25.68
C ALA D 267 20.05 19.34 26.35
N THR D 268 19.35 20.05 27.23
CA THR D 268 19.84 21.32 27.79
C THR D 268 19.32 21.60 29.19
N ILE D 269 20.06 22.41 29.94
CA ILE D 269 19.63 22.81 31.28
C ILE D 269 18.36 23.66 31.23
N THR D 270 17.52 23.52 32.25
CA THR D 270 16.15 24.03 32.17
C THR D 270 15.83 25.05 33.27
N TYR D 271 15.10 26.10 32.90
CA TYR D 271 14.67 27.10 33.88
C TYR D 271 13.31 26.81 34.49
N ASP D 272 13.25 26.77 35.81
CA ASP D 272 12.00 26.87 36.55
C ASP D 272 11.59 28.31 36.37
N LEU D 273 10.39 28.67 36.80
CA LEU D 273 9.96 30.06 36.67
C LEU D 273 10.92 30.99 37.41
N SER D 274 11.37 30.53 38.58
CA SER D 274 12.26 31.33 39.40
C SER D 274 13.56 31.64 38.67
N ARG D 275 14.05 30.69 37.90
CA ARG D 275 15.31 30.89 37.18
C ARG D 275 15.10 31.79 35.98
N HIS D 276 13.85 31.87 35.53
CA HIS D 276 13.53 32.78 34.45
C HIS D 276 13.61 34.20 34.97
N GLU D 277 13.01 34.44 36.12
CA GLU D 277 13.09 35.79 36.68
C GLU D 277 14.50 36.13 37.10
N PHE D 278 15.25 35.12 37.54
CA PHE D 278 16.62 35.36 37.97
C PHE D 278 17.48 35.74 36.79
N ALA D 279 17.46 34.92 35.75
CA ALA D 279 18.32 35.16 34.61
C ALA D 279 17.93 36.45 33.92
N ALA D 280 16.64 36.78 33.97
CA ALA D 280 16.19 37.98 33.31
C ALA D 280 16.69 39.20 34.07
N LYS D 281 16.69 39.12 35.40
CA LYS D 281 17.22 40.21 36.20
C LYS D 281 18.73 40.34 36.00
N PHE D 282 19.39 39.20 35.95
CA PHE D 282 20.83 39.14 35.76
C PHE D 282 21.22 39.77 34.45
N LEU D 283 20.40 39.52 33.43
CA LEU D 283 20.65 40.07 32.11
C LEU D 283 20.39 41.57 32.09
N GLN D 284 19.35 42.00 32.80
CA GLN D 284 19.07 43.41 32.82
C GLN D 284 20.28 44.14 33.38
N LEU D 285 20.77 43.65 34.52
CA LEU D 285 21.90 44.28 35.18
C LEU D 285 23.17 44.22 34.33
N THR D 286 23.47 43.02 33.83
CA THR D 286 24.71 42.77 33.11
C THR D 286 24.79 43.52 31.78
N PHE D 287 23.65 43.70 31.12
CA PHE D 287 23.65 44.45 29.88
C PHE D 287 23.68 45.94 30.19
N THR D 288 23.02 46.32 31.27
CA THR D 288 23.01 47.72 31.67
C THR D 288 24.43 48.17 31.95
N ARG D 289 25.23 47.25 32.47
CA ARG D 289 26.65 47.55 32.67
C ARG D 289 27.40 47.48 31.35
N TRP D 290 27.01 46.50 30.52
CA TRP D 290 27.77 46.22 29.30
C TRP D 290 27.71 47.35 28.27
N ASN D 291 26.59 48.06 28.22
CA ASN D 291 26.42 49.19 27.30
C ASN D 291 26.52 50.53 28.05
N ALA D 292 27.60 51.25 27.81
CA ALA D 292 27.82 52.53 28.47
C ALA D 292 28.93 53.32 27.76
N MET E 1 69.61 -55.09 -30.57
CA MET E 1 69.37 -53.66 -30.51
C MET E 1 68.85 -53.15 -31.84
N LEU E 2 68.06 -52.08 -31.81
CA LEU E 2 67.49 -51.53 -33.03
C LEU E 2 68.06 -50.15 -33.34
N GLN E 3 68.70 -50.03 -34.49
CA GLN E 3 69.21 -48.75 -34.94
C GLN E 3 68.05 -47.80 -35.19
N GLN E 4 68.23 -46.53 -34.83
CA GLN E 4 67.20 -45.54 -35.07
C GLN E 4 67.23 -45.05 -36.51
N PRO E 5 66.10 -45.16 -37.22
CA PRO E 5 65.97 -44.62 -38.57
C PRO E 5 66.08 -43.10 -38.51
N THR E 6 66.57 -42.48 -39.58
CA THR E 6 66.81 -41.05 -39.59
C THR E 6 65.53 -40.25 -39.32
N GLY E 7 64.39 -40.81 -39.70
CA GLY E 7 63.11 -40.20 -39.42
C GLY E 7 62.56 -40.57 -38.06
N GLY E 8 63.30 -41.41 -37.34
CA GLY E 8 62.87 -41.90 -36.04
C GLY E 8 62.12 -43.21 -36.10
N TYR E 9 61.91 -43.82 -34.94
CA TYR E 9 61.30 -45.14 -34.85
C TYR E 9 59.86 -45.20 -35.36
N THR E 10 59.19 -44.06 -35.35
CA THR E 10 57.80 -43.98 -35.79
C THR E 10 57.63 -44.25 -37.29
N THR E 11 58.72 -44.09 -38.05
CA THR E 11 58.68 -44.43 -39.48
C THR E 11 58.52 -45.94 -39.74
N LEU E 12 59.02 -46.77 -38.82
CA LEU E 12 58.93 -48.22 -38.99
C LEU E 12 57.49 -48.71 -38.97
N GLU E 13 57.14 -49.60 -39.89
CA GLU E 13 55.77 -50.11 -40.01
C GLU E 13 55.39 -50.92 -38.77
N GLN E 14 56.42 -51.40 -38.06
CA GLN E 14 56.26 -52.13 -36.82
C GLN E 14 55.64 -51.25 -35.71
N PHE E 15 55.77 -49.94 -35.85
CA PHE E 15 55.27 -49.03 -34.83
C PHE E 15 54.05 -48.21 -35.25
N ALA E 16 53.42 -48.55 -36.37
CA ALA E 16 52.32 -47.75 -36.89
C ALA E 16 51.12 -47.69 -35.94
N PHE E 17 50.61 -46.48 -35.73
CA PHE E 17 49.49 -46.27 -34.84
C PHE E 17 48.23 -46.22 -35.67
N THR E 18 47.19 -46.92 -35.20
CA THR E 18 45.93 -47.02 -35.92
C THR E 18 44.81 -47.18 -34.92
N ILE E 19 43.58 -46.95 -35.36
CA ILE E 19 42.42 -47.13 -34.49
C ILE E 19 41.28 -47.73 -35.28
N ARG E 20 40.47 -48.54 -34.62
CA ARG E 20 39.23 -49.01 -35.24
C ARG E 20 38.22 -47.86 -35.39
N ASN E 21 37.56 -47.81 -36.55
CA ASN E 21 36.54 -46.81 -36.82
C ASN E 21 35.18 -47.50 -36.95
N ASP E 22 34.50 -47.67 -35.83
CA ASP E 22 33.32 -48.54 -35.77
C ASP E 22 33.69 -49.94 -36.30
N GLY E 23 34.85 -50.43 -35.85
CA GLY E 23 35.30 -51.78 -36.16
C GLY E 23 36.38 -51.97 -37.22
N THR E 24 36.61 -50.98 -38.07
CA THR E 24 37.62 -51.11 -39.12
C THR E 24 38.85 -50.27 -38.83
N ASN E 25 40.03 -50.79 -39.21
CA ASN E 25 41.29 -50.06 -39.06
C ASN E 25 41.34 -48.77 -39.85
N ALA E 26 41.90 -47.73 -39.25
CA ALA E 26 42.00 -46.42 -39.87
C ALA E 26 43.05 -45.60 -39.14
N THR E 27 43.82 -44.81 -39.89
CA THR E 27 44.84 -43.97 -39.31
C THR E 27 44.16 -42.87 -38.51
N PRO E 28 44.79 -42.42 -37.42
CA PRO E 28 44.13 -41.52 -36.47
C PRO E 28 43.64 -40.24 -37.15
N THR E 29 44.35 -39.80 -38.18
CA THR E 29 43.96 -38.58 -38.88
C THR E 29 42.56 -38.70 -39.47
N GLN E 30 42.25 -39.85 -40.06
CA GLN E 30 40.97 -40.00 -40.72
C GLN E 30 39.82 -40.20 -39.75
N PHE E 31 40.14 -40.47 -38.48
CA PHE E 31 39.13 -40.37 -37.44
C PHE E 31 38.96 -38.94 -36.95
N LEU E 32 40.07 -38.21 -36.84
CA LEU E 32 40.00 -36.81 -36.42
C LEU E 32 39.20 -36.00 -37.43
N GLN E 33 39.17 -36.47 -38.67
CA GLN E 33 38.36 -35.83 -39.72
C GLN E 33 36.86 -35.84 -39.39
N LEU E 34 36.41 -36.89 -38.71
CA LEU E 34 35.00 -37.02 -38.34
C LEU E 34 34.60 -36.00 -37.29
N LEU E 35 35.58 -35.53 -36.51
CA LEU E 35 35.35 -34.56 -35.46
C LEU E 35 34.89 -33.20 -35.99
N SER E 36 33.97 -32.57 -35.25
CA SER E 36 33.42 -31.28 -35.63
C SER E 36 33.25 -30.45 -34.36
N TYR E 37 33.32 -29.12 -34.48
CA TYR E 37 33.35 -28.28 -33.28
C TYR E 37 32.42 -27.07 -33.29
N GLU E 38 31.40 -27.08 -32.43
CA GLU E 38 30.59 -25.87 -32.23
C GLU E 38 31.24 -25.00 -31.14
N ALA E 39 31.50 -23.74 -31.49
CA ALA E 39 32.09 -22.78 -30.57
C ALA E 39 31.09 -22.27 -29.54
N THR E 40 31.59 -21.89 -28.37
CA THR E 40 30.75 -21.36 -27.29
C THR E 40 31.31 -20.02 -26.80
N GLU E 41 30.56 -19.34 -25.94
CA GLU E 41 30.90 -17.97 -25.54
C GLU E 41 32.24 -17.82 -24.80
N ASN E 42 32.68 -18.87 -24.12
CA ASN E 42 33.95 -18.84 -23.38
C ASN E 42 35.21 -18.98 -24.25
N GLU E 43 36.33 -18.50 -23.75
CA GLU E 43 37.58 -18.54 -24.51
C GLU E 43 38.72 -19.20 -23.74
N LEU E 44 39.48 -20.04 -24.45
CA LEU E 44 40.72 -20.64 -23.96
C LEU E 44 41.93 -19.86 -24.43
N VAL E 45 42.62 -19.23 -23.49
CA VAL E 45 43.90 -18.60 -23.75
C VAL E 45 44.96 -19.55 -23.19
N LYS E 46 46.02 -19.79 -23.94
CA LYS E 46 47.07 -20.64 -23.41
C LYS E 46 48.11 -19.87 -22.58
N LYS E 47 48.12 -20.12 -21.27
CA LYS E 47 49.16 -19.62 -20.38
C LYS E 47 50.45 -20.33 -20.74
N THR E 48 51.58 -19.70 -20.48
CA THR E 48 52.86 -20.36 -20.70
C THR E 48 52.97 -21.58 -19.78
N ILE E 49 53.51 -22.68 -20.30
CA ILE E 49 53.75 -23.86 -19.49
C ILE E 49 55.00 -23.65 -18.64
N PRO E 50 54.87 -23.86 -17.32
CA PRO E 50 56.08 -23.75 -16.49
C PRO E 50 57.08 -24.80 -16.94
N THR E 51 58.36 -24.46 -16.92
CA THR E 51 59.38 -25.44 -17.25
C THR E 51 59.49 -26.48 -16.12
N PRO E 52 59.55 -27.77 -16.50
CA PRO E 52 59.58 -28.91 -15.58
C PRO E 52 60.81 -28.94 -14.67
N GLU E 53 60.64 -29.48 -13.47
CA GLU E 53 61.70 -29.52 -12.48
C GLU E 53 62.92 -30.26 -12.96
N THR E 54 64.10 -29.78 -12.59
CA THR E 54 65.36 -30.42 -12.98
C THR E 54 65.53 -31.82 -12.37
N HIS E 55 65.00 -32.00 -11.17
CA HIS E 55 65.28 -33.21 -10.37
C HIS E 55 64.51 -34.46 -10.79
N LEU E 56 65.24 -35.47 -11.26
CA LEU E 56 64.70 -36.80 -11.58
C LEU E 56 64.54 -37.68 -10.35
N PRO E 57 63.56 -38.59 -10.37
CA PRO E 57 63.42 -39.53 -9.25
C PRO E 57 64.66 -40.39 -9.15
N SER E 58 65.01 -40.77 -7.93
CA SER E 58 66.27 -41.47 -7.66
C SER E 58 66.32 -42.79 -8.42
N ALA E 59 67.49 -43.11 -8.98
CA ALA E 59 67.63 -44.30 -9.83
C ALA E 59 67.89 -45.54 -9.00
N ARG E 60 67.07 -45.71 -7.97
CA ARG E 60 67.19 -46.82 -7.03
C ARG E 60 67.00 -48.15 -7.76
N ASN E 61 67.79 -49.13 -7.37
CA ASN E 61 67.68 -50.47 -7.96
C ASN E 61 66.39 -51.18 -7.56
N VAL E 62 65.76 -51.87 -8.51
CA VAL E 62 64.51 -52.58 -8.25
C VAL E 62 64.54 -53.96 -8.91
N PRO E 63 63.96 -54.97 -8.23
CA PRO E 63 63.79 -56.33 -8.76
C PRO E 63 62.83 -56.40 -9.95
N GLY E 64 63.09 -57.31 -10.88
CA GLY E 64 62.13 -57.63 -11.93
C GLY E 64 62.13 -56.72 -13.14
N ASN E 65 61.23 -57.02 -14.08
CA ASN E 65 61.10 -56.24 -15.31
C ASN E 65 59.94 -55.28 -15.22
N VAL E 66 60.25 -53.98 -15.14
CA VAL E 66 59.20 -52.97 -15.22
C VAL E 66 58.61 -52.91 -16.63
N TYR E 67 57.28 -52.86 -16.72
CA TYR E 67 56.56 -52.73 -17.99
C TYR E 67 56.17 -51.28 -18.26
N ILE E 68 57.14 -50.44 -18.57
CA ILE E 68 56.94 -48.99 -18.52
C ILE E 68 55.90 -48.46 -19.52
N GLU E 69 55.82 -49.10 -20.68
CA GLU E 69 54.93 -48.62 -21.73
C GLU E 69 53.50 -48.70 -21.25
N ASP E 70 53.12 -49.89 -20.80
CA ASP E 70 51.74 -50.13 -20.39
C ASP E 70 51.38 -49.29 -19.19
N ALA E 71 52.35 -48.96 -18.36
CA ALA E 71 52.08 -48.14 -17.19
C ALA E 71 51.72 -46.73 -17.66
N ILE E 72 52.48 -46.23 -18.63
CA ILE E 72 52.19 -44.89 -19.14
C ILE E 72 50.84 -44.85 -19.88
N THR E 73 50.67 -45.75 -20.85
CA THR E 73 49.45 -45.76 -21.63
C THR E 73 48.22 -46.11 -20.79
N GLN E 74 48.40 -46.85 -19.72
CA GLN E 74 47.26 -47.13 -18.85
C GLN E 74 46.90 -45.97 -17.93
N ALA E 75 47.91 -45.30 -17.39
CA ALA E 75 47.65 -44.13 -16.57
C ALA E 75 46.99 -43.05 -17.42
N LEU E 76 47.23 -43.08 -18.73
CA LEU E 76 46.61 -42.09 -19.61
C LEU E 76 45.30 -42.48 -20.30
N PHE E 77 45.12 -43.76 -20.60
CA PHE E 77 44.04 -44.18 -21.52
C PHE E 77 43.24 -45.38 -21.04
N GLY E 78 43.84 -46.19 -20.17
CA GLY E 78 43.21 -47.43 -19.76
C GLY E 78 42.02 -47.18 -18.86
N ILE E 79 41.09 -48.13 -18.80
CA ILE E 79 39.93 -48.00 -17.92
C ILE E 79 40.32 -48.23 -16.45
N SER E 80 40.03 -47.24 -15.61
CA SER E 80 40.37 -47.27 -14.18
C SER E 80 41.75 -47.84 -13.83
N ALA E 81 42.79 -47.30 -14.45
CA ALA E 81 44.17 -47.68 -14.12
C ALA E 81 44.49 -47.33 -12.67
N GLN E 82 45.27 -48.20 -12.02
CA GLN E 82 45.49 -48.07 -10.59
C GLN E 82 46.96 -48.01 -10.22
N ASN E 83 47.26 -47.40 -9.08
CA ASN E 83 48.63 -47.27 -8.60
C ASN E 83 49.49 -46.60 -9.65
N VAL E 84 48.92 -45.61 -10.33
CA VAL E 84 49.62 -44.98 -11.46
C VAL E 84 50.85 -44.21 -11.03
N ASN E 85 50.86 -43.72 -9.79
CA ASN E 85 51.97 -42.92 -9.29
C ASN E 85 53.01 -43.67 -8.45
N ALA E 86 52.88 -44.99 -8.37
CA ALA E 86 53.85 -45.80 -7.64
C ALA E 86 55.24 -45.59 -8.26
N HIS E 87 56.22 -45.36 -7.41
CA HIS E 87 57.47 -44.76 -7.85
C HIS E 87 58.51 -45.68 -8.46
N GLY E 88 58.35 -46.99 -8.32
CA GLY E 88 59.42 -47.90 -8.72
C GLY E 88 59.68 -47.92 -10.21
N TYR E 89 58.59 -47.85 -10.98
CA TYR E 89 58.68 -47.91 -12.43
C TYR E 89 59.46 -46.72 -12.96
N PHE E 90 59.34 -45.59 -12.28
CA PHE E 90 60.01 -44.40 -12.72
C PHE E 90 61.40 -44.24 -12.13
N SER E 91 61.68 -44.98 -11.07
CA SER E 91 63.05 -45.08 -10.59
C SER E 91 63.84 -45.83 -11.64
N ARG E 92 63.25 -46.94 -12.10
CA ARG E 92 63.88 -47.69 -13.16
C ARG E 92 63.93 -46.90 -14.44
N LEU E 93 62.94 -46.03 -14.64
CA LEU E 93 62.93 -45.21 -15.84
C LEU E 93 64.09 -44.25 -15.79
N SER E 94 64.38 -43.73 -14.60
CA SER E 94 65.47 -42.77 -14.47
C SER E 94 66.82 -43.47 -14.47
N ALA E 95 66.81 -44.78 -14.28
CA ALA E 95 68.06 -45.54 -14.43
C ALA E 95 68.53 -45.48 -15.88
N LEU E 96 67.59 -45.45 -16.81
CA LEU E 96 67.90 -45.41 -18.24
C LEU E 96 68.44 -44.04 -18.64
N ALA E 97 68.24 -43.05 -17.78
CA ALA E 97 68.82 -41.72 -17.96
C ALA E 97 70.33 -41.72 -17.78
N LEU E 98 70.84 -42.70 -17.04
CA LEU E 98 72.23 -42.72 -16.63
C LEU E 98 73.18 -42.94 -17.80
N PRO E 99 74.41 -42.39 -17.71
CA PRO E 99 75.36 -42.35 -18.83
C PRO E 99 75.73 -43.72 -19.41
N ASN E 100 75.80 -44.75 -18.59
CA ASN E 100 76.09 -46.09 -19.10
C ASN E 100 75.40 -47.18 -18.29
N THR E 101 74.08 -47.07 -18.17
CA THR E 101 73.28 -48.05 -17.47
C THR E 101 73.26 -49.38 -18.21
N SER E 102 73.25 -50.46 -17.44
CA SER E 102 73.19 -51.80 -18.01
C SER E 102 71.75 -52.18 -18.38
N ALA E 103 70.79 -51.37 -17.94
CA ALA E 103 69.38 -51.57 -18.25
C ALA E 103 69.06 -51.22 -19.71
N ARG E 104 68.03 -51.86 -20.25
CA ARG E 104 67.68 -51.72 -21.66
C ARG E 104 66.19 -51.68 -21.83
N LEU E 105 65.72 -50.79 -22.69
CA LEU E 105 64.30 -50.72 -22.97
C LEU E 105 64.03 -51.45 -24.29
N GLY E 106 63.37 -52.59 -24.19
CA GLY E 106 63.00 -53.35 -25.38
C GLY E 106 61.87 -52.70 -26.16
N LEU E 107 61.73 -53.09 -27.42
CA LEU E 107 60.64 -52.64 -28.28
C LEU E 107 59.30 -53.10 -27.72
N ASP E 108 59.35 -54.11 -26.85
CA ASP E 108 58.17 -54.55 -26.12
C ASP E 108 57.59 -53.43 -25.25
N GLY E 109 58.45 -52.53 -24.78
CA GLY E 109 58.04 -51.51 -23.84
C GLY E 109 58.37 -51.89 -22.41
N VAL E 110 59.19 -52.93 -22.28
CA VAL E 110 59.62 -53.43 -20.97
C VAL E 110 61.09 -53.07 -20.71
N ILE E 111 61.41 -52.67 -19.48
CA ILE E 111 62.81 -52.40 -19.11
C ILE E 111 63.44 -53.64 -18.48
N TYR E 112 64.52 -54.13 -19.10
CA TYR E 112 65.21 -55.33 -18.64
C TYR E 112 66.55 -54.99 -18.04
N ASN E 113 66.78 -55.41 -16.80
CA ASN E 113 68.05 -55.12 -16.15
C ASN E 113 69.23 -55.82 -16.84
N SER E 114 68.97 -57.00 -17.39
CA SER E 114 70.00 -57.75 -18.10
C SER E 114 70.27 -57.08 -19.45
N GLU E 115 71.45 -57.31 -20.00
CA GLU E 115 71.74 -56.87 -21.36
C GLU E 115 70.82 -57.57 -22.36
N THR E 116 70.36 -58.77 -21.99
CA THR E 116 69.42 -59.59 -22.76
C THR E 116 69.52 -59.49 -24.30
N ILE E 117 70.47 -60.23 -24.87
CA ILE E 117 70.73 -60.16 -26.30
C ILE E 117 69.57 -60.68 -27.16
N ASN E 118 68.78 -61.59 -26.62
CA ASN E 118 67.67 -62.20 -27.34
C ASN E 118 66.51 -61.25 -27.70
N ILE E 119 66.30 -60.23 -26.88
CA ILE E 119 65.22 -59.27 -27.09
C ILE E 119 65.70 -57.97 -27.73
N PRO E 120 65.13 -57.60 -28.88
CA PRO E 120 65.48 -56.34 -29.53
C PRO E 120 65.12 -55.15 -28.64
N PHE E 121 65.89 -54.08 -28.70
CA PHE E 121 65.67 -52.92 -27.83
C PHE E 121 66.14 -51.63 -28.49
N TYR E 122 65.65 -50.49 -28.00
CA TYR E 122 65.97 -49.19 -28.58
C TYR E 122 67.42 -48.81 -28.30
N ASP E 123 68.00 -47.97 -29.15
CA ASP E 123 69.38 -47.51 -28.96
C ASP E 123 69.45 -46.75 -27.65
N PRO E 124 70.41 -47.12 -26.81
CA PRO E 124 70.52 -46.61 -25.44
C PRO E 124 70.68 -45.09 -25.38
N ALA E 125 71.31 -44.48 -26.38
CA ALA E 125 71.41 -43.02 -26.41
C ALA E 125 70.03 -42.38 -26.51
N ALA E 126 69.17 -43.01 -27.30
CA ALA E 126 67.82 -42.50 -27.54
C ALA E 126 66.99 -42.62 -26.29
N VAL E 127 67.00 -43.80 -25.68
CA VAL E 127 66.23 -43.99 -24.46
C VAL E 127 66.78 -43.15 -23.33
N ALA E 128 68.07 -42.83 -23.38
CA ALA E 128 68.66 -41.98 -22.35
C ALA E 128 68.11 -40.57 -22.49
N ASN E 129 68.00 -40.11 -23.73
CA ASN E 129 67.37 -38.81 -23.99
C ASN E 129 65.91 -38.80 -23.54
N PHE E 130 65.19 -39.87 -23.87
CA PHE E 130 63.78 -40.00 -23.56
C PHE E 130 63.49 -40.07 -22.07
N ALA E 131 64.24 -40.93 -21.37
CA ALA E 131 64.09 -41.12 -19.94
C ALA E 131 64.50 -39.88 -19.17
N ALA E 132 65.46 -39.14 -19.72
CA ALA E 132 65.97 -37.96 -19.04
C ALA E 132 64.85 -36.96 -18.84
N THR E 133 63.85 -36.99 -19.71
CA THR E 133 62.66 -36.16 -19.53
C THR E 133 61.52 -36.91 -18.85
N TYR E 134 61.14 -38.06 -19.40
CA TYR E 134 59.92 -38.73 -18.95
C TYR E 134 59.97 -39.42 -17.59
N ALA E 135 61.16 -39.60 -17.04
CA ALA E 135 61.24 -40.16 -15.68
C ALA E 135 60.58 -39.20 -14.70
N LYS E 136 60.48 -37.93 -15.09
CA LYS E 136 59.87 -36.92 -14.24
C LYS E 136 58.38 -37.19 -13.97
N LEU E 137 57.80 -38.11 -14.73
CA LEU E 137 56.43 -38.55 -14.46
C LEU E 137 56.35 -39.16 -13.08
N GLY E 138 57.48 -39.59 -12.55
CA GLY E 138 57.53 -40.27 -11.28
C GLY E 138 57.50 -39.34 -10.10
N ASN E 139 57.57 -38.05 -10.36
CA ASN E 139 57.36 -37.08 -9.29
C ASN E 139 56.04 -36.29 -9.45
N ALA E 140 55.14 -36.84 -10.24
CA ALA E 140 53.87 -36.18 -10.55
C ALA E 140 53.02 -36.00 -9.32
N SER E 141 53.10 -36.96 -8.41
CA SER E 141 52.30 -36.93 -7.20
C SER E 141 52.85 -35.98 -6.14
N THR E 142 54.17 -35.84 -6.08
CA THR E 142 54.80 -35.12 -4.97
C THR E 142 54.44 -33.64 -5.04
N PRO E 143 54.09 -33.07 -3.88
CA PRO E 143 53.47 -31.74 -3.78
C PRO E 143 54.32 -30.64 -4.41
N ARG E 144 55.62 -30.75 -4.28
CA ARG E 144 56.52 -29.73 -4.79
C ARG E 144 56.39 -29.62 -6.31
N TYR E 145 56.04 -30.72 -6.94
CA TYR E 145 56.22 -30.87 -8.38
C TYR E 145 54.94 -31.05 -9.20
N ARG E 146 53.78 -30.86 -8.59
CA ARG E 146 52.53 -31.05 -9.31
C ARG E 146 52.38 -30.07 -10.48
N ALA E 147 51.97 -30.59 -11.64
CA ALA E 147 51.67 -29.78 -12.81
C ALA E 147 50.31 -29.09 -12.66
N ASP E 148 50.11 -27.94 -13.31
CA ASP E 148 48.80 -27.30 -13.28
C ASP E 148 47.81 -28.21 -13.99
N MET E 149 46.84 -28.72 -13.23
CA MET E 149 45.88 -29.66 -13.77
C MET E 149 44.82 -28.96 -14.61
N ILE E 150 44.73 -27.64 -14.48
CA ILE E 150 43.67 -26.91 -15.17
C ILE E 150 44.14 -26.18 -16.42
N ASP E 151 45.13 -25.29 -16.29
CA ASP E 151 45.51 -24.42 -17.39
C ASP E 151 46.07 -25.20 -18.59
N ILE E 152 46.73 -26.31 -18.30
CA ILE E 152 47.44 -27.06 -19.32
C ILE E 152 46.48 -27.60 -20.37
N TYR E 153 45.24 -27.86 -19.96
CA TYR E 153 44.27 -28.43 -20.87
C TYR E 153 43.90 -27.45 -21.99
N ALA E 154 44.12 -26.16 -21.76
CA ALA E 154 43.93 -25.18 -22.81
C ALA E 154 44.80 -25.56 -24.00
N HIS E 155 46.05 -25.96 -23.72
CA HIS E 155 46.98 -26.30 -24.78
C HIS E 155 46.44 -27.48 -25.58
N VAL E 156 45.83 -28.41 -24.85
CA VAL E 156 45.29 -29.60 -25.50
C VAL E 156 44.33 -29.11 -26.56
N GLY E 157 43.43 -28.22 -26.16
CA GLY E 157 42.41 -27.73 -27.06
C GLY E 157 43.03 -27.12 -28.31
N LEU E 158 44.04 -26.28 -28.13
CA LEU E 158 44.59 -25.58 -29.29
C LEU E 158 45.23 -26.56 -30.26
N GLU E 159 45.80 -27.65 -29.74
CA GLU E 159 46.50 -28.56 -30.63
C GLU E 159 45.55 -29.63 -31.12
N LEU E 160 44.32 -29.61 -30.60
CA LEU E 160 43.36 -30.63 -30.96
C LEU E 160 42.31 -30.01 -31.86
N ALA E 161 41.48 -29.15 -31.26
CA ALA E 161 40.39 -28.49 -31.98
C ALA E 161 40.79 -27.20 -32.72
N GLY E 162 41.99 -26.69 -32.45
CA GLY E 162 42.40 -25.40 -32.97
C GLY E 162 42.58 -25.28 -34.48
N THR E 163 41.91 -24.31 -35.08
CA THR E 163 42.13 -23.94 -36.48
C THR E 163 43.47 -23.22 -36.58
N ASP E 164 44.05 -23.19 -37.77
CA ASP E 164 45.40 -22.66 -37.97
C ASP E 164 45.58 -21.26 -37.36
N ALA E 165 44.63 -20.37 -37.62
CA ALA E 165 44.70 -19.03 -37.08
C ALA E 165 44.58 -19.03 -35.55
N GLU E 166 43.69 -19.86 -35.02
CA GLU E 166 43.53 -19.97 -33.58
C GLU E 166 44.78 -20.54 -32.93
N ARG E 167 45.44 -21.45 -33.64
CA ARG E 167 46.69 -22.05 -33.16
C ARG E 167 47.85 -21.08 -33.23
N ALA E 168 47.75 -20.10 -34.13
CA ALA E 168 48.77 -19.06 -34.18
C ALA E 168 48.55 -18.06 -33.03
N ALA E 169 47.32 -17.57 -32.90
CA ALA E 169 47.01 -16.53 -31.93
C ALA E 169 47.15 -17.01 -30.48
N GLY E 170 46.96 -18.31 -30.26
CA GLY E 170 47.03 -18.87 -28.93
C GLY E 170 45.74 -18.71 -28.13
N VAL E 171 44.71 -18.16 -28.77
CA VAL E 171 43.39 -18.08 -28.16
C VAL E 171 42.33 -18.68 -29.07
N MET E 172 41.47 -19.53 -28.50
CA MET E 172 40.40 -20.10 -29.29
C MET E 172 39.11 -20.12 -28.48
N PRO E 173 37.96 -20.06 -29.15
CA PRO E 173 36.71 -20.21 -28.40
C PRO E 173 36.66 -21.60 -27.79
N VAL E 174 36.08 -21.76 -26.61
CA VAL E 174 35.86 -23.11 -26.09
C VAL E 174 34.90 -23.84 -27.03
N LYS E 175 35.23 -25.08 -27.36
CA LYS E 175 34.55 -25.78 -28.45
C LYS E 175 33.99 -27.13 -28.03
N ARG E 176 32.67 -27.24 -28.03
CA ARG E 176 32.03 -28.53 -27.94
C ARG E 176 32.37 -29.35 -29.18
N ALA E 177 32.74 -30.62 -28.99
CA ALA E 177 33.02 -31.52 -30.12
C ALA E 177 31.87 -32.49 -30.38
N LYS E 178 31.81 -33.00 -31.61
CA LYS E 178 30.78 -33.94 -31.99
C LYS E 178 31.16 -34.77 -33.23
N PHE E 179 30.74 -36.04 -33.25
CA PHE E 179 31.02 -36.92 -34.39
C PHE E 179 30.02 -38.07 -34.52
N ASP E 180 29.72 -38.46 -35.76
CA ASP E 180 28.84 -39.62 -35.99
C ASP E 180 29.55 -40.84 -35.47
N SER E 181 28.84 -41.70 -34.75
CA SER E 181 29.51 -42.73 -33.96
C SER E 181 28.71 -43.99 -33.63
N TRP E 182 29.42 -44.92 -33.02
CA TRP E 182 28.92 -46.22 -32.69
C TRP E 182 28.78 -46.34 -31.16
N GLU E 183 28.44 -47.52 -30.67
CA GLU E 183 27.95 -47.67 -29.29
C GLU E 183 28.92 -47.22 -28.22
N GLY E 184 30.15 -47.71 -28.29
CA GLY E 184 31.11 -47.44 -27.24
C GLY E 184 32.32 -46.75 -27.79
N SER E 185 32.07 -45.77 -28.66
CA SER E 185 33.12 -45.23 -29.51
C SER E 185 34.27 -44.66 -28.70
N LEU E 186 33.96 -44.03 -27.57
CA LEU E 186 35.04 -43.41 -26.79
C LEU E 186 35.83 -44.45 -25.99
N ILE E 187 35.12 -45.40 -25.42
CA ILE E 187 35.79 -46.51 -24.74
C ILE E 187 36.65 -47.30 -25.74
N SER E 188 36.07 -47.69 -26.86
CA SER E 188 36.80 -48.51 -27.84
C SER E 188 37.97 -47.74 -28.43
N LEU E 189 37.80 -46.43 -28.58
CA LEU E 189 38.88 -45.62 -29.08
C LEU E 189 40.02 -45.61 -28.09
N SER E 190 39.67 -45.54 -26.81
CA SER E 190 40.71 -45.53 -25.80
C SER E 190 41.41 -46.88 -25.76
N ARG E 191 40.68 -47.94 -26.11
CA ARG E 191 41.26 -49.28 -26.11
C ARG E 191 42.23 -49.40 -27.26
N ASP E 192 41.85 -48.83 -28.39
CA ASP E 192 42.75 -48.83 -29.53
C ASP E 192 44.00 -47.97 -29.26
N VAL E 193 43.86 -46.89 -28.49
CA VAL E 193 45.00 -46.01 -28.21
C VAL E 193 45.92 -46.57 -27.14
N VAL E 194 45.33 -47.31 -26.20
CA VAL E 194 46.09 -47.88 -25.11
C VAL E 194 47.03 -48.99 -25.58
N ASN E 195 46.72 -49.59 -26.73
CA ASN E 195 47.58 -50.61 -27.32
C ASN E 195 48.72 -50.01 -28.15
N TRP E 196 48.68 -48.71 -28.37
CA TRP E 196 49.72 -48.02 -29.12
C TRP E 196 51.08 -48.08 -28.44
N LYS E 197 52.11 -48.31 -29.23
CA LYS E 197 53.47 -48.39 -28.70
C LYS E 197 54.07 -47.00 -28.55
N ILE E 198 53.58 -46.23 -27.58
CA ILE E 198 53.88 -44.80 -27.54
C ILE E 198 55.34 -44.47 -27.27
N LEU E 199 56.07 -45.42 -26.70
CA LEU E 199 57.47 -45.20 -26.39
C LEU E 199 58.26 -44.91 -27.65
N ALA E 200 57.81 -45.46 -28.77
CA ALA E 200 58.41 -45.13 -30.06
C ALA E 200 58.20 -43.64 -30.35
N PHE E 201 56.99 -43.18 -30.12
CA PHE E 201 56.62 -41.80 -30.36
C PHE E 201 57.37 -40.80 -29.44
N LEU E 202 57.64 -41.21 -28.20
CA LEU E 202 58.29 -40.33 -27.24
C LEU E 202 59.80 -40.34 -27.43
N ILE E 203 60.33 -41.52 -27.75
CA ILE E 203 61.74 -41.66 -28.02
C ILE E 203 62.10 -40.87 -29.28
N ASP E 204 61.23 -40.91 -30.28
CA ASP E 204 61.42 -40.05 -31.44
C ASP E 204 61.19 -38.57 -31.07
N LEU E 205 60.32 -38.34 -30.09
CA LEU E 205 60.00 -36.98 -29.66
C LEU E 205 61.13 -36.33 -28.87
N CYS E 206 62.07 -37.14 -28.41
CA CYS E 206 63.19 -36.61 -27.65
C CYS E 206 64.54 -36.73 -28.35
N SER E 207 64.82 -37.91 -28.92
CA SER E 207 66.08 -38.16 -29.60
C SER E 207 66.29 -37.36 -30.90
N LEU E 208 65.21 -37.09 -31.63
CA LEU E 208 65.34 -36.38 -32.91
C LEU E 208 65.60 -34.87 -32.76
N GLU E 209 66.31 -34.30 -33.73
CA GLU E 209 66.64 -32.88 -33.72
C GLU E 209 66.56 -32.28 -35.12
N GLY E 210 66.32 -30.97 -35.18
CA GLY E 210 66.27 -30.26 -36.45
C GLY E 210 65.19 -30.70 -37.41
N GLU E 211 65.56 -30.90 -38.67
CA GLU E 211 64.58 -31.21 -39.71
C GLU E 211 63.87 -32.53 -39.46
N ALA E 212 64.60 -33.49 -38.89
CA ALA E 212 64.01 -34.78 -38.59
C ALA E 212 62.92 -34.60 -37.55
N LEU E 213 63.21 -33.80 -36.54
CA LEU E 213 62.28 -33.54 -35.46
C LEU E 213 61.04 -32.81 -35.96
N ARG E 214 61.24 -31.74 -36.72
CA ARG E 214 60.11 -30.95 -37.19
C ARG E 214 59.22 -31.76 -38.13
N ALA E 215 59.86 -32.51 -39.03
CA ALA E 215 59.13 -33.36 -39.97
C ALA E 215 58.38 -34.45 -39.22
N PHE E 216 58.97 -34.88 -38.11
CA PHE E 216 58.33 -35.84 -37.23
C PHE E 216 57.07 -35.23 -36.61
N LYS E 217 57.17 -33.97 -36.19
CA LYS E 217 56.03 -33.26 -35.59
C LYS E 217 54.89 -33.07 -36.58
N THR E 218 55.21 -32.88 -37.85
CA THR E 218 54.15 -32.79 -38.84
C THR E 218 53.55 -34.15 -39.16
N ARG E 219 54.41 -35.15 -39.30
CA ARG E 219 53.97 -36.50 -39.65
C ARG E 219 53.10 -37.14 -38.55
N ASN E 220 53.38 -36.82 -37.30
CA ASN E 220 52.73 -37.46 -36.16
C ASN E 220 51.73 -36.59 -35.45
N ARG E 221 51.36 -35.47 -36.07
CA ARG E 221 50.50 -34.51 -35.38
C ARG E 221 49.16 -35.15 -35.05
N ASP E 222 48.67 -35.97 -35.98
CA ASP E 222 47.39 -36.62 -35.82
C ASP E 222 47.38 -37.65 -34.68
N VAL E 223 48.51 -38.30 -34.46
CA VAL E 223 48.65 -39.26 -33.37
C VAL E 223 48.51 -38.53 -32.03
N PHE E 224 49.32 -37.48 -31.90
CA PHE E 224 49.37 -36.69 -30.68
C PHE E 224 48.00 -36.13 -30.41
N ARG E 225 47.33 -35.74 -31.49
CA ARG E 225 45.98 -35.25 -31.38
C ARG E 225 45.03 -36.34 -30.90
N MET E 226 45.32 -37.60 -31.25
CA MET E 226 44.41 -38.66 -30.81
C MET E 226 44.55 -38.97 -29.33
N MET E 227 45.79 -39.01 -28.84
CA MET E 227 45.98 -39.16 -27.40
C MET E 227 45.38 -37.98 -26.64
N LEU E 228 45.54 -36.79 -27.20
CA LEU E 228 44.96 -35.60 -26.59
C LEU E 228 43.45 -35.74 -26.58
N PHE E 229 42.90 -36.38 -27.61
CA PHE E 229 41.46 -36.52 -27.72
C PHE E 229 40.96 -37.45 -26.63
N ILE E 230 41.67 -38.55 -26.42
CA ILE E 230 41.28 -39.49 -25.36
C ILE E 230 41.31 -38.81 -24.01
N MET E 231 42.39 -38.08 -23.72
CA MET E 231 42.47 -37.41 -22.43
C MET E 231 41.35 -36.38 -22.28
N SER E 232 41.00 -35.74 -23.37
CA SER E 232 40.02 -34.67 -23.30
C SER E 232 38.63 -35.24 -23.11
N THR E 233 38.40 -36.47 -23.54
CA THR E 233 37.12 -37.12 -23.24
C THR E 233 37.14 -37.59 -21.80
N ALA E 234 38.33 -37.88 -21.29
CA ALA E 234 38.44 -38.31 -19.89
C ALA E 234 38.12 -37.17 -18.94
N VAL E 235 38.26 -35.94 -19.43
CA VAL E 235 38.06 -34.78 -18.59
C VAL E 235 36.94 -33.84 -19.06
N ALA E 236 36.20 -34.27 -20.07
CA ALA E 236 35.03 -33.53 -20.51
C ALA E 236 33.97 -33.50 -19.41
N ALA E 237 33.38 -32.34 -19.17
CA ALA E 237 32.38 -32.19 -18.11
C ALA E 237 31.16 -33.04 -18.41
N ASN E 238 30.84 -33.16 -19.68
CA ASN E 238 29.63 -33.83 -20.10
C ASN E 238 29.85 -34.51 -21.46
N VAL E 239 29.26 -35.68 -21.63
CA VAL E 239 29.38 -36.42 -22.88
C VAL E 239 28.05 -37.14 -23.19
N VAL E 240 27.42 -36.79 -24.31
CA VAL E 240 26.08 -37.30 -24.60
C VAL E 240 25.78 -37.52 -26.07
N ASN E 241 24.96 -38.53 -26.34
CA ASN E 241 24.48 -38.80 -27.69
C ASN E 241 23.39 -37.83 -28.14
N ARG E 242 23.30 -37.59 -29.45
CA ARG E 242 22.21 -36.81 -30.03
C ARG E 242 21.68 -37.59 -31.21
N LYS E 243 20.37 -37.58 -31.40
CA LYS E 243 19.81 -38.29 -32.55
C LYS E 243 19.59 -37.39 -33.76
N VAL E 244 20.61 -37.26 -34.61
CA VAL E 244 20.46 -36.54 -35.87
C VAL E 244 20.09 -37.55 -36.94
N THR E 245 18.88 -37.40 -37.50
CA THR E 245 18.23 -38.45 -38.30
C THR E 245 18.44 -39.86 -37.74
N LYS E 246 18.72 -40.82 -38.61
CA LYS E 246 19.09 -42.17 -38.16
C LYS E 246 20.45 -42.23 -37.45
N ARG E 247 21.32 -41.28 -37.76
CA ARG E 247 22.63 -41.19 -37.11
C ARG E 247 22.54 -40.80 -35.63
N VAL E 248 23.36 -41.43 -34.79
CA VAL E 248 23.60 -40.90 -33.46
C VAL E 248 24.98 -40.24 -33.43
N ASP E 249 25.03 -39.01 -32.95
CA ASP E 249 26.27 -38.26 -32.89
C ASP E 249 26.67 -38.05 -31.44
N ARG E 250 27.84 -38.55 -31.07
CA ARG E 250 28.40 -38.32 -29.74
C ARG E 250 28.83 -36.87 -29.62
N VAL E 251 28.67 -36.32 -28.42
CA VAL E 251 29.00 -34.94 -28.12
C VAL E 251 29.87 -34.82 -26.85
N LEU E 252 30.98 -34.08 -26.95
CA LEU E 252 31.88 -33.85 -25.83
C LEU E 252 31.92 -32.37 -25.51
N GLU E 253 31.35 -32.01 -24.37
CA GLU E 253 31.38 -30.64 -23.91
C GLU E 253 32.06 -30.57 -22.54
N TYR E 254 33.24 -29.96 -22.49
CA TYR E 254 33.82 -29.30 -23.65
C TYR E 254 35.27 -29.68 -23.82
N ILE E 255 35.74 -29.65 -25.06
CA ILE E 255 37.16 -29.82 -25.35
C ILE E 255 37.93 -28.65 -24.77
N GLY E 256 39.04 -28.95 -24.10
CA GLY E 256 39.92 -27.92 -23.56
C GLY E 256 39.63 -27.35 -22.19
N VAL E 257 38.58 -27.84 -21.54
CA VAL E 257 38.29 -27.43 -20.16
C VAL E 257 38.26 -28.65 -19.24
N ASN E 258 39.30 -28.82 -18.42
CA ASN E 258 39.31 -29.94 -17.48
C ASN E 258 38.33 -29.71 -16.33
N SER E 259 37.31 -30.54 -16.27
CA SER E 259 36.22 -30.39 -15.31
C SER E 259 36.59 -30.93 -13.94
N MET E 260 37.71 -31.63 -13.88
CA MET E 260 38.16 -32.32 -12.67
C MET E 260 37.15 -33.36 -12.19
N ARG E 261 36.34 -33.87 -13.11
CA ARG E 261 35.42 -34.96 -12.80
C ARG E 261 36.19 -36.22 -12.48
N THR E 262 35.79 -36.91 -11.41
CA THR E 262 36.57 -38.07 -10.97
C THR E 262 35.75 -39.33 -10.71
N ALA E 263 34.42 -39.19 -10.71
CA ALA E 263 33.56 -40.35 -10.60
C ALA E 263 33.54 -41.07 -11.94
N GLY E 264 33.39 -42.40 -11.89
CA GLY E 264 33.29 -43.20 -13.10
C GLY E 264 31.97 -42.98 -13.85
N ARG E 265 32.00 -43.15 -15.16
CA ARG E 265 30.80 -42.95 -15.98
C ARG E 265 30.87 -43.84 -17.20
N THR E 266 29.72 -44.05 -17.82
CA THR E 266 29.61 -45.02 -18.91
C THR E 266 30.34 -44.59 -20.17
N ALA E 267 30.13 -43.34 -20.56
CA ALA E 267 30.45 -42.88 -21.90
C ALA E 267 31.94 -42.99 -22.26
N THR E 268 32.82 -42.80 -21.27
CA THR E 268 34.25 -42.57 -21.51
C THR E 268 35.11 -43.12 -20.39
N ILE E 269 36.44 -43.11 -20.58
CA ILE E 269 37.35 -43.43 -19.47
C ILE E 269 37.36 -42.30 -18.46
N THR E 270 37.73 -42.59 -17.23
CA THR E 270 37.74 -41.57 -16.19
C THR E 270 38.99 -41.53 -15.32
N TYR E 271 39.49 -40.32 -15.09
CA TYR E 271 40.62 -40.12 -14.20
C TYR E 271 40.20 -39.95 -12.73
N ASP E 272 40.84 -40.71 -11.84
CA ASP E 272 40.84 -40.41 -10.42
C ASP E 272 41.90 -39.33 -10.27
N LEU E 273 42.01 -38.72 -9.08
CA LEU E 273 42.88 -37.56 -8.94
C LEU E 273 44.33 -37.86 -9.28
N SER E 274 44.77 -39.07 -8.94
CA SER E 274 46.13 -39.46 -9.21
C SER E 274 46.39 -39.53 -10.72
N ARG E 275 45.38 -39.99 -11.44
CA ARG E 275 45.49 -40.08 -12.90
C ARG E 275 45.56 -38.69 -13.47
N HIS E 276 44.92 -37.75 -12.77
CA HIS E 276 44.93 -36.38 -13.21
C HIS E 276 46.32 -35.82 -13.05
N GLU E 277 46.96 -36.14 -11.92
CA GLU E 277 48.27 -35.56 -11.61
C GLU E 277 49.29 -36.09 -12.59
N PHE E 278 49.16 -37.39 -12.85
CA PHE E 278 50.00 -38.06 -13.82
C PHE E 278 49.83 -37.47 -15.21
N ALA E 279 48.58 -37.35 -15.64
CA ALA E 279 48.28 -36.90 -16.99
C ALA E 279 48.73 -35.46 -17.16
N ALA E 280 48.65 -34.70 -16.09
CA ALA E 280 48.96 -33.28 -16.16
C ALA E 280 50.45 -33.14 -16.30
N LYS E 281 51.18 -33.96 -15.53
CA LYS E 281 52.64 -33.94 -15.58
C LYS E 281 53.13 -34.39 -16.95
N PHE E 282 52.42 -35.37 -17.48
CA PHE E 282 52.73 -35.94 -18.79
C PHE E 282 52.55 -34.87 -19.85
N LEU E 283 51.44 -34.15 -19.77
CA LEU E 283 51.15 -33.10 -20.72
C LEU E 283 52.19 -32.01 -20.61
N GLN E 284 52.67 -31.75 -19.40
CA GLN E 284 53.64 -30.69 -19.21
C GLN E 284 54.92 -31.06 -19.92
N LEU E 285 55.40 -32.28 -19.69
CA LEU E 285 56.65 -32.70 -20.29
C LEU E 285 56.51 -32.75 -21.81
N THR E 286 55.44 -33.41 -22.25
CA THR E 286 55.24 -33.68 -23.68
C THR E 286 55.03 -32.41 -24.50
N PHE E 287 54.37 -31.42 -23.90
CA PHE E 287 54.15 -30.17 -24.60
C PHE E 287 55.42 -29.33 -24.57
N THR E 288 56.19 -29.47 -23.49
CA THR E 288 57.45 -28.75 -23.41
C THR E 288 58.37 -29.27 -24.50
N ARG E 289 58.25 -30.54 -24.83
CA ARG E 289 59.05 -31.11 -25.91
C ARG E 289 58.48 -30.76 -27.27
N TRP E 290 57.15 -30.68 -27.33
CA TRP E 290 56.45 -30.43 -28.59
C TRP E 290 56.74 -29.02 -29.09
N ASN E 291 56.97 -28.09 -28.17
CA ASN E 291 57.24 -26.70 -28.52
C ASN E 291 58.71 -26.37 -28.37
N ALA E 292 59.50 -26.73 -29.38
CA ALA E 292 60.94 -26.51 -29.34
C ALA E 292 61.37 -25.48 -30.38
#